data_9K2C
#
_entry.id   9K2C
#
_cell.length_a   94.696
_cell.length_b   126.010
_cell.length_c   145.797
_cell.angle_alpha   90.00
_cell.angle_beta   93.91
_cell.angle_gamma   90.00
#
_symmetry.space_group_name_H-M   'P 1 21 1'
#
loop_
_entity.id
_entity.type
_entity.pdbx_description
1 polymer 'ATP-dependent Clp protease proteolytic subunit'
2 non-polymer (6~{S},9~{a}~{S})-6-(1~{H}-imidazol-5-ylmethyl)-8-(naphthalen-1-ylmethyl)-4,7-bis(oxidanylidene)-~{N}-(phenylmethyl)-3,6,9,9~{a}-tetrahydro-2~{H}-pyrazino[1,2-a]pyrimidine-1-carboxamide
3 non-polymer 'MAGNESIUM ION'
4 non-polymer (4S)-2-METHYL-2,4-PENTANEDIOL
5 water water
#
_entity_poly.entity_id   1
_entity_poly.type   'polypeptide(L)'
_entity_poly.pdbx_seq_one_letter_code
;MNLIPTVIETTNRGERAYDIYSRLLKDRIIMLGSQIDDNVANSIVSQLLFLQAQDSEKDIYLYINSPGGSVTAGFAIYDT
IQHIKPDVQTICIGMAASMGSFLLAAGAKGKRFALPNAEVMIHQPLGGAQGQATEIEIAANHILKTREKLNRILSERTGQ
SIEKIQKDTDRDNFLTAEEAKEYGLIDEVMVPETKLEHHHHHH
;
_entity_poly.pdbx_strand_id   A,B,C,D,E,F,G,H,I,J,K,L,M,N
#
loop_
_chem_comp.id
_chem_comp.type
_chem_comp.name
_chem_comp.formula
A1EEF non-polymer (6~{S},9~{a}~{S})-6-(1~{H}-imidazol-5-ylmethyl)-8-(naphthalen-1-ylmethyl)-4,7-bis(oxidanylidene)-~{N}-(phenylmethyl)-3,6,9,9~{a}-tetrahydro-2~{H}-pyrazino[1,2-a]pyrimidine-1-carboxamide 'C30 H30 N6 O3'
MG non-polymer 'MAGNESIUM ION' 'Mg 2'
MPD non-polymer (4S)-2-METHYL-2,4-PENTANEDIOL 'C6 H14 O2'
#
# COMPACT_ATOMS: atom_id res chain seq x y z
N ILE A 4 30.74 12.50 -6.54
CA ILE A 4 30.55 13.20 -5.23
C ILE A 4 31.79 14.02 -4.84
N PRO A 5 33.04 13.54 -4.97
CA PRO A 5 34.19 14.23 -4.35
C PRO A 5 34.54 15.57 -5.01
N THR A 6 35.24 16.41 -4.24
CA THR A 6 35.63 17.75 -4.65
C THR A 6 37.14 17.78 -4.89
N VAL A 7 37.59 18.64 -5.82
CA VAL A 7 39.01 18.84 -6.09
C VAL A 7 39.33 20.34 -5.98
N ILE A 8 40.55 20.64 -5.53
CA ILE A 8 40.96 21.94 -5.01
C ILE A 8 39.77 22.61 -4.32
N TYR A 18 35.78 22.51 -7.56
CA TYR A 18 35.14 21.64 -8.60
C TYR A 18 34.71 20.31 -7.97
N ASP A 19 33.48 19.89 -8.25
CA ASP A 19 33.14 18.47 -8.14
C ASP A 19 33.89 17.74 -9.24
N ILE A 20 34.06 16.42 -9.09
CA ILE A 20 34.94 15.67 -9.98
C ILE A 20 34.46 15.76 -11.43
N TYR A 21 33.13 15.78 -11.64
CA TYR A 21 32.58 15.80 -12.98
C TYR A 21 32.85 17.15 -13.64
N SER A 22 32.69 18.22 -12.88
CA SER A 22 32.98 19.57 -13.35
C SER A 22 34.47 19.71 -13.68
N ARG A 23 35.33 19.02 -12.93
CA ARG A 23 36.76 19.07 -13.20
C ARG A 23 37.06 18.42 -14.54
N LEU A 24 36.43 17.27 -14.82
CA LEU A 24 36.60 16.60 -16.10
C LEU A 24 36.08 17.48 -17.23
N LEU A 25 34.97 18.20 -17.01
CA LEU A 25 34.38 19.05 -18.04
C LEU A 25 35.34 20.18 -18.43
N LYS A 26 36.12 20.66 -17.46
CA LYS A 26 37.17 21.64 -17.70
C LYS A 26 38.16 21.13 -18.76
N ASP A 27 38.38 19.80 -18.81
CA ASP A 27 39.24 19.19 -19.81
C ASP A 27 38.44 18.56 -20.95
N ARG A 28 37.19 19.04 -21.14
CA ARG A 28 36.37 18.74 -22.31
C ARG A 28 35.92 17.28 -22.31
N ILE A 29 35.77 16.69 -21.12
CA ILE A 29 35.26 15.34 -20.97
C ILE A 29 33.82 15.43 -20.44
N ILE A 30 32.89 14.80 -21.18
CA ILE A 30 31.50 14.72 -20.77
C ILE A 30 31.21 13.26 -20.39
N MET A 31 30.51 13.08 -19.27
CA MET A 31 30.23 11.75 -18.76
C MET A 31 28.77 11.43 -18.98
N LEU A 32 28.50 10.48 -19.90
CA LEU A 32 27.18 9.89 -20.02
C LEU A 32 27.21 8.56 -19.28
N GLY A 33 26.75 8.59 -18.02
CA GLY A 33 26.98 7.49 -17.09
C GLY A 33 25.67 6.98 -16.48
N SER A 34 24.56 7.14 -17.20
CA SER A 34 23.26 6.76 -16.68
C SER A 34 22.32 6.41 -17.82
N GLN A 35 21.12 5.96 -17.44
CA GLN A 35 19.98 5.87 -18.33
C GLN A 35 19.76 7.24 -18.98
N ILE A 36 19.43 7.23 -20.28
CA ILE A 36 19.24 8.46 -21.03
C ILE A 36 17.77 8.89 -20.90
N ASP A 37 17.55 9.99 -20.19
CA ASP A 37 16.24 10.64 -20.14
C ASP A 37 16.45 12.10 -20.57
N ASP A 38 15.36 12.88 -20.54
CA ASP A 38 15.37 14.24 -21.04
C ASP A 38 16.31 15.11 -20.21
N ASN A 39 16.40 14.84 -18.90
CA ASN A 39 17.27 15.60 -18.01
C ASN A 39 18.73 15.38 -18.40
N VAL A 40 19.12 14.12 -18.62
CA VAL A 40 20.47 13.78 -19.01
C VAL A 40 20.78 14.44 -20.36
N ALA A 41 19.85 14.34 -21.32
CA ALA A 41 20.04 14.89 -22.64
C ALA A 41 20.21 16.41 -22.57
N ASN A 42 19.36 17.08 -21.79
CA ASN A 42 19.44 18.54 -21.66
C ASN A 42 20.81 18.94 -21.13
N SER A 43 21.30 18.19 -20.14
CA SER A 43 22.58 18.47 -19.53
C SER A 43 23.70 18.28 -20.55
N ILE A 44 23.66 17.17 -21.31
CA ILE A 44 24.75 16.85 -22.22
C ILE A 44 24.73 17.81 -23.41
N VAL A 45 23.53 18.14 -23.92
CA VAL A 45 23.41 19.14 -24.97
C VAL A 45 24.05 20.44 -24.52
N SER A 46 23.72 20.89 -23.30
CA SER A 46 24.23 22.14 -22.76
C SER A 46 25.75 22.13 -22.67
N GLN A 47 26.31 21.00 -22.20
CA GLN A 47 27.74 20.85 -22.08
C GLN A 47 28.41 20.93 -23.46
N LEU A 48 27.81 20.25 -24.44
CA LEU A 48 28.35 20.21 -25.80
C LEU A 48 28.38 21.62 -26.40
N LEU A 49 27.29 22.39 -26.18
CA LEU A 49 27.20 23.72 -26.76
C LEU A 49 28.19 24.66 -26.08
N PHE A 50 28.31 24.54 -24.75
CA PHE A 50 29.28 25.30 -23.98
C PHE A 50 30.70 25.03 -24.49
N LEU A 51 31.05 23.74 -24.64
CA LEU A 51 32.40 23.37 -25.03
C LEU A 51 32.74 23.93 -26.41
N GLN A 52 31.76 23.93 -27.33
CA GLN A 52 31.96 24.52 -28.65
C GLN A 52 32.28 26.01 -28.53
N ALA A 53 31.55 26.70 -27.65
CA ALA A 53 31.74 28.13 -27.45
C ALA A 53 33.11 28.42 -26.84
N GLN A 54 33.56 27.55 -25.92
CA GLN A 54 34.83 27.73 -25.25
C GLN A 54 35.98 27.52 -26.24
N ASP A 55 35.82 26.52 -27.12
CA ASP A 55 36.85 26.16 -28.08
C ASP A 55 36.21 25.37 -29.21
N SER A 56 36.17 25.97 -30.41
CA SER A 56 35.46 25.38 -31.53
C SER A 56 36.32 24.32 -32.24
N GLU A 57 37.59 24.19 -31.86
CA GLU A 57 38.53 23.37 -32.62
C GLU A 57 38.97 22.13 -31.85
N LYS A 58 39.16 22.23 -30.53
CA LYS A 58 39.63 21.11 -29.74
C LYS A 58 38.57 20.02 -29.63
N ASP A 59 39.01 18.77 -29.71
CA ASP A 59 38.12 17.62 -29.57
C ASP A 59 37.40 17.66 -28.23
N ILE A 60 36.25 16.98 -28.21
CA ILE A 60 35.49 16.69 -27.01
C ILE A 60 35.51 15.18 -26.81
N TYR A 61 35.42 14.74 -25.54
CA TYR A 61 35.46 13.33 -25.20
C TYR A 61 34.19 12.95 -24.45
N LEU A 62 33.37 12.11 -25.09
CA LEU A 62 32.13 11.62 -24.50
C LEU A 62 32.35 10.18 -24.02
N TYR A 63 32.43 10.05 -22.69
CA TYR A 63 32.44 8.76 -22.02
C TYR A 63 31.01 8.21 -21.99
N ILE A 64 30.88 6.92 -22.34
CA ILE A 64 29.57 6.27 -22.38
C ILE A 64 29.61 4.99 -21.55
N ASN A 65 28.83 5.02 -20.46
CA ASN A 65 28.48 3.84 -19.68
C ASN A 65 27.00 3.95 -19.37
N SER A 66 26.17 3.37 -20.27
CA SER A 66 24.74 3.67 -20.28
C SER A 66 23.97 2.47 -20.82
N PRO A 67 22.83 2.10 -20.19
CA PRO A 67 21.94 1.08 -20.73
C PRO A 67 20.99 1.61 -21.79
N GLY A 68 21.16 2.89 -22.17
CA GLY A 68 20.30 3.54 -23.16
C GLY A 68 19.14 4.26 -22.47
N GLY A 69 18.01 4.35 -23.16
CA GLY A 69 16.85 5.05 -22.64
C GLY A 69 16.02 5.68 -23.74
N SER A 70 15.55 6.91 -23.50
CA SER A 70 14.63 7.57 -24.41
C SER A 70 15.30 7.82 -25.77
N VAL A 71 14.61 7.42 -26.85
CA VAL A 71 15.11 7.59 -28.20
C VAL A 71 15.18 9.08 -28.54
N THR A 72 14.16 9.87 -28.17
CA THR A 72 14.14 11.28 -28.54
C THR A 72 15.22 12.01 -27.75
N ALA A 73 15.42 11.62 -26.49
CA ALA A 73 16.49 12.19 -25.68
C ALA A 73 17.84 11.84 -26.28
N GLY A 74 17.95 10.61 -26.78
CA GLY A 74 19.15 10.17 -27.48
C GLY A 74 19.41 11.02 -28.73
N PHE A 75 18.36 11.30 -29.50
CA PHE A 75 18.51 12.06 -30.74
C PHE A 75 18.82 13.53 -30.45
N ALA A 76 18.37 14.05 -29.31
CA ALA A 76 18.78 15.37 -28.84
C ALA A 76 20.31 15.43 -28.79
N ILE A 77 20.91 14.41 -28.15
CA ILE A 77 22.37 14.33 -28.02
C ILE A 77 23.01 14.13 -29.38
N TYR A 78 22.46 13.18 -30.17
CA TYR A 78 23.01 12.83 -31.48
C TYR A 78 23.07 14.05 -32.39
N ASP A 79 21.98 14.81 -32.47
CA ASP A 79 21.90 15.94 -33.39
C ASP A 79 22.85 17.05 -32.94
N THR A 80 23.04 17.22 -31.62
CA THR A 80 23.93 18.24 -31.11
C THR A 80 25.38 17.87 -31.46
N ILE A 81 25.73 16.59 -31.27
CA ILE A 81 27.05 16.11 -31.65
C ILE A 81 27.33 16.51 -33.10
N GLN A 82 26.42 16.14 -34.02
CA GLN A 82 26.66 16.35 -35.44
C GLN A 82 26.65 17.84 -35.78
N HIS A 83 25.90 18.65 -35.01
CA HIS A 83 25.73 20.07 -35.28
C HIS A 83 27.01 20.85 -34.99
N ILE A 84 27.69 20.52 -33.89
CA ILE A 84 28.79 21.35 -33.40
C ILE A 84 30.05 21.08 -34.24
N LYS A 85 30.97 22.05 -34.19
CA LYS A 85 32.17 22.06 -35.03
C LYS A 85 33.20 21.07 -34.51
N PRO A 86 33.50 21.02 -33.20
CA PRO A 86 34.50 20.08 -32.68
C PRO A 86 34.12 18.63 -32.92
N ASP A 87 35.12 17.79 -33.20
CA ASP A 87 34.96 16.35 -33.17
C ASP A 87 34.58 15.91 -31.76
N VAL A 88 33.63 14.98 -31.67
CA VAL A 88 33.29 14.36 -30.40
C VAL A 88 33.76 12.91 -30.44
N GLN A 89 34.79 12.61 -29.67
CA GLN A 89 35.25 11.23 -29.49
C GLN A 89 34.25 10.51 -28.59
N THR A 90 33.99 9.24 -28.88
CA THR A 90 33.18 8.42 -27.99
C THR A 90 34.05 7.29 -27.44
N ILE A 91 33.88 7.02 -26.14
CA ILE A 91 34.65 5.98 -25.46
C ILE A 91 33.67 5.16 -24.62
N CYS A 92 33.46 3.90 -25.01
CA CYS A 92 32.61 2.99 -24.26
C CYS A 92 33.41 2.32 -23.15
N ILE A 93 32.94 2.53 -21.93
CA ILE A 93 33.52 1.94 -20.74
C ILE A 93 32.38 1.32 -19.92
N GLY A 94 32.56 0.05 -19.53
CA GLY A 94 31.52 -0.70 -18.86
C GLY A 94 30.51 -1.30 -19.85
N MET A 95 29.50 -0.51 -20.22
CA MET A 95 28.43 -0.98 -21.08
C MET A 95 27.92 0.19 -21.94
N ALA A 96 27.60 -0.11 -23.20
CA ALA A 96 26.80 0.77 -24.04
C ALA A 96 25.72 -0.09 -24.69
N ALA A 97 24.46 0.11 -24.26
CA ALA A 97 23.35 -0.66 -24.79
C ALA A 97 22.33 0.28 -25.42
N SER A 98 21.64 -0.22 -26.45
CA SER A 98 20.51 0.46 -27.06
C SER A 98 20.93 1.85 -27.53
N MET A 99 20.21 2.90 -27.11
CA MET A 99 20.51 4.26 -27.53
C MET A 99 21.93 4.64 -27.12
N GLY A 100 22.45 4.01 -26.07
CA GLY A 100 23.84 4.17 -25.65
C GLY A 100 24.83 3.73 -26.73
N SER A 101 24.55 2.57 -27.35
CA SER A 101 25.41 2.04 -28.41
C SER A 101 25.23 2.88 -29.68
N PHE A 102 24.04 3.45 -29.86
CA PHE A 102 23.78 4.32 -31.00
C PHE A 102 24.69 5.54 -30.91
N LEU A 103 24.76 6.14 -29.72
CA LEU A 103 25.57 7.34 -29.51
C LEU A 103 27.05 6.99 -29.62
N LEU A 104 27.44 5.80 -29.18
CA LEU A 104 28.81 5.33 -29.33
C LEU A 104 29.21 5.36 -30.80
N ALA A 105 28.35 4.82 -31.66
CA ALA A 105 28.58 4.74 -33.10
C ALA A 105 28.52 6.11 -33.77
N ALA A 106 27.95 7.12 -33.08
CA ALA A 106 27.74 8.44 -33.65
C ALA A 106 28.95 9.37 -33.44
N GLY A 107 29.99 8.89 -32.74
CA GLY A 107 31.20 9.67 -32.53
C GLY A 107 31.91 10.00 -33.85
N ALA A 108 32.86 10.93 -33.78
CA ALA A 108 33.60 11.36 -34.96
C ALA A 108 34.31 10.16 -35.59
N LYS A 109 34.29 10.12 -36.94
CA LYS A 109 34.86 9.02 -37.68
C LYS A 109 36.33 8.86 -37.29
N GLY A 110 36.71 7.62 -36.94
CA GLY A 110 38.07 7.32 -36.52
C GLY A 110 38.32 7.55 -35.03
N LYS A 111 37.34 8.09 -34.29
CA LYS A 111 37.54 8.44 -32.89
C LYS A 111 36.44 7.83 -32.01
N ARG A 112 36.00 6.62 -32.38
CA ARG A 112 35.07 5.85 -31.59
C ARG A 112 35.81 4.67 -30.98
N PHE A 113 35.76 4.58 -29.65
CA PHE A 113 36.61 3.66 -28.91
C PHE A 113 35.78 2.86 -27.89
N ALA A 114 36.29 1.68 -27.56
CA ALA A 114 35.84 0.93 -26.40
C ALA A 114 37.05 0.34 -25.70
N LEU A 115 36.97 0.27 -24.38
CA LEU A 115 38.01 -0.42 -23.61
C LEU A 115 37.77 -1.92 -23.72
N PRO A 116 38.81 -2.77 -23.51
CA PRO A 116 38.77 -4.17 -23.95
C PRO A 116 37.63 -5.05 -23.42
N ASN A 117 37.17 -4.78 -22.19
CA ASN A 117 36.17 -5.61 -21.54
C ASN A 117 34.83 -4.89 -21.48
N ALA A 118 34.71 -3.76 -22.19
CA ALA A 118 33.45 -3.05 -22.31
C ALA A 118 32.47 -3.86 -23.15
N GLU A 119 31.19 -3.70 -22.87
CA GLU A 119 30.12 -4.46 -23.49
C GLU A 119 29.26 -3.53 -24.34
N VAL A 120 28.93 -3.98 -25.56
CA VAL A 120 28.09 -3.21 -26.47
C VAL A 120 26.90 -4.08 -26.88
N MET A 121 25.68 -3.55 -26.72
CA MET A 121 24.48 -4.29 -27.09
C MET A 121 23.61 -3.43 -28.00
N ILE A 122 23.07 -4.07 -29.04
CA ILE A 122 22.16 -3.43 -29.98
C ILE A 122 20.88 -4.27 -30.02
N HIS A 123 19.74 -3.59 -30.16
CA HIS A 123 18.44 -4.24 -30.30
C HIS A 123 17.48 -3.24 -30.94
N GLN A 124 16.19 -3.58 -31.00
CA GLN A 124 15.23 -2.70 -31.64
C GLN A 124 14.58 -1.83 -30.55
N PRO A 125 14.01 -0.66 -30.94
CA PRO A 125 13.31 0.21 -30.00
C PRO A 125 12.17 -0.50 -29.27
N LEU A 126 11.97 -0.09 -28.02
CA LEU A 126 10.90 -0.59 -27.17
C LEU A 126 9.87 0.53 -26.98
N GLY A 127 8.61 0.15 -26.78
CA GLY A 127 7.56 1.12 -26.55
C GLY A 127 6.27 0.46 -26.09
N GLY A 128 5.20 1.25 -26.12
CA GLY A 128 3.89 0.80 -25.69
C GLY A 128 2.80 1.67 -26.28
N ALA A 129 1.59 1.10 -26.38
CA ALA A 129 0.43 1.84 -26.82
C ALA A 129 -0.82 1.19 -26.24
N GLN A 130 -1.78 2.01 -25.84
CA GLN A 130 -3.08 1.51 -25.41
C GLN A 130 -4.15 2.49 -25.84
N GLY A 131 -5.34 1.96 -26.13
CA GLY A 131 -6.48 2.75 -26.55
C GLY A 131 -7.20 2.10 -27.73
N GLN A 132 -7.73 2.95 -28.62
CA GLN A 132 -8.49 2.51 -29.77
C GLN A 132 -7.54 1.91 -30.81
N ALA A 133 -8.09 1.09 -31.71
CA ALA A 133 -7.32 0.47 -32.77
C ALA A 133 -6.56 1.53 -33.58
N THR A 134 -7.21 2.68 -33.86
CA THR A 134 -6.59 3.72 -34.67
C THR A 134 -5.39 4.30 -33.93
N GLU A 135 -5.52 4.43 -32.60
CA GLU A 135 -4.43 4.94 -31.78
C GLU A 135 -3.28 3.94 -31.77
N ILE A 136 -3.57 2.64 -31.70
CA ILE A 136 -2.53 1.61 -31.71
C ILE A 136 -1.81 1.65 -33.04
N GLU A 137 -2.56 1.85 -34.13
CA GLU A 137 -2.02 1.95 -35.47
C GLU A 137 -1.04 3.12 -35.55
N ILE A 138 -1.44 4.29 -35.05
CA ILE A 138 -0.61 5.47 -35.07
C ILE A 138 0.70 5.19 -34.31
N ALA A 139 0.58 4.58 -33.13
CA ALA A 139 1.73 4.28 -32.29
C ALA A 139 2.68 3.31 -32.98
N ALA A 140 2.11 2.31 -33.68
CA ALA A 140 2.88 1.29 -34.35
C ALA A 140 3.64 1.87 -35.54
N ASN A 141 2.94 2.69 -36.33
CA ASN A 141 3.55 3.36 -37.47
C ASN A 141 4.71 4.23 -36.98
N HIS A 142 4.52 4.90 -35.84
CA HIS A 142 5.53 5.79 -35.29
C HIS A 142 6.81 5.04 -34.91
N ILE A 143 6.68 3.95 -34.15
CA ILE A 143 7.86 3.25 -33.65
C ILE A 143 8.58 2.55 -34.80
N LEU A 144 7.82 2.10 -35.81
CA LEU A 144 8.39 1.48 -37.00
C LEU A 144 9.20 2.51 -37.80
N LYS A 145 8.68 3.74 -37.94
CA LYS A 145 9.40 4.80 -38.60
C LYS A 145 10.66 5.17 -37.83
N THR A 146 10.54 5.19 -36.49
CA THR A 146 11.67 5.48 -35.63
C THR A 146 12.75 4.42 -35.81
N ARG A 147 12.35 3.15 -35.93
CA ARG A 147 13.32 2.07 -36.09
C ARG A 147 14.03 2.20 -37.43
N GLU A 148 13.29 2.56 -38.48
CA GLU A 148 13.87 2.74 -39.81
C GLU A 148 14.90 3.87 -39.77
N LYS A 149 14.58 4.96 -39.07
CA LYS A 149 15.48 6.09 -38.92
C LYS A 149 16.77 5.64 -38.23
N LEU A 150 16.63 4.94 -37.11
CA LEU A 150 17.76 4.45 -36.34
C LEU A 150 18.63 3.53 -37.19
N ASN A 151 17.98 2.60 -37.92
CA ASN A 151 18.69 1.58 -38.66
C ASN A 151 19.46 2.20 -39.84
N ARG A 152 18.88 3.25 -40.46
CA ARG A 152 19.52 3.90 -41.58
C ARG A 152 20.79 4.58 -41.11
N ILE A 153 20.72 5.31 -40.00
CA ILE A 153 21.90 6.00 -39.48
C ILE A 153 22.96 4.97 -39.08
N LEU A 154 22.57 3.87 -38.43
CA LEU A 154 23.52 2.83 -38.04
C LEU A 154 24.20 2.24 -39.28
N SER A 155 23.42 2.03 -40.35
CA SER A 155 23.95 1.57 -41.62
C SER A 155 25.02 2.53 -42.14
N GLU A 156 24.69 3.82 -42.15
CA GLU A 156 25.61 4.86 -42.62
C GLU A 156 26.86 4.90 -41.75
N ARG A 157 26.71 4.68 -40.44
CA ARG A 157 27.78 4.89 -39.49
C ARG A 157 28.69 3.67 -39.35
N THR A 158 28.16 2.47 -39.67
CA THR A 158 28.90 1.23 -39.50
C THR A 158 29.42 0.67 -40.82
N GLY A 159 28.79 1.09 -41.93
CA GLY A 159 29.08 0.51 -43.24
C GLY A 159 28.31 -0.79 -43.51
N GLN A 160 27.43 -1.21 -42.59
CA GLN A 160 26.64 -2.40 -42.83
C GLN A 160 25.37 -2.03 -43.59
N SER A 161 24.82 -3.00 -44.33
CA SER A 161 23.56 -2.81 -45.03
C SER A 161 22.42 -2.66 -44.01
N ILE A 162 21.39 -1.92 -44.41
CA ILE A 162 20.17 -1.78 -43.62
C ILE A 162 19.57 -3.16 -43.31
N GLU A 163 19.62 -4.06 -44.29
CA GLU A 163 19.04 -5.39 -44.17
C GLU A 163 19.74 -6.18 -43.06
N LYS A 164 21.08 -6.08 -43.00
CA LYS A 164 21.85 -6.72 -41.96
C LYS A 164 21.55 -6.11 -40.59
N ILE A 165 21.44 -4.77 -40.52
CA ILE A 165 21.15 -4.08 -39.27
C ILE A 165 19.80 -4.55 -38.74
N GLN A 166 18.81 -4.63 -39.62
CA GLN A 166 17.47 -5.10 -39.29
C GLN A 166 17.56 -6.49 -38.64
N LYS A 167 18.29 -7.41 -39.28
CA LYS A 167 18.42 -8.78 -38.79
C LYS A 167 19.16 -8.82 -37.46
N ASP A 168 20.20 -8.01 -37.32
CA ASP A 168 21.10 -8.08 -36.19
C ASP A 168 20.52 -7.38 -34.96
N THR A 169 19.45 -6.59 -35.14
CA THR A 169 18.84 -5.88 -34.02
C THR A 169 17.47 -6.45 -33.67
N ASP A 170 17.11 -7.59 -34.28
CA ASP A 170 15.78 -8.17 -34.08
C ASP A 170 15.61 -8.56 -32.62
N ARG A 171 16.65 -9.14 -32.03
CA ARG A 171 16.68 -9.41 -30.60
C ARG A 171 17.95 -8.83 -30.00
N ASP A 172 18.08 -8.91 -28.68
CA ASP A 172 19.26 -8.43 -27.97
C ASP A 172 20.50 -9.10 -28.55
N ASN A 173 21.46 -8.27 -28.97
CA ASN A 173 22.67 -8.71 -29.62
C ASN A 173 23.86 -8.11 -28.87
N PHE A 174 24.53 -8.94 -28.06
CA PHE A 174 25.66 -8.52 -27.25
C PHE A 174 26.95 -8.70 -28.03
N LEU A 175 27.80 -7.65 -28.01
CA LEU A 175 29.06 -7.65 -28.72
C LEU A 175 30.18 -7.33 -27.73
N THR A 176 31.32 -8.03 -27.89
CA THR A 176 32.56 -7.62 -27.25
C THR A 176 33.07 -6.37 -27.95
N ALA A 177 34.05 -5.70 -27.32
CA ALA A 177 34.67 -4.53 -27.92
C ALA A 177 35.21 -4.87 -29.31
N GLU A 178 35.95 -5.98 -29.40
CA GLU A 178 36.56 -6.40 -30.66
C GLU A 178 35.48 -6.67 -31.72
N GLU A 179 34.37 -7.30 -31.31
CA GLU A 179 33.27 -7.57 -32.22
C GLU A 179 32.62 -6.26 -32.67
N ALA A 180 32.51 -5.28 -31.76
CA ALA A 180 31.93 -3.99 -32.07
C ALA A 180 32.79 -3.26 -33.10
N LYS A 181 34.12 -3.47 -33.03
CA LYS A 181 35.05 -2.89 -33.98
C LYS A 181 34.85 -3.55 -35.35
N GLU A 182 34.82 -4.88 -35.36
CA GLU A 182 34.60 -5.64 -36.58
C GLU A 182 33.27 -5.24 -37.22
N TYR A 183 32.27 -4.93 -36.38
CA TYR A 183 30.94 -4.58 -36.85
C TYR A 183 30.92 -3.18 -37.46
N GLY A 184 31.78 -2.29 -36.95
CA GLY A 184 31.86 -0.91 -37.40
C GLY A 184 31.15 0.08 -36.46
N LEU A 185 30.80 -0.38 -35.25
CA LEU A 185 30.19 0.50 -34.25
C LEU A 185 31.26 1.38 -33.61
N ILE A 186 32.50 0.88 -33.57
CA ILE A 186 33.64 1.63 -33.09
C ILE A 186 34.78 1.46 -34.10
N ASP A 187 35.81 2.29 -33.94
CA ASP A 187 36.97 2.26 -34.82
C ASP A 187 38.11 1.48 -34.20
N GLU A 188 38.21 1.49 -32.87
CA GLU A 188 39.40 0.96 -32.22
C GLU A 188 39.06 0.50 -30.80
N VAL A 189 39.67 -0.63 -30.41
CA VAL A 189 39.71 -1.05 -29.04
C VAL A 189 40.91 -0.36 -28.39
N MET A 190 40.66 0.42 -27.34
CA MET A 190 41.72 1.20 -26.71
C MET A 190 42.55 0.28 -25.83
N VAL A 191 43.84 0.16 -26.16
CA VAL A 191 44.75 -0.74 -25.49
C VAL A 191 45.43 0.04 -24.35
N PRO A 192 45.82 -0.62 -23.23
CA PRO A 192 46.54 0.06 -22.15
C PRO A 192 47.69 0.98 -22.56
N GLU A 193 47.71 2.19 -21.99
CA GLU A 193 48.75 3.17 -22.29
C GLU A 193 50.03 2.82 -21.52
N LEU B 3 24.45 16.09 -10.80
CA LEU B 3 23.65 16.00 -12.05
C LEU B 3 23.92 17.21 -12.96
N ILE B 4 24.09 18.39 -12.35
CA ILE B 4 24.29 19.63 -13.08
C ILE B 4 25.71 20.13 -12.86
N PRO B 5 26.62 20.04 -13.85
CA PRO B 5 28.00 20.48 -13.70
C PRO B 5 28.19 21.99 -13.62
N THR B 6 29.29 22.40 -12.97
CA THR B 6 29.65 23.80 -12.81
C THR B 6 30.73 24.17 -13.82
N VAL B 7 30.65 25.41 -14.32
CA VAL B 7 31.67 26.01 -15.16
C VAL B 7 32.22 27.24 -14.44
N ILE B 8 33.53 27.51 -14.63
CA ILE B 8 34.17 28.69 -14.06
C ILE B 8 34.95 29.39 -15.15
N GLU B 9 34.67 30.70 -15.35
CA GLU B 9 35.34 31.50 -16.36
C GLU B 9 36.07 32.66 -15.67
N THR B 10 37.20 33.07 -16.26
CA THR B 10 38.08 34.10 -15.72
C THR B 10 37.62 34.53 -14.32
N ARG B 16 33.98 33.89 -11.86
CA ARG B 16 32.56 33.60 -11.56
C ARG B 16 32.28 32.13 -11.84
N ALA B 17 31.48 31.51 -10.97
CA ALA B 17 31.11 30.11 -11.07
C ALA B 17 29.64 30.00 -11.47
N TYR B 18 29.36 29.20 -12.51
CA TYR B 18 28.02 29.04 -13.04
C TYR B 18 27.70 27.55 -13.16
N ASP B 19 26.48 27.15 -12.77
CA ASP B 19 25.93 25.90 -13.25
C ASP B 19 25.73 26.06 -14.77
N ILE B 20 25.73 24.93 -15.48
CA ILE B 20 25.74 24.96 -16.94
C ILE B 20 24.54 25.75 -17.47
N TYR B 21 23.38 25.64 -16.83
CA TYR B 21 22.17 26.27 -17.33
C TYR B 21 22.27 27.78 -17.17
N SER B 22 22.79 28.23 -16.02
CA SER B 22 22.99 29.64 -15.76
C SER B 22 23.99 30.22 -16.75
N ARG B 23 25.00 29.43 -17.14
CA ARG B 23 25.98 29.88 -18.11
C ARG B 23 25.31 30.11 -19.47
N LEU B 24 24.41 29.19 -19.86
CA LEU B 24 23.70 29.35 -21.12
C LEU B 24 22.81 30.60 -21.08
N LEU B 25 22.15 30.85 -19.95
CA LEU B 25 21.29 32.02 -19.80
C LEU B 25 22.11 33.31 -19.96
N LYS B 26 23.37 33.29 -19.52
CA LYS B 26 24.27 34.43 -19.69
C LYS B 26 24.40 34.78 -21.17
N ASP B 27 24.27 33.78 -22.06
CA ASP B 27 24.34 33.99 -23.50
C ASP B 27 22.95 34.00 -24.14
N ARG B 28 21.92 34.28 -23.33
CA ARG B 28 20.56 34.53 -23.80
C ARG B 28 19.92 33.24 -24.32
N ILE B 29 20.32 32.09 -23.76
CA ILE B 29 19.70 30.82 -24.09
C ILE B 29 18.85 30.37 -22.90
N ILE B 30 17.58 30.09 -23.18
CA ILE B 30 16.64 29.56 -22.20
C ILE B 30 16.32 28.11 -22.57
N MET B 31 16.30 27.23 -21.57
CA MET B 31 16.05 25.81 -21.77
C MET B 31 14.65 25.46 -21.26
N LEU B 32 13.76 25.11 -22.19
CA LEU B 32 12.52 24.45 -21.86
C LEU B 32 12.72 22.97 -22.16
N GLY B 33 13.16 22.21 -21.14
CA GLY B 33 13.58 20.83 -21.31
C GLY B 33 12.79 19.85 -20.45
N SER B 34 11.54 20.22 -20.13
CA SER B 34 10.70 19.40 -19.27
C SER B 34 9.23 19.61 -19.60
N GLN B 35 8.39 18.81 -18.94
CA GLN B 35 6.95 18.98 -18.97
C GLN B 35 6.61 20.41 -18.55
N ILE B 36 5.65 21.02 -19.25
CA ILE B 36 5.24 22.39 -18.96
C ILE B 36 4.23 22.37 -17.82
N ASP B 37 4.60 23.01 -16.71
CA ASP B 37 3.68 23.26 -15.61
C ASP B 37 3.87 24.72 -15.17
N ASP B 38 3.12 25.12 -14.13
CA ASP B 38 3.14 26.51 -13.69
C ASP B 38 4.54 26.93 -13.23
N ASN B 39 5.28 26.02 -12.57
CA ASN B 39 6.62 26.33 -12.07
C ASN B 39 7.59 26.57 -13.23
N VAL B 40 7.53 25.70 -14.24
CA VAL B 40 8.37 25.82 -15.40
C VAL B 40 8.05 27.13 -16.12
N ALA B 41 6.76 27.40 -16.33
CA ALA B 41 6.35 28.64 -16.99
C ALA B 41 6.87 29.85 -16.22
N ASN B 42 6.77 29.81 -14.89
CA ASN B 42 7.20 30.91 -14.04
C ASN B 42 8.68 31.22 -14.27
N SER B 43 9.48 30.16 -14.32
CA SER B 43 10.91 30.28 -14.53
C SER B 43 11.20 30.87 -15.91
N ILE B 44 10.56 30.32 -16.95
CA ILE B 44 10.83 30.77 -18.31
C ILE B 44 10.37 32.21 -18.50
N VAL B 45 9.20 32.57 -17.96
CA VAL B 45 8.70 33.93 -18.05
C VAL B 45 9.72 34.88 -17.41
N SER B 46 10.18 34.52 -16.21
CA SER B 46 11.13 35.34 -15.47
C SER B 46 12.40 35.55 -16.29
N GLN B 47 12.88 34.48 -16.93
CA GLN B 47 14.08 34.54 -17.75
C GLN B 47 13.86 35.48 -18.94
N LEU B 48 12.72 35.34 -19.63
CA LEU B 48 12.39 36.20 -20.76
C LEU B 48 12.38 37.67 -20.34
N LEU B 49 11.73 37.99 -19.22
CA LEU B 49 11.66 39.36 -18.72
C LEU B 49 13.07 39.89 -18.47
N PHE B 50 13.85 39.10 -17.74
CA PHE B 50 15.22 39.44 -17.40
C PHE B 50 16.05 39.72 -18.65
N LEU B 51 15.96 38.85 -19.66
CA LEU B 51 16.76 39.01 -20.86
C LEU B 51 16.35 40.26 -21.64
N GLN B 52 15.03 40.53 -21.71
CA GLN B 52 14.56 41.75 -22.33
C GLN B 52 15.17 42.97 -21.65
N ALA B 53 15.17 42.95 -20.31
CA ALA B 53 15.67 44.06 -19.52
C ALA B 53 17.16 44.27 -19.76
N GLN B 54 17.91 43.15 -19.85
CA GLN B 54 19.35 43.18 -20.11
C GLN B 54 19.63 43.81 -21.48
N ASP B 55 18.87 43.39 -22.49
CA ASP B 55 19.04 43.92 -23.84
C ASP B 55 17.72 43.73 -24.59
N SER B 56 17.13 44.84 -25.06
CA SER B 56 15.81 44.78 -25.67
C SER B 56 15.89 44.49 -27.17
N GLU B 57 17.10 44.43 -27.73
CA GLU B 57 17.31 44.28 -29.16
C GLU B 57 17.92 42.92 -29.52
N LYS B 58 18.77 42.36 -28.65
CA LYS B 58 19.48 41.12 -29.00
C LYS B 58 18.51 39.93 -28.94
N ASP B 59 18.70 38.98 -29.86
CA ASP B 59 17.87 37.80 -29.96
C ASP B 59 18.00 36.97 -28.67
N ILE B 60 16.91 36.26 -28.37
CA ILE B 60 16.86 35.25 -27.32
C ILE B 60 16.68 33.90 -28.01
N TYR B 61 17.25 32.84 -27.43
CA TYR B 61 17.16 31.50 -27.97
C TYR B 61 16.41 30.61 -26.98
N LEU B 62 15.26 30.07 -27.41
CA LEU B 62 14.48 29.16 -26.59
C LEU B 62 14.62 27.73 -27.13
N TYR B 63 15.41 26.92 -26.41
CA TYR B 63 15.55 25.50 -26.66
C TYR B 63 14.30 24.77 -26.16
N ILE B 64 13.75 23.89 -27.02
CA ILE B 64 12.56 23.13 -26.66
C ILE B 64 12.85 21.65 -26.84
N ASN B 65 12.89 20.95 -25.70
CA ASN B 65 12.83 19.50 -25.63
C ASN B 65 11.76 19.15 -24.59
N SER B 66 10.50 19.05 -25.03
CA SER B 66 9.38 19.02 -24.10
C SER B 66 8.23 18.17 -24.66
N PRO B 67 7.60 17.33 -23.82
CA PRO B 67 6.39 16.61 -24.23
C PRO B 67 5.13 17.46 -24.12
N GLY B 68 5.28 18.74 -23.74
CA GLY B 68 4.13 19.62 -23.56
C GLY B 68 3.70 19.64 -22.10
N GLY B 69 2.40 19.87 -21.87
CA GLY B 69 1.87 19.97 -20.52
C GLY B 69 0.72 20.97 -20.46
N SER B 70 0.70 21.78 -19.39
CA SER B 70 -0.41 22.67 -19.11
C SER B 70 -0.56 23.73 -20.20
N VAL B 71 -1.78 23.86 -20.72
CA VAL B 71 -2.07 24.81 -21.79
C VAL B 71 -1.96 26.24 -21.25
N THR B 72 -2.54 26.51 -20.08
CA THR B 72 -2.49 27.84 -19.50
C THR B 72 -1.04 28.23 -19.19
N ALA B 73 -0.25 27.29 -18.65
CA ALA B 73 1.16 27.55 -18.38
C ALA B 73 1.90 27.83 -19.69
N GLY B 74 1.54 27.08 -20.74
CA GLY B 74 2.08 27.31 -22.06
C GLY B 74 1.77 28.71 -22.58
N PHE B 75 0.55 29.19 -22.32
CA PHE B 75 0.14 30.51 -22.79
C PHE B 75 0.81 31.63 -22.00
N ALA B 76 1.23 31.35 -20.76
CA ALA B 76 2.02 32.31 -20.00
C ALA B 76 3.32 32.59 -20.74
N ILE B 77 3.97 31.52 -21.20
CA ILE B 77 5.20 31.62 -21.98
C ILE B 77 4.88 32.29 -23.32
N TYR B 78 3.84 31.81 -24.02
CA TYR B 78 3.49 32.29 -25.33
C TYR B 78 3.31 33.82 -25.31
N ASP B 79 2.50 34.32 -24.38
CA ASP B 79 2.14 35.73 -24.35
C ASP B 79 3.38 36.56 -23.99
N THR B 80 4.25 36.03 -23.13
CA THR B 80 5.45 36.76 -22.75
C THR B 80 6.39 36.86 -23.97
N ILE B 81 6.50 35.79 -24.75
CA ILE B 81 7.30 35.84 -25.96
C ILE B 81 6.80 36.98 -26.84
N GLN B 82 5.49 37.03 -27.07
CA GLN B 82 4.93 38.00 -28.00
C GLN B 82 5.05 39.42 -27.43
N HIS B 83 4.98 39.54 -26.10
CA HIS B 83 4.97 40.85 -25.46
C HIS B 83 6.34 41.54 -25.56
N ILE B 84 7.43 40.78 -25.35
CA ILE B 84 8.75 41.37 -25.23
C ILE B 84 9.26 41.80 -26.60
N LYS B 85 10.22 42.72 -26.60
CA LYS B 85 10.73 43.36 -27.81
C LYS B 85 11.68 42.43 -28.57
N PRO B 86 12.65 41.75 -27.91
CA PRO B 86 13.57 40.88 -28.63
C PRO B 86 12.86 39.74 -29.36
N ASP B 87 13.36 39.41 -30.55
CA ASP B 87 12.97 38.18 -31.22
C ASP B 87 13.36 36.99 -30.33
N VAL B 88 12.46 36.02 -30.23
CA VAL B 88 12.74 34.77 -29.55
C VAL B 88 12.85 33.68 -30.60
N GLN B 89 14.07 33.22 -30.85
CA GLN B 89 14.28 32.05 -31.70
C GLN B 89 13.82 30.81 -30.94
N THR B 90 13.19 29.88 -31.66
CA THR B 90 12.85 28.57 -31.10
C THR B 90 13.65 27.49 -31.82
N ILE B 91 14.15 26.52 -31.05
CA ILE B 91 14.97 25.45 -31.58
C ILE B 91 14.54 24.13 -30.92
N CYS B 92 13.92 23.26 -31.72
CA CYS B 92 13.49 21.96 -31.26
C CYS B 92 14.65 20.97 -31.38
N ILE B 93 14.97 20.36 -30.24
CA ILE B 93 16.02 19.35 -30.14
C ILE B 93 15.43 18.21 -29.31
N GLY B 94 15.48 17.00 -29.87
CA GLY B 94 14.83 15.84 -29.25
C GLY B 94 13.37 15.73 -29.65
N MET B 95 12.50 16.45 -28.92
CA MET B 95 11.06 16.35 -29.13
C MET B 95 10.39 17.66 -28.73
N ALA B 96 9.39 18.05 -29.53
CA ALA B 96 8.39 19.03 -29.15
C ALA B 96 7.02 18.42 -29.41
N ALA B 97 6.24 18.23 -28.35
CA ALA B 97 4.92 17.63 -28.47
C ALA B 97 3.90 18.54 -27.79
N SER B 98 2.68 18.56 -28.36
CA SER B 98 1.54 19.25 -27.78
C SER B 98 1.85 20.73 -27.57
N MET B 99 1.69 21.24 -26.34
CA MET B 99 1.98 22.65 -26.07
C MET B 99 3.43 22.98 -26.42
N GLY B 100 4.32 21.99 -26.35
CA GLY B 100 5.71 22.14 -26.75
C GLY B 100 5.85 22.56 -28.21
N SER B 101 5.13 21.88 -29.10
CA SER B 101 5.14 22.20 -30.52
C SER B 101 4.41 23.52 -30.79
N PHE B 102 3.42 23.86 -29.95
CA PHE B 102 2.75 25.15 -30.05
C PHE B 102 3.75 26.29 -29.81
N LEU B 103 4.58 26.16 -28.77
CA LEU B 103 5.58 27.16 -28.45
C LEU B 103 6.69 27.20 -29.50
N LEU B 104 7.05 26.03 -30.05
CA LEU B 104 7.99 26.00 -31.17
C LEU B 104 7.48 26.91 -32.29
N ALA B 105 6.18 26.79 -32.60
CA ALA B 105 5.58 27.54 -33.70
C ALA B 105 5.45 29.01 -33.36
N ALA B 106 5.68 29.37 -32.08
CA ALA B 106 5.45 30.71 -31.57
C ALA B 106 6.69 31.60 -31.70
N GLY B 107 7.81 31.03 -32.13
CA GLY B 107 9.05 31.78 -32.22
C GLY B 107 8.99 32.86 -33.29
N ALA B 108 9.94 33.79 -33.24
CA ALA B 108 10.01 34.87 -34.22
C ALA B 108 9.99 34.30 -35.64
N LYS B 109 9.19 34.93 -36.50
CA LYS B 109 9.03 34.49 -37.89
C LYS B 109 10.40 34.49 -38.56
N GLY B 110 10.75 33.36 -39.19
CA GLY B 110 12.04 33.18 -39.83
C GLY B 110 13.11 32.59 -38.91
N LYS B 111 12.81 32.48 -37.60
CA LYS B 111 13.80 32.04 -36.63
C LYS B 111 13.26 30.88 -35.79
N ARG B 112 12.43 30.03 -36.41
CA ARG B 112 11.94 28.81 -35.79
C ARG B 112 12.63 27.62 -36.45
N PHE B 113 13.31 26.81 -35.62
CA PHE B 113 14.21 25.78 -36.10
C PHE B 113 13.96 24.44 -35.43
N ALA B 114 14.40 23.38 -36.10
CA ALA B 114 14.52 22.06 -35.50
C ALA B 114 15.78 21.41 -36.06
N LEU B 115 16.45 20.60 -35.24
CA LEU B 115 17.56 19.81 -35.74
C LEU B 115 16.99 18.58 -36.45
N PRO B 116 17.77 17.95 -37.35
CA PRO B 116 17.23 17.02 -38.35
C PRO B 116 16.42 15.83 -37.83
N ASN B 117 16.79 15.29 -36.67
CA ASN B 117 16.15 14.09 -36.14
C ASN B 117 15.22 14.44 -34.99
N ALA B 118 14.92 15.72 -34.82
CA ALA B 118 13.97 16.17 -33.82
C ALA B 118 12.56 15.72 -34.22
N GLU B 119 11.77 15.33 -33.21
CA GLU B 119 10.41 14.86 -33.41
C GLU B 119 9.45 15.96 -32.97
N VAL B 120 8.50 16.30 -33.84
CA VAL B 120 7.47 17.28 -33.55
C VAL B 120 6.13 16.56 -33.59
N MET B 121 5.30 16.72 -32.54
CA MET B 121 4.00 16.07 -32.52
C MET B 121 2.93 17.10 -32.18
N ILE B 122 1.83 17.08 -32.95
CA ILE B 122 0.68 17.94 -32.71
C ILE B 122 -0.53 17.06 -32.45
N HIS B 123 -1.39 17.50 -31.51
CA HIS B 123 -2.64 16.81 -31.24
C HIS B 123 -3.56 17.80 -30.51
N GLN B 124 -4.80 17.36 -30.25
CA GLN B 124 -5.77 18.23 -29.61
C GLN B 124 -5.52 18.22 -28.10
N PRO B 125 -5.99 19.26 -27.38
CA PRO B 125 -5.79 19.34 -25.94
C PRO B 125 -6.46 18.20 -25.18
N LEU B 126 -5.86 17.82 -24.04
CA LEU B 126 -6.36 16.76 -23.19
C LEU B 126 -6.92 17.40 -21.91
N GLY B 127 -7.89 16.73 -21.30
CA GLY B 127 -8.45 17.21 -20.05
C GLY B 127 -9.35 16.19 -19.37
N GLY B 128 -10.08 16.68 -18.36
CA GLY B 128 -10.97 15.82 -17.60
C GLY B 128 -12.06 16.65 -16.92
N ALA B 129 -13.13 15.96 -16.53
CA ALA B 129 -14.23 16.58 -15.81
C ALA B 129 -15.00 15.47 -15.12
N GLN B 130 -15.40 15.73 -13.87
CA GLN B 130 -16.29 14.83 -13.15
C GLN B 130 -17.25 15.66 -12.30
N GLY B 131 -18.38 15.05 -11.94
CA GLY B 131 -19.42 15.73 -11.18
C GLY B 131 -20.72 15.81 -11.98
N GLN B 132 -21.47 16.89 -11.75
CA GLN B 132 -22.80 17.05 -12.29
C GLN B 132 -22.74 17.30 -13.79
N ALA B 133 -23.85 16.98 -14.48
CA ALA B 133 -23.95 17.20 -15.92
C ALA B 133 -23.56 18.63 -16.29
N THR B 134 -24.02 19.61 -15.50
CA THR B 134 -23.81 21.02 -15.82
C THR B 134 -22.35 21.39 -15.63
N GLU B 135 -21.67 20.71 -14.69
CA GLU B 135 -20.25 20.91 -14.46
C GLU B 135 -19.46 20.32 -15.63
N ILE B 136 -19.91 19.16 -16.13
CA ILE B 136 -19.28 18.52 -17.27
C ILE B 136 -19.43 19.41 -18.49
N GLU B 137 -20.61 20.04 -18.63
CA GLU B 137 -20.90 20.94 -19.74
C GLU B 137 -19.93 22.12 -19.71
N ILE B 138 -19.73 22.72 -18.53
CA ILE B 138 -18.86 23.86 -18.39
C ILE B 138 -17.44 23.48 -18.80
N ALA B 139 -16.97 22.32 -18.34
CA ALA B 139 -15.63 21.84 -18.63
C ALA B 139 -15.48 21.55 -20.12
N ALA B 140 -16.51 20.96 -20.74
CA ALA B 140 -16.47 20.65 -22.15
C ALA B 140 -16.38 21.94 -22.97
N ASN B 141 -17.23 22.93 -22.65
CA ASN B 141 -17.26 24.18 -23.38
C ASN B 141 -15.89 24.87 -23.26
N HIS B 142 -15.30 24.78 -22.08
CA HIS B 142 -14.00 25.38 -21.80
C HIS B 142 -12.90 24.77 -22.68
N ILE B 143 -12.79 23.44 -22.71
CA ILE B 143 -11.70 22.82 -23.45
C ILE B 143 -11.92 22.99 -24.95
N LEU B 144 -13.18 23.04 -25.38
CA LEU B 144 -13.50 23.25 -26.79
C LEU B 144 -13.08 24.66 -27.20
N LYS B 145 -13.42 25.66 -26.38
CA LYS B 145 -13.01 27.03 -26.63
C LYS B 145 -11.49 27.15 -26.63
N THR B 146 -10.84 26.43 -25.72
CA THR B 146 -9.38 26.43 -25.63
C THR B 146 -8.79 25.88 -26.93
N ARG B 147 -9.39 24.82 -27.48
CA ARG B 147 -8.90 24.23 -28.72
C ARG B 147 -9.08 25.22 -29.88
N GLU B 148 -10.21 25.95 -29.88
CA GLU B 148 -10.48 26.94 -30.91
C GLU B 148 -9.41 28.02 -30.86
N LYS B 149 -8.98 28.39 -29.64
CA LYS B 149 -7.98 29.42 -29.45
C LYS B 149 -6.62 28.94 -29.98
N LEU B 150 -6.21 27.73 -29.57
CA LEU B 150 -4.97 27.12 -30.02
C LEU B 150 -4.93 27.04 -31.55
N ASN B 151 -6.01 26.53 -32.14
CA ASN B 151 -6.05 26.30 -33.58
C ASN B 151 -5.97 27.60 -34.37
N ARG B 152 -6.65 28.65 -33.88
CA ARG B 152 -6.65 29.95 -34.55
C ARG B 152 -5.22 30.48 -34.60
N ILE B 153 -4.50 30.38 -33.48
CA ILE B 153 -3.14 30.90 -33.40
C ILE B 153 -2.25 30.04 -34.30
N LEU B 154 -2.37 28.72 -34.18
CA LEU B 154 -1.63 27.81 -35.05
C LEU B 154 -1.86 28.15 -36.53
N SER B 155 -3.10 28.47 -36.89
CA SER B 155 -3.42 28.83 -38.26
C SER B 155 -2.63 30.08 -38.67
N GLU B 156 -2.64 31.09 -37.80
CA GLU B 156 -1.94 32.34 -38.04
C GLU B 156 -0.44 32.11 -38.15
N ARG B 157 0.09 31.19 -37.34
CA ARG B 157 1.52 30.98 -37.22
C ARG B 157 2.05 30.09 -38.36
N THR B 158 1.20 29.18 -38.88
CA THR B 158 1.65 28.20 -39.87
C THR B 158 1.23 28.59 -41.29
N GLY B 159 0.15 29.38 -41.42
CA GLY B 159 -0.45 29.66 -42.71
C GLY B 159 -1.40 28.56 -43.17
N GLN B 160 -1.65 27.56 -42.33
CA GLN B 160 -2.64 26.53 -42.63
C GLN B 160 -4.02 27.01 -42.22
N SER B 161 -5.06 26.53 -42.90
CA SER B 161 -6.44 26.88 -42.55
C SER B 161 -6.80 26.23 -41.21
N ILE B 162 -7.74 26.86 -40.49
CA ILE B 162 -8.22 26.33 -39.23
C ILE B 162 -8.81 24.93 -39.45
N GLU B 163 -9.51 24.76 -40.58
CA GLU B 163 -10.16 23.50 -40.93
C GLU B 163 -9.12 22.40 -41.02
N LYS B 164 -7.97 22.69 -41.63
CA LYS B 164 -6.90 21.71 -41.80
C LYS B 164 -6.27 21.38 -40.44
N ILE B 165 -6.02 22.41 -39.62
CA ILE B 165 -5.43 22.22 -38.30
C ILE B 165 -6.33 21.30 -37.48
N GLN B 166 -7.64 21.55 -37.53
CA GLN B 166 -8.63 20.76 -36.80
C GLN B 166 -8.49 19.28 -37.17
N LYS B 167 -8.45 19.03 -38.48
CA LYS B 167 -8.36 17.68 -39.01
C LYS B 167 -7.04 17.03 -38.59
N ASP B 168 -5.94 17.78 -38.72
CA ASP B 168 -4.60 17.23 -38.55
C ASP B 168 -4.24 17.04 -37.08
N THR B 169 -5.03 17.58 -36.16
CA THR B 169 -4.76 17.45 -34.73
C THR B 169 -5.79 16.56 -34.05
N ASP B 170 -6.68 15.95 -34.84
CA ASP B 170 -7.74 15.12 -34.29
C ASP B 170 -7.12 13.98 -33.47
N ARG B 171 -6.05 13.36 -34.00
CA ARG B 171 -5.28 12.37 -33.28
C ARG B 171 -3.80 12.75 -33.30
N ASP B 172 -3.00 12.02 -32.53
CA ASP B 172 -1.56 12.19 -32.48
C ASP B 172 -0.99 12.20 -33.89
N ASN B 173 -0.23 13.26 -34.19
CA ASN B 173 0.31 13.50 -35.52
C ASN B 173 1.80 13.77 -35.37
N PHE B 174 2.60 12.76 -35.71
CA PHE B 174 4.05 12.81 -35.57
C PHE B 174 4.65 13.35 -36.87
N LEU B 175 5.41 14.43 -36.76
CA LEU B 175 6.09 15.02 -37.90
C LEU B 175 7.60 14.95 -37.72
N THR B 176 8.32 14.68 -38.81
CA THR B 176 9.75 14.90 -38.87
C THR B 176 10.03 16.40 -38.91
N ALA B 177 11.28 16.78 -38.63
CA ALA B 177 11.67 18.18 -38.68
C ALA B 177 11.29 18.77 -40.04
N GLU B 178 11.65 18.06 -41.11
CA GLU B 178 11.37 18.51 -42.48
C GLU B 178 9.87 18.66 -42.72
N GLU B 179 9.06 17.72 -42.18
CA GLU B 179 7.62 17.79 -42.30
C GLU B 179 7.05 18.98 -41.53
N ALA B 180 7.68 19.30 -40.39
CA ALA B 180 7.28 20.44 -39.57
C ALA B 180 7.51 21.74 -40.34
N LYS B 181 8.60 21.79 -41.12
CA LYS B 181 8.91 22.94 -41.96
C LYS B 181 7.84 23.10 -43.03
N GLU B 182 7.50 22.04 -43.77
CA GLU B 182 6.53 22.17 -44.85
C GLU B 182 5.15 22.49 -44.28
N TYR B 183 4.89 22.07 -43.04
CA TYR B 183 3.64 22.36 -42.37
C TYR B 183 3.57 23.84 -41.99
N GLY B 184 4.73 24.45 -41.72
CA GLY B 184 4.83 25.85 -41.35
C GLY B 184 4.98 26.05 -39.84
N LEU B 185 5.25 24.97 -39.10
CA LEU B 185 5.50 25.02 -37.67
C LEU B 185 6.89 25.57 -37.40
N ILE B 186 7.85 25.29 -38.30
CA ILE B 186 9.18 25.88 -38.23
C ILE B 186 9.51 26.47 -39.59
N ASP B 187 10.60 27.25 -39.61
CA ASP B 187 11.06 27.92 -40.82
C ASP B 187 12.18 27.14 -41.49
N GLU B 188 13.01 26.45 -40.69
CA GLU B 188 14.22 25.84 -41.22
C GLU B 188 14.62 24.62 -40.40
N VAL B 189 15.15 23.60 -41.08
CA VAL B 189 15.86 22.51 -40.42
C VAL B 189 17.31 22.96 -40.29
N MET B 190 17.82 23.01 -39.05
CA MET B 190 19.14 23.57 -38.81
C MET B 190 20.20 22.56 -39.25
N VAL B 191 21.05 23.00 -40.18
CA VAL B 191 22.15 22.19 -40.68
C VAL B 191 23.36 22.37 -39.77
N PRO B 192 24.29 21.38 -39.69
CA PRO B 192 25.54 21.53 -38.94
C PRO B 192 26.31 22.83 -39.21
N GLU B 193 27.04 23.30 -38.18
CA GLU B 193 27.81 24.53 -38.27
C GLU B 193 29.07 24.31 -39.10
N LEU C 3 14.88 23.41 -10.82
CA LEU C 3 16.23 23.99 -11.09
C LEU C 3 16.09 25.46 -11.51
N ILE C 4 16.36 26.38 -10.57
CA ILE C 4 16.19 27.81 -10.78
C ILE C 4 17.53 28.40 -11.19
N PRO C 5 17.64 29.08 -12.35
CA PRO C 5 18.92 29.62 -12.80
C PRO C 5 19.39 30.82 -11.98
N THR C 6 20.70 31.05 -12.03
CA THR C 6 21.37 32.11 -11.30
C THR C 6 21.83 33.20 -12.27
N VAL C 7 21.77 34.45 -11.82
CA VAL C 7 22.30 35.58 -12.56
C VAL C 7 23.40 36.24 -11.73
N ILE C 8 24.50 36.63 -12.40
CA ILE C 8 25.63 37.27 -11.76
C ILE C 8 26.00 38.52 -12.55
N ARG C 16 27.74 39.50 -6.70
CA ARG C 16 26.36 39.96 -7.00
C ARG C 16 25.58 38.83 -7.69
N ALA C 17 25.32 37.75 -6.94
CA ALA C 17 24.71 36.54 -7.48
C ALA C 17 23.28 36.37 -6.95
N TYR C 18 22.31 36.32 -7.88
CA TYR C 18 20.91 36.20 -7.56
C TYR C 18 20.31 34.99 -8.31
N ASP C 19 19.39 34.27 -7.66
CA ASP C 19 18.50 33.40 -8.41
C ASP C 19 17.56 34.30 -9.20
N ILE C 20 16.88 33.76 -10.23
CA ILE C 20 16.18 34.60 -11.19
C ILE C 20 15.08 35.38 -10.47
N TYR C 21 14.41 34.74 -9.50
CA TYR C 21 13.29 35.37 -8.80
C TYR C 21 13.79 36.53 -7.94
N SER C 22 14.89 36.31 -7.23
CA SER C 22 15.51 37.36 -6.43
C SER C 22 15.94 38.54 -7.31
N ARG C 23 16.44 38.24 -8.51
CA ARG C 23 16.85 39.29 -9.44
C ARG C 23 15.66 40.17 -9.83
N LEU C 24 14.49 39.56 -10.06
CA LEU C 24 13.29 40.29 -10.42
C LEU C 24 12.80 41.12 -9.23
N LEU C 25 12.94 40.58 -8.01
CA LEU C 25 12.51 41.27 -6.80
C LEU C 25 13.31 42.57 -6.62
N LYS C 26 14.56 42.59 -7.10
CA LYS C 26 15.42 43.76 -7.04
C LYS C 26 14.82 44.87 -7.90
N ASP C 27 14.06 44.49 -8.93
CA ASP C 27 13.39 45.46 -9.78
C ASP C 27 11.91 45.59 -9.39
N ARG C 28 11.57 45.17 -8.17
CA ARG C 28 10.25 45.36 -7.59
C ARG C 28 9.19 44.52 -8.31
N ILE C 29 9.58 43.36 -8.84
CA ILE C 29 8.64 42.40 -9.41
C ILE C 29 8.52 41.21 -8.46
N ILE C 30 7.28 40.90 -8.06
CA ILE C 30 6.94 39.73 -7.25
C ILE C 30 6.20 38.74 -8.15
N MET C 31 6.58 37.45 -8.05
CA MET C 31 6.01 36.42 -8.89
C MET C 31 5.14 35.49 -8.04
N LEU C 32 3.81 35.57 -8.23
CA LEU C 32 2.88 34.60 -7.67
C LEU C 32 2.55 33.60 -8.77
N GLY C 33 3.23 32.44 -8.76
CA GLY C 33 3.15 31.49 -9.84
C GLY C 33 2.78 30.08 -9.36
N SER C 34 1.91 30.01 -8.35
CA SER C 34 1.56 28.72 -7.75
C SER C 34 0.24 28.83 -7.01
N GLN C 35 -0.19 27.69 -6.46
CA GLN C 35 -1.31 27.64 -5.54
C GLN C 35 -1.02 28.55 -4.35
N ILE C 36 -2.05 29.27 -3.90
CA ILE C 36 -1.92 30.16 -2.76
C ILE C 36 -2.14 29.34 -1.49
N ASP C 37 -1.08 29.21 -0.68
CA ASP C 37 -1.17 28.65 0.65
C ASP C 37 -0.45 29.60 1.62
N ASP C 38 -0.36 29.21 2.89
CA ASP C 38 0.19 30.08 3.92
C ASP C 38 1.64 30.42 3.63
N ASN C 39 2.43 29.44 3.15
CA ASN C 39 3.83 29.66 2.84
C ASN C 39 3.99 30.71 1.74
N VAL C 40 3.21 30.56 0.67
CA VAL C 40 3.24 31.48 -0.46
C VAL C 40 2.84 32.87 0.00
N ALA C 41 1.79 32.96 0.83
CA ALA C 41 1.31 34.24 1.33
C ALA C 41 2.39 34.90 2.17
N ASN C 42 3.05 34.12 3.04
CA ASN C 42 4.07 34.64 3.93
C ASN C 42 5.21 35.26 3.16
N SER C 43 5.59 34.60 2.05
CA SER C 43 6.70 35.07 1.23
C SER C 43 6.31 36.36 0.51
N ILE C 44 5.11 36.38 -0.07
CA ILE C 44 4.66 37.53 -0.84
C ILE C 44 4.46 38.73 0.08
N VAL C 45 3.87 38.50 1.27
CA VAL C 45 3.70 39.55 2.25
C VAL C 45 5.07 40.13 2.61
N SER C 46 6.04 39.24 2.89
CA SER C 46 7.37 39.66 3.27
C SER C 46 8.02 40.48 2.17
N GLN C 47 7.80 40.08 0.91
CA GLN C 47 8.33 40.80 -0.24
C GLN C 47 7.70 42.19 -0.34
N LEU C 48 6.38 42.28 -0.19
CA LEU C 48 5.68 43.56 -0.24
C LEU C 48 6.23 44.52 0.82
N LEU C 49 6.36 44.03 2.06
CA LEU C 49 6.89 44.82 3.17
C LEU C 49 8.29 45.35 2.85
N PHE C 50 9.16 44.44 2.38
CA PHE C 50 10.53 44.77 2.05
C PHE C 50 10.56 45.87 0.99
N LEU C 51 9.77 45.72 -0.06
CA LEU C 51 9.79 46.67 -1.17
C LEU C 51 9.33 48.04 -0.69
N GLN C 52 8.29 48.08 0.16
CA GLN C 52 7.81 49.33 0.73
C GLN C 52 8.94 50.02 1.48
N ALA C 53 9.70 49.24 2.27
CA ALA C 53 10.80 49.76 3.07
C ALA C 53 11.90 50.32 2.18
N GLN C 54 12.17 49.66 1.05
CA GLN C 54 13.17 50.12 0.09
C GLN C 54 12.75 51.47 -0.47
N ASP C 55 11.50 51.56 -0.93
CA ASP C 55 10.99 52.77 -1.57
C ASP C 55 9.47 52.77 -1.45
N SER C 56 8.93 53.81 -0.78
CA SER C 56 7.52 53.86 -0.44
C SER C 56 6.70 54.48 -1.57
N GLU C 57 7.35 54.92 -2.65
CA GLU C 57 6.68 55.68 -3.70
C GLU C 57 6.65 54.91 -5.02
N LYS C 58 7.67 54.09 -5.31
CA LYS C 58 7.78 53.43 -6.60
C LYS C 58 6.78 52.27 -6.69
N ASP C 59 6.25 52.04 -7.89
CA ASP C 59 5.29 50.95 -8.11
C ASP C 59 5.96 49.60 -7.86
N ILE C 60 5.11 48.63 -7.48
CA ILE C 60 5.47 47.22 -7.39
C ILE C 60 4.68 46.48 -8.48
N TYR C 61 5.23 45.37 -8.96
CA TYR C 61 4.59 44.57 -9.99
C TYR C 61 4.37 43.16 -9.47
N LEU C 62 3.10 42.75 -9.42
CA LEU C 62 2.72 41.41 -9.01
C LEU C 62 2.22 40.65 -10.22
N TYR C 63 3.05 39.71 -10.69
CA TYR C 63 2.68 38.76 -11.73
C TYR C 63 1.82 37.68 -11.10
N ILE C 64 0.75 37.29 -11.80
CA ILE C 64 -0.16 36.28 -11.27
C ILE C 64 -0.39 35.22 -12.33
N ASN C 65 0.10 34.02 -12.02
CA ASN C 65 -0.29 32.79 -12.69
C ASN C 65 -0.61 31.78 -11.60
N SER C 66 -1.90 31.69 -11.21
CA SER C 66 -2.27 30.93 -10.03
C SER C 66 -3.66 30.33 -10.19
N PRO C 67 -3.86 29.05 -9.79
CA PRO C 67 -5.20 28.46 -9.74
C PRO C 67 -5.97 28.84 -8.49
N GLY C 68 -5.38 29.71 -7.65
CA GLY C 68 -5.98 30.13 -6.40
C GLY C 68 -5.52 29.26 -5.24
N GLY C 69 -6.37 29.12 -4.21
CA GLY C 69 -6.04 28.35 -3.03
C GLY C 69 -6.74 28.90 -1.79
N SER C 70 -6.01 28.96 -0.68
CA SER C 70 -6.55 29.35 0.62
C SER C 70 -7.06 30.79 0.59
N VAL C 71 -8.31 30.97 1.05
CA VAL C 71 -8.93 32.29 1.10
C VAL C 71 -8.19 33.16 2.14
N THR C 72 -7.88 32.59 3.31
CA THR C 72 -7.24 33.37 4.38
C THR C 72 -5.83 33.76 3.96
N ALA C 73 -5.10 32.83 3.32
CA ALA C 73 -3.79 33.15 2.80
C ALA C 73 -3.89 34.28 1.77
N GLY C 74 -4.89 34.18 0.88
CA GLY C 74 -5.14 35.20 -0.11
C GLY C 74 -5.43 36.56 0.52
N PHE C 75 -6.17 36.55 1.64
CA PHE C 75 -6.49 37.79 2.34
C PHE C 75 -5.26 38.38 3.03
N ALA C 76 -4.29 37.53 3.39
CA ALA C 76 -3.04 38.04 3.95
C ALA C 76 -2.34 38.90 2.89
N ILE C 77 -2.39 38.45 1.63
CA ILE C 77 -1.79 39.18 0.53
C ILE C 77 -2.62 40.43 0.22
N TYR C 78 -3.94 40.25 0.12
CA TYR C 78 -4.84 41.34 -0.21
C TYR C 78 -4.64 42.51 0.76
N ASP C 79 -4.67 42.22 2.06
CA ASP C 79 -4.62 43.23 3.09
C ASP C 79 -3.28 43.94 3.08
N THR C 80 -2.20 43.21 2.78
CA THR C 80 -0.87 43.79 2.74
C THR C 80 -0.76 44.73 1.54
N ILE C 81 -1.32 44.33 0.40
CA ILE C 81 -1.34 45.20 -0.76
C ILE C 81 -2.02 46.52 -0.41
N GLN C 82 -3.20 46.45 0.22
CA GLN C 82 -3.96 47.64 0.51
C GLN C 82 -3.26 48.48 1.59
N HIS C 83 -2.51 47.83 2.50
CA HIS C 83 -1.90 48.52 3.63
C HIS C 83 -0.72 49.39 3.20
N ILE C 84 0.10 48.90 2.27
CA ILE C 84 1.36 49.56 1.94
C ILE C 84 1.08 50.76 1.04
N LYS C 85 2.03 51.71 1.03
CA LYS C 85 1.90 52.98 0.32
C LYS C 85 2.01 52.79 -1.19
N PRO C 86 3.01 52.06 -1.71
CA PRO C 86 3.18 51.93 -3.16
C PRO C 86 1.97 51.30 -3.85
N ASP C 87 1.69 51.76 -5.06
CA ASP C 87 0.76 51.08 -5.95
C ASP C 87 1.33 49.72 -6.32
N VAL C 88 0.47 48.68 -6.24
CA VAL C 88 0.85 47.35 -6.68
C VAL C 88 0.10 47.05 -7.96
N GLN C 89 0.82 47.01 -9.08
CA GLN C 89 0.24 46.60 -10.35
C GLN C 89 0.03 45.09 -10.31
N THR C 90 -1.01 44.62 -11.02
CA THR C 90 -1.27 43.19 -11.15
C THR C 90 -1.30 42.84 -12.64
N ILE C 91 -0.60 41.75 -12.99
CA ILE C 91 -0.52 41.32 -14.38
C ILE C 91 -0.84 39.82 -14.43
N CYS C 92 -1.97 39.47 -15.05
CA CYS C 92 -2.35 38.08 -15.18
C CYS C 92 -1.68 37.49 -16.41
N ILE C 93 -0.90 36.44 -16.17
CA ILE C 93 -0.20 35.70 -17.21
C ILE C 93 -0.57 34.23 -17.05
N GLY C 94 -1.07 33.63 -18.14
CA GLY C 94 -1.49 32.24 -18.12
C GLY C 94 -2.91 32.08 -17.57
N MET C 95 -3.02 32.06 -16.23
CA MET C 95 -4.29 31.80 -15.58
CA MET C 95 -4.29 31.80 -15.58
C MET C 95 -4.34 32.51 -14.23
N ALA C 96 -5.49 33.14 -13.94
CA ALA C 96 -5.81 33.60 -12.60
C ALA C 96 -7.19 33.04 -12.24
N ALA C 97 -7.22 32.05 -11.35
CA ALA C 97 -8.47 31.40 -10.97
C ALA C 97 -8.73 31.60 -9.48
N SER C 98 -10.01 31.74 -9.14
CA SER C 98 -10.47 31.75 -7.76
C SER C 98 -9.80 32.89 -6.99
N MET C 99 -9.09 32.57 -5.90
CA MET C 99 -8.42 33.59 -5.10
C MET C 99 -7.37 34.32 -5.94
N GLY C 100 -6.82 33.66 -6.96
CA GLY C 100 -5.90 34.29 -7.90
C GLY C 100 -6.53 35.46 -8.65
N SER C 101 -7.77 35.27 -9.13
CA SER C 101 -8.49 36.31 -9.83
C SER C 101 -8.90 37.43 -8.87
N PHE C 102 -9.16 37.06 -7.61
CA PHE C 102 -9.48 38.02 -6.57
C PHE C 102 -8.28 38.96 -6.35
N LEU C 103 -7.07 38.41 -6.35
CA LEU C 103 -5.87 39.20 -6.12
C LEU C 103 -5.56 40.04 -7.36
N LEU C 104 -5.85 39.50 -8.55
CA LEU C 104 -5.69 40.24 -9.79
C LEU C 104 -6.54 41.51 -9.73
N ALA C 105 -7.77 41.36 -9.23
CA ALA C 105 -8.72 42.47 -9.14
C ALA C 105 -8.31 43.47 -8.06
N ALA C 106 -7.40 43.06 -7.15
CA ALA C 106 -7.04 43.85 -5.99
C ALA C 106 -5.90 44.83 -6.29
N GLY C 107 -5.35 44.77 -7.51
CA GLY C 107 -4.28 45.68 -7.89
C GLY C 107 -4.72 47.13 -7.86
N ALA C 108 -3.74 48.05 -7.91
CA ALA C 108 -4.02 49.47 -7.93
C ALA C 108 -4.94 49.80 -9.11
N LYS C 109 -5.98 50.60 -8.83
CA LYS C 109 -6.93 51.01 -9.85
C LYS C 109 -6.20 51.63 -11.03
N GLY C 110 -6.50 51.13 -12.23
CA GLY C 110 -5.88 51.60 -13.46
C GLY C 110 -4.63 50.80 -13.83
N LYS C 111 -4.16 49.93 -12.93
CA LYS C 111 -2.91 49.21 -13.12
C LYS C 111 -3.14 47.72 -12.92
N ARG C 112 -4.28 47.22 -13.39
CA ARG C 112 -4.57 45.80 -13.39
C ARG C 112 -4.62 45.33 -14.84
N PHE C 113 -3.80 44.33 -15.17
CA PHE C 113 -3.57 43.93 -16.55
C PHE C 113 -3.70 42.42 -16.73
N ALA C 114 -3.97 42.01 -17.97
CA ALA C 114 -3.83 40.64 -18.41
C ALA C 114 -3.25 40.63 -19.83
N LEU C 115 -2.43 39.62 -20.13
CA LEU C 115 -1.93 39.45 -21.48
C LEU C 115 -3.01 38.74 -22.29
N PRO C 116 -3.02 38.88 -23.64
CA PRO C 116 -4.21 38.58 -24.45
C PRO C 116 -4.82 37.18 -24.36
N ASN C 117 -3.99 36.17 -24.09
CA ASN C 117 -4.44 34.78 -24.10
C ASN C 117 -4.55 34.24 -22.68
N ALA C 118 -4.34 35.11 -21.68
CA ALA C 118 -4.45 34.73 -20.29
C ALA C 118 -5.91 34.46 -19.94
N GLU C 119 -6.12 33.56 -18.98
CA GLU C 119 -7.44 33.09 -18.61
C GLU C 119 -7.76 33.55 -17.18
N VAL C 120 -8.99 34.05 -16.99
CA VAL C 120 -9.46 34.45 -15.68
C VAL C 120 -10.69 33.62 -15.35
N MET C 121 -10.71 33.02 -14.16
CA MET C 121 -11.87 32.23 -13.74
C MET C 121 -12.32 32.69 -12.35
N ILE C 122 -13.63 32.90 -12.21
CA ILE C 122 -14.23 33.23 -10.93
C ILE C 122 -15.24 32.14 -10.56
N HIS C 123 -15.29 31.80 -9.28
CA HIS C 123 -16.25 30.82 -8.78
C HIS C 123 -16.43 31.05 -7.28
N GLN C 124 -17.37 30.33 -6.68
CA GLN C 124 -17.62 30.48 -5.25
C GLN C 124 -16.57 29.67 -4.48
N PRO C 125 -16.28 30.03 -3.21
CA PRO C 125 -15.30 29.31 -2.40
C PRO C 125 -15.70 27.86 -2.14
N LEU C 126 -14.68 27.01 -1.97
CA LEU C 126 -14.84 25.59 -1.69
C LEU C 126 -14.42 25.32 -0.25
N GLY C 127 -15.00 24.27 0.33
CA GLY C 127 -14.62 23.85 1.67
C GLY C 127 -15.21 22.50 2.03
N GLY C 128 -15.15 22.18 3.32
CA GLY C 128 -15.66 20.93 3.83
C GLY C 128 -16.02 21.02 5.31
N ALA C 129 -16.82 20.08 5.77
CA ALA C 129 -17.20 19.99 7.17
C ALA C 129 -17.68 18.57 7.45
N GLN C 130 -17.25 18.01 8.58
CA GLN C 130 -17.78 16.75 9.07
C GLN C 130 -17.94 16.83 10.59
N GLY C 131 -18.88 16.02 11.11
CA GLY C 131 -19.14 15.96 12.54
C GLY C 131 -20.62 16.15 12.84
N GLN C 132 -20.89 16.72 14.02
CA GLN C 132 -22.25 16.92 14.51
C GLN C 132 -22.97 17.98 13.68
N ALA C 133 -24.31 17.92 13.69
CA ALA C 133 -25.13 18.90 12.99
C ALA C 133 -24.71 20.32 13.36
N THR C 134 -24.41 20.56 14.64
CA THR C 134 -24.04 21.87 15.14
C THR C 134 -22.73 22.33 14.50
N GLU C 135 -21.78 21.40 14.36
CA GLU C 135 -20.47 21.71 13.81
C GLU C 135 -20.59 22.01 12.31
N ILE C 136 -21.45 21.27 11.62
CA ILE C 136 -21.73 21.49 10.21
C ILE C 136 -22.37 22.87 10.03
N GLU C 137 -23.29 23.22 10.93
CA GLU C 137 -23.97 24.50 10.88
C GLU C 137 -22.94 25.63 10.98
N ILE C 138 -22.03 25.53 11.95
CA ILE C 138 -21.01 26.54 12.18
C ILE C 138 -20.11 26.68 10.94
N ALA C 139 -19.73 25.54 10.35
CA ALA C 139 -18.88 25.53 9.17
C ALA C 139 -19.60 26.19 7.99
N ALA C 140 -20.87 25.84 7.79
CA ALA C 140 -21.66 26.41 6.70
C ALA C 140 -21.75 27.93 6.85
N ASN C 141 -22.17 28.39 8.03
CA ASN C 141 -22.30 29.80 8.32
C ASN C 141 -20.98 30.52 8.05
N HIS C 142 -19.86 29.88 8.44
CA HIS C 142 -18.53 30.44 8.21
C HIS C 142 -18.26 30.65 6.73
N ILE C 143 -18.46 29.61 5.90
CA ILE C 143 -18.09 29.70 4.49
C ILE C 143 -19.05 30.65 3.76
N LEU C 144 -20.32 30.71 4.21
CA LEU C 144 -21.29 31.63 3.64
C LEU C 144 -20.89 33.08 3.94
N LYS C 145 -20.42 33.33 5.17
CA LYS C 145 -19.93 34.65 5.55
C LYS C 145 -18.72 35.03 4.71
N THR C 146 -17.78 34.09 4.54
CA THR C 146 -16.59 34.29 3.74
C THR C 146 -16.95 34.69 2.31
N ARG C 147 -17.94 34.00 1.71
CA ARG C 147 -18.37 34.32 0.35
C ARG C 147 -18.95 35.74 0.28
N GLU C 148 -19.76 36.11 1.27
CA GLU C 148 -20.32 37.46 1.33
C GLU C 148 -19.19 38.50 1.35
N LYS C 149 -18.13 38.19 2.11
CA LYS C 149 -16.98 39.09 2.25
C LYS C 149 -16.24 39.23 0.92
N LEU C 150 -15.97 38.09 0.27
CA LEU C 150 -15.30 38.08 -1.02
C LEU C 150 -16.12 38.85 -2.05
N ASN C 151 -17.43 38.58 -2.09
CA ASN C 151 -18.31 39.17 -3.09
C ASN C 151 -18.41 40.68 -2.91
N ARG C 152 -18.47 41.14 -1.66
CA ARG C 152 -18.58 42.57 -1.38
C ARG C 152 -17.33 43.29 -1.88
N ILE C 153 -16.15 42.74 -1.60
CA ILE C 153 -14.90 43.37 -2.02
C ILE C 153 -14.81 43.32 -3.55
N LEU C 154 -15.20 42.18 -4.16
CA LEU C 154 -15.16 42.04 -5.60
C LEU C 154 -16.09 43.06 -6.26
N SER C 155 -17.26 43.29 -5.64
CA SER C 155 -18.19 44.32 -6.10
C SER C 155 -17.52 45.69 -6.13
N GLU C 156 -16.85 46.04 -5.02
CA GLU C 156 -16.16 47.32 -4.88
C GLU C 156 -15.05 47.46 -5.94
N ARG C 157 -14.36 46.36 -6.22
CA ARG C 157 -13.20 46.35 -7.11
C ARG C 157 -13.61 46.36 -8.57
N THR C 158 -14.76 45.74 -8.91
CA THR C 158 -15.16 45.58 -10.30
C THR C 158 -16.17 46.64 -10.70
N GLY C 159 -16.92 47.18 -9.75
CA GLY C 159 -18.07 48.02 -10.06
C GLY C 159 -19.32 47.22 -10.42
N GLN C 160 -19.25 45.89 -10.30
CA GLN C 160 -20.42 45.03 -10.49
C GLN C 160 -21.19 44.94 -9.18
N SER C 161 -22.50 44.72 -9.25
CA SER C 161 -23.32 44.54 -8.07
C SER C 161 -22.97 43.22 -7.38
N ILE C 162 -23.26 43.15 -6.08
CA ILE C 162 -23.10 41.94 -5.31
C ILE C 162 -24.02 40.86 -5.88
N GLU C 163 -25.22 41.26 -6.31
CA GLU C 163 -26.20 40.32 -6.84
C GLU C 163 -25.66 39.65 -8.11
N LYS C 164 -25.00 40.43 -8.97
CA LYS C 164 -24.45 39.92 -10.21
C LYS C 164 -23.27 38.99 -9.91
N ILE C 165 -22.38 39.40 -8.99
CA ILE C 165 -21.23 38.60 -8.61
C ILE C 165 -21.69 37.24 -8.10
N GLN C 166 -22.73 37.23 -7.27
CA GLN C 166 -23.28 36.00 -6.70
C GLN C 166 -23.76 35.07 -7.81
N LYS C 167 -24.51 35.61 -8.78
CA LYS C 167 -25.00 34.83 -9.91
C LYS C 167 -23.83 34.31 -10.74
N ASP C 168 -22.85 35.17 -11.00
CA ASP C 168 -21.79 34.87 -11.97
C ASP C 168 -20.75 33.93 -11.37
N THR C 169 -20.79 33.68 -10.06
CA THR C 169 -19.82 32.84 -9.38
C THR C 169 -20.46 31.55 -8.87
N ASP C 170 -21.72 31.32 -9.21
CA ASP C 170 -22.42 30.13 -8.73
C ASP C 170 -21.67 28.88 -9.20
N ARG C 171 -21.18 28.91 -10.44
CA ARG C 171 -20.35 27.85 -10.99
C ARG C 171 -19.13 28.47 -11.66
N ASP C 172 -18.14 27.62 -11.96
CA ASP C 172 -16.93 28.02 -12.65
C ASP C 172 -17.29 28.90 -13.85
N ASN C 173 -16.77 30.13 -13.84
CA ASN C 173 -17.02 31.10 -14.88
C ASN C 173 -15.68 31.53 -15.47
N PHE C 174 -15.37 31.00 -16.66
CA PHE C 174 -14.12 31.29 -17.36
C PHE C 174 -14.28 32.52 -18.23
N LEU C 175 -13.34 33.47 -18.08
CA LEU C 175 -13.34 34.70 -18.87
C LEU C 175 -12.05 34.80 -19.68
N THR C 176 -12.15 35.34 -20.89
CA THR C 176 -11.00 35.79 -21.65
C THR C 176 -10.47 37.06 -20.99
N ALA C 177 -9.27 37.49 -21.41
CA ALA C 177 -8.68 38.74 -20.95
C ALA C 177 -9.61 39.91 -21.28
N GLU C 178 -10.16 39.91 -22.49
CA GLU C 178 -11.03 41.00 -22.92
C GLU C 178 -12.28 41.03 -22.05
N GLU C 179 -12.85 39.85 -21.76
CA GLU C 179 -14.05 39.73 -20.96
C GLU C 179 -13.77 40.17 -19.52
N ALA C 180 -12.60 39.82 -19.01
CA ALA C 180 -12.19 40.24 -17.67
C ALA C 180 -12.14 41.77 -17.60
N LYS C 181 -11.70 42.42 -18.68
CA LYS C 181 -11.67 43.87 -18.74
C LYS C 181 -13.09 44.44 -18.68
N GLU C 182 -14.01 43.88 -19.48
CA GLU C 182 -15.37 44.38 -19.52
C GLU C 182 -16.06 44.16 -18.18
N TYR C 183 -15.65 43.08 -17.49
CA TYR C 183 -16.26 42.73 -16.21
C TYR C 183 -15.75 43.67 -15.12
N GLY C 184 -14.56 44.24 -15.31
CA GLY C 184 -13.97 45.16 -14.36
C GLY C 184 -12.97 44.50 -13.42
N LEU C 185 -12.57 43.25 -13.73
CA LEU C 185 -11.57 42.53 -12.96
C LEU C 185 -10.18 43.08 -13.26
N ILE C 186 -10.00 43.57 -14.49
CA ILE C 186 -8.78 44.25 -14.90
C ILE C 186 -9.16 45.56 -15.60
N ASP C 187 -8.15 46.41 -15.81
CA ASP C 187 -8.33 47.71 -16.43
C ASP C 187 -8.01 47.63 -17.91
N GLU C 188 -7.05 46.80 -18.30
CA GLU C 188 -6.50 46.85 -19.64
C GLU C 188 -5.94 45.49 -20.06
N VAL C 189 -6.16 45.12 -21.32
CA VAL C 189 -5.46 44.00 -21.94
C VAL C 189 -4.15 44.54 -22.50
N MET C 190 -3.03 43.98 -22.04
CA MET C 190 -1.70 44.47 -22.37
C MET C 190 -1.35 43.95 -23.77
N VAL C 191 -1.17 44.89 -24.70
CA VAL C 191 -0.97 44.58 -26.11
C VAL C 191 0.54 44.49 -26.34
N PRO C 192 1.02 43.61 -27.25
CA PRO C 192 2.46 43.51 -27.53
C PRO C 192 3.08 44.82 -28.04
N ILE D 4 11.99 30.76 -1.56
CA ILE D 4 12.40 31.83 -0.59
C ILE D 4 13.42 32.73 -1.27
N PRO D 5 13.04 33.97 -1.68
CA PRO D 5 13.96 34.84 -2.43
C PRO D 5 15.02 35.50 -1.55
N THR D 6 16.11 35.93 -2.22
CA THR D 6 17.25 36.55 -1.58
C THR D 6 17.19 38.06 -1.80
N VAL D 7 17.88 38.81 -0.92
CA VAL D 7 18.04 40.25 -1.08
C VAL D 7 19.54 40.58 -1.05
N TYR D 18 20.94 38.08 2.40
CA TYR D 18 19.79 37.68 3.28
C TYR D 18 18.69 37.04 2.45
N ASP D 19 18.19 35.89 2.90
CA ASP D 19 16.86 35.42 2.49
C ASP D 19 15.85 36.43 3.04
N ILE D 20 14.65 36.46 2.46
CA ILE D 20 13.69 37.52 2.74
C ILE D 20 13.33 37.53 4.23
N TYR D 21 13.21 36.35 4.85
CA TYR D 21 12.83 36.25 6.26
C TYR D 21 13.96 36.74 7.16
N SER D 22 15.21 36.41 6.81
CA SER D 22 16.37 36.88 7.55
C SER D 22 16.46 38.40 7.46
N ARG D 23 16.11 38.95 6.28
CA ARG D 23 16.13 40.41 6.09
C ARG D 23 15.11 41.05 7.01
N LEU D 24 13.92 40.44 7.14
CA LEU D 24 12.89 40.98 8.01
C LEU D 24 13.33 40.91 9.47
N LEU D 25 14.03 39.83 9.85
CA LEU D 25 14.50 39.65 11.22
C LEU D 25 15.51 40.75 11.58
N LYS D 26 16.30 41.17 10.59
CA LYS D 26 17.23 42.28 10.73
C LYS D 26 16.49 43.52 11.25
N ASP D 27 15.23 43.70 10.86
CA ASP D 27 14.43 44.84 11.28
C ASP D 27 13.46 44.45 12.40
N ARG D 28 13.83 43.40 13.15
CA ARG D 28 13.12 42.96 14.34
C ARG D 28 11.70 42.49 14.00
N ILE D 29 11.53 41.87 12.83
CA ILE D 29 10.25 41.29 12.44
C ILE D 29 10.38 39.78 12.45
N ILE D 30 9.54 39.12 13.26
CA ILE D 30 9.47 37.67 13.31
C ILE D 30 8.19 37.22 12.64
N MET D 31 8.29 36.18 11.80
CA MET D 31 7.15 35.70 11.04
C MET D 31 6.72 34.33 11.57
N LEU D 32 5.55 34.29 12.21
CA LEU D 32 4.89 33.03 12.55
C LEU D 32 3.83 32.75 11.49
N GLY D 33 4.19 31.94 10.49
CA GLY D 33 3.40 31.79 9.29
C GLY D 33 3.00 30.35 9.01
N SER D 34 2.94 29.53 10.07
CA SER D 34 2.69 28.11 9.91
C SER D 34 1.99 27.56 11.16
N GLN D 35 1.63 26.28 11.08
CA GLN D 35 1.23 25.49 12.22
C GLN D 35 2.33 25.56 13.29
N ILE D 36 1.91 25.70 14.55
CA ILE D 36 2.85 25.78 15.67
C ILE D 36 3.23 24.38 16.10
N ASP D 37 4.51 24.04 15.91
CA ASP D 37 5.07 22.82 16.46
C ASP D 37 6.36 23.19 17.21
N ASP D 38 7.00 22.18 17.81
CA ASP D 38 8.19 22.39 18.61
C ASP D 38 9.29 23.06 17.78
N ASN D 39 9.41 22.69 16.50
CA ASN D 39 10.43 23.28 15.63
C ASN D 39 10.18 24.77 15.48
N VAL D 40 8.94 25.14 15.16
CA VAL D 40 8.56 26.53 14.95
C VAL D 40 8.80 27.30 16.25
N ALA D 41 8.38 26.73 17.37
CA ALA D 41 8.53 27.37 18.67
C ALA D 41 10.01 27.65 18.97
N ASN D 42 10.87 26.63 18.75
CA ASN D 42 12.29 26.75 19.03
C ASN D 42 12.91 27.91 18.23
N SER D 43 12.53 28.01 16.96
CA SER D 43 13.04 29.05 16.08
C SER D 43 12.61 30.44 16.56
N ILE D 44 11.33 30.59 16.92
CA ILE D 44 10.80 31.88 17.33
C ILE D 44 11.40 32.29 18.68
N VAL D 45 11.47 31.34 19.62
CA VAL D 45 12.07 31.58 20.93
C VAL D 45 13.49 32.11 20.73
N SER D 46 14.24 31.49 19.82
CA SER D 46 15.62 31.86 19.55
C SER D 46 15.70 33.29 19.00
N GLN D 47 14.84 33.59 18.03
CA GLN D 47 14.77 34.90 17.42
C GLN D 47 14.45 35.98 18.47
N LEU D 48 13.50 35.69 19.37
CA LEU D 48 13.09 36.63 20.39
C LEU D 48 14.26 36.94 21.32
N LEU D 49 15.00 35.90 21.72
CA LEU D 49 16.11 36.03 22.63
C LEU D 49 17.26 36.78 21.96
N PHE D 50 17.48 36.49 20.67
CA PHE D 50 18.49 37.18 19.89
C PHE D 50 18.18 38.67 19.79
N LEU D 51 16.93 39.01 19.46
CA LEU D 51 16.54 40.39 19.27
C LEU D 51 16.68 41.18 20.57
N GLN D 52 16.39 40.53 21.71
CA GLN D 52 16.57 41.16 23.01
C GLN D 52 18.03 41.52 23.22
N ALA D 53 18.93 40.58 22.90
CA ALA D 53 20.37 40.77 23.08
C ALA D 53 20.87 41.90 22.20
N GLN D 54 20.32 41.99 20.97
CA GLN D 54 20.67 43.02 20.02
C GLN D 54 20.27 44.39 20.57
N ASP D 55 19.03 44.48 21.06
CA ASP D 55 18.50 45.74 21.57
C ASP D 55 17.35 45.42 22.53
N SER D 56 17.49 45.83 23.79
CA SER D 56 16.56 45.45 24.84
C SER D 56 15.40 46.44 24.97
N GLU D 57 15.43 47.53 24.19
CA GLU D 57 14.43 48.58 24.33
C GLU D 57 13.51 48.65 23.11
N LYS D 58 14.03 48.36 21.90
CA LYS D 58 13.28 48.55 20.67
C LYS D 58 12.24 47.45 20.51
N ASP D 59 11.07 47.82 19.98
CA ASP D 59 9.94 46.90 19.82
C ASP D 59 10.32 45.74 18.91
N ILE D 60 9.66 44.60 19.14
CA ILE D 60 9.71 43.46 18.24
C ILE D 60 8.34 43.32 17.59
N TYR D 61 8.30 42.83 16.34
CA TYR D 61 7.05 42.68 15.61
C TYR D 61 6.86 41.20 15.27
N LEU D 62 5.78 40.62 15.79
CA LEU D 62 5.43 39.24 15.52
C LEU D 62 4.21 39.20 14.60
N TYR D 63 4.46 38.87 13.34
CA TYR D 63 3.43 38.59 12.35
C TYR D 63 2.84 37.22 12.63
N ILE D 64 1.50 37.13 12.66
CA ILE D 64 0.81 35.86 12.89
C ILE D 64 -0.14 35.56 11.73
N ASN D 65 0.20 34.52 10.96
CA ASN D 65 -0.71 33.84 10.06
C ASN D 65 -0.62 32.35 10.34
N SER D 66 -1.47 31.85 11.25
CA SER D 66 -1.28 30.51 11.79
C SER D 66 -2.62 29.87 12.15
N PRO D 67 -2.80 28.57 11.84
CA PRO D 67 -3.98 27.82 12.30
C PRO D 67 -3.85 27.31 13.74
N GLY D 68 -2.74 27.64 14.40
CA GLY D 68 -2.47 27.18 15.75
C GLY D 68 -1.58 25.94 15.75
N GLY D 69 -1.76 25.08 16.76
CA GLY D 69 -1.00 23.85 16.87
C GLY D 69 -0.79 23.44 18.33
N SER D 70 0.43 22.98 18.62
CA SER D 70 0.79 22.46 19.94
C SER D 70 0.68 23.55 21.00
N VAL D 71 0.00 23.21 22.10
CA VAL D 71 -0.25 24.14 23.20
C VAL D 71 1.06 24.41 23.94
N THR D 72 1.85 23.37 24.18
CA THR D 72 3.11 23.53 24.90
C THR D 72 4.08 24.33 24.04
N ALA D 73 4.08 24.10 22.72
CA ALA D 73 4.93 24.85 21.81
C ALA D 73 4.52 26.32 21.82
N GLY D 74 3.20 26.57 21.81
CA GLY D 74 2.67 27.91 21.95
C GLY D 74 3.14 28.59 23.23
N PHE D 75 3.12 27.85 24.34
CA PHE D 75 3.50 28.38 25.65
C PHE D 75 4.99 28.64 25.74
N ALA D 76 5.79 27.92 24.94
CA ALA D 76 7.20 28.25 24.79
C ALA D 76 7.34 29.68 24.27
N ILE D 77 6.57 29.99 23.22
CA ILE D 77 6.61 31.31 22.59
C ILE D 77 6.03 32.33 23.56
N TYR D 78 4.87 32.01 24.15
CA TYR D 78 4.16 32.91 25.05
C TYR D 78 5.10 33.38 26.16
N ASP D 79 5.70 32.41 26.87
CA ASP D 79 6.51 32.69 28.04
C ASP D 79 7.76 33.48 27.67
N THR D 80 8.31 33.25 26.47
CA THR D 80 9.49 33.98 26.02
C THR D 80 9.12 35.44 25.76
N ILE D 81 7.95 35.66 25.11
CA ILE D 81 7.43 37.00 24.89
C ILE D 81 7.36 37.74 26.23
N GLN D 82 6.73 37.12 27.24
CA GLN D 82 6.50 37.82 28.50
C GLN D 82 7.82 38.02 29.26
N HIS D 83 8.80 37.13 29.04
CA HIS D 83 10.05 37.16 29.79
C HIS D 83 10.97 38.30 29.34
N ILE D 84 11.05 38.53 28.02
CA ILE D 84 12.02 39.48 27.49
C ILE D 84 11.56 40.90 27.77
N LYS D 85 12.52 41.84 27.73
CA LYS D 85 12.30 43.24 28.06
C LYS D 85 11.49 43.93 26.96
N PRO D 86 11.89 43.83 25.67
CA PRO D 86 11.21 44.58 24.61
C PRO D 86 9.73 44.24 24.49
N ASP D 87 8.93 45.25 24.14
CA ASP D 87 7.55 45.02 23.75
C ASP D 87 7.53 44.18 22.47
N VAL D 88 6.64 43.17 22.46
CA VAL D 88 6.39 42.39 21.26
C VAL D 88 5.01 42.78 20.72
N GLN D 89 5.00 43.52 19.62
CA GLN D 89 3.77 43.79 18.90
C GLN D 89 3.32 42.51 18.21
N THR D 90 2.01 42.28 18.15
CA THR D 90 1.45 41.19 17.38
C THR D 90 0.56 41.77 16.28
N ILE D 91 0.67 41.17 15.08
CA ILE D 91 -0.10 41.61 13.92
C ILE D 91 -0.67 40.37 13.22
N CYS D 92 -1.99 40.22 13.26
CA CYS D 92 -2.66 39.12 12.57
C CYS D 92 -2.99 39.53 11.14
N ILE D 93 -2.43 38.79 10.18
CA ILE D 93 -2.87 38.91 8.80
C ILE D 93 -3.16 37.51 8.28
N GLY D 94 -4.23 37.42 7.48
CA GLY D 94 -4.75 36.14 7.03
C GLY D 94 -5.66 35.51 8.10
N MET D 95 -5.05 34.71 8.98
CA MET D 95 -5.79 33.97 10.00
C MET D 95 -4.92 33.81 11.25
N ALA D 96 -5.57 33.94 12.42
CA ALA D 96 -5.02 33.46 13.67
C ALA D 96 -6.08 32.58 14.32
N ALA D 97 -5.78 31.29 14.44
CA ALA D 97 -6.73 30.33 14.99
C ALA D 97 -6.08 29.59 16.15
N SER D 98 -6.89 29.29 17.17
CA SER D 98 -6.50 28.43 18.28
C SER D 98 -5.29 29.05 18.99
N MET D 99 -4.21 28.28 19.17
CA MET D 99 -3.02 28.79 19.84
C MET D 99 -2.50 30.05 19.13
N GLY D 100 -2.77 30.16 17.82
CA GLY D 100 -2.40 31.33 17.05
C GLY D 100 -3.09 32.60 17.56
N SER D 101 -4.39 32.48 17.86
CA SER D 101 -5.15 33.60 18.39
C SER D 101 -4.72 33.91 19.81
N PHE D 102 -4.35 32.85 20.57
CA PHE D 102 -3.87 33.00 21.92
C PHE D 102 -2.63 33.90 21.94
N LEU D 103 -1.67 33.61 21.04
CA LEU D 103 -0.44 34.37 20.93
C LEU D 103 -0.70 35.78 20.39
N LEU D 104 -1.69 35.94 19.51
CA LEU D 104 -2.10 37.26 19.06
C LEU D 104 -2.50 38.12 20.27
N ALA D 105 -3.28 37.51 21.17
CA ALA D 105 -3.77 38.19 22.36
C ALA D 105 -2.66 38.41 23.40
N ALA D 106 -1.49 37.79 23.19
CA ALA D 106 -0.40 37.82 24.17
C ALA D 106 0.55 38.99 23.92
N GLY D 107 0.32 39.75 22.85
CA GLY D 107 1.20 40.87 22.51
C GLY D 107 1.14 41.97 23.56
N ALA D 108 2.09 42.91 23.47
CA ALA D 108 2.14 44.05 24.38
C ALA D 108 0.82 44.79 24.36
N LYS D 109 0.33 45.16 25.55
CA LYS D 109 -0.92 45.90 25.67
C LYS D 109 -0.85 47.18 24.85
N GLY D 110 -1.85 47.36 23.98
CA GLY D 110 -1.94 48.51 23.11
C GLY D 110 -1.27 48.29 21.76
N LYS D 111 -0.58 47.15 21.60
CA LYS D 111 0.20 46.89 20.40
C LYS D 111 -0.18 45.54 19.81
N ARG D 112 -1.47 45.17 19.94
CA ARG D 112 -2.02 43.98 19.28
C ARG D 112 -2.94 44.42 18.16
N PHE D 113 -2.66 43.94 16.94
CA PHE D 113 -3.31 44.45 15.74
C PHE D 113 -3.81 43.30 14.86
N ALA D 114 -4.83 43.61 14.06
CA ALA D 114 -5.20 42.76 12.93
C ALA D 114 -5.53 43.67 11.74
N LEU D 115 -5.20 43.20 10.53
CA LEU D 115 -5.59 43.91 9.33
C LEU D 115 -7.05 43.60 9.04
N PRO D 116 -7.77 44.47 8.29
CA PRO D 116 -9.23 44.49 8.29
C PRO D 116 -9.92 43.18 7.91
N ASN D 117 -9.30 42.39 7.03
CA ASN D 117 -9.92 41.17 6.51
C ASN D 117 -9.28 39.93 7.15
N ALA D 118 -8.46 40.13 8.17
CA ALA D 118 -7.88 39.03 8.91
C ALA D 118 -8.98 38.33 9.71
N GLU D 119 -8.80 37.02 9.91
CA GLU D 119 -9.77 36.17 10.57
C GLU D 119 -9.17 35.65 11.88
N VAL D 120 -9.96 35.73 12.96
CA VAL D 120 -9.53 35.24 14.27
C VAL D 120 -10.52 34.18 14.73
N MET D 121 -10.03 33.00 15.14
CA MET D 121 -10.91 31.95 15.61
C MET D 121 -10.40 31.42 16.95
N ILE D 122 -11.33 31.29 17.91
CA ILE D 122 -11.05 30.72 19.21
C ILE D 122 -11.91 29.47 19.38
N HIS D 123 -11.34 28.46 20.04
CA HIS D 123 -12.04 27.24 20.37
C HIS D 123 -11.31 26.57 21.54
N GLN D 124 -11.83 25.43 21.99
CA GLN D 124 -11.24 24.73 23.12
C GLN D 124 -10.14 23.80 22.59
N PRO D 125 -9.13 23.45 23.43
CA PRO D 125 -8.04 22.58 22.98
C PRO D 125 -8.53 21.20 22.55
N LEU D 126 -7.78 20.60 21.61
CA LEU D 126 -8.06 19.29 21.04
C LEU D 126 -7.00 18.32 21.52
N GLY D 127 -7.36 17.04 21.60
CA GLY D 127 -6.40 16.02 22.00
C GLY D 127 -6.96 14.61 21.86
N GLY D 128 -6.25 13.66 22.48
CA GLY D 128 -6.60 12.26 22.36
C GLY D 128 -6.08 11.45 23.55
N ALA D 129 -6.68 10.28 23.76
CA ALA D 129 -6.27 9.37 24.81
C ALA D 129 -6.78 7.97 24.48
N GLN D 130 -5.93 6.97 24.70
CA GLN D 130 -6.32 5.58 24.57
C GLN D 130 -5.58 4.73 25.59
N GLY D 131 -6.23 3.64 26.01
CA GLY D 131 -5.66 2.71 26.95
C GLY D 131 -6.63 2.43 28.10
N GLN D 132 -6.08 2.25 29.30
CA GLN D 132 -6.85 1.90 30.48
C GLN D 132 -7.67 3.10 30.93
N ALA D 133 -8.73 2.82 31.70
CA ALA D 133 -9.61 3.85 32.23
C ALA D 133 -8.82 4.90 33.00
N THR D 134 -7.82 4.49 33.78
CA THR D 134 -7.06 5.42 34.62
C THR D 134 -6.14 6.29 33.76
N GLU D 135 -5.67 5.74 32.62
CA GLU D 135 -4.87 6.50 31.69
C GLU D 135 -5.75 7.56 31.02
N ILE D 136 -6.97 7.17 30.61
CA ILE D 136 -7.93 8.10 30.02
C ILE D 136 -8.20 9.22 31.02
N GLU D 137 -8.41 8.85 32.29
CA GLU D 137 -8.68 9.80 33.35
C GLU D 137 -7.55 10.82 33.47
N ILE D 138 -6.30 10.33 33.50
CA ILE D 138 -5.13 11.18 33.61
C ILE D 138 -5.08 12.16 32.42
N ALA D 139 -5.37 11.66 31.21
CA ALA D 139 -5.32 12.47 30.00
C ALA D 139 -6.43 13.53 30.03
N ALA D 140 -7.63 13.13 30.47
CA ALA D 140 -8.77 14.03 30.55
C ALA D 140 -8.49 15.16 31.54
N ASN D 141 -7.96 14.82 32.71
CA ASN D 141 -7.63 15.80 33.72
C ASN D 141 -6.59 16.78 33.19
N HIS D 142 -5.60 16.26 32.46
CA HIS D 142 -4.53 17.06 31.89
C HIS D 142 -5.09 18.12 30.94
N ILE D 143 -5.95 17.72 29.99
CA ILE D 143 -6.41 18.64 28.97
C ILE D 143 -7.42 19.62 29.56
N LEU D 144 -8.18 19.20 30.59
CA LEU D 144 -9.09 20.09 31.29
C LEU D 144 -8.29 21.18 32.04
N LYS D 145 -7.19 20.79 32.69
CA LYS D 145 -6.35 21.74 33.39
C LYS D 145 -5.69 22.69 32.40
N THR D 146 -5.28 22.15 31.24
CA THR D 146 -4.67 22.96 30.19
C THR D 146 -5.67 24.03 29.73
N ARG D 147 -6.94 23.65 29.61
CA ARG D 147 -7.97 24.57 29.13
C ARG D 147 -8.20 25.66 30.17
N GLU D 148 -8.20 25.28 31.46
CA GLU D 148 -8.33 26.25 32.54
C GLU D 148 -7.17 27.25 32.49
N LYS D 149 -5.97 26.76 32.18
CA LYS D 149 -4.78 27.59 32.12
C LYS D 149 -4.92 28.62 30.99
N LEU D 150 -5.33 28.12 29.82
CA LEU D 150 -5.52 28.96 28.63
C LEU D 150 -6.60 30.02 28.89
N ASN D 151 -7.72 29.60 29.48
CA ASN D 151 -8.86 30.48 29.69
C ASN D 151 -8.54 31.57 30.69
N ARG D 152 -7.81 31.22 31.76
CA ARG D 152 -7.43 32.19 32.77
C ARG D 152 -6.61 33.31 32.13
N ILE D 153 -5.61 32.92 31.34
CA ILE D 153 -4.71 33.90 30.73
C ILE D 153 -5.48 34.73 29.71
N LEU D 154 -6.37 34.11 28.93
CA LEU D 154 -7.21 34.83 27.96
C LEU D 154 -8.07 35.85 28.68
N SER D 155 -8.63 35.48 29.84
CA SER D 155 -9.43 36.38 30.65
C SER D 155 -8.63 37.62 31.04
N GLU D 156 -7.39 37.40 31.52
CA GLU D 156 -6.51 38.48 31.95
C GLU D 156 -6.18 39.41 30.78
N ARG D 157 -6.06 38.81 29.58
CA ARG D 157 -5.54 39.50 28.42
C ARG D 157 -6.65 40.27 27.71
N THR D 158 -7.88 39.75 27.77
CA THR D 158 -9.00 40.33 27.03
C THR D 158 -9.85 41.22 27.92
N GLY D 159 -9.86 40.91 29.22
CA GLY D 159 -10.75 41.58 30.17
C GLY D 159 -12.11 40.88 30.27
N GLN D 160 -12.28 39.76 29.56
CA GLN D 160 -13.52 38.99 29.62
C GLN D 160 -13.45 38.01 30.79
N SER D 161 -14.60 37.69 31.37
CA SER D 161 -14.69 36.74 32.46
C SER D 161 -14.37 35.34 31.96
N ILE D 162 -13.82 34.51 32.86
CA ILE D 162 -13.48 33.12 32.57
C ILE D 162 -14.75 32.38 32.12
N GLU D 163 -15.89 32.75 32.70
CA GLU D 163 -17.17 32.11 32.41
C GLU D 163 -17.53 32.38 30.95
N LYS D 164 -17.26 33.59 30.47
CA LYS D 164 -17.61 33.98 29.11
C LYS D 164 -16.66 33.30 28.13
N ILE D 165 -15.36 33.21 28.49
CA ILE D 165 -14.36 32.57 27.65
C ILE D 165 -14.74 31.11 27.43
N GLN D 166 -15.16 30.43 28.52
CA GLN D 166 -15.55 29.04 28.51
C GLN D 166 -16.69 28.81 27.52
N LYS D 167 -17.74 29.63 27.61
CA LYS D 167 -18.90 29.53 26.73
C LYS D 167 -18.53 29.81 25.28
N ASP D 168 -17.70 30.84 25.07
CA ASP D 168 -17.41 31.34 23.74
C ASP D 168 -16.39 30.46 23.01
N THR D 169 -15.74 29.53 23.72
CA THR D 169 -14.75 28.65 23.12
C THR D 169 -15.24 27.21 23.05
N ASP D 170 -16.51 26.98 23.46
CA ASP D 170 -17.08 25.63 23.51
C ASP D 170 -17.03 24.98 22.13
N ARG D 171 -17.33 25.77 21.10
CA ARG D 171 -17.16 25.35 19.72
C ARG D 171 -16.40 26.41 18.94
N ASP D 172 -16.09 26.10 17.68
CA ASP D 172 -15.37 27.03 16.81
C ASP D 172 -16.10 28.36 16.77
N ASN D 173 -15.38 29.42 17.16
CA ASN D 173 -15.92 30.77 17.20
C ASN D 173 -15.07 31.65 16.29
N PHE D 174 -15.63 32.03 15.13
CA PHE D 174 -14.95 32.87 14.15
C PHE D 174 -15.29 34.34 14.39
N LEU D 175 -14.26 35.17 14.46
CA LEU D 175 -14.41 36.60 14.65
C LEU D 175 -13.77 37.35 13.48
N THR D 176 -14.38 38.47 13.11
CA THR D 176 -13.74 39.45 12.24
C THR D 176 -12.69 40.22 13.05
N ALA D 177 -11.90 41.04 12.34
CA ALA D 177 -10.89 41.87 12.99
C ALA D 177 -11.55 42.81 13.98
N GLU D 178 -12.67 43.41 13.57
CA GLU D 178 -13.41 44.35 14.39
C GLU D 178 -13.95 43.64 15.61
N GLU D 179 -14.54 42.45 15.41
CA GLU D 179 -15.08 41.66 16.50
C GLU D 179 -13.99 41.27 17.49
N ALA D 180 -12.79 40.97 16.98
CA ALA D 180 -11.66 40.59 17.82
C ALA D 180 -11.23 41.77 18.68
N LYS D 181 -11.38 42.99 18.15
CA LYS D 181 -11.08 44.20 18.90
C LYS D 181 -12.08 44.42 20.02
N GLU D 182 -13.39 44.28 19.73
CA GLU D 182 -14.41 44.52 20.75
C GLU D 182 -14.35 43.40 21.80
N TYR D 183 -13.82 42.23 21.43
CA TYR D 183 -13.68 41.13 22.39
C TYR D 183 -12.49 41.40 23.32
N GLY D 184 -11.48 42.14 22.83
CA GLY D 184 -10.29 42.44 23.60
C GLY D 184 -9.10 41.54 23.24
N LEU D 185 -9.20 40.80 22.13
CA LEU D 185 -8.12 39.94 21.67
C LEU D 185 -7.03 40.78 21.00
N ILE D 186 -7.44 41.90 20.40
CA ILE D 186 -6.53 42.87 19.83
C ILE D 186 -6.95 44.26 20.31
N ASP D 187 -6.10 45.25 20.07
CA ASP D 187 -6.33 46.62 20.51
C ASP D 187 -6.87 47.47 19.36
N GLU D 188 -6.39 47.20 18.14
CA GLU D 188 -6.67 48.08 17.02
C GLU D 188 -6.78 47.27 15.74
N VAL D 189 -7.69 47.70 14.85
CA VAL D 189 -7.70 47.25 13.47
C VAL D 189 -6.81 48.19 12.68
N MET D 190 -5.76 47.64 12.05
CA MET D 190 -4.76 48.45 11.40
C MET D 190 -5.30 48.91 10.04
N VAL D 191 -5.43 50.23 9.90
CA VAL D 191 -6.09 50.84 8.75
C VAL D 191 -5.02 51.14 7.70
N PRO D 192 -5.33 51.07 6.39
CA PRO D 192 -4.41 51.56 5.36
C PRO D 192 -3.88 52.98 5.63
N ILE E 4 15.05 28.05 9.06
CA ILE E 4 16.13 28.48 10.01
C ILE E 4 16.74 29.78 9.48
N PRO E 5 16.43 30.94 10.11
CA PRO E 5 16.95 32.22 9.61
C PRO E 5 18.44 32.43 9.85
N THR E 6 19.03 33.33 9.07
CA THR E 6 20.44 33.67 9.15
C THR E 6 20.59 35.06 9.76
N VAL E 7 21.70 35.27 10.47
CA VAL E 7 22.02 36.56 11.06
C VAL E 7 23.28 37.11 10.40
N ALA E 17 28.48 35.30 9.25
CA ALA E 17 27.13 34.78 8.89
C ALA E 17 26.84 33.50 9.68
N TYR E 18 25.83 33.56 10.55
CA TYR E 18 25.41 32.45 11.38
C TYR E 18 23.94 32.12 11.09
N ASP E 19 23.57 30.83 11.20
CA ASP E 19 22.19 30.46 11.45
C ASP E 19 21.89 30.78 12.91
N ILE E 20 20.60 30.93 13.25
CA ILE E 20 20.20 31.43 14.54
C ILE E 20 20.74 30.53 15.67
N TYR E 21 20.75 29.21 15.44
CA TYR E 21 21.14 28.27 16.48
C TYR E 21 22.65 28.35 16.73
N SER E 22 23.43 28.49 15.66
CA SER E 22 24.87 28.64 15.76
C SER E 22 25.23 29.96 16.44
N ARG E 23 24.39 30.99 16.24
CA ARG E 23 24.57 32.27 16.90
C ARG E 23 24.38 32.12 18.41
N LEU E 24 23.36 31.34 18.79
CA LEU E 24 23.10 31.07 20.21
C LEU E 24 24.23 30.24 20.81
N LEU E 25 24.79 29.30 20.04
CA LEU E 25 25.89 28.47 20.53
C LEU E 25 27.11 29.35 20.82
N LYS E 26 27.29 30.43 20.05
CA LYS E 26 28.37 31.38 20.25
C LYS E 26 28.29 32.01 21.64
N ASP E 27 27.08 32.11 22.19
CA ASP E 27 26.86 32.65 23.53
C ASP E 27 26.59 31.53 24.54
N ARG E 28 27.06 30.32 24.22
CA ARG E 28 27.09 29.19 25.14
C ARG E 28 25.68 28.70 25.43
N ILE E 29 24.77 28.83 24.46
CA ILE E 29 23.41 28.35 24.58
C ILE E 29 23.26 27.12 23.68
N ILE E 30 22.87 25.98 24.27
CA ILE E 30 22.61 24.75 23.55
C ILE E 30 21.10 24.49 23.55
N MET E 31 20.57 24.12 22.38
CA MET E 31 19.14 23.88 22.22
C MET E 31 18.90 22.38 22.15
N LEU E 32 18.20 21.86 23.17
CA LEU E 32 17.58 20.54 23.10
C LEU E 32 16.08 20.75 22.89
N GLY E 33 15.66 20.80 21.62
CA GLY E 33 14.31 21.18 21.24
C GLY E 33 13.63 20.12 20.38
N SER E 34 13.99 18.85 20.59
CA SER E 34 13.40 17.76 19.81
C SER E 34 13.42 16.48 20.65
N GLN E 35 12.82 15.42 20.08
CA GLN E 35 12.89 14.09 20.64
C GLN E 35 14.36 13.71 20.81
N ILE E 36 14.68 12.97 21.87
CA ILE E 36 16.05 12.59 22.17
C ILE E 36 16.35 11.26 21.50
N ASP E 37 17.28 11.28 20.55
CA ASP E 37 17.80 10.08 19.92
C ASP E 37 19.33 10.21 19.85
N ASP E 38 19.99 9.20 19.27
CA ASP E 38 21.43 9.14 19.27
C ASP E 38 22.01 10.36 18.53
N ASN E 39 21.40 10.76 17.41
CA ASN E 39 21.87 11.90 16.64
C ASN E 39 21.87 13.16 17.50
N VAL E 40 20.77 13.38 18.22
CA VAL E 40 20.59 14.58 19.03
C VAL E 40 21.63 14.57 20.16
N ALA E 41 21.76 13.42 20.84
CA ALA E 41 22.74 13.26 21.91
C ALA E 41 24.14 13.59 21.41
N ASN E 42 24.53 13.02 20.27
CA ASN E 42 25.87 13.22 19.72
C ASN E 42 26.14 14.69 19.48
N SER E 43 25.15 15.40 18.91
CA SER E 43 25.28 16.81 18.62
C SER E 43 25.46 17.60 19.90
N ILE E 44 24.64 17.30 20.92
CA ILE E 44 24.67 18.05 22.17
C ILE E 44 25.94 17.72 22.95
N VAL E 45 26.35 16.45 22.93
CA VAL E 45 27.61 16.07 23.57
C VAL E 45 28.76 16.85 22.93
N SER E 46 28.76 16.94 21.59
CA SER E 46 29.82 17.63 20.88
C SER E 46 29.86 19.11 21.27
N GLN E 47 28.69 19.72 21.44
CA GLN E 47 28.59 21.14 21.76
C GLN E 47 29.09 21.40 23.17
N LEU E 48 28.76 20.49 24.11
CA LEU E 48 29.20 20.60 25.49
C LEU E 48 30.73 20.55 25.56
N LEU E 49 31.34 19.60 24.85
CA LEU E 49 32.79 19.46 24.82
C LEU E 49 33.43 20.72 24.23
N PHE E 50 32.85 21.21 23.14
CA PHE E 50 33.38 22.37 22.45
C PHE E 50 33.39 23.58 23.38
N LEU E 51 32.27 23.79 24.08
CA LEU E 51 32.11 24.94 24.94
C LEU E 51 33.10 24.86 26.12
N GLN E 52 33.29 23.64 26.68
CA GLN E 52 34.28 23.44 27.73
C GLN E 52 35.66 23.87 27.23
N ALA E 53 36.02 23.46 26.01
CA ALA E 53 37.32 23.74 25.44
C ALA E 53 37.51 25.24 25.23
N GLN E 54 36.43 25.93 24.84
CA GLN E 54 36.46 27.37 24.61
C GLN E 54 36.72 28.10 25.93
N ASP E 55 36.00 27.70 26.99
CA ASP E 55 36.12 28.33 28.29
C ASP E 55 35.58 27.36 29.35
N SER E 56 36.47 26.91 30.24
CA SER E 56 36.14 25.84 31.17
C SER E 56 35.45 26.37 32.43
N GLU E 57 35.26 27.69 32.52
CA GLU E 57 34.76 28.30 33.75
C GLU E 57 33.38 28.92 33.55
N LYS E 58 33.13 29.50 32.36
CA LYS E 58 31.87 30.16 32.08
C LYS E 58 30.72 29.14 31.97
N ASP E 59 29.54 29.57 32.43
CA ASP E 59 28.35 28.73 32.46
C ASP E 59 27.91 28.39 31.04
N ILE E 60 27.23 27.24 30.92
CA ILE E 60 26.55 26.82 29.71
C ILE E 60 25.06 26.81 30.01
N TYR E 61 24.24 27.13 28.99
CA TYR E 61 22.80 27.18 29.14
C TYR E 61 22.17 26.12 28.22
N LEU E 62 21.50 25.13 28.83
CA LEU E 62 20.81 24.10 28.07
C LEU E 62 19.30 24.36 28.11
N TYR E 63 18.78 24.85 26.98
CA TYR E 63 17.36 25.00 26.74
C TYR E 63 16.75 23.62 26.50
N ILE E 64 15.63 23.34 27.20
CA ILE E 64 14.94 22.07 27.07
C ILE E 64 13.48 22.33 26.72
N ASN E 65 13.12 21.93 25.49
CA ASN E 65 11.75 21.77 25.05
C ASN E 65 11.67 20.43 24.33
N SER E 66 11.41 19.35 25.09
CA SER E 66 11.61 18.01 24.59
C SER E 66 10.59 17.04 25.20
N PRO E 67 9.98 16.14 24.38
CA PRO E 67 9.11 15.08 24.91
C PRO E 67 9.86 13.86 25.42
N GLY E 68 11.19 13.91 25.39
CA GLY E 68 12.02 12.79 25.84
C GLY E 68 12.49 11.94 24.66
N GLY E 69 12.68 10.64 24.92
CA GLY E 69 13.19 9.70 23.93
C GLY E 69 14.11 8.66 24.55
N SER E 70 15.20 8.34 23.83
CA SER E 70 16.10 7.26 24.19
C SER E 70 16.78 7.50 25.53
N VAL E 71 16.71 6.49 26.41
CA VAL E 71 17.29 6.58 27.75
C VAL E 71 18.81 6.59 27.66
N THR E 72 19.37 5.74 26.80
CA THR E 72 20.83 5.67 26.66
C THR E 72 21.36 6.98 26.06
N ALA E 73 20.63 7.54 25.09
CA ALA E 73 21.00 8.80 24.48
C ALA E 73 20.94 9.92 25.52
N GLY E 74 19.91 9.88 26.36
CA GLY E 74 19.77 10.82 27.46
C GLY E 74 20.96 10.73 28.42
N PHE E 75 21.42 9.50 28.68
CA PHE E 75 22.52 9.28 29.60
C PHE E 75 23.84 9.74 29.00
N ALA E 76 23.95 9.70 27.66
CA ALA E 76 25.08 10.31 26.98
C ALA E 76 25.18 11.79 27.33
N ILE E 77 24.04 12.49 27.24
CA ILE E 77 23.98 13.91 27.56
C ILE E 77 24.27 14.08 29.06
N TYR E 78 23.55 13.32 29.90
CA TYR E 78 23.65 13.41 31.35
C TYR E 78 25.11 13.28 31.81
N ASP E 79 25.80 12.23 31.36
CA ASP E 79 27.14 11.94 31.84
C ASP E 79 28.13 12.99 31.37
N THR E 80 27.87 13.59 30.19
CA THR E 80 28.73 14.63 29.66
C THR E 80 28.58 15.89 30.50
N ILE E 81 27.33 16.22 30.87
CA ILE E 81 27.06 17.39 31.71
C ILE E 81 27.87 17.26 33.00
N GLN E 82 27.79 16.11 33.67
CA GLN E 82 28.42 15.94 34.96
C GLN E 82 29.94 15.89 34.81
N HIS E 83 30.44 15.40 33.67
CA HIS E 83 31.88 15.26 33.47
C HIS E 83 32.58 16.61 33.33
N ILE E 84 31.97 17.54 32.58
CA ILE E 84 32.66 18.77 32.19
C ILE E 84 32.74 19.73 33.38
N LYS E 85 33.70 20.66 33.32
CA LYS E 85 33.96 21.59 34.40
C LYS E 85 32.85 22.63 34.52
N PRO E 86 32.45 23.32 33.44
CA PRO E 86 31.44 24.38 33.53
C PRO E 86 30.09 23.91 34.08
N ASP E 87 29.45 24.77 34.88
CA ASP E 87 28.08 24.58 35.28
C ASP E 87 27.20 24.59 34.03
N VAL E 88 26.26 23.64 33.96
CA VAL E 88 25.27 23.61 32.90
C VAL E 88 23.93 23.99 33.51
N GLN E 89 23.47 25.22 33.22
CA GLN E 89 22.13 25.64 33.60
C GLN E 89 21.14 24.93 32.70
N THR E 90 19.99 24.54 33.26
CA THR E 90 18.90 23.97 32.48
C THR E 90 17.69 24.89 32.62
N ILE E 91 16.99 25.10 31.49
CA ILE E 91 15.82 25.97 31.42
C ILE E 91 14.74 25.26 30.61
N CYS E 92 13.64 24.89 31.28
CA CYS E 92 12.51 24.28 30.61
C CYS E 92 11.61 25.36 30.03
N ILE E 93 11.39 25.29 28.72
CA ILE E 93 10.49 26.20 28.01
C ILE E 93 9.59 25.35 27.12
N GLY E 94 8.27 25.52 27.28
CA GLY E 94 7.31 24.67 26.58
C GLY E 94 7.02 23.39 27.37
N MET E 95 7.83 22.35 27.13
CA MET E 95 7.60 21.05 27.74
C MET E 95 8.93 20.35 28.00
N ALA E 96 9.00 19.65 29.13
CA ALA E 96 10.02 18.63 29.36
C ALA E 96 9.32 17.39 29.89
N ALA E 97 9.41 16.29 29.12
CA ALA E 97 8.77 15.03 29.47
C ALA E 97 9.78 13.90 29.47
N SER E 98 9.60 12.94 30.39
CA SER E 98 10.37 11.71 30.41
C SER E 98 11.86 12.03 30.55
N MET E 99 12.72 11.55 29.63
CA MET E 99 14.15 11.80 29.69
C MET E 99 14.43 13.30 29.63
N GLY E 100 13.53 14.05 28.99
CA GLY E 100 13.63 15.50 28.95
C GLY E 100 13.61 16.12 30.34
N SER E 101 12.69 15.64 31.18
CA SER E 101 12.57 16.13 32.55
C SER E 101 13.72 15.60 33.40
N PHE E 102 14.25 14.42 33.05
CA PHE E 102 15.43 13.87 33.71
C PHE E 102 16.63 14.80 33.50
N LEU E 103 16.79 15.28 32.27
CA LEU E 103 17.89 16.17 31.93
C LEU E 103 17.67 17.56 32.54
N LEU E 104 16.41 17.97 32.67
CA LEU E 104 16.11 19.23 33.34
C LEU E 104 16.67 19.18 34.77
N ALA E 105 16.41 18.06 35.45
CA ALA E 105 16.81 17.88 36.84
C ALA E 105 18.33 17.72 36.97
N ALA E 106 19.02 17.46 35.86
CA ALA E 106 20.44 17.15 35.87
C ALA E 106 21.30 18.42 35.83
N GLY E 107 20.67 19.59 35.63
CA GLY E 107 21.40 20.83 35.58
C GLY E 107 22.11 21.13 36.90
N ALA E 108 23.04 22.09 36.88
CA ALA E 108 23.81 22.49 38.04
C ALA E 108 22.88 22.90 39.19
N LYS E 109 23.16 22.39 40.40
CA LYS E 109 22.35 22.68 41.56
C LYS E 109 22.27 24.19 41.75
N GLY E 110 21.03 24.71 41.84
CA GLY E 110 20.78 26.13 41.96
C GLY E 110 20.48 26.82 40.63
N LYS E 111 20.75 26.14 39.51
CA LYS E 111 20.63 26.75 38.19
C LYS E 111 19.76 25.91 37.27
N ARG E 112 18.72 25.28 37.85
CA ARG E 112 17.70 24.58 37.10
C ARG E 112 16.42 25.43 37.15
N PHE E 113 15.89 25.76 35.97
CA PHE E 113 14.81 26.74 35.83
C PHE E 113 13.71 26.23 34.90
N ALA E 114 12.49 26.75 35.13
CA ALA E 114 11.41 26.64 34.17
C ALA E 114 10.68 27.97 34.09
N LEU E 115 10.20 28.33 32.90
CA LEU E 115 9.38 29.51 32.74
C LEU E 115 7.96 29.18 33.22
N PRO E 116 7.15 30.19 33.61
CA PRO E 116 5.94 29.95 34.41
C PRO E 116 4.93 28.96 33.84
N ASN E 117 4.78 28.92 32.51
CA ASN E 117 3.75 28.11 31.89
C ASN E 117 4.36 26.86 31.24
N ALA E 118 5.64 26.58 31.54
CA ALA E 118 6.28 25.37 31.07
C ALA E 118 5.67 24.16 31.78
N GLU E 119 5.63 23.03 31.06
CA GLU E 119 5.02 21.80 31.52
C GLU E 119 6.11 20.75 31.72
N VAL E 120 6.10 20.09 32.88
CA VAL E 120 7.04 19.02 33.18
C VAL E 120 6.23 17.74 33.38
N MET E 121 6.67 16.65 32.75
CA MET E 121 6.00 15.37 32.94
C MET E 121 7.05 14.30 33.26
N ILE E 122 6.72 13.44 34.23
CA ILE E 122 7.57 12.34 34.61
C ILE E 122 6.75 11.05 34.52
N HIS E 123 7.39 9.96 34.07
CA HIS E 123 6.78 8.65 34.01
C HIS E 123 7.87 7.57 33.98
N GLN E 124 7.47 6.30 34.07
CA GLN E 124 8.43 5.22 34.04
C GLN E 124 8.84 4.97 32.60
N PRO E 125 10.04 4.37 32.34
CA PRO E 125 10.50 4.11 30.98
C PRO E 125 9.62 3.14 30.20
N LEU E 126 9.61 3.32 28.87
CA LEU E 126 8.82 2.50 27.97
C LEU E 126 9.76 1.61 27.16
N GLY E 127 9.33 0.37 26.89
CA GLY E 127 10.14 -0.54 26.10
C GLY E 127 9.31 -1.65 25.45
N GLY E 128 10.01 -2.68 24.97
CA GLY E 128 9.38 -3.80 24.32
C GLY E 128 10.26 -5.05 24.40
N ALA E 129 9.66 -6.20 24.11
CA ALA E 129 10.37 -7.47 24.07
C ALA E 129 9.49 -8.48 23.35
N GLN E 130 10.12 -9.28 22.48
CA GLN E 130 9.45 -10.39 21.82
C GLN E 130 10.43 -11.53 21.61
N GLY E 131 9.89 -12.75 21.60
CA GLY E 131 10.69 -13.95 21.41
C GLY E 131 10.46 -14.96 22.52
N GLN E 132 11.52 -15.71 22.83
CA GLN E 132 11.48 -16.77 23.82
C GLN E 132 11.31 -16.21 25.23
N ALA E 133 10.77 -17.04 26.13
CA ALA E 133 10.56 -16.66 27.52
C ALA E 133 11.83 -16.12 28.16
N THR E 134 12.99 -16.73 27.87
CA THR E 134 14.24 -16.35 28.48
C THR E 134 14.73 -15.01 27.91
N GLU E 135 14.37 -14.72 26.66
CA GLU E 135 14.68 -13.44 26.04
C GLU E 135 13.80 -12.36 26.66
N ILE E 136 12.51 -12.66 26.86
CA ILE E 136 11.59 -11.73 27.50
C ILE E 136 12.11 -11.39 28.89
N GLU E 137 12.61 -12.41 29.60
CA GLU E 137 13.11 -12.30 30.95
C GLU E 137 14.30 -11.32 30.99
N ILE E 138 15.23 -11.50 30.07
CA ILE E 138 16.41 -10.65 29.98
C ILE E 138 16.00 -9.20 29.72
N ALA E 139 15.04 -9.01 28.80
CA ALA E 139 14.57 -7.68 28.44
C ALA E 139 13.85 -7.02 29.62
N ALA E 140 13.09 -7.81 30.37
CA ALA E 140 12.35 -7.31 31.51
C ALA E 140 13.32 -6.87 32.61
N ASN E 141 14.30 -7.73 32.92
CA ASN E 141 15.30 -7.45 33.92
C ASN E 141 16.11 -6.20 33.54
N HIS E 142 16.35 -6.04 32.23
CA HIS E 142 17.08 -4.89 31.72
C HIS E 142 16.33 -3.59 32.00
N ILE E 143 15.05 -3.51 31.61
CA ILE E 143 14.32 -2.27 31.72
C ILE E 143 14.05 -1.96 33.20
N LEU E 144 13.90 -3.01 34.02
CA LEU E 144 13.70 -2.83 35.45
C LEU E 144 14.96 -2.26 36.10
N LYS E 145 16.14 -2.75 35.69
CA LYS E 145 17.40 -2.20 36.18
C LYS E 145 17.56 -0.75 35.73
N THR E 146 17.17 -0.47 34.47
CA THR E 146 17.26 0.86 33.92
C THR E 146 16.38 1.82 34.74
N ARG E 147 15.20 1.35 35.15
CA ARG E 147 14.28 2.18 35.92
C ARG E 147 14.88 2.48 37.30
N GLU E 148 15.51 1.47 37.91
CA GLU E 148 16.15 1.64 39.21
C GLU E 148 17.26 2.68 39.11
N LYS E 149 18.06 2.60 38.03
CA LYS E 149 19.15 3.53 37.80
C LYS E 149 18.60 4.96 37.68
N LEU E 150 17.53 5.12 36.90
CA LEU E 150 16.90 6.41 36.68
C LEU E 150 16.34 6.96 37.99
N ASN E 151 15.63 6.11 38.75
CA ASN E 151 14.96 6.53 39.97
C ASN E 151 15.99 6.94 41.03
N ARG E 152 17.10 6.19 41.12
CA ARG E 152 18.14 6.45 42.08
C ARG E 152 18.76 7.83 41.84
N ILE E 153 19.06 8.13 40.57
CA ILE E 153 19.66 9.41 40.21
C ILE E 153 18.64 10.53 40.44
N LEU E 154 17.38 10.32 40.04
CA LEU E 154 16.33 11.30 40.27
C LEU E 154 16.23 11.63 41.76
N SER E 155 16.38 10.61 42.61
CA SER E 155 16.31 10.77 44.05
C SER E 155 17.41 11.72 44.54
N GLU E 156 18.64 11.47 44.07
CA GLU E 156 19.81 12.27 44.42
C GLU E 156 19.63 13.71 43.96
N ARG E 157 18.96 13.87 42.81
CA ARG E 157 18.85 15.15 42.12
C ARG E 157 17.72 16.01 42.70
N THR E 158 16.65 15.36 43.20
CA THR E 158 15.46 16.05 43.62
C THR E 158 15.34 16.11 45.15
N GLY E 159 16.04 15.22 45.85
CA GLY E 159 15.89 15.08 47.29
C GLY E 159 14.74 14.14 47.68
N GLN E 160 13.98 13.64 46.69
CA GLN E 160 12.86 12.76 46.97
C GLN E 160 13.38 11.34 47.22
N SER E 161 12.64 10.57 48.03
CA SER E 161 12.99 9.19 48.30
C SER E 161 12.74 8.34 47.05
N ILE E 162 13.45 7.21 46.96
CA ILE E 162 13.29 6.28 45.86
C ILE E 162 11.86 5.73 45.87
N GLU E 163 11.34 5.46 47.08
CA GLU E 163 9.99 4.93 47.22
C GLU E 163 8.98 5.90 46.61
N LYS E 164 9.21 7.20 46.82
CA LYS E 164 8.31 8.22 46.32
C LYS E 164 8.41 8.32 44.80
N ILE E 165 9.64 8.34 44.26
CA ILE E 165 9.85 8.46 42.82
C ILE E 165 9.11 7.32 42.12
N GLN E 166 9.23 6.10 42.67
CA GLN E 166 8.63 4.89 42.13
C GLN E 166 7.11 5.06 42.00
N LYS E 167 6.46 5.54 43.07
CA LYS E 167 5.02 5.72 43.07
C LYS E 167 4.62 6.85 42.10
N ASP E 168 5.39 7.94 42.11
CA ASP E 168 5.03 9.14 41.38
C ASP E 168 5.21 8.96 39.87
N THR E 169 6.03 7.98 39.46
CA THR E 169 6.33 7.77 38.05
C THR E 169 5.60 6.56 37.50
N ASP E 170 4.72 5.94 38.31
CA ASP E 170 4.04 4.72 37.94
C ASP E 170 3.16 4.97 36.70
N ARG E 171 2.51 6.13 36.68
CA ARG E 171 1.78 6.58 35.51
C ARG E 171 2.21 8.01 35.16
N ASP E 172 1.69 8.53 34.03
CA ASP E 172 1.99 9.86 33.58
C ASP E 172 1.67 10.87 34.69
N ASN E 173 2.64 11.73 34.98
CA ASN E 173 2.52 12.69 36.07
C ASN E 173 2.92 14.06 35.52
N PHE E 174 1.91 14.90 35.29
CA PHE E 174 2.09 16.24 34.77
C PHE E 174 2.24 17.22 35.93
N LEU E 175 3.29 18.06 35.86
CA LEU E 175 3.58 19.05 36.88
C LEU E 175 3.64 20.43 36.23
N THR E 176 3.04 21.42 36.91
CA THR E 176 3.26 22.82 36.57
C THR E 176 4.70 23.19 36.93
N ALA E 177 5.14 24.37 36.48
CA ALA E 177 6.49 24.85 36.79
C ALA E 177 6.67 24.95 38.30
N GLU E 178 5.65 25.46 38.99
CA GLU E 178 5.72 25.65 40.43
C GLU E 178 5.81 24.29 41.12
N GLU E 179 5.03 23.32 40.63
CA GLU E 179 5.00 21.99 41.20
C GLU E 179 6.34 21.28 40.98
N ALA E 180 6.98 21.56 39.84
CA ALA E 180 8.30 21.00 39.53
C ALA E 180 9.35 21.53 40.52
N LYS E 181 9.18 22.79 40.94
CA LYS E 181 10.10 23.40 41.89
C LYS E 181 9.95 22.77 43.27
N GLU E 182 8.69 22.57 43.70
CA GLU E 182 8.42 21.97 44.99
C GLU E 182 8.92 20.53 45.00
N TYR E 183 8.84 19.87 43.84
CA TYR E 183 9.23 18.48 43.70
C TYR E 183 10.75 18.35 43.79
N GLY E 184 11.47 19.40 43.37
CA GLY E 184 12.92 19.41 43.38
C GLY E 184 13.53 19.08 42.02
N LEU E 185 12.70 19.05 40.98
CA LEU E 185 13.16 18.88 39.60
C LEU E 185 13.86 20.14 39.12
N ILE E 186 13.37 21.31 39.57
CA ILE E 186 14.01 22.58 39.29
C ILE E 186 14.20 23.34 40.60
N ASP E 187 14.98 24.42 40.52
CA ASP E 187 15.31 25.23 41.69
C ASP E 187 14.39 26.46 41.76
N GLU E 188 14.05 27.03 40.60
CA GLU E 188 13.38 28.32 40.54
C GLU E 188 12.48 28.40 39.32
N VAL E 189 11.30 29.02 39.49
CA VAL E 189 10.49 29.45 38.36
C VAL E 189 11.00 30.82 37.92
N MET E 190 11.45 30.92 36.67
CA MET E 190 12.07 32.13 36.17
C MET E 190 10.98 33.15 35.84
N VAL E 191 11.06 34.32 36.48
CA VAL E 191 10.00 35.31 36.46
C VAL E 191 10.37 36.37 35.41
N PRO E 192 9.39 37.04 34.77
CA PRO E 192 9.69 38.19 33.91
C PRO E 192 10.43 39.32 34.65
N ILE F 4 22.79 20.53 12.49
CA ILE F 4 24.19 20.46 13.00
C ILE F 4 24.73 21.89 13.10
N PRO F 5 25.08 22.36 14.32
CA PRO F 5 25.57 23.73 14.51
C PRO F 5 26.93 23.98 13.85
N THR F 6 27.19 25.25 13.52
CA THR F 6 28.43 25.66 12.88
C THR F 6 29.25 26.50 13.87
N VAL F 7 30.58 26.39 13.79
CA VAL F 7 31.51 27.14 14.63
C VAL F 7 32.50 27.89 13.72
N ILE F 8 32.65 29.20 13.93
CA ILE F 8 33.47 30.02 13.06
C ILE F 8 34.24 31.04 13.91
N TYR F 18 33.50 25.74 10.59
CA TYR F 18 33.39 24.28 10.85
C TYR F 18 31.99 23.95 11.39
N ASP F 19 31.41 22.85 10.91
CA ASP F 19 30.35 22.19 11.65
C ASP F 19 30.98 21.58 12.90
N ILE F 20 30.15 21.30 13.92
CA ILE F 20 30.65 20.94 15.23
C ILE F 20 31.53 19.69 15.14
N TYR F 21 31.13 18.70 14.32
CA TYR F 21 31.83 17.43 14.25
C TYR F 21 33.21 17.63 13.63
N SER F 22 33.29 18.44 12.57
CA SER F 22 34.54 18.79 11.94
C SER F 22 35.47 19.50 12.92
N ARG F 23 34.89 20.32 13.80
CA ARG F 23 35.66 21.05 14.79
C ARG F 23 36.31 20.08 15.77
N LEU F 24 35.58 19.02 16.15
CA LEU F 24 36.09 18.02 17.08
C LEU F 24 37.21 17.23 16.41
N LEU F 25 37.07 16.97 15.10
CA LEU F 25 38.06 16.22 14.35
C LEU F 25 39.38 16.99 14.28
N LYS F 26 39.30 18.32 14.25
CA LYS F 26 40.47 19.19 14.28
C LYS F 26 41.31 18.89 15.52
N ASP F 27 40.64 18.48 16.62
CA ASP F 27 41.30 18.16 17.88
C ASP F 27 41.38 16.63 18.06
N ARG F 28 41.34 15.89 16.95
CA ARG F 28 41.63 14.46 16.92
C ARG F 28 40.55 13.65 17.64
N ILE F 29 39.31 14.16 17.63
CA ILE F 29 38.16 13.46 18.19
C ILE F 29 37.29 12.94 17.04
N ILE F 30 37.02 11.63 17.05
CA ILE F 30 36.15 10.97 16.08
C ILE F 30 34.90 10.49 16.80
N MET F 31 33.73 10.73 16.20
CA MET F 31 32.45 10.41 16.81
C MET F 31 31.81 9.24 16.07
N LEU F 32 31.78 8.07 16.73
CA LEU F 32 30.96 6.96 16.28
C LEU F 32 29.66 6.99 17.10
N GLY F 33 28.63 7.62 16.51
CA GLY F 33 27.38 7.87 17.23
C GLY F 33 26.16 7.33 16.50
N SER F 34 26.33 6.19 15.80
CA SER F 34 25.24 5.61 15.04
C SER F 34 25.44 4.10 14.89
N GLN F 35 24.48 3.46 14.22
CA GLN F 35 24.61 2.08 13.78
C GLN F 35 25.83 1.99 12.87
N ILE F 36 26.58 0.89 13.00
CA ILE F 36 27.76 0.66 12.17
C ILE F 36 27.31 -0.01 10.88
N ASP F 37 27.48 0.71 9.76
CA ASP F 37 27.32 0.16 8.42
C ASP F 37 28.57 0.51 7.63
N ASP F 38 28.58 0.18 6.33
CA ASP F 38 29.75 0.37 5.50
C ASP F 38 30.07 1.87 5.36
N ASN F 39 29.04 2.72 5.26
CA ASN F 39 29.22 4.15 5.07
C ASN F 39 29.88 4.77 6.29
N VAL F 40 29.44 4.36 7.48
CA VAL F 40 29.99 4.84 8.74
C VAL F 40 31.44 4.38 8.86
N ALA F 41 31.68 3.08 8.62
CA ALA F 41 33.03 2.53 8.68
C ALA F 41 33.95 3.30 7.75
N ASN F 42 33.48 3.57 6.53
CA ASN F 42 34.27 4.26 5.52
C ASN F 42 34.70 5.64 6.03
N SER F 43 33.78 6.33 6.70
CA SER F 43 34.02 7.67 7.20
C SER F 43 35.06 7.63 8.34
N ILE F 44 34.89 6.68 9.26
CA ILE F 44 35.75 6.59 10.42
C ILE F 44 37.15 6.14 9.99
N VAL F 45 37.22 5.16 9.08
CA VAL F 45 38.49 4.71 8.55
C VAL F 45 39.24 5.92 7.97
N SER F 46 38.53 6.74 7.18
CA SER F 46 39.11 7.89 6.50
C SER F 46 39.65 8.90 7.52
N GLN F 47 38.88 9.11 8.60
CA GLN F 47 39.26 10.05 9.65
C GLN F 47 40.51 9.55 10.38
N LEU F 48 40.55 8.25 10.65
CA LEU F 48 41.71 7.61 11.29
C LEU F 48 42.95 7.79 10.43
N LEU F 49 42.83 7.54 9.11
CA LEU F 49 43.95 7.70 8.18
C LEU F 49 44.46 9.14 8.22
N PHE F 50 43.51 10.07 8.09
CA PHE F 50 43.81 11.50 8.00
C PHE F 50 44.57 11.96 9.25
N LEU F 51 44.07 11.60 10.43
CA LEU F 51 44.66 12.01 11.68
C LEU F 51 46.06 11.41 11.84
N GLN F 52 46.27 10.17 11.38
CA GLN F 52 47.60 9.59 11.39
C GLN F 52 48.54 10.46 10.54
N ALA F 53 48.07 10.84 9.35
CA ALA F 53 48.87 11.63 8.41
C ALA F 53 49.20 13.00 8.99
N GLN F 54 48.27 13.58 9.77
CA GLN F 54 48.46 14.87 10.39
C GLN F 54 49.55 14.75 11.46
N ASP F 55 49.46 13.71 12.27
CA ASP F 55 50.40 13.49 13.37
C ASP F 55 50.36 12.01 13.76
N SER F 56 51.48 11.32 13.62
CA SER F 56 51.55 9.88 13.84
C SER F 56 51.78 9.54 15.30
N GLU F 57 52.01 10.54 16.17
CA GLU F 57 52.38 10.29 17.54
C GLU F 57 51.24 10.61 18.51
N LYS F 58 50.47 11.68 18.23
CA LYS F 58 49.45 12.16 19.15
C LYS F 58 48.26 11.21 19.20
N ASP F 59 47.65 11.10 20.39
CA ASP F 59 46.53 10.20 20.61
C ASP F 59 45.31 10.66 19.83
N ILE F 60 44.48 9.68 19.46
CA ILE F 60 43.18 9.89 18.83
C ILE F 60 42.11 9.48 19.84
N TYR F 61 40.98 10.21 19.84
CA TYR F 61 39.89 9.92 20.74
C TYR F 61 38.68 9.45 19.94
N LEU F 62 38.26 8.21 20.18
CA LEU F 62 37.09 7.64 19.53
C LEU F 62 35.94 7.55 20.53
N TYR F 63 34.95 8.43 20.35
CA TYR F 63 33.71 8.40 21.09
C TYR F 63 32.81 7.31 20.53
N ILE F 64 32.22 6.49 21.42
CA ILE F 64 31.35 5.41 21.00
C ILE F 64 30.01 5.53 21.71
N ASN F 65 28.99 5.85 20.91
CA ASN F 65 27.58 5.70 21.26
C ASN F 65 26.88 4.97 20.13
N SER F 66 26.86 3.63 20.19
CA SER F 66 26.44 2.84 19.04
C SER F 66 25.73 1.56 19.50
N PRO F 67 24.63 1.17 18.84
CA PRO F 67 24.03 -0.16 19.05
C PRO F 67 24.72 -1.29 18.29
N GLY F 68 25.77 -0.98 17.54
CA GLY F 68 26.49 -1.97 16.74
C GLY F 68 26.02 -1.95 15.30
N GLY F 69 26.08 -3.12 14.64
CA GLY F 69 25.72 -3.26 13.23
C GLY F 69 26.61 -4.27 12.52
N SER F 70 27.01 -3.94 11.29
CA SER F 70 27.73 -4.86 10.43
C SER F 70 29.07 -5.27 11.05
N VAL F 71 29.28 -6.59 11.14
CA VAL F 71 30.52 -7.14 11.67
C VAL F 71 31.69 -6.77 10.74
N THR F 72 31.51 -6.92 9.42
CA THR F 72 32.60 -6.64 8.50
C THR F 72 32.96 -5.16 8.55
N ALA F 73 31.95 -4.28 8.63
CA ALA F 73 32.17 -2.85 8.70
C ALA F 73 32.91 -2.48 9.99
N GLY F 74 32.54 -3.15 11.08
CA GLY F 74 33.23 -2.99 12.35
C GLY F 74 34.69 -3.44 12.27
N PHE F 75 34.97 -4.50 11.50
CA PHE F 75 36.33 -4.97 11.37
C PHE F 75 37.17 -4.05 10.48
N ALA F 76 36.53 -3.31 9.59
CA ALA F 76 37.22 -2.27 8.84
C ALA F 76 37.80 -1.25 9.80
N ILE F 77 36.98 -0.83 10.78
CA ILE F 77 37.39 0.12 11.80
C ILE F 77 38.43 -0.52 12.72
N TYR F 78 38.13 -1.74 13.20
CA TYR F 78 39.01 -2.47 14.09
C TYR F 78 40.42 -2.54 13.51
N ASP F 79 40.53 -3.04 12.27
CA ASP F 79 41.84 -3.25 11.66
C ASP F 79 42.55 -1.92 11.42
N THR F 80 41.80 -0.85 11.10
CA THR F 80 42.43 0.44 10.84
C THR F 80 43.01 0.99 12.16
N ILE F 81 42.30 0.77 13.27
CA ILE F 81 42.76 1.19 14.58
C ILE F 81 44.09 0.49 14.88
N GLN F 82 44.16 -0.82 14.67
CA GLN F 82 45.35 -1.57 15.02
C GLN F 82 46.48 -1.24 14.05
N HIS F 83 46.15 -0.81 12.84
CA HIS F 83 47.15 -0.56 11.81
C HIS F 83 47.92 0.73 12.05
N ILE F 84 47.24 1.81 12.44
CA ILE F 84 47.85 3.12 12.50
C ILE F 84 48.76 3.20 13.73
N LYS F 85 49.69 4.17 13.70
CA LYS F 85 50.67 4.36 14.75
C LYS F 85 50.03 4.93 16.01
N PRO F 86 49.23 6.03 15.93
CA PRO F 86 48.68 6.64 17.14
C PRO F 86 47.84 5.68 17.98
N ASP F 87 47.96 5.79 19.30
CA ASP F 87 47.00 5.19 20.20
C ASP F 87 45.62 5.77 19.92
N VAL F 88 44.61 4.90 19.89
CA VAL F 88 43.23 5.32 19.78
C VAL F 88 42.56 5.03 21.11
N GLN F 89 42.26 6.11 21.85
CA GLN F 89 41.46 6.00 23.06
C GLN F 89 40.00 5.75 22.66
N THR F 90 39.31 4.90 23.43
CA THR F 90 37.89 4.68 23.23
C THR F 90 37.14 5.13 24.48
N ILE F 91 36.05 5.88 24.27
CA ILE F 91 35.23 6.37 25.35
C ILE F 91 33.77 6.02 25.05
N CYS F 92 33.20 5.12 25.86
CA CYS F 92 31.79 4.78 25.74
C CYS F 92 30.94 5.79 26.48
N ILE F 93 30.00 6.40 25.75
CA ILE F 93 29.04 7.33 26.31
C ILE F 93 27.66 6.95 25.78
N GLY F 94 26.68 6.82 26.68
CA GLY F 94 25.36 6.34 26.33
C GLY F 94 25.32 4.81 26.28
N MET F 95 25.69 4.24 25.13
CA MET F 95 25.59 2.81 24.90
C MET F 95 26.70 2.34 23.95
N ALA F 96 27.23 1.15 24.23
CA ALA F 96 28.05 0.41 23.28
C ALA F 96 27.57 -1.05 23.28
N ALA F 97 26.84 -1.43 22.23
CA ALA F 97 26.27 -2.77 22.12
C ALA F 97 26.89 -3.51 20.92
N SER F 98 27.02 -4.83 21.07
CA SER F 98 27.40 -5.72 19.98
C SER F 98 28.74 -5.29 19.40
N MET F 99 28.80 -4.99 18.09
CA MET F 99 30.06 -4.58 17.46
C MET F 99 30.55 -3.28 18.10
N GLY F 100 29.63 -2.49 18.66
CA GLY F 100 29.99 -1.27 19.36
C GLY F 100 30.89 -1.53 20.57
N SER F 101 30.55 -2.56 21.35
CA SER F 101 31.33 -2.93 22.52
C SER F 101 32.63 -3.63 22.10
N PHE F 102 32.60 -4.31 20.95
CA PHE F 102 33.81 -4.92 20.40
C PHE F 102 34.85 -3.83 20.14
N LEU F 103 34.40 -2.72 19.53
CA LEU F 103 35.30 -1.63 19.16
C LEU F 103 35.75 -0.87 20.41
N LEU F 104 34.88 -0.81 21.43
CA LEU F 104 35.24 -0.19 22.70
C LEU F 104 36.41 -0.93 23.32
N ALA F 105 36.36 -2.27 23.27
CA ALA F 105 37.40 -3.13 23.80
C ALA F 105 38.68 -3.05 22.97
N ALA F 106 38.58 -2.50 21.75
CA ALA F 106 39.67 -2.50 20.78
C ALA F 106 40.57 -1.27 20.95
N GLY F 107 40.21 -0.35 21.84
CA GLY F 107 41.01 0.83 22.09
C GLY F 107 42.39 0.49 22.69
N ALA F 108 43.30 1.46 22.64
CA ALA F 108 44.65 1.27 23.17
C ALA F 108 44.57 0.78 24.61
N LYS F 109 45.41 -0.21 24.94
CA LYS F 109 45.44 -0.74 26.29
C LYS F 109 45.76 0.38 27.28
N GLY F 110 44.96 0.45 28.34
CA GLY F 110 45.07 1.48 29.36
C GLY F 110 44.27 2.74 29.02
N LYS F 111 43.62 2.77 27.83
CA LYS F 111 42.95 3.98 27.38
C LYS F 111 41.55 3.67 26.85
N ARG F 112 40.93 2.64 27.43
CA ARG F 112 39.54 2.30 27.13
C ARG F 112 38.67 2.73 28.30
N PHE F 113 37.68 3.58 28.02
CA PHE F 113 36.94 4.26 29.07
C PHE F 113 35.44 4.13 28.82
N ALA F 114 34.67 4.27 29.91
CA ALA F 114 33.24 4.52 29.85
C ALA F 114 32.88 5.52 30.94
N LEU F 115 31.88 6.36 30.66
CA LEU F 115 31.34 7.26 31.67
C LEU F 115 30.35 6.48 32.54
N PRO F 116 30.10 6.93 33.80
CA PRO F 116 29.51 6.08 34.83
C PRO F 116 28.19 5.37 34.49
N ASN F 117 27.33 6.03 33.69
CA ASN F 117 25.99 5.52 33.45
C ASN F 117 25.87 4.93 32.05
N ALA F 118 27.02 4.80 31.35
CA ALA F 118 27.05 4.21 30.02
C ALA F 118 26.75 2.72 30.11
N GLU F 119 26.02 2.23 29.11
CA GLU F 119 25.60 0.84 29.05
C GLU F 119 26.47 0.09 28.03
N VAL F 120 26.93 -1.10 28.42
CA VAL F 120 27.70 -1.96 27.53
C VAL F 120 26.98 -3.30 27.40
N MET F 121 26.70 -3.74 26.17
CA MET F 121 26.02 -5.01 25.95
C MET F 121 26.84 -5.88 24.99
N ILE F 122 27.01 -7.15 25.35
CA ILE F 122 27.66 -8.13 24.49
C ILE F 122 26.68 -9.25 24.19
N HIS F 123 26.75 -9.78 22.96
CA HIS F 123 25.92 -10.90 22.54
C HIS F 123 26.57 -11.55 21.32
N GLN F 124 26.00 -12.67 20.87
CA GLN F 124 26.55 -13.38 19.73
C GLN F 124 26.07 -12.70 18.45
N PRO F 125 26.79 -12.87 17.32
CA PRO F 125 26.41 -12.21 16.06
C PRO F 125 25.07 -12.70 15.52
N LEU F 126 24.38 -11.80 14.79
CA LEU F 126 23.08 -12.07 14.21
C LEU F 126 23.24 -12.20 12.70
N GLY F 127 22.33 -12.97 12.08
CA GLY F 127 22.33 -13.07 10.64
C GLY F 127 21.11 -13.82 10.12
N GLY F 128 21.21 -14.24 8.85
CA GLY F 128 20.12 -14.90 8.17
C GLY F 128 20.62 -15.73 6.99
N ALA F 129 19.80 -16.68 6.57
CA ALA F 129 20.11 -17.50 5.42
C ALA F 129 18.81 -18.08 4.87
N GLN F 130 18.66 -18.08 3.54
CA GLN F 130 17.54 -18.74 2.89
C GLN F 130 18.01 -19.36 1.59
N GLY F 131 17.32 -20.44 1.20
CA GLY F 131 17.61 -21.13 -0.05
C GLY F 131 17.80 -22.62 0.17
N GLN F 132 18.70 -23.22 -0.61
CA GLN F 132 18.96 -24.65 -0.57
C GLN F 132 19.68 -25.00 0.74
N ALA F 133 19.55 -26.27 1.14
CA ALA F 133 20.24 -26.79 2.32
C ALA F 133 21.73 -26.44 2.28
N THR F 134 22.38 -26.62 1.14
CA THR F 134 23.83 -26.43 1.05
C THR F 134 24.17 -24.95 1.22
N GLU F 135 23.29 -24.05 0.76
CA GLU F 135 23.48 -22.61 0.93
C GLU F 135 23.32 -22.24 2.40
N ILE F 136 22.34 -22.85 3.06
CA ILE F 136 22.13 -22.63 4.48
C ILE F 136 23.37 -23.12 5.25
N GLU F 137 23.93 -24.26 4.82
CA GLU F 137 25.11 -24.82 5.45
C GLU F 137 26.27 -23.83 5.37
N ILE F 138 26.48 -23.26 4.18
CA ILE F 138 27.56 -22.31 3.95
C ILE F 138 27.36 -21.09 4.85
N ALA F 139 26.13 -20.55 4.89
CA ALA F 139 25.85 -19.36 5.69
C ALA F 139 26.11 -19.66 7.17
N ALA F 140 25.64 -20.84 7.62
CA ALA F 140 25.79 -21.27 9.00
C ALA F 140 27.26 -21.34 9.38
N ASN F 141 28.07 -21.99 8.53
CA ASN F 141 29.50 -22.15 8.77
C ASN F 141 30.17 -20.78 8.86
N HIS F 142 29.72 -19.84 8.00
CA HIS F 142 30.32 -18.52 7.92
C HIS F 142 30.09 -17.75 9.23
N ILE F 143 28.85 -17.71 9.73
CA ILE F 143 28.56 -16.93 10.92
C ILE F 143 29.20 -17.59 12.15
N LEU F 144 29.30 -18.92 12.14
CA LEU F 144 29.95 -19.63 13.24
C LEU F 144 31.43 -19.28 13.29
N LYS F 145 32.10 -19.25 12.12
CA LYS F 145 33.50 -18.86 12.05
C LYS F 145 33.68 -17.42 12.48
N THR F 146 32.78 -16.54 12.03
CA THR F 146 32.79 -15.13 12.41
C THR F 146 32.73 -15.00 13.94
N ARG F 147 31.91 -15.83 14.58
CA ARG F 147 31.77 -15.79 16.03
C ARG F 147 33.06 -16.25 16.69
N GLU F 148 33.69 -17.30 16.15
CA GLU F 148 34.96 -17.77 16.67
C GLU F 148 35.99 -16.65 16.62
N LYS F 149 36.04 -15.93 15.49
CA LYS F 149 36.98 -14.84 15.29
C LYS F 149 36.75 -13.75 16.34
N LEU F 150 35.50 -13.28 16.45
CA LEU F 150 35.13 -12.24 17.41
C LEU F 150 35.54 -12.66 18.82
N ASN F 151 35.20 -13.90 19.20
CA ASN F 151 35.42 -14.35 20.56
C ASN F 151 36.91 -14.45 20.88
N ARG F 152 37.71 -14.90 19.91
CA ARG F 152 39.14 -15.04 20.07
C ARG F 152 39.78 -13.68 20.37
N ILE F 153 39.37 -12.65 19.60
CA ILE F 153 39.92 -11.31 19.76
C ILE F 153 39.44 -10.71 21.09
N LEU F 154 38.17 -10.90 21.44
CA LEU F 154 37.64 -10.44 22.72
C LEU F 154 38.44 -11.05 23.87
N SER F 155 38.77 -12.34 23.76
CA SER F 155 39.56 -13.03 24.75
C SER F 155 40.91 -12.34 24.94
N GLU F 156 41.55 -11.99 23.82
CA GLU F 156 42.87 -11.36 23.82
C GLU F 156 42.81 -9.96 24.44
N ARG F 157 41.67 -9.27 24.22
CA ARG F 157 41.51 -7.88 24.60
C ARG F 157 41.05 -7.76 26.05
N THR F 158 40.28 -8.74 26.54
CA THR F 158 39.69 -8.67 27.87
C THR F 158 40.50 -9.47 28.88
N GLY F 159 41.19 -10.52 28.41
CA GLY F 159 41.89 -11.44 29.30
C GLY F 159 40.98 -12.56 29.81
N GLN F 160 39.75 -12.64 29.31
CA GLN F 160 38.84 -13.72 29.65
C GLN F 160 39.06 -14.87 28.69
N SER F 161 38.72 -16.09 29.13
CA SER F 161 38.86 -17.29 28.31
C SER F 161 37.83 -17.26 27.17
N ILE F 162 38.14 -17.96 26.09
CA ILE F 162 37.21 -18.09 24.97
C ILE F 162 35.94 -18.80 25.45
N GLU F 163 36.10 -19.75 26.37
CA GLU F 163 35.00 -20.56 26.87
C GLU F 163 34.03 -19.67 27.64
N LYS F 164 34.56 -18.70 28.41
CA LYS F 164 33.74 -17.79 29.20
C LYS F 164 33.02 -16.80 28.28
N ILE F 165 33.75 -16.25 27.29
CA ILE F 165 33.17 -15.33 26.33
C ILE F 165 31.97 -15.99 25.65
N GLN F 166 32.16 -17.23 25.18
CA GLN F 166 31.11 -17.99 24.50
C GLN F 166 29.85 -18.06 25.37
N LYS F 167 30.01 -18.42 26.64
CA LYS F 167 28.88 -18.55 27.56
C LYS F 167 28.19 -17.21 27.79
N ASP F 168 28.99 -16.15 27.98
CA ASP F 168 28.49 -14.85 28.39
C ASP F 168 27.82 -14.11 27.23
N THR F 169 28.05 -14.57 26.00
CA THR F 169 27.48 -13.91 24.82
C THR F 169 26.39 -14.77 24.19
N ASP F 170 25.99 -15.86 24.86
CA ASP F 170 24.97 -16.76 24.32
C ASP F 170 23.66 -16.02 24.14
N ARG F 171 23.32 -15.15 25.09
CA ARG F 171 22.19 -14.25 24.99
C ARG F 171 22.65 -12.84 25.37
N ASP F 172 21.76 -11.85 25.18
CA ASP F 172 22.06 -10.46 25.47
C ASP F 172 22.56 -10.35 26.91
N ASN F 173 23.70 -9.65 27.07
CA ASN F 173 24.38 -9.54 28.34
C ASN F 173 24.70 -8.07 28.57
N PHE F 174 23.88 -7.41 29.42
CA PHE F 174 24.00 -5.99 29.70
C PHE F 174 24.95 -5.79 30.88
N LEU F 175 25.94 -4.90 30.71
CA LEU F 175 26.90 -4.60 31.77
C LEU F 175 26.85 -3.10 32.08
N THR F 176 27.03 -2.78 33.37
CA THR F 176 27.30 -1.40 33.76
C THR F 176 28.74 -1.06 33.39
N ALA F 177 29.08 0.23 33.48
CA ALA F 177 30.43 0.70 33.26
C ALA F 177 31.39 -0.03 34.19
N GLU F 178 31.01 -0.15 35.46
CA GLU F 178 31.85 -0.79 36.46
C GLU F 178 32.04 -2.26 36.11
N GLU F 179 30.95 -2.93 35.71
CA GLU F 179 30.98 -4.34 35.35
C GLU F 179 31.85 -4.55 34.11
N ALA F 180 31.77 -3.62 33.15
CA ALA F 180 32.57 -3.68 31.95
C ALA F 180 34.06 -3.62 32.29
N LYS F 181 34.42 -2.77 33.26
CA LYS F 181 35.80 -2.65 33.70
C LYS F 181 36.29 -3.98 34.28
N GLU F 182 35.54 -4.56 35.21
CA GLU F 182 35.97 -5.80 35.85
C GLU F 182 35.93 -6.96 34.85
N TYR F 183 35.17 -6.83 33.75
CA TYR F 183 35.16 -7.84 32.71
C TYR F 183 36.41 -7.73 31.85
N GLY F 184 36.97 -6.51 31.74
CA GLY F 184 38.15 -6.25 30.94
C GLY F 184 37.83 -5.61 29.58
N LEU F 185 36.57 -5.19 29.40
CA LEU F 185 36.15 -4.53 28.16
C LEU F 185 36.66 -3.08 28.14
N ILE F 186 36.78 -2.48 29.32
CA ILE F 186 37.38 -1.16 29.46
C ILE F 186 38.40 -1.23 30.59
N ASP F 187 39.21 -0.16 30.70
CA ASP F 187 40.28 -0.08 31.68
C ASP F 187 39.84 0.75 32.88
N GLU F 188 39.00 1.77 32.64
CA GLU F 188 38.69 2.74 33.68
C GLU F 188 37.31 3.35 33.45
N VAL F 189 36.55 3.52 34.53
CA VAL F 189 35.36 4.35 34.53
C VAL F 189 35.80 5.80 34.72
N MET F 190 35.54 6.64 33.71
CA MET F 190 35.83 8.06 33.78
C MET F 190 34.84 8.72 34.74
N VAL F 191 35.36 9.15 35.91
CA VAL F 191 34.52 9.69 36.99
C VAL F 191 34.50 11.21 36.90
N PRO F 192 33.37 11.88 37.24
CA PRO F 192 33.30 13.33 37.30
C PRO F 192 34.28 13.95 38.32
N ILE G 4 29.50 13.44 6.71
CA ILE G 4 30.76 13.69 5.94
C ILE G 4 31.48 14.89 6.54
N PRO G 5 32.46 14.68 7.45
CA PRO G 5 33.14 15.78 8.12
C PRO G 5 34.04 16.58 7.18
N THR G 6 34.36 17.82 7.59
CA THR G 6 35.12 18.76 6.78
C THR G 6 36.49 18.98 7.43
N VAL G 7 37.48 19.33 6.59
CA VAL G 7 38.83 19.60 7.06
C VAL G 7 39.27 20.98 6.54
N TYR G 18 37.70 20.93 2.29
CA TYR G 18 37.59 19.52 1.82
C TYR G 18 36.68 18.73 2.75
N ASP G 19 35.74 17.95 2.19
CA ASP G 19 35.17 16.83 2.91
C ASP G 19 36.25 15.75 3.01
N ILE G 20 36.07 14.77 3.90
CA ILE G 20 37.14 13.86 4.26
C ILE G 20 37.58 13.04 3.04
N TYR G 21 36.63 12.68 2.16
CA TYR G 21 36.92 11.88 0.99
C TYR G 21 37.72 12.70 -0.01
N SER G 22 37.31 13.95 -0.20
CA SER G 22 38.03 14.89 -1.05
C SER G 22 39.47 15.07 -0.57
N ARG G 23 39.66 15.11 0.76
CA ARG G 23 40.98 15.27 1.34
C ARG G 23 41.84 14.04 1.01
N LEU G 24 41.27 12.84 1.14
CA LEU G 24 42.00 11.62 0.83
C LEU G 24 42.38 11.59 -0.64
N LEU G 25 41.50 12.09 -1.51
CA LEU G 25 41.73 12.05 -2.94
C LEU G 25 42.94 12.92 -3.30
N LYS G 26 43.11 14.01 -2.54
CA LYS G 26 44.26 14.89 -2.66
C LYS G 26 45.56 14.10 -2.50
N ASP G 27 45.57 13.07 -1.64
CA ASP G 27 46.74 12.22 -1.44
C ASP G 27 46.63 10.92 -2.26
N ARG G 28 45.85 10.95 -3.33
CA ARG G 28 45.77 9.89 -4.33
C ARG G 28 45.14 8.63 -3.72
N ILE G 29 44.18 8.80 -2.81
CA ILE G 29 43.46 7.70 -2.20
C ILE G 29 42.01 7.75 -2.65
N ILE G 30 41.54 6.65 -3.26
CA ILE G 30 40.16 6.50 -3.68
C ILE G 30 39.48 5.48 -2.75
N MET G 31 38.25 5.79 -2.34
CA MET G 31 37.52 4.94 -1.41
C MET G 31 36.33 4.31 -2.14
N LEU G 32 36.42 3.01 -2.42
CA LEU G 32 35.27 2.22 -2.88
C LEU G 32 34.66 1.55 -1.66
N GLY G 33 33.60 2.17 -1.11
CA GLY G 33 33.05 1.77 0.17
C GLY G 33 31.55 1.47 0.10
N SER G 34 31.08 0.95 -1.03
CA SER G 34 29.66 0.72 -1.22
C SER G 34 29.46 -0.38 -2.25
N GLN G 35 28.18 -0.72 -2.49
CA GLN G 35 27.78 -1.52 -3.63
C GLN G 35 28.25 -0.84 -4.91
N ILE G 36 28.71 -1.64 -5.88
CA ILE G 36 29.18 -1.15 -7.16
C ILE G 36 27.98 -1.03 -8.11
N ASP G 37 27.62 0.21 -8.44
CA ASP G 37 26.64 0.48 -9.48
C ASP G 37 27.29 1.47 -10.46
N ASP G 38 26.53 1.91 -11.46
CA ASP G 38 27.07 2.76 -12.51
C ASP G 38 27.55 4.09 -11.94
N ASN G 39 26.83 4.65 -10.95
CA ASN G 39 27.19 5.92 -10.35
C ASN G 39 28.55 5.83 -9.67
N VAL G 40 28.74 4.76 -8.88
CA VAL G 40 29.99 4.53 -8.18
C VAL G 40 31.12 4.32 -9.20
N ALA G 41 30.85 3.55 -10.26
CA ALA G 41 31.86 3.29 -11.26
C ALA G 41 32.27 4.59 -11.96
N ASN G 42 31.29 5.44 -12.27
CA ASN G 42 31.54 6.69 -12.99
C ASN G 42 32.43 7.60 -12.14
N SER G 43 32.17 7.63 -10.84
CA SER G 43 32.93 8.46 -9.93
C SER G 43 34.38 7.96 -9.82
N ILE G 44 34.55 6.64 -9.67
CA ILE G 44 35.87 6.07 -9.46
C ILE G 44 36.68 6.15 -10.76
N VAL G 45 36.05 5.93 -11.91
CA VAL G 45 36.68 6.15 -13.20
C VAL G 45 37.17 7.60 -13.31
N SER G 46 36.30 8.54 -12.90
CA SER G 46 36.63 9.96 -12.99
C SER G 46 37.81 10.29 -12.09
N GLN G 47 37.84 9.68 -10.90
CA GLN G 47 38.90 9.92 -9.93
C GLN G 47 40.22 9.34 -10.46
N LEU G 48 40.16 8.17 -11.09
CA LEU G 48 41.36 7.53 -11.62
C LEU G 48 41.96 8.39 -12.74
N LEU G 49 41.11 8.88 -13.65
CA LEU G 49 41.60 9.64 -14.77
C LEU G 49 42.20 10.96 -14.28
N PHE G 50 41.55 11.58 -13.29
CA PHE G 50 42.02 12.83 -12.72
C PHE G 50 43.40 12.65 -12.09
N LEU G 51 43.58 11.58 -11.31
CA LEU G 51 44.83 11.33 -10.61
C LEU G 51 45.96 11.06 -11.63
N GLN G 52 45.66 10.30 -12.69
CA GLN G 52 46.63 10.10 -13.75
C GLN G 52 47.09 11.44 -14.30
N ALA G 53 46.14 12.37 -14.48
CA ALA G 53 46.41 13.66 -15.10
C ALA G 53 47.27 14.53 -14.17
N GLN G 54 47.08 14.38 -12.86
CA GLN G 54 47.85 15.11 -11.87
C GLN G 54 49.29 14.60 -11.86
N ASP G 55 49.46 13.28 -11.83
CA ASP G 55 50.77 12.66 -11.82
C ASP G 55 50.65 11.25 -12.39
N SER G 56 51.35 11.00 -13.49
CA SER G 56 51.22 9.75 -14.22
C SER G 56 52.16 8.68 -13.67
N GLU G 57 52.99 9.02 -12.67
CA GLU G 57 54.03 8.14 -12.19
C GLU G 57 53.72 7.63 -10.78
N LYS G 58 53.08 8.44 -9.94
CA LYS G 58 52.89 8.11 -8.53
C LYS G 58 51.76 7.10 -8.38
N ASP G 59 51.90 6.20 -7.40
CA ASP G 59 50.92 5.18 -7.11
C ASP G 59 49.59 5.81 -6.68
N ILE G 60 48.50 5.09 -7.00
CA ILE G 60 47.17 5.39 -6.52
C ILE G 60 46.78 4.28 -5.53
N TYR G 61 45.91 4.62 -4.58
CA TYR G 61 45.49 3.67 -3.55
C TYR G 61 43.98 3.54 -3.58
N LEU G 62 43.50 2.34 -3.92
CA LEU G 62 42.08 2.05 -3.95
C LEU G 62 41.72 1.17 -2.74
N TYR G 63 41.03 1.79 -1.78
CA TYR G 63 40.44 1.11 -0.64
C TYR G 63 39.16 0.40 -1.09
N ILE G 64 39.01 -0.86 -0.71
CA ILE G 64 37.84 -1.65 -1.10
C ILE G 64 37.17 -2.22 0.15
N ASN G 65 35.98 -1.68 0.45
CA ASN G 65 35.02 -2.29 1.35
C ASN G 65 33.68 -2.34 0.63
N SER G 66 33.42 -3.45 -0.07
CA SER G 66 32.30 -3.52 -1.00
C SER G 66 31.73 -4.93 -1.08
N PRO G 67 30.38 -5.07 -1.09
CA PRO G 67 29.74 -6.36 -1.32
C PRO G 67 29.62 -6.74 -2.79
N GLY G 68 30.22 -5.94 -3.68
CA GLY G 68 30.14 -6.16 -5.12
C GLY G 68 28.98 -5.38 -5.74
N GLY G 69 28.44 -5.91 -6.84
CA GLY G 69 27.35 -5.28 -7.56
C GLY G 69 27.44 -5.56 -9.06
N SER G 70 27.12 -4.54 -9.87
CA SER G 70 27.06 -4.63 -11.32
C SER G 70 28.40 -5.05 -11.91
N VAL G 71 28.36 -6.05 -12.79
CA VAL G 71 29.55 -6.59 -13.44
C VAL G 71 30.09 -5.58 -14.45
N THR G 72 29.20 -4.99 -15.27
CA THR G 72 29.63 -4.02 -16.27
C THR G 72 30.23 -2.79 -15.59
N ALA G 73 29.63 -2.34 -14.48
CA ALA G 73 30.17 -1.22 -13.73
C ALA G 73 31.54 -1.59 -13.15
N GLY G 74 31.65 -2.82 -12.65
CA GLY G 74 32.92 -3.37 -12.21
C GLY G 74 33.98 -3.30 -13.31
N PHE G 75 33.58 -3.64 -14.54
CA PHE G 75 34.51 -3.68 -15.66
C PHE G 75 34.89 -2.28 -16.12
N ALA G 76 34.03 -1.29 -15.85
CA ALA G 76 34.35 0.09 -16.12
C ALA G 76 35.56 0.51 -15.28
N ILE G 77 35.54 0.11 -14.01
CA ILE G 77 36.61 0.40 -13.08
C ILE G 77 37.84 -0.42 -13.47
N TYR G 78 37.63 -1.71 -13.71
CA TYR G 78 38.71 -2.64 -14.04
C TYR G 78 39.50 -2.13 -15.25
N ASP G 79 38.81 -1.80 -16.34
CA ASP G 79 39.49 -1.41 -17.57
C ASP G 79 40.23 -0.09 -17.38
N THR G 80 39.67 0.83 -16.59
CA THR G 80 40.30 2.12 -16.34
C THR G 80 41.60 1.93 -15.54
N ILE G 81 41.56 1.05 -14.54
CA ILE G 81 42.75 0.70 -13.77
C ILE G 81 43.85 0.23 -14.72
N GLN G 82 43.53 -0.69 -15.64
CA GLN G 82 44.55 -1.27 -16.49
C GLN G 82 45.01 -0.26 -17.54
N HIS G 83 44.14 0.70 -17.89
CA HIS G 83 44.42 1.65 -18.95
C HIS G 83 45.47 2.68 -18.52
N ILE G 84 45.33 3.22 -17.31
CA ILE G 84 46.15 4.33 -16.84
C ILE G 84 47.56 3.85 -16.52
N LYS G 85 48.51 4.81 -16.49
CA LYS G 85 49.92 4.53 -16.30
C LYS G 85 50.23 4.21 -14.84
N PRO G 86 49.75 4.99 -13.85
CA PRO G 86 50.07 4.74 -12.44
C PRO G 86 49.63 3.35 -11.98
N ASP G 87 50.46 2.72 -11.14
CA ASP G 87 50.07 1.53 -10.41
C ASP G 87 48.93 1.87 -9.47
N VAL G 88 47.91 1.00 -9.44
CA VAL G 88 46.81 1.15 -8.51
C VAL G 88 46.91 0.04 -7.47
N GLN G 89 47.33 0.41 -6.26
CA GLN G 89 47.32 -0.50 -5.13
C GLN G 89 45.87 -0.75 -4.73
N THR G 90 45.58 -1.98 -4.30
CA THR G 90 44.26 -2.30 -3.76
C THR G 90 44.42 -2.78 -2.32
N ILE G 91 43.56 -2.26 -1.44
CA ILE G 91 43.60 -2.59 -0.03
C ILE G 91 42.19 -2.96 0.42
N CYS G 92 42.00 -4.25 0.74
CA CYS G 92 40.72 -4.72 1.23
C CYS G 92 40.63 -4.50 2.73
N ILE G 93 39.57 -3.79 3.12
CA ILE G 93 39.26 -3.50 4.50
C ILE G 93 37.80 -3.85 4.73
N GLY G 94 37.52 -4.61 5.79
CA GLY G 94 36.16 -5.07 6.07
C GLY G 94 35.78 -6.27 5.21
N MET G 95 35.28 -6.01 3.99
CA MET G 95 34.86 -7.06 3.09
CA MET G 95 34.83 -7.05 3.09
C MET G 95 35.09 -6.64 1.64
N ALA G 96 35.54 -7.60 0.83
CA ALA G 96 35.46 -7.52 -0.62
C ALA G 96 34.74 -8.77 -1.11
N ALA G 97 33.54 -8.59 -1.66
CA ALA G 97 32.74 -9.71 -2.14
C ALA G 97 32.41 -9.51 -3.62
N SER G 98 32.33 -10.63 -4.35
CA SER G 98 31.86 -10.64 -5.73
C SER G 98 32.73 -9.72 -6.58
N MET G 99 32.12 -8.74 -7.28
CA MET G 99 32.86 -7.83 -8.15
C MET G 99 33.88 -7.03 -7.32
N GLY G 100 33.63 -6.89 -6.01
CA GLY G 100 34.58 -6.26 -5.11
C GLY G 100 35.88 -7.04 -4.98
N SER G 101 35.78 -8.38 -4.93
CA SER G 101 36.97 -9.21 -4.83
C SER G 101 37.67 -9.30 -6.18
N PHE G 102 36.90 -9.17 -7.27
CA PHE G 102 37.46 -9.10 -8.61
C PHE G 102 38.36 -7.87 -8.73
N LEU G 103 37.89 -6.74 -8.23
CA LEU G 103 38.64 -5.49 -8.32
C LEU G 103 39.84 -5.52 -7.38
N LEU G 104 39.69 -6.18 -6.23
CA LEU G 104 40.79 -6.39 -5.32
C LEU G 104 41.94 -7.11 -6.04
N ALA G 105 41.60 -8.15 -6.80
CA ALA G 105 42.58 -8.96 -7.51
C ALA G 105 43.19 -8.22 -8.71
N ALA G 106 42.57 -7.10 -9.11
CA ALA G 106 42.93 -6.37 -10.32
C ALA G 106 43.97 -5.29 -10.05
N GLY G 107 44.38 -5.12 -8.78
CA GLY G 107 45.38 -4.13 -8.43
C GLY G 107 46.75 -4.49 -8.98
N ALA G 108 47.70 -3.54 -8.90
CA ALA G 108 49.03 -3.73 -9.46
C ALA G 108 49.67 -4.96 -8.81
N LYS G 109 50.37 -5.75 -9.64
CA LYS G 109 51.00 -6.97 -9.18
C LYS G 109 52.00 -6.62 -8.09
N GLY G 110 51.86 -7.27 -6.93
CA GLY G 110 52.70 -7.01 -5.77
C GLY G 110 52.13 -5.97 -4.82
N LYS G 111 51.02 -5.31 -5.21
CA LYS G 111 50.50 -4.19 -4.44
C LYS G 111 49.01 -4.39 -4.15
N ARG G 112 48.61 -5.65 -3.99
CA ARG G 112 47.26 -5.99 -3.58
C ARG G 112 47.32 -6.49 -2.13
N PHE G 113 46.50 -5.88 -1.27
CA PHE G 113 46.61 -6.08 0.17
C PHE G 113 45.24 -6.31 0.80
N ALA G 114 45.23 -7.00 1.94
CA ALA G 114 44.10 -7.04 2.84
C ALA G 114 44.60 -6.91 4.28
N LEU G 115 43.82 -6.24 5.12
CA LEU G 115 44.16 -6.17 6.53
C LEU G 115 43.71 -7.48 7.20
N PRO G 116 44.30 -7.85 8.36
CA PRO G 116 44.23 -9.23 8.85
C PRO G 116 42.83 -9.84 9.07
N ASN G 117 41.85 -9.00 9.42
CA ASN G 117 40.52 -9.46 9.75
C ASN G 117 39.54 -9.20 8.60
N ALA G 118 40.03 -8.65 7.48
CA ALA G 118 39.20 -8.41 6.31
C ALA G 118 38.77 -9.74 5.72
N GLU G 119 37.57 -9.75 5.12
CA GLU G 119 37.01 -10.97 4.54
C GLU G 119 36.94 -10.80 3.02
N VAL G 120 37.19 -11.90 2.31
CA VAL G 120 37.11 -11.91 0.86
C VAL G 120 36.16 -13.04 0.45
N MET G 121 35.18 -12.73 -0.42
CA MET G 121 34.23 -13.74 -0.85
C MET G 121 34.16 -13.74 -2.39
N ILE G 122 34.16 -14.95 -2.96
CA ILE G 122 34.03 -15.10 -4.41
C ILE G 122 32.83 -16.00 -4.70
N HIS G 123 32.12 -15.69 -5.79
CA HIS G 123 30.98 -16.48 -6.24
C HIS G 123 30.69 -16.16 -7.70
N GLN G 124 29.85 -16.99 -8.33
CA GLN G 124 29.51 -16.80 -9.73
C GLN G 124 28.54 -15.63 -9.85
N PRO G 125 28.46 -14.96 -11.02
CA PRO G 125 27.56 -13.83 -11.21
C PRO G 125 26.07 -14.18 -11.11
N LEU G 126 25.29 -13.17 -10.68
CA LEU G 126 23.86 -13.27 -10.49
C LEU G 126 23.13 -12.50 -11.57
N GLY G 127 21.94 -12.96 -11.94
CA GLY G 127 21.16 -12.29 -12.98
C GLY G 127 19.74 -12.81 -13.07
N GLY G 128 19.10 -12.46 -14.18
CA GLY G 128 17.69 -12.73 -14.38
C GLY G 128 17.32 -12.65 -15.85
N ALA G 129 16.27 -13.37 -16.22
CA ALA G 129 15.75 -13.35 -17.58
C ALA G 129 14.29 -13.78 -17.53
N GLN G 130 13.44 -13.05 -18.26
CA GLN G 130 12.05 -13.44 -18.42
C GLN G 130 11.61 -13.10 -19.84
N GLY G 131 10.64 -13.86 -20.35
CA GLY G 131 10.13 -13.68 -21.69
C GLY G 131 10.08 -14.98 -22.46
N GLN G 132 10.26 -14.89 -23.78
CA GLN G 132 10.21 -16.03 -24.68
C GLN G 132 11.43 -16.91 -24.48
N ALA G 133 11.31 -18.18 -24.87
CA ALA G 133 12.40 -19.15 -24.79
C ALA G 133 13.67 -18.59 -25.47
N THR G 134 13.52 -17.95 -26.63
CA THR G 134 14.64 -17.40 -27.38
C THR G 134 15.29 -16.28 -26.58
N GLU G 135 14.48 -15.49 -25.86
CA GLU G 135 15.00 -14.37 -25.08
C GLU G 135 15.77 -14.92 -23.87
N ILE G 136 15.22 -15.96 -23.24
CA ILE G 136 15.86 -16.60 -22.10
C ILE G 136 17.21 -17.16 -22.55
N GLU G 137 17.22 -17.79 -23.73
CA GLU G 137 18.43 -18.36 -24.30
C GLU G 137 19.51 -17.29 -24.46
N ILE G 138 19.13 -16.13 -25.01
CA ILE G 138 20.06 -15.03 -25.23
C ILE G 138 20.63 -14.55 -23.90
N ALA G 139 19.75 -14.38 -22.89
CA ALA G 139 20.17 -13.89 -21.59
C ALA G 139 21.10 -14.90 -20.93
N ALA G 140 20.79 -16.19 -21.08
CA ALA G 140 21.57 -17.26 -20.50
C ALA G 140 22.96 -17.33 -21.14
N ASN G 141 23.01 -17.25 -22.48
CA ASN G 141 24.27 -17.26 -23.20
C ASN G 141 25.11 -16.06 -22.75
N HIS G 142 24.46 -14.93 -22.48
CA HIS G 142 25.15 -13.70 -22.14
C HIS G 142 25.81 -13.79 -20.77
N ILE G 143 25.09 -14.27 -19.75
CA ILE G 143 25.65 -14.34 -18.41
C ILE G 143 26.71 -15.45 -18.36
N LEU G 144 26.55 -16.51 -19.17
CA LEU G 144 27.55 -17.57 -19.25
C LEU G 144 28.84 -17.04 -19.87
N LYS G 145 28.74 -16.23 -20.93
CA LYS G 145 29.91 -15.64 -21.55
C LYS G 145 30.58 -14.65 -20.59
N THR G 146 29.78 -13.91 -19.82
CA THR G 146 30.29 -12.98 -18.84
C THR G 146 31.08 -13.73 -17.77
N ARG G 147 30.56 -14.89 -17.34
CA ARG G 147 31.23 -15.68 -16.32
C ARG G 147 32.57 -16.19 -16.84
N GLU G 148 32.59 -16.70 -18.08
CA GLU G 148 33.81 -17.13 -18.73
C GLU G 148 34.83 -16.00 -18.75
N LYS G 149 34.37 -14.78 -19.02
CA LYS G 149 35.23 -13.61 -19.10
C LYS G 149 35.84 -13.31 -17.73
N LEU G 150 35.00 -13.27 -16.70
CA LEU G 150 35.44 -13.05 -15.34
C LEU G 150 36.43 -14.12 -14.90
N ASN G 151 36.12 -15.39 -15.18
CA ASN G 151 36.95 -16.50 -14.75
C ASN G 151 38.32 -16.46 -15.43
N ARG G 152 38.34 -16.09 -16.72
CA ARG G 152 39.56 -16.01 -17.49
C ARG G 152 40.50 -14.98 -16.86
N ILE G 153 39.95 -13.81 -16.50
CA ILE G 153 40.75 -12.73 -15.95
C ILE G 153 41.21 -13.09 -14.54
N LEU G 154 40.31 -13.66 -13.72
CA LEU G 154 40.67 -14.11 -12.38
C LEU G 154 41.80 -15.14 -12.46
N SER G 155 41.72 -16.05 -13.43
CA SER G 155 42.77 -17.03 -13.65
C SER G 155 44.12 -16.35 -13.88
N GLU G 156 44.15 -15.35 -14.78
CA GLU G 156 45.36 -14.63 -15.12
C GLU G 156 45.90 -13.87 -13.91
N ARG G 157 45.00 -13.34 -13.08
CA ARG G 157 45.36 -12.47 -11.97
C ARG G 157 45.82 -13.28 -10.76
N THR G 158 45.29 -14.50 -10.60
CA THR G 158 45.51 -15.28 -9.39
C THR G 158 46.54 -16.38 -9.61
N GLY G 159 46.67 -16.85 -10.85
CA GLY G 159 47.50 -18.01 -11.16
C GLY G 159 46.74 -19.33 -11.05
N GLN G 160 45.45 -19.29 -10.65
CA GLN G 160 44.64 -20.49 -10.58
C GLN G 160 44.07 -20.79 -11.96
N SER G 161 43.76 -22.07 -12.23
CA SER G 161 43.16 -22.46 -13.50
C SER G 161 41.72 -21.95 -13.59
N ILE G 162 41.26 -21.78 -14.82
CA ILE G 162 39.87 -21.48 -15.12
C ILE G 162 38.96 -22.55 -14.50
N GLU G 163 39.39 -23.81 -14.56
CA GLU G 163 38.59 -24.92 -14.04
C GLU G 163 38.42 -24.78 -12.53
N LYS G 164 39.50 -24.42 -11.84
CA LYS G 164 39.46 -24.26 -10.39
C LYS G 164 38.55 -23.09 -10.00
N ILE G 165 38.68 -21.97 -10.71
CA ILE G 165 37.86 -20.78 -10.45
C ILE G 165 36.39 -21.15 -10.60
N GLN G 166 36.06 -21.83 -11.71
CA GLN G 166 34.71 -22.27 -11.99
C GLN G 166 34.16 -23.06 -10.79
N LYS G 167 34.91 -24.07 -10.35
CA LYS G 167 34.49 -24.94 -9.25
C LYS G 167 34.36 -24.15 -7.95
N ASP G 168 35.31 -23.24 -7.69
CA ASP G 168 35.41 -22.59 -6.39
C ASP G 168 34.39 -21.45 -6.25
N THR G 169 33.77 -21.03 -7.37
CA THR G 169 32.82 -19.92 -7.35
C THR G 169 31.39 -20.43 -7.58
N ASP G 170 31.21 -21.75 -7.62
CA ASP G 170 29.89 -22.33 -7.86
C ASP G 170 28.90 -21.85 -6.81
N ARG G 171 29.36 -21.81 -5.55
CA ARG G 171 28.61 -21.24 -4.45
C ARG G 171 29.50 -20.24 -3.71
N ASP G 172 28.90 -19.54 -2.74
CA ASP G 172 29.61 -18.53 -1.96
C ASP G 172 30.82 -19.14 -1.27
N ASN G 173 31.98 -18.52 -1.49
CA ASN G 173 33.24 -19.04 -1.00
C ASN G 173 33.91 -17.95 -0.16
N PHE G 174 33.86 -18.09 1.16
CA PHE G 174 34.41 -17.09 2.06
C PHE G 174 35.86 -17.41 2.38
N LEU G 175 36.73 -16.40 2.29
CA LEU G 175 38.14 -16.56 2.56
C LEU G 175 38.57 -15.53 3.61
N THR G 176 39.51 -15.96 4.47
CA THR G 176 40.26 -15.07 5.33
C THR G 176 41.30 -14.32 4.49
N ALA G 177 41.92 -13.29 5.09
CA ALA G 177 42.94 -12.52 4.40
C ALA G 177 44.09 -13.45 4.00
N GLU G 178 44.46 -14.37 4.91
CA GLU G 178 45.55 -15.30 4.65
C GLU G 178 45.16 -16.25 3.52
N GLU G 179 43.92 -16.73 3.53
CA GLU G 179 43.43 -17.64 2.49
C GLU G 179 43.37 -16.93 1.14
N ALA G 180 43.02 -15.64 1.14
CA ALA G 180 42.99 -14.86 -0.08
C ALA G 180 44.39 -14.72 -0.68
N LYS G 181 45.40 -14.60 0.19
CA LYS G 181 46.78 -14.47 -0.25
C LYS G 181 47.24 -15.76 -0.89
N GLU G 182 46.94 -16.90 -0.24
CA GLU G 182 47.31 -18.21 -0.75
C GLU G 182 46.61 -18.47 -2.08
N TYR G 183 45.39 -17.95 -2.22
CA TYR G 183 44.60 -18.12 -3.42
C TYR G 183 45.18 -17.31 -4.58
N GLY G 184 45.92 -16.23 -4.24
CA GLY G 184 46.48 -15.34 -5.23
C GLY G 184 45.59 -14.14 -5.54
N LEU G 185 44.57 -13.90 -4.72
CA LEU G 185 43.69 -12.74 -4.88
C LEU G 185 44.38 -11.48 -4.36
N ILE G 186 45.20 -11.63 -3.32
CA ILE G 186 46.06 -10.55 -2.84
C ILE G 186 47.50 -11.06 -2.80
N ASP G 187 48.42 -10.12 -2.57
CA ASP G 187 49.85 -10.40 -2.52
C ASP G 187 50.31 -10.50 -1.07
N GLU G 188 49.68 -9.74 -0.17
CA GLU G 188 50.20 -9.58 1.17
C GLU G 188 49.07 -9.23 2.15
N VAL G 189 49.13 -9.82 3.35
CA VAL G 189 48.33 -9.38 4.47
C VAL G 189 49.10 -8.26 5.18
N MET G 190 48.44 -7.09 5.30
CA MET G 190 49.11 -5.88 5.76
C MET G 190 49.17 -5.90 7.28
N VAL G 191 50.39 -5.95 7.83
CA VAL G 191 50.61 -6.18 9.25
C VAL G 191 50.68 -4.83 9.94
N PRO G 192 50.24 -4.71 11.22
CA PRO G 192 50.48 -3.49 12.01
C PRO G 192 51.97 -3.12 12.06
N ILE H 4 -29.83 -12.84 -4.67
CA ILE H 4 -30.49 -13.62 -5.77
C ILE H 4 -31.68 -14.38 -5.17
N PRO H 5 -32.94 -13.93 -5.39
CA PRO H 5 -34.10 -14.59 -4.79
C PRO H 5 -34.42 -15.96 -5.40
N THR H 6 -35.12 -16.78 -4.61
CA THR H 6 -35.49 -18.14 -4.97
C THR H 6 -36.98 -18.23 -5.27
N VAL H 7 -37.35 -19.15 -6.17
CA VAL H 7 -38.72 -19.46 -6.52
C VAL H 7 -38.91 -20.98 -6.41
N ILE H 8 -40.07 -21.42 -5.90
CA ILE H 8 -40.39 -22.85 -5.85
C ILE H 8 -41.75 -23.08 -6.52
N ALA H 17 -37.14 -25.92 -6.73
CA ALA H 17 -36.54 -24.68 -6.19
C ALA H 17 -35.53 -24.11 -7.18
N TYR H 18 -35.82 -22.90 -7.68
CA TYR H 18 -34.99 -22.22 -8.67
C TYR H 18 -34.55 -20.86 -8.13
N ASP H 19 -33.28 -20.49 -8.34
CA ASP H 19 -32.90 -19.10 -8.33
C ASP H 19 -33.57 -18.42 -9.53
N ILE H 20 -33.80 -17.11 -9.44
CA ILE H 20 -34.64 -16.42 -10.39
C ILE H 20 -34.12 -16.60 -11.82
N TYR H 21 -32.79 -16.57 -11.99
CA TYR H 21 -32.20 -16.67 -13.32
C TYR H 21 -32.42 -18.06 -13.91
N SER H 22 -32.21 -19.10 -13.09
CA SER H 22 -32.42 -20.47 -13.52
C SER H 22 -33.88 -20.68 -13.92
N ARG H 23 -34.80 -19.98 -13.23
CA ARG H 23 -36.21 -20.04 -13.57
C ARG H 23 -36.45 -19.46 -14.96
N LEU H 24 -35.79 -18.34 -15.28
CA LEU H 24 -35.92 -17.73 -16.59
C LEU H 24 -35.31 -18.63 -17.67
N LEU H 25 -34.22 -19.34 -17.35
CA LEU H 25 -33.59 -20.26 -18.31
C LEU H 25 -34.55 -21.40 -18.66
N LYS H 26 -35.37 -21.81 -17.69
CA LYS H 26 -36.38 -22.85 -17.92
C LYS H 26 -37.34 -22.42 -19.03
N ASP H 27 -37.55 -21.12 -19.19
CA ASP H 27 -38.41 -20.58 -20.24
C ASP H 27 -37.57 -20.02 -21.40
N ARG H 28 -36.33 -20.50 -21.53
CA ARG H 28 -35.48 -20.24 -22.69
C ARG H 28 -35.04 -18.78 -22.73
N ILE H 29 -34.86 -18.17 -21.55
CA ILE H 29 -34.38 -16.80 -21.43
C ILE H 29 -32.97 -16.84 -20.82
N ILE H 30 -32.02 -16.26 -21.57
CA ILE H 30 -30.64 -16.13 -21.13
C ILE H 30 -30.37 -14.67 -20.84
N MET H 31 -29.71 -14.40 -19.71
CA MET H 31 -29.42 -13.04 -19.28
C MET H 31 -27.93 -12.76 -19.49
N LEU H 32 -27.63 -11.87 -20.45
CA LEU H 32 -26.32 -11.26 -20.54
C LEU H 32 -26.41 -9.88 -19.90
N GLY H 33 -26.11 -9.83 -18.60
CA GLY H 33 -26.33 -8.66 -17.78
C GLY H 33 -25.06 -8.16 -17.09
N SER H 34 -23.89 -8.42 -17.71
CA SER H 34 -22.63 -8.00 -17.15
C SER H 34 -21.62 -7.74 -18.27
N GLN H 35 -20.43 -7.28 -17.88
CA GLN H 35 -19.29 -7.19 -18.77
C GLN H 35 -19.02 -8.58 -19.36
N ILE H 36 -18.65 -8.61 -20.64
CA ILE H 36 -18.37 -9.86 -21.34
C ILE H 36 -16.91 -10.24 -21.10
N ASP H 37 -16.70 -11.31 -20.35
CA ASP H 37 -15.39 -11.94 -20.23
C ASP H 37 -15.56 -13.41 -20.56
N ASP H 38 -14.45 -14.17 -20.50
CA ASP H 38 -14.45 -15.57 -20.90
C ASP H 38 -15.43 -16.38 -20.06
N ASN H 39 -15.50 -16.10 -18.75
CA ASN H 39 -16.42 -16.81 -17.85
C ASN H 39 -17.86 -16.62 -18.30
N VAL H 40 -18.25 -15.37 -18.57
CA VAL H 40 -19.60 -15.04 -19.00
C VAL H 40 -19.90 -15.73 -20.33
N ALA H 41 -18.96 -15.63 -21.28
CA ALA H 41 -19.12 -16.28 -22.57
C ALA H 41 -19.33 -17.79 -22.41
N ASN H 42 -18.54 -18.41 -21.54
CA ASN H 42 -18.60 -19.86 -21.37
C ASN H 42 -19.98 -20.27 -20.83
N SER H 43 -20.49 -19.47 -19.89
CA SER H 43 -21.82 -19.70 -19.34
C SER H 43 -22.88 -19.59 -20.42
N ILE H 44 -22.82 -18.51 -21.22
CA ILE H 44 -23.86 -18.25 -22.20
C ILE H 44 -23.80 -19.30 -23.31
N VAL H 45 -22.59 -19.65 -23.75
CA VAL H 45 -22.44 -20.71 -24.74
C VAL H 45 -23.08 -22.00 -24.23
N SER H 46 -22.81 -22.35 -22.97
CA SER H 46 -23.32 -23.58 -22.38
C SER H 46 -24.85 -23.57 -22.36
N GLN H 47 -25.43 -22.44 -21.97
CA GLN H 47 -26.87 -22.27 -21.93
C GLN H 47 -27.46 -22.45 -23.33
N LEU H 48 -26.84 -21.82 -24.34
CA LEU H 48 -27.34 -21.86 -25.71
C LEU H 48 -27.37 -23.30 -26.21
N LEU H 49 -26.29 -24.05 -25.94
CA LEU H 49 -26.17 -25.42 -26.42
C LEU H 49 -27.18 -26.32 -25.71
N PHE H 50 -27.34 -26.10 -24.40
CA PHE H 50 -28.31 -26.84 -23.61
C PHE H 50 -29.71 -26.60 -24.16
N LEU H 51 -30.05 -25.33 -24.42
CA LEU H 51 -31.39 -25.00 -24.89
C LEU H 51 -31.65 -25.62 -26.25
N GLN H 52 -30.64 -25.63 -27.14
CA GLN H 52 -30.78 -26.29 -28.43
C GLN H 52 -31.10 -27.77 -28.23
N ALA H 53 -30.42 -28.41 -27.28
CA ALA H 53 -30.58 -29.83 -27.02
C ALA H 53 -31.96 -30.12 -26.44
N GLN H 54 -32.48 -29.19 -25.62
CA GLN H 54 -33.81 -29.29 -25.04
C GLN H 54 -34.86 -29.19 -26.13
N ASP H 55 -34.67 -28.25 -27.06
CA ASP H 55 -35.65 -27.96 -28.09
C ASP H 55 -34.96 -27.22 -29.24
N SER H 56 -34.86 -27.88 -30.40
CA SER H 56 -34.08 -27.35 -31.51
C SER H 56 -34.89 -26.34 -32.33
N GLU H 57 -36.18 -26.18 -32.03
CA GLU H 57 -37.06 -25.38 -32.88
C GLU H 57 -37.59 -24.15 -32.16
N LYS H 58 -37.74 -24.18 -30.83
CA LYS H 58 -38.32 -23.06 -30.10
C LYS H 58 -37.29 -21.93 -29.97
N ASP H 59 -37.78 -20.69 -30.12
CA ASP H 59 -36.95 -19.51 -29.98
C ASP H 59 -36.28 -19.46 -28.60
N ILE H 60 -35.12 -18.81 -28.58
CA ILE H 60 -34.42 -18.45 -27.37
C ILE H 60 -34.41 -16.93 -27.27
N TYR H 61 -34.43 -16.41 -26.04
CA TYR H 61 -34.44 -14.98 -25.79
C TYR H 61 -33.16 -14.61 -25.06
N LEU H 62 -32.35 -13.77 -25.71
CA LEU H 62 -31.13 -13.27 -25.10
C LEU H 62 -31.33 -11.81 -24.68
N TYR H 63 -31.50 -11.62 -23.37
CA TYR H 63 -31.53 -10.31 -22.74
C TYR H 63 -30.12 -9.73 -22.71
N ILE H 64 -29.98 -8.47 -23.15
CA ILE H 64 -28.69 -7.80 -23.18
C ILE H 64 -28.77 -6.49 -22.40
N ASN H 65 -28.09 -6.47 -21.25
CA ASN H 65 -27.75 -5.25 -20.54
C ASN H 65 -26.26 -5.33 -20.19
N SER H 66 -25.42 -4.86 -21.11
CA SER H 66 -23.99 -5.13 -21.04
C SER H 66 -23.21 -3.94 -21.59
N PRO H 67 -22.11 -3.51 -20.92
CA PRO H 67 -21.22 -2.50 -21.47
C PRO H 67 -20.22 -3.04 -22.49
N GLY H 68 -20.30 -4.34 -22.77
CA GLY H 68 -19.37 -4.99 -23.68
C GLY H 68 -18.26 -5.70 -22.93
N GLY H 69 -17.09 -5.84 -23.58
CA GLY H 69 -15.98 -6.56 -22.98
C GLY H 69 -15.09 -7.19 -24.05
N SER H 70 -14.59 -8.40 -23.76
CA SER H 70 -13.65 -9.10 -24.61
C SER H 70 -14.27 -9.43 -25.96
N VAL H 71 -13.55 -9.09 -27.03
CA VAL H 71 -14.02 -9.34 -28.39
C VAL H 71 -14.03 -10.84 -28.66
N THR H 72 -13.01 -11.58 -28.24
CA THR H 72 -12.96 -13.02 -28.49
C THR H 72 -14.08 -13.71 -27.71
N ALA H 73 -14.28 -13.30 -26.45
CA ALA H 73 -15.38 -13.82 -25.65
C ALA H 73 -16.71 -13.53 -26.34
N GLY H 74 -16.85 -12.30 -26.86
CA GLY H 74 -18.04 -11.92 -27.61
C GLY H 74 -18.29 -12.82 -28.81
N PHE H 75 -17.20 -13.16 -29.53
CA PHE H 75 -17.31 -13.99 -30.73
C PHE H 75 -17.64 -15.43 -30.39
N ALA H 76 -17.27 -15.88 -29.18
CA ALA H 76 -17.67 -17.20 -28.72
C ALA H 76 -19.19 -17.28 -28.69
N ILE H 77 -19.81 -16.25 -28.10
CA ILE H 77 -21.26 -16.13 -28.06
C ILE H 77 -21.82 -16.00 -29.48
N TYR H 78 -21.24 -15.08 -30.27
CA TYR H 78 -21.73 -14.80 -31.61
C TYR H 78 -21.79 -16.08 -32.44
N ASP H 79 -20.68 -16.84 -32.48
CA ASP H 79 -20.59 -18.00 -33.34
C ASP H 79 -21.56 -19.09 -32.88
N THR H 80 -21.79 -19.18 -31.56
CA THR H 80 -22.69 -20.18 -31.01
C THR H 80 -24.13 -19.83 -31.41
N ILE H 81 -24.47 -18.54 -31.33
CA ILE H 81 -25.78 -18.09 -31.81
C ILE H 81 -25.99 -18.54 -33.25
N GLN H 82 -25.03 -18.25 -34.14
CA GLN H 82 -25.22 -18.54 -35.56
C GLN H 82 -25.23 -20.05 -35.81
N HIS H 83 -24.52 -20.82 -34.99
CA HIS H 83 -24.36 -22.25 -35.20
C HIS H 83 -25.64 -23.03 -34.91
N ILE H 84 -26.30 -22.70 -33.79
CA ILE H 84 -27.43 -23.50 -33.30
C ILE H 84 -28.66 -23.28 -34.19
N LYS H 85 -29.58 -24.23 -34.14
CA LYS H 85 -30.75 -24.25 -35.01
C LYS H 85 -31.78 -23.20 -34.58
N PRO H 86 -32.14 -23.10 -33.28
CA PRO H 86 -33.18 -22.15 -32.87
C PRO H 86 -32.79 -20.71 -33.15
N ASP H 87 -33.80 -19.88 -33.49
CA ASP H 87 -33.64 -18.45 -33.54
C ASP H 87 -33.31 -17.93 -32.14
N VAL H 88 -32.35 -17.01 -32.06
CA VAL H 88 -32.06 -16.32 -30.82
C VAL H 88 -32.55 -14.89 -30.97
N GLN H 89 -33.62 -14.54 -30.23
CA GLN H 89 -34.07 -13.17 -30.16
C GLN H 89 -33.11 -12.41 -29.26
N THR H 90 -32.85 -11.14 -29.58
CA THR H 90 -32.07 -10.27 -28.72
C THR H 90 -32.95 -9.10 -28.28
N ILE H 91 -32.86 -8.75 -26.99
CA ILE H 91 -33.65 -7.69 -26.39
C ILE H 91 -32.72 -6.81 -25.55
N CYS H 92 -32.52 -5.57 -25.99
CA CYS H 92 -31.69 -4.62 -25.26
C CYS H 92 -32.52 -3.92 -24.20
N ILE H 93 -32.11 -4.07 -22.95
CA ILE H 93 -32.75 -3.42 -21.81
C ILE H 93 -31.64 -2.75 -20.99
N GLY H 94 -31.80 -1.44 -20.75
CA GLY H 94 -30.76 -0.65 -20.10
C GLY H 94 -29.71 -0.15 -21.08
N MET H 95 -28.69 -0.97 -21.37
CA MET H 95 -27.59 -0.55 -22.23
C MET H 95 -27.01 -1.76 -22.96
N ALA H 96 -26.71 -1.54 -24.25
CA ALA H 96 -25.83 -2.42 -25.01
C ALA H 96 -24.74 -1.56 -25.63
N ALA H 97 -23.51 -1.71 -25.12
CA ALA H 97 -22.38 -0.96 -25.62
C ALA H 97 -21.32 -1.92 -26.16
N SER H 98 -20.63 -1.50 -27.23
CA SER H 98 -19.46 -2.18 -27.75
C SER H 98 -19.84 -3.60 -28.18
N MET H 99 -19.14 -4.63 -27.67
CA MET H 99 -19.43 -6.01 -28.03
C MET H 99 -20.88 -6.36 -27.65
N GLY H 100 -21.44 -5.64 -26.67
CA GLY H 100 -22.84 -5.82 -26.30
C GLY H 100 -23.79 -5.47 -27.44
N SER H 101 -23.50 -4.36 -28.13
CA SER H 101 -24.31 -3.90 -29.25
C SER H 101 -24.06 -4.80 -30.47
N PHE H 102 -22.85 -5.34 -30.57
CA PHE H 102 -22.52 -6.28 -31.64
C PHE H 102 -23.42 -7.52 -31.53
N LEU H 103 -23.58 -8.03 -30.30
CA LEU H 103 -24.37 -9.23 -30.07
C LEU H 103 -25.86 -8.92 -30.23
N LEU H 104 -26.29 -7.73 -29.81
CA LEU H 104 -27.66 -7.29 -30.07
C LEU H 104 -27.96 -7.40 -31.57
N ALA H 105 -27.02 -6.92 -32.41
CA ALA H 105 -27.21 -6.90 -33.85
C ALA H 105 -27.17 -8.29 -34.45
N ALA H 106 -26.62 -9.26 -33.69
CA ALA H 106 -26.38 -10.61 -34.18
C ALA H 106 -27.60 -11.52 -33.97
N GLY H 107 -28.69 -11.00 -33.38
CA GLY H 107 -29.89 -11.78 -33.16
C GLY H 107 -30.60 -12.13 -34.47
N ALA H 108 -31.52 -13.09 -34.41
CA ALA H 108 -32.25 -13.54 -35.58
C ALA H 108 -32.90 -12.35 -36.28
N LYS H 109 -32.73 -12.28 -37.60
CA LYS H 109 -33.32 -11.22 -38.40
C LYS H 109 -34.81 -11.11 -38.11
N GLY H 110 -35.24 -9.90 -37.74
CA GLY H 110 -36.63 -9.63 -37.44
C GLY H 110 -36.95 -9.78 -35.94
N LYS H 111 -36.00 -10.32 -35.17
CA LYS H 111 -36.24 -10.58 -33.77
C LYS H 111 -35.17 -9.93 -32.90
N ARG H 112 -34.68 -8.76 -33.34
CA ARG H 112 -33.79 -7.93 -32.54
C ARG H 112 -34.56 -6.71 -32.05
N PHE H 113 -34.60 -6.53 -30.72
CA PHE H 113 -35.47 -5.55 -30.10
C PHE H 113 -34.68 -4.70 -29.11
N ALA H 114 -35.20 -3.50 -28.84
CA ALA H 114 -34.80 -2.70 -27.69
C ALA H 114 -36.05 -2.10 -27.05
N LEU H 115 -36.03 -1.92 -25.73
CA LEU H 115 -37.10 -1.21 -25.06
C LEU H 115 -36.82 0.29 -25.20
N PRO H 116 -37.88 1.14 -25.12
CA PRO H 116 -37.82 2.52 -25.62
C PRO H 116 -36.67 3.38 -25.10
N ASN H 117 -36.31 3.22 -23.82
CA ASN H 117 -35.31 4.07 -23.19
C ASN H 117 -33.97 3.35 -23.05
N ALA H 118 -33.82 2.21 -23.73
CA ALA H 118 -32.56 1.51 -23.76
C ALA H 118 -31.55 2.31 -24.58
N GLU H 119 -30.27 2.19 -24.19
CA GLU H 119 -29.17 2.90 -24.82
C GLU H 119 -28.31 1.91 -25.59
N VAL H 120 -27.96 2.27 -26.83
CA VAL H 120 -27.06 1.47 -27.65
C VAL H 120 -25.85 2.34 -28.00
N MET H 121 -24.64 1.80 -27.81
CA MET H 121 -23.42 2.54 -28.15
C MET H 121 -22.50 1.66 -28.98
N ILE H 122 -22.02 2.18 -30.10
CA ILE H 122 -21.04 1.51 -30.94
C ILE H 122 -19.74 2.31 -30.92
N HIS H 123 -18.61 1.60 -30.92
CA HIS H 123 -17.31 2.22 -31.04
C HIS H 123 -16.31 1.16 -31.53
N GLN H 124 -15.10 1.62 -31.86
CA GLN H 124 -14.08 0.72 -32.38
C GLN H 124 -13.44 -0.04 -31.21
N PRO H 125 -12.85 -1.22 -31.47
CA PRO H 125 -12.24 -2.03 -30.40
C PRO H 125 -11.07 -1.32 -29.70
N LEU H 126 -10.91 -1.67 -28.41
CA LEU H 126 -9.85 -1.14 -27.57
C LEU H 126 -8.83 -2.24 -27.31
N GLY H 127 -7.58 -1.86 -27.08
CA GLY H 127 -6.56 -2.85 -26.78
C GLY H 127 -5.27 -2.21 -26.31
N GLY H 128 -4.18 -2.97 -26.38
CA GLY H 128 -2.90 -2.53 -25.89
C GLY H 128 -1.78 -3.35 -26.51
N ALA H 129 -0.57 -2.79 -26.46
CA ALA H 129 0.62 -3.48 -26.91
C ALA H 129 1.83 -2.82 -26.24
N GLN H 130 2.79 -3.64 -25.82
CA GLN H 130 4.08 -3.15 -25.39
C GLN H 130 5.16 -4.14 -25.81
N GLY H 131 6.41 -3.67 -25.80
CA GLY H 131 7.54 -4.47 -26.21
C GLY H 131 8.27 -3.85 -27.39
N GLN H 132 8.90 -4.72 -28.19
CA GLN H 132 9.72 -4.30 -29.32
C GLN H 132 8.82 -3.82 -30.46
N ALA H 133 9.39 -2.98 -31.34
CA ALA H 133 8.66 -2.45 -32.48
C ALA H 133 7.92 -3.56 -33.23
N THR H 134 8.59 -4.70 -33.47
CA THR H 134 8.02 -5.81 -34.22
C THR H 134 6.81 -6.38 -33.50
N GLU H 135 6.86 -6.39 -32.16
CA GLU H 135 5.78 -6.91 -31.35
C GLU H 135 4.58 -5.95 -31.42
N ILE H 136 4.88 -4.65 -31.40
CA ILE H 136 3.85 -3.62 -31.52
C ILE H 136 3.18 -3.75 -32.88
N GLU H 137 3.97 -3.98 -33.92
CA GLU H 137 3.47 -4.12 -35.28
C GLU H 137 2.48 -5.29 -35.35
N ILE H 138 2.85 -6.42 -34.73
CA ILE H 138 2.02 -7.62 -34.73
C ILE H 138 0.71 -7.33 -34.01
N ALA H 139 0.76 -6.66 -32.86
CA ALA H 139 -0.41 -6.33 -32.08
C ALA H 139 -1.31 -5.36 -32.84
N ALA H 140 -0.71 -4.37 -33.52
CA ALA H 140 -1.45 -3.41 -34.31
C ALA H 140 -2.18 -4.09 -35.47
N ASN H 141 -1.47 -4.94 -36.22
CA ASN H 141 -2.06 -5.63 -37.36
C ASN H 141 -3.24 -6.49 -36.89
N HIS H 142 -3.07 -7.10 -35.71
CA HIS H 142 -4.09 -7.98 -35.14
C HIS H 142 -5.37 -7.22 -34.79
N ILE H 143 -5.26 -6.10 -34.05
CA ILE H 143 -6.46 -5.36 -33.65
C ILE H 143 -7.10 -4.70 -34.86
N LEU H 144 -6.30 -4.29 -35.86
CA LEU H 144 -6.84 -3.71 -37.08
C LEU H 144 -7.63 -4.76 -37.87
N LYS H 145 -7.14 -5.99 -37.92
CA LYS H 145 -7.83 -7.09 -38.57
C LYS H 145 -9.11 -7.44 -37.82
N THR H 146 -9.05 -7.40 -36.48
CA THR H 146 -10.22 -7.66 -35.65
C THR H 146 -11.30 -6.62 -35.96
N ARG H 147 -10.90 -5.35 -36.08
CA ARG H 147 -11.85 -4.28 -36.37
C ARG H 147 -12.49 -4.48 -37.74
N GLU H 148 -11.68 -4.89 -38.73
CA GLU H 148 -12.18 -5.16 -40.07
C GLU H 148 -13.22 -6.27 -40.02
N LYS H 149 -12.94 -7.32 -39.23
CA LYS H 149 -13.84 -8.45 -39.06
C LYS H 149 -15.15 -8.00 -38.43
N LEU H 150 -15.05 -7.23 -37.34
CA LEU H 150 -16.23 -6.68 -36.68
C LEU H 150 -17.05 -5.83 -37.64
N ASN H 151 -16.38 -4.96 -38.42
CA ASN H 151 -17.06 -4.01 -39.27
C ASN H 151 -17.79 -4.73 -40.39
N ARG H 152 -17.17 -5.77 -40.96
CA ARG H 152 -17.74 -6.53 -42.06
C ARG H 152 -19.03 -7.22 -41.61
N ILE H 153 -18.99 -7.87 -40.44
CA ILE H 153 -20.18 -8.55 -39.92
C ILE H 153 -21.27 -7.53 -39.59
N LEU H 154 -20.91 -6.40 -38.99
CA LEU H 154 -21.88 -5.35 -38.69
C LEU H 154 -22.55 -4.83 -39.97
N SER H 155 -21.76 -4.70 -41.04
CA SER H 155 -22.26 -4.29 -42.34
C SER H 155 -23.30 -5.29 -42.84
N GLU H 156 -22.99 -6.59 -42.74
CA GLU H 156 -23.89 -7.65 -43.17
C GLU H 156 -25.18 -7.65 -42.36
N ARG H 157 -25.07 -7.32 -41.07
CA ARG H 157 -26.17 -7.43 -40.12
C ARG H 157 -27.06 -6.18 -40.12
N THR H 158 -26.50 -5.03 -40.53
CA THR H 158 -27.23 -3.77 -40.44
C THR H 158 -27.69 -3.30 -41.82
N GLY H 159 -27.00 -3.73 -42.87
CA GLY H 159 -27.24 -3.23 -44.21
C GLY H 159 -26.48 -1.94 -44.52
N GLN H 160 -25.68 -1.44 -43.56
CA GLN H 160 -24.83 -0.29 -43.79
C GLN H 160 -23.52 -0.74 -44.45
N SER H 161 -22.89 0.16 -45.21
CA SER H 161 -21.60 -0.10 -45.82
C SER H 161 -20.52 -0.19 -44.76
N ILE H 162 -19.43 -0.90 -45.09
CA ILE H 162 -18.27 -1.02 -44.22
C ILE H 162 -17.69 0.38 -43.95
N GLU H 163 -17.68 1.24 -44.98
CA GLU H 163 -17.11 2.58 -44.86
C GLU H 163 -17.92 3.41 -43.85
N LYS H 164 -19.24 3.26 -43.86
CA LYS H 164 -20.08 4.03 -42.94
C LYS H 164 -19.89 3.51 -41.50
N ILE H 165 -19.78 2.19 -41.35
CA ILE H 165 -19.57 1.59 -40.04
C ILE H 165 -18.25 2.11 -39.46
N GLN H 166 -17.21 2.17 -40.30
CA GLN H 166 -15.90 2.66 -39.90
C GLN H 166 -16.02 4.08 -39.35
N LYS H 167 -16.61 4.99 -40.13
CA LYS H 167 -16.76 6.38 -39.74
C LYS H 167 -17.55 6.48 -38.44
N ASP H 168 -18.65 5.71 -38.36
CA ASP H 168 -19.60 5.87 -37.27
C ASP H 168 -19.10 5.23 -35.98
N THR H 169 -18.00 4.46 -36.03
CA THR H 169 -17.45 3.83 -34.84
C THR H 169 -16.08 4.40 -34.48
N ASP H 170 -15.69 5.49 -35.17
CA ASP H 170 -14.37 6.08 -34.97
C ASP H 170 -14.23 6.52 -33.52
N ARG H 171 -15.32 7.10 -32.97
CA ARG H 171 -15.41 7.43 -31.57
C ARG H 171 -16.74 6.93 -31.02
N ASP H 172 -16.93 7.10 -29.70
CA ASP H 172 -18.14 6.66 -29.03
C ASP H 172 -19.37 7.27 -29.71
N ASN H 173 -20.31 6.40 -30.09
CA ASN H 173 -21.49 6.78 -30.83
C ASN H 173 -22.71 6.22 -30.11
N PHE H 174 -23.43 7.10 -29.40
CA PHE H 174 -24.60 6.72 -28.61
C PHE H 174 -25.85 6.84 -29.47
N LEU H 175 -26.68 5.78 -29.47
CA LEU H 175 -27.93 5.76 -30.19
C LEU H 175 -29.09 5.51 -29.22
N THR H 176 -30.22 6.18 -29.48
CA THR H 176 -31.48 5.81 -28.85
C THR H 176 -31.97 4.52 -29.50
N ALA H 177 -33.00 3.91 -28.90
CA ALA H 177 -33.61 2.70 -29.42
C ALA H 177 -34.11 2.94 -30.84
N GLU H 178 -34.78 4.07 -31.06
CA GLU H 178 -35.30 4.41 -32.38
C GLU H 178 -34.16 4.56 -33.39
N GLU H 179 -33.07 5.23 -32.97
CA GLU H 179 -31.93 5.44 -33.85
C GLU H 179 -31.28 4.11 -34.20
N ALA H 180 -31.23 3.18 -33.23
CA ALA H 180 -30.65 1.87 -33.45
C ALA H 180 -31.48 1.10 -34.48
N LYS H 181 -32.81 1.28 -34.42
CA LYS H 181 -33.71 0.67 -35.40
C LYS H 181 -33.42 1.25 -36.79
N GLU H 182 -33.29 2.58 -36.88
CA GLU H 182 -33.05 3.24 -38.14
C GLU H 182 -31.69 2.86 -38.70
N TYR H 183 -30.74 2.53 -37.82
CA TYR H 183 -29.39 2.15 -38.22
C TYR H 183 -29.35 0.71 -38.74
N GLY H 184 -30.25 -0.13 -38.23
CA GLY H 184 -30.33 -1.54 -38.61
C GLY H 184 -29.69 -2.47 -37.57
N LEU H 185 -29.36 -1.93 -36.39
CA LEU H 185 -28.84 -2.73 -35.29
C LEU H 185 -29.95 -3.56 -34.65
N ILE H 186 -31.18 -3.04 -34.69
CA ILE H 186 -32.34 -3.77 -34.23
C ILE H 186 -33.45 -3.65 -35.28
N ASP H 187 -34.48 -4.47 -35.13
CA ASP H 187 -35.59 -4.51 -36.06
C ASP H 187 -36.76 -3.67 -35.55
N GLU H 188 -37.03 -3.71 -34.24
CA GLU H 188 -38.19 -3.03 -33.67
C GLU H 188 -37.86 -2.49 -32.28
N VAL H 189 -38.49 -1.36 -31.95
CA VAL H 189 -38.60 -0.91 -30.56
C VAL H 189 -39.82 -1.60 -29.96
N MET H 190 -39.60 -2.37 -28.89
CA MET H 190 -40.66 -3.12 -28.24
C MET H 190 -41.47 -2.17 -27.36
N VAL H 191 -42.70 -1.89 -27.78
CA VAL H 191 -43.56 -0.94 -27.09
C VAL H 191 -44.37 -1.69 -26.03
N PRO H 192 -44.91 -1.00 -25.00
CA PRO H 192 -45.60 -1.66 -23.89
C PRO H 192 -46.79 -2.55 -24.26
N GLU H 193 -47.01 -3.58 -23.43
CA GLU H 193 -48.21 -4.41 -23.49
C GLU H 193 -49.36 -3.72 -22.75
N ILE I 4 -23.77 -19.11 -11.98
CA ILE I 4 -23.86 -20.29 -12.87
C ILE I 4 -25.27 -20.87 -12.76
N PRO I 5 -26.04 -20.88 -13.85
CA PRO I 5 -27.43 -21.35 -13.83
C PRO I 5 -27.59 -22.83 -13.50
N THR I 6 -28.74 -23.18 -12.91
CA THR I 6 -29.10 -24.56 -12.59
C THR I 6 -30.20 -25.04 -13.54
N VAL I 7 -30.14 -26.31 -13.94
CA VAL I 7 -31.18 -26.95 -14.76
C VAL I 7 -31.68 -28.19 -14.02
N ILE I 8 -32.95 -28.53 -14.21
CA ILE I 8 -33.57 -29.63 -13.46
C ILE I 8 -34.21 -30.63 -14.44
N ARG I 16 -33.11 -34.51 -10.27
CA ARG I 16 -31.94 -34.28 -11.17
C ARG I 16 -31.71 -32.78 -11.34
N ALA I 17 -30.97 -32.19 -10.39
CA ALA I 17 -30.61 -30.79 -10.43
C ALA I 17 -29.12 -30.64 -10.75
N TYR I 18 -28.83 -29.99 -11.88
CA TYR I 18 -27.47 -29.80 -12.34
C TYR I 18 -27.18 -28.32 -12.56
N ASP I 19 -25.98 -27.87 -12.17
CA ASP I 19 -25.44 -26.64 -12.75
C ASP I 19 -25.18 -26.92 -14.22
N ILE I 20 -25.12 -25.85 -15.03
CA ILE I 20 -25.11 -25.97 -16.48
C ILE I 20 -23.89 -26.79 -16.93
N TYR I 21 -22.74 -26.61 -16.27
CA TYR I 21 -21.52 -27.27 -16.69
C TYR I 21 -21.61 -28.77 -16.43
N SER I 22 -22.17 -29.13 -15.27
CA SER I 22 -22.40 -30.53 -14.92
C SER I 22 -23.38 -31.18 -15.89
N ARG I 23 -24.38 -30.42 -16.35
CA ARG I 23 -25.36 -30.94 -17.30
C ARG I 23 -24.68 -31.25 -18.63
N LEU I 24 -23.76 -30.39 -19.08
CA LEU I 24 -23.06 -30.62 -20.33
C LEU I 24 -22.17 -31.85 -20.20
N LEU I 25 -21.55 -32.02 -19.02
CA LEU I 25 -20.67 -33.15 -18.77
C LEU I 25 -21.43 -34.46 -18.85
N LYS I 26 -22.70 -34.45 -18.43
CA LYS I 26 -23.59 -35.60 -18.56
C LYS I 26 -23.67 -36.06 -20.01
N ASP I 27 -23.50 -35.11 -20.95
CA ASP I 27 -23.55 -35.39 -22.37
C ASP I 27 -22.15 -35.42 -22.99
N ARG I 28 -21.14 -35.58 -22.13
CA ARG I 28 -19.77 -35.88 -22.52
C ARG I 28 -19.09 -34.64 -23.11
N ILE I 29 -19.53 -33.46 -22.67
CA ILE I 29 -18.95 -32.19 -23.09
C ILE I 29 -18.13 -31.63 -21.93
N ILE I 30 -16.87 -31.32 -22.21
CA ILE I 30 -15.95 -30.72 -21.23
C ILE I 30 -15.64 -29.31 -21.68
N MET I 31 -15.72 -28.35 -20.75
CA MET I 31 -15.51 -26.95 -21.06
C MET I 31 -14.15 -26.49 -20.52
N LEU I 32 -13.19 -26.28 -21.43
CA LEU I 32 -11.95 -25.59 -21.10
C LEU I 32 -12.10 -24.13 -21.49
N GLY I 33 -12.51 -23.30 -20.53
CA GLY I 33 -12.92 -21.93 -20.78
C GLY I 33 -12.15 -20.92 -19.94
N SER I 34 -10.92 -21.26 -19.54
CA SER I 34 -10.12 -20.37 -18.73
C SER I 34 -8.63 -20.57 -19.04
N GLN I 35 -7.80 -19.80 -18.35
CA GLN I 35 -6.36 -19.97 -18.34
C GLN I 35 -6.05 -21.37 -17.82
N ILE I 36 -5.05 -22.03 -18.42
CA ILE I 36 -4.68 -23.38 -18.02
C ILE I 36 -3.72 -23.29 -16.84
N ASP I 37 -4.17 -23.77 -15.68
CA ASP I 37 -3.32 -23.94 -14.52
C ASP I 37 -3.52 -25.37 -13.99
N ASP I 38 -2.83 -25.71 -12.89
CA ASP I 38 -2.89 -27.05 -12.34
C ASP I 38 -4.31 -27.41 -11.91
N ASN I 39 -5.04 -26.46 -11.32
CA ASN I 39 -6.41 -26.72 -10.87
C ASN I 39 -7.30 -27.09 -12.06
N VAL I 40 -7.24 -26.28 -13.12
CA VAL I 40 -8.02 -26.51 -14.32
C VAL I 40 -7.65 -27.87 -14.91
N ALA I 41 -6.34 -28.17 -14.98
CA ALA I 41 -5.89 -29.44 -15.54
C ALA I 41 -6.43 -30.61 -14.71
N ASN I 42 -6.39 -30.49 -13.39
CA ASN I 42 -6.82 -31.58 -12.53
C ASN I 42 -8.30 -31.89 -12.75
N SER I 43 -9.09 -30.83 -12.94
CA SER I 43 -10.52 -30.96 -13.18
C SER I 43 -10.78 -31.63 -14.53
N ILE I 44 -10.07 -31.19 -15.57
CA ILE I 44 -10.31 -31.69 -16.91
C ILE I 44 -9.84 -33.14 -17.02
N VAL I 45 -8.70 -33.46 -16.39
CA VAL I 45 -8.20 -34.84 -16.35
C VAL I 45 -9.23 -35.72 -15.66
N SER I 46 -9.81 -35.22 -14.55
CA SER I 46 -10.78 -35.98 -13.78
C SER I 46 -12.01 -36.25 -14.64
N GLN I 47 -12.43 -35.24 -15.39
CA GLN I 47 -13.60 -35.35 -16.26
C GLN I 47 -13.34 -36.37 -17.37
N LEU I 48 -12.17 -36.30 -18.02
CA LEU I 48 -11.82 -37.24 -19.08
C LEU I 48 -11.85 -38.68 -18.57
N LEU I 49 -11.24 -38.91 -17.40
CA LEU I 49 -11.14 -40.26 -16.86
C LEU I 49 -12.54 -40.78 -16.50
N PHE I 50 -13.36 -39.88 -15.93
CA PHE I 50 -14.74 -40.21 -15.60
C PHE I 50 -15.52 -40.63 -16.84
N LEU I 51 -15.41 -39.82 -17.91
CA LEU I 51 -16.15 -40.07 -19.14
C LEU I 51 -15.69 -41.36 -19.81
N GLN I 52 -14.38 -41.68 -19.73
CA GLN I 52 -13.91 -42.95 -20.26
C GLN I 52 -14.56 -44.12 -19.50
N ALA I 53 -14.61 -44.01 -18.18
CA ALA I 53 -15.21 -45.05 -17.36
C ALA I 53 -16.69 -45.20 -17.71
N GLN I 54 -17.38 -44.07 -17.87
CA GLN I 54 -18.80 -44.08 -18.19
C GLN I 54 -19.05 -44.80 -19.51
N ASP I 55 -18.23 -44.49 -20.53
CA ASP I 55 -18.33 -45.15 -21.82
C ASP I 55 -17.01 -45.04 -22.56
N SER I 56 -16.32 -46.18 -22.73
CA SER I 56 -14.98 -46.21 -23.30
C SER I 56 -14.97 -45.96 -24.81
N GLU I 57 -16.13 -46.01 -25.47
CA GLU I 57 -16.21 -45.96 -26.93
C GLU I 57 -16.76 -44.63 -27.44
N LYS I 58 -17.69 -44.01 -26.72
CA LYS I 58 -18.40 -42.84 -27.22
C LYS I 58 -17.49 -41.62 -27.21
N ASP I 59 -17.63 -40.77 -28.24
CA ASP I 59 -16.85 -39.55 -28.38
C ASP I 59 -17.05 -38.61 -27.18
N ILE I 60 -15.98 -37.86 -26.88
CA ILE I 60 -15.98 -36.77 -25.92
C ILE I 60 -15.76 -35.47 -26.68
N TYR I 61 -16.37 -34.38 -26.19
CA TYR I 61 -16.27 -33.08 -26.85
C TYR I 61 -15.58 -32.09 -25.92
N LEU I 62 -14.42 -31.58 -26.35
CA LEU I 62 -13.69 -30.61 -25.55
C LEU I 62 -13.78 -29.24 -26.21
N TYR I 63 -14.57 -28.35 -25.58
CA TYR I 63 -14.67 -26.96 -25.97
C TYR I 63 -13.44 -26.22 -25.47
N ILE I 64 -12.85 -25.37 -26.34
CA ILE I 64 -11.66 -24.63 -25.98
C ILE I 64 -11.89 -23.14 -26.27
N ASN I 65 -11.96 -22.37 -25.17
CA ASN I 65 -11.85 -20.93 -25.19
C ASN I 65 -10.83 -20.55 -24.12
N SER I 66 -9.55 -20.52 -24.51
CA SER I 66 -8.48 -20.42 -23.52
C SER I 66 -7.32 -19.59 -24.07
N PRO I 67 -6.73 -18.67 -23.27
CA PRO I 67 -5.48 -18.01 -23.63
C PRO I 67 -4.23 -18.86 -23.39
N GLY I 68 -4.41 -20.12 -22.97
CA GLY I 68 -3.30 -21.00 -22.64
C GLY I 68 -2.94 -20.89 -21.16
N GLY I 69 -1.67 -21.15 -20.84
CA GLY I 69 -1.18 -21.10 -19.48
C GLY I 69 -0.01 -22.06 -19.27
N SER I 70 -0.04 -22.78 -18.14
CA SER I 70 1.05 -23.68 -17.77
C SER I 70 1.21 -24.80 -18.80
N VAL I 71 2.44 -24.99 -19.27
CA VAL I 71 2.75 -26.03 -20.23
C VAL I 71 2.58 -27.41 -19.59
N THR I 72 3.07 -27.58 -18.35
CA THR I 72 2.99 -28.87 -17.69
C THR I 72 1.52 -29.21 -17.41
N ALA I 73 0.74 -28.23 -16.96
CA ALA I 73 -0.69 -28.42 -16.77
C ALA I 73 -1.36 -28.81 -18.09
N GLY I 74 -0.95 -28.16 -19.18
CA GLY I 74 -1.44 -28.48 -20.51
C GLY I 74 -1.09 -29.90 -20.93
N PHE I 75 0.12 -30.36 -20.59
CA PHE I 75 0.55 -31.71 -20.95
C PHE I 75 -0.16 -32.76 -20.09
N ALA I 76 -0.62 -32.38 -18.89
CA ALA I 76 -1.48 -33.25 -18.12
C ALA I 76 -2.75 -33.60 -18.91
N ILE I 77 -3.35 -32.56 -19.52
CA ILE I 77 -4.56 -32.74 -20.32
C ILE I 77 -4.20 -33.49 -21.60
N TYR I 78 -3.14 -33.06 -22.29
CA TYR I 78 -2.71 -33.67 -23.54
C TYR I 78 -2.57 -35.18 -23.36
N ASP I 79 -1.76 -35.59 -22.39
CA ASP I 79 -1.45 -37.00 -22.19
C ASP I 79 -2.71 -37.79 -21.85
N THR I 80 -3.62 -37.20 -21.07
CA THR I 80 -4.84 -37.90 -20.68
C THR I 80 -5.74 -38.12 -21.90
N ILE I 81 -5.80 -37.14 -22.81
CA ILE I 81 -6.55 -37.28 -24.06
C ILE I 81 -6.00 -38.47 -24.85
N GLN I 82 -4.69 -38.50 -25.04
CA GLN I 82 -4.09 -39.55 -25.86
C GLN I 82 -4.23 -40.91 -25.16
N HIS I 83 -4.24 -40.92 -23.82
CA HIS I 83 -4.25 -42.17 -23.06
C HIS I 83 -5.59 -42.90 -23.16
N ILE I 84 -6.70 -42.16 -23.06
CA ILE I 84 -8.02 -42.76 -22.93
C ILE I 84 -8.47 -43.28 -24.30
N LYS I 85 -9.39 -44.26 -24.28
CA LYS I 85 -9.86 -44.92 -25.49
C LYS I 85 -10.76 -44.02 -26.35
N PRO I 86 -11.73 -43.27 -25.78
CA PRO I 86 -12.61 -42.44 -26.60
C PRO I 86 -11.86 -41.40 -27.44
N ASP I 87 -12.35 -41.17 -28.66
CA ASP I 87 -11.94 -39.99 -29.41
C ASP I 87 -12.37 -38.75 -28.65
N VAL I 88 -11.46 -37.78 -28.56
CA VAL I 88 -11.78 -36.49 -27.99
C VAL I 88 -11.82 -35.47 -29.14
N GLN I 89 -13.03 -34.98 -29.44
CA GLN I 89 -13.18 -33.90 -30.39
C GLN I 89 -12.76 -32.60 -29.70
N THR I 90 -12.13 -31.71 -30.46
CA THR I 90 -11.80 -30.37 -29.97
C THR I 90 -12.49 -29.34 -30.85
N ILE I 91 -13.08 -28.32 -30.19
CA ILE I 91 -13.82 -27.28 -30.84
C ILE I 91 -13.38 -25.93 -30.27
N CYS I 92 -12.74 -25.11 -31.12
CA CYS I 92 -12.32 -23.78 -30.72
C CYS I 92 -13.48 -22.81 -30.91
N ILE I 93 -13.83 -22.15 -29.81
CA ILE I 93 -14.85 -21.11 -29.79
C ILE I 93 -14.26 -19.92 -29.05
N GLY I 94 -14.29 -18.75 -29.70
CA GLY I 94 -13.70 -17.55 -29.14
C GLY I 94 -12.22 -17.44 -29.49
N MET I 95 -11.37 -18.06 -28.63
CA MET I 95 -9.92 -17.99 -28.78
C MET I 95 -9.27 -19.27 -28.26
N ALA I 96 -8.29 -19.77 -29.04
CA ALA I 96 -7.34 -20.75 -28.55
C ALA I 96 -5.93 -20.23 -28.82
N ALA I 97 -5.21 -19.91 -27.73
CA ALA I 97 -3.88 -19.32 -27.82
C ALA I 97 -2.89 -20.18 -27.03
N SER I 98 -1.65 -20.26 -27.54
CA SER I 98 -0.56 -20.91 -26.84
C SER I 98 -0.94 -22.36 -26.52
N MET I 99 -0.79 -22.78 -25.25
CA MET I 99 -1.11 -24.15 -24.87
C MET I 99 -2.55 -24.51 -25.24
N GLY I 100 -3.43 -23.51 -25.32
CA GLY I 100 -4.80 -23.71 -25.77
C GLY I 100 -4.86 -24.22 -27.22
N SER I 101 -4.10 -23.60 -28.11
CA SER I 101 -4.05 -24.02 -29.50
C SER I 101 -3.33 -25.35 -29.65
N PHE I 102 -2.38 -25.63 -28.76
CA PHE I 102 -1.71 -26.92 -28.72
C PHE I 102 -2.74 -28.03 -28.45
N LEU I 103 -3.64 -27.77 -27.49
CA LEU I 103 -4.64 -28.77 -27.11
C LEU I 103 -5.70 -28.90 -28.20
N LEU I 104 -6.00 -27.80 -28.90
CA LEU I 104 -6.90 -27.85 -30.04
C LEU I 104 -6.36 -28.84 -31.08
N ALA I 105 -5.06 -28.71 -31.38
CA ALA I 105 -4.39 -29.57 -32.34
C ALA I 105 -4.24 -31.00 -31.83
N ALA I 106 -4.49 -31.23 -30.53
CA ALA I 106 -4.31 -32.53 -29.92
C ALA I 106 -5.55 -33.42 -30.05
N GLY I 107 -6.64 -32.90 -30.61
CA GLY I 107 -7.88 -33.63 -30.70
C GLY I 107 -7.76 -34.80 -31.68
N ALA I 108 -8.73 -35.73 -31.62
CA ALA I 108 -8.76 -36.87 -32.51
C ALA I 108 -8.67 -36.40 -33.95
N LYS I 109 -7.82 -37.07 -34.74
CA LYS I 109 -7.64 -36.73 -36.14
C LYS I 109 -8.98 -36.79 -36.86
N GLY I 110 -9.29 -35.72 -37.60
CA GLY I 110 -10.53 -35.60 -38.33
C GLY I 110 -11.63 -34.92 -37.51
N LYS I 111 -11.40 -34.72 -36.21
CA LYS I 111 -12.44 -34.19 -35.33
C LYS I 111 -11.91 -32.98 -34.56
N ARG I 112 -11.09 -32.17 -35.22
CA ARG I 112 -10.62 -30.91 -34.67
C ARG I 112 -11.31 -29.78 -35.44
N PHE I 113 -11.99 -28.89 -34.71
CA PHE I 113 -12.86 -27.90 -35.29
C PHE I 113 -12.57 -26.52 -34.71
N ALA I 114 -12.92 -25.49 -35.49
CA ALA I 114 -13.14 -24.15 -34.97
C ALA I 114 -14.39 -23.57 -35.63
N LEU I 115 -15.12 -22.73 -34.88
CA LEU I 115 -16.21 -21.98 -35.45
C LEU I 115 -15.64 -20.80 -36.24
N PRO I 116 -16.37 -20.28 -37.26
CA PRO I 116 -15.78 -19.38 -38.27
C PRO I 116 -15.01 -18.15 -37.78
N ASN I 117 -15.44 -17.55 -36.66
CA ASN I 117 -14.86 -16.30 -36.18
C ASN I 117 -13.93 -16.55 -34.99
N ALA I 118 -13.68 -17.83 -34.67
CA ALA I 118 -12.74 -18.17 -33.62
C ALA I 118 -11.32 -17.79 -34.05
N GLU I 119 -10.51 -17.41 -33.05
CA GLU I 119 -9.14 -16.96 -33.26
C GLU I 119 -8.20 -18.03 -32.72
N VAL I 120 -7.17 -18.38 -33.50
CA VAL I 120 -6.16 -19.32 -33.06
C VAL I 120 -4.80 -18.60 -33.07
N MET I 121 -4.04 -18.69 -31.98
CA MET I 121 -2.73 -18.05 -31.93
C MET I 121 -1.68 -19.05 -31.45
N ILE I 122 -0.55 -19.09 -32.15
CA ILE I 122 0.58 -19.94 -31.79
C ILE I 122 1.80 -19.04 -31.54
N HIS I 123 2.61 -19.43 -30.54
CA HIS I 123 3.85 -18.74 -30.24
C HIS I 123 4.74 -19.64 -29.40
N GLN I 124 5.98 -19.20 -29.18
CA GLN I 124 6.93 -19.98 -28.39
C GLN I 124 6.56 -19.86 -26.91
N PRO I 125 6.97 -20.83 -26.07
CA PRO I 125 6.69 -20.78 -24.64
C PRO I 125 7.40 -19.61 -23.94
N LEU I 126 6.78 -19.14 -22.85
CA LEU I 126 7.27 -18.03 -22.05
C LEU I 126 7.75 -18.58 -20.71
N GLY I 127 8.69 -17.88 -20.08
CA GLY I 127 9.17 -18.28 -18.77
C GLY I 127 10.04 -17.23 -18.10
N GLY I 128 10.71 -17.66 -17.03
CA GLY I 128 11.54 -16.76 -16.25
C GLY I 128 12.57 -17.53 -15.45
N ALA I 129 13.64 -16.81 -15.07
CA ALA I 129 14.71 -17.38 -14.26
C ALA I 129 15.49 -16.24 -13.64
N GLN I 130 15.76 -16.36 -12.33
CA GLN I 130 16.69 -15.45 -11.66
C GLN I 130 17.58 -16.29 -10.74
N GLY I 131 18.74 -15.71 -10.39
CA GLY I 131 19.71 -16.38 -9.54
C GLY I 131 21.07 -16.46 -10.24
N GLN I 132 21.81 -17.51 -9.89
CA GLN I 132 23.17 -17.72 -10.37
C GLN I 132 23.17 -18.09 -11.85
N ALA I 133 24.29 -17.81 -12.52
CA ALA I 133 24.47 -18.17 -13.92
C ALA I 133 24.09 -19.62 -14.18
N THR I 134 24.48 -20.55 -13.28
CA THR I 134 24.23 -21.98 -13.48
C THR I 134 22.74 -22.27 -13.38
N GLU I 135 22.03 -21.53 -12.51
CA GLU I 135 20.60 -21.67 -12.36
C GLU I 135 19.90 -21.14 -13.62
N ILE I 136 20.39 -20.02 -14.16
CA ILE I 136 19.86 -19.46 -15.39
C ILE I 136 20.04 -20.47 -16.52
N GLU I 137 21.22 -21.09 -16.59
CA GLU I 137 21.53 -22.08 -17.59
C GLU I 137 20.52 -23.23 -17.55
N ILE I 138 20.28 -23.77 -16.35
CA ILE I 138 19.37 -24.89 -16.17
C ILE I 138 17.97 -24.51 -16.66
N ALA I 139 17.51 -23.32 -16.27
CA ALA I 139 16.20 -22.84 -16.66
C ALA I 139 16.11 -22.67 -18.16
N ALA I 140 17.17 -22.13 -18.78
CA ALA I 140 17.20 -21.91 -20.22
C ALA I 140 17.10 -23.24 -20.97
N ASN I 141 17.95 -24.20 -20.56
CA ASN I 141 17.98 -25.52 -21.18
C ASN I 141 16.62 -26.19 -21.04
N HIS I 142 15.95 -25.99 -19.91
CA HIS I 142 14.65 -26.59 -19.64
C HIS I 142 13.60 -26.05 -20.60
N ILE I 143 13.53 -24.73 -20.77
CA ILE I 143 12.48 -24.16 -21.61
C ILE I 143 12.76 -24.43 -23.08
N LEU I 144 14.05 -24.55 -23.46
CA LEU I 144 14.41 -24.87 -24.84
C LEU I 144 13.99 -26.31 -25.17
N LYS I 145 14.27 -27.25 -24.26
CA LYS I 145 13.83 -28.63 -24.41
C LYS I 145 12.30 -28.71 -24.47
N THR I 146 11.65 -27.91 -23.62
CA THR I 146 10.19 -27.85 -23.60
C THR I 146 9.66 -27.41 -24.96
N ARG I 147 10.30 -26.38 -25.55
CA ARG I 147 9.88 -25.89 -26.86
C ARG I 147 10.08 -26.95 -27.93
N GLU I 148 11.23 -27.64 -27.90
CA GLU I 148 11.50 -28.71 -28.86
C GLU I 148 10.42 -29.78 -28.76
N LYS I 149 10.00 -30.10 -27.53
CA LYS I 149 8.99 -31.11 -27.30
C LYS I 149 7.66 -30.70 -27.94
N LEU I 150 7.24 -29.46 -27.67
CA LEU I 150 6.01 -28.90 -28.21
C LEU I 150 6.04 -28.89 -29.74
N ASN I 151 7.17 -28.44 -30.30
CA ASN I 151 7.30 -28.28 -31.74
C ASN I 151 7.23 -29.63 -32.45
N ARG I 152 7.84 -30.65 -31.84
CA ARG I 152 7.87 -31.98 -32.40
C ARG I 152 6.44 -32.53 -32.50
N ILE I 153 5.67 -32.38 -31.42
CA ILE I 153 4.31 -32.86 -31.39
C ILE I 153 3.44 -32.05 -32.37
N LEU I 154 3.61 -30.71 -32.37
CA LEU I 154 2.87 -29.87 -33.32
C LEU I 154 3.13 -30.32 -34.76
N SER I 155 4.39 -30.64 -35.07
CA SER I 155 4.77 -31.13 -36.38
C SER I 155 4.00 -32.41 -36.72
N GLU I 156 3.99 -33.37 -35.78
CA GLU I 156 3.30 -34.63 -35.97
C GLU I 156 1.79 -34.43 -36.16
N ARG I 157 1.22 -33.45 -35.45
CA ARG I 157 -0.23 -33.23 -35.45
C ARG I 157 -0.68 -32.42 -36.66
N THR I 158 0.19 -31.54 -37.18
CA THR I 158 -0.18 -30.63 -38.25
C THR I 158 0.30 -31.12 -39.61
N GLY I 159 1.38 -31.90 -39.62
CA GLY I 159 2.04 -32.30 -40.86
C GLY I 159 3.02 -31.24 -41.38
N GLN I 160 3.24 -30.16 -40.61
CA GLN I 160 4.26 -29.18 -40.94
C GLN I 160 5.61 -29.65 -40.42
N SER I 161 6.69 -29.24 -41.07
CA SER I 161 8.03 -29.53 -40.61
C SER I 161 8.30 -28.82 -39.28
N ILE I 162 9.23 -29.37 -38.49
CA ILE I 162 9.66 -28.74 -37.26
C ILE I 162 10.29 -27.38 -37.58
N GLU I 163 11.01 -27.29 -38.70
CA GLU I 163 11.69 -26.06 -39.10
C GLU I 163 10.65 -24.96 -39.32
N LYS I 164 9.53 -25.30 -39.96
CA LYS I 164 8.47 -24.34 -40.24
C LYS I 164 7.77 -23.93 -38.95
N ILE I 165 7.51 -24.89 -38.05
CA ILE I 165 6.86 -24.62 -36.78
C ILE I 165 7.71 -23.61 -35.98
N GLN I 166 9.02 -23.85 -35.95
CA GLN I 166 9.96 -23.00 -35.22
C GLN I 166 9.84 -21.55 -35.73
N LYS I 167 9.93 -21.37 -37.05
CA LYS I 167 9.83 -20.05 -37.66
C LYS I 167 8.49 -19.41 -37.32
N ASP I 168 7.40 -20.18 -37.45
CA ASP I 168 6.06 -19.65 -37.37
C ASP I 168 5.64 -19.36 -35.93
N THR I 169 6.42 -19.83 -34.94
CA THR I 169 6.09 -19.60 -33.54
C THR I 169 7.08 -18.65 -32.88
N ASP I 170 8.02 -18.09 -33.66
CA ASP I 170 9.04 -17.21 -33.11
C ASP I 170 8.39 -16.00 -32.44
N ARG I 171 7.36 -15.47 -33.09
CA ARG I 171 6.56 -14.37 -32.57
C ARG I 171 5.10 -14.80 -32.56
N ASP I 172 4.25 -14.01 -31.88
CA ASP I 172 2.82 -14.23 -31.86
C ASP I 172 2.31 -14.33 -33.31
N ASN I 173 1.59 -15.41 -33.59
CA ASN I 173 1.09 -15.70 -34.92
C ASN I 173 -0.41 -15.97 -34.81
N PHE I 174 -1.22 -14.99 -35.23
CA PHE I 174 -2.67 -15.08 -35.15
C PHE I 174 -3.23 -15.69 -36.43
N LEU I 175 -4.07 -16.72 -36.28
CA LEU I 175 -4.70 -17.37 -37.42
C LEU I 175 -6.22 -17.25 -37.31
N THR I 176 -6.87 -17.07 -38.46
CA THR I 176 -8.31 -17.28 -38.57
C THR I 176 -8.58 -18.77 -38.50
N ALA I 177 -9.85 -19.12 -38.29
CA ALA I 177 -10.27 -20.52 -38.31
C ALA I 177 -9.79 -21.17 -39.60
N GLU I 178 -10.02 -20.50 -40.73
CA GLU I 178 -9.73 -21.03 -42.05
C GLU I 178 -8.23 -21.25 -42.22
N GLU I 179 -7.42 -20.30 -41.73
CA GLU I 179 -5.97 -20.40 -41.75
C GLU I 179 -5.49 -21.55 -40.86
N ALA I 180 -6.14 -21.73 -39.69
CA ALA I 180 -5.82 -22.84 -38.80
C ALA I 180 -6.03 -24.18 -39.50
N LYS I 181 -7.08 -24.26 -40.33
CA LYS I 181 -7.37 -25.45 -41.11
C LYS I 181 -6.27 -25.68 -42.15
N GLU I 182 -5.90 -24.63 -42.89
CA GLU I 182 -4.86 -24.73 -43.90
C GLU I 182 -3.56 -25.20 -43.24
N TYR I 183 -3.32 -24.74 -42.00
CA TYR I 183 -2.09 -25.03 -41.29
C TYR I 183 -2.05 -26.47 -40.81
N GLY I 184 -3.22 -27.07 -40.58
CA GLY I 184 -3.32 -28.44 -40.06
C GLY I 184 -3.57 -28.49 -38.56
N LEU I 185 -3.88 -27.33 -37.94
CA LEU I 185 -4.17 -27.27 -36.52
C LEU I 185 -5.58 -27.80 -36.25
N ILE I 186 -6.48 -27.61 -37.22
CA ILE I 186 -7.82 -28.16 -37.17
C ILE I 186 -8.09 -28.88 -38.49
N ASP I 187 -9.19 -29.65 -38.51
CA ASP I 187 -9.56 -30.43 -39.68
C ASP I 187 -10.62 -29.69 -40.50
N GLU I 188 -11.56 -29.03 -39.82
CA GLU I 188 -12.66 -28.35 -40.52
C GLU I 188 -13.08 -27.11 -39.73
N VAL I 189 -13.53 -26.10 -40.47
CA VAL I 189 -14.28 -24.99 -39.91
C VAL I 189 -15.74 -25.43 -39.83
N MET I 190 -16.32 -25.38 -38.63
CA MET I 190 -17.68 -25.86 -38.40
C MET I 190 -18.67 -24.81 -38.86
N VAL I 191 -19.42 -25.13 -39.94
CA VAL I 191 -20.36 -24.21 -40.56
C VAL I 191 -21.67 -24.30 -39.77
N PRO I 192 -22.50 -23.23 -39.71
CA PRO I 192 -23.80 -23.29 -39.04
C PRO I 192 -24.65 -24.55 -39.29
N ILE J 4 -15.81 -27.02 -9.81
CA ILE J 4 -15.79 -28.52 -9.71
C ILE J 4 -17.15 -29.04 -10.17
N PRO J 5 -17.24 -29.75 -11.32
CA PRO J 5 -18.53 -30.26 -11.79
C PRO J 5 -19.09 -31.38 -10.92
N THR J 6 -20.41 -31.60 -11.05
CA THR J 6 -21.12 -32.63 -10.31
C THR J 6 -21.50 -33.78 -11.24
N VAL J 7 -21.54 -35.00 -10.69
CA VAL J 7 -22.04 -36.17 -11.39
C VAL J 7 -23.09 -36.85 -10.53
N ILE J 8 -24.24 -37.19 -11.14
CA ILE J 8 -25.41 -37.62 -10.39
C ILE J 8 -25.29 -39.12 -10.09
N TYR J 18 -22.34 -36.38 -6.30
CA TYR J 18 -20.85 -36.36 -6.18
C TYR J 18 -20.27 -35.23 -7.00
N ASP J 19 -19.44 -34.39 -6.37
CA ASP J 19 -18.46 -33.61 -7.11
C ASP J 19 -17.46 -34.58 -7.73
N ILE J 20 -16.80 -34.14 -8.80
CA ILE J 20 -16.01 -35.05 -9.63
C ILE J 20 -14.92 -35.72 -8.80
N TYR J 21 -14.30 -34.98 -7.87
CA TYR J 21 -13.20 -35.53 -7.08
C TYR J 21 -13.74 -36.60 -6.14
N SER J 22 -14.91 -36.36 -5.55
CA SER J 22 -15.56 -37.33 -4.68
C SER J 22 -15.98 -38.57 -5.47
N ARG J 23 -16.40 -38.39 -6.73
CA ARG J 23 -16.79 -39.52 -7.57
C ARG J 23 -15.57 -40.39 -7.88
N LEU J 24 -14.40 -39.76 -8.07
CA LEU J 24 -13.17 -40.50 -8.33
C LEU J 24 -12.76 -41.25 -7.07
N LEU J 25 -12.97 -40.65 -5.89
CA LEU J 25 -12.59 -41.26 -4.63
C LEU J 25 -13.41 -42.54 -4.40
N LYS J 26 -14.65 -42.54 -4.91
CA LYS J 26 -15.51 -43.72 -4.87
C LYS J 26 -14.82 -44.90 -5.55
N ASP J 27 -14.04 -44.63 -6.62
CA ASP J 27 -13.32 -45.68 -7.33
C ASP J 27 -11.87 -45.76 -6.87
N ARG J 28 -11.60 -45.27 -5.65
CA ARG J 28 -10.32 -45.44 -4.97
C ARG J 28 -9.22 -44.65 -5.68
N ILE J 29 -9.56 -43.49 -6.25
CA ILE J 29 -8.61 -42.60 -6.89
C ILE J 29 -8.47 -41.34 -6.04
N ILE J 30 -7.24 -41.02 -5.63
CA ILE J 30 -6.94 -39.81 -4.89
C ILE J 30 -6.16 -38.86 -5.80
N MET J 31 -6.57 -37.58 -5.80
CA MET J 31 -5.95 -36.58 -6.66
C MET J 31 -5.08 -35.67 -5.79
N LEU J 32 -3.76 -35.75 -5.99
CA LEU J 32 -2.83 -34.77 -5.44
C LEU J 32 -2.44 -33.81 -6.55
N GLY J 33 -3.18 -32.69 -6.66
CA GLY J 33 -3.10 -31.81 -7.80
C GLY J 33 -2.71 -30.38 -7.44
N SER J 34 -1.94 -30.23 -6.35
CA SER J 34 -1.58 -28.90 -5.87
C SER J 34 -0.27 -28.96 -5.10
N GLN J 35 0.17 -27.78 -4.65
CA GLN J 35 1.25 -27.65 -3.69
C GLN J 35 0.90 -28.45 -2.43
N ILE J 36 1.91 -29.13 -1.87
CA ILE J 36 1.72 -29.94 -0.69
C ILE J 36 1.86 -29.05 0.54
N ASP J 37 0.74 -28.86 1.26
CA ASP J 37 0.75 -28.21 2.57
C ASP J 37 0.02 -29.11 3.56
N ASP J 38 -0.11 -28.65 4.80
CA ASP J 38 -0.65 -29.47 5.88
C ASP J 38 -2.11 -29.82 5.58
N ASN J 39 -2.86 -28.89 4.98
CA ASN J 39 -4.26 -29.13 4.64
C ASN J 39 -4.36 -30.27 3.64
N VAL J 40 -3.60 -30.16 2.55
CA VAL J 40 -3.58 -31.17 1.51
C VAL J 40 -3.19 -32.52 2.11
N ALA J 41 -2.17 -32.54 2.96
CA ALA J 41 -1.71 -33.78 3.57
C ALA J 41 -2.80 -34.40 4.45
N ASN J 42 -3.49 -33.56 5.24
CA ASN J 42 -4.53 -34.04 6.13
C ASN J 42 -5.66 -34.69 5.34
N SER J 43 -5.98 -34.08 4.18
CA SER J 43 -7.02 -34.59 3.31
C SER J 43 -6.62 -35.96 2.75
N ILE J 44 -5.40 -36.05 2.21
CA ILE J 44 -4.96 -37.27 1.54
C ILE J 44 -4.79 -38.41 2.55
N VAL J 45 -4.26 -38.09 3.74
CA VAL J 45 -4.10 -39.07 4.81
C VAL J 45 -5.47 -39.65 5.19
N SER J 46 -6.48 -38.79 5.27
CA SER J 46 -7.83 -39.21 5.65
C SER J 46 -8.44 -40.11 4.58
N GLN J 47 -8.20 -39.77 3.31
CA GLN J 47 -8.74 -40.53 2.19
C GLN J 47 -8.12 -41.92 2.18
N LEU J 48 -6.79 -41.99 2.35
CA LEU J 48 -6.07 -43.25 2.38
C LEU J 48 -6.63 -44.15 3.49
N LEU J 49 -6.82 -43.58 4.68
CA LEU J 49 -7.30 -44.37 5.81
C LEU J 49 -8.73 -44.83 5.55
N PHE J 50 -9.56 -43.96 4.98
CA PHE J 50 -10.93 -44.30 4.65
C PHE J 50 -10.97 -45.46 3.66
N LEU J 51 -10.18 -45.34 2.57
CA LEU J 51 -10.17 -46.35 1.52
C LEU J 51 -9.70 -47.69 2.08
N GLN J 52 -8.72 -47.69 2.98
CA GLN J 52 -8.25 -48.92 3.61
C GLN J 52 -9.40 -49.57 4.37
N ALA J 53 -10.21 -48.76 5.06
CA ALA J 53 -11.29 -49.26 5.90
C ALA J 53 -12.41 -49.85 5.05
N GLN J 54 -12.65 -49.24 3.87
CA GLN J 54 -13.63 -49.74 2.92
C GLN J 54 -13.19 -51.10 2.37
N ASP J 55 -11.90 -51.24 2.07
CA ASP J 55 -11.37 -52.45 1.46
C ASP J 55 -9.85 -52.46 1.63
N SER J 56 -9.34 -53.44 2.39
CA SER J 56 -7.94 -53.50 2.75
C SER J 56 -7.12 -54.25 1.70
N GLU J 57 -7.77 -54.75 0.65
CA GLU J 57 -7.10 -55.58 -0.34
C GLU J 57 -6.97 -54.87 -1.69
N LYS J 58 -7.97 -54.06 -2.09
CA LYS J 58 -7.99 -53.45 -3.41
C LYS J 58 -6.99 -52.31 -3.49
N ASP J 59 -6.37 -52.14 -4.67
CA ASP J 59 -5.40 -51.10 -4.91
C ASP J 59 -6.05 -49.72 -4.79
N ILE J 60 -5.22 -48.74 -4.46
CA ILE J 60 -5.55 -47.32 -4.46
C ILE J 60 -4.72 -46.65 -5.55
N TYR J 61 -5.23 -45.55 -6.11
CA TYR J 61 -4.56 -44.84 -7.19
C TYR J 61 -4.32 -43.40 -6.77
N LEU J 62 -3.04 -43.02 -6.64
CA LEU J 62 -2.67 -41.65 -6.32
C LEU J 62 -2.17 -40.93 -7.56
N TYR J 63 -2.99 -39.99 -8.05
CA TYR J 63 -2.63 -39.09 -9.13
C TYR J 63 -1.74 -37.98 -8.56
N ILE J 64 -0.66 -37.66 -9.27
CA ILE J 64 0.28 -36.63 -8.82
C ILE J 64 0.54 -35.66 -9.97
N ASN J 65 0.03 -34.44 -9.79
CA ASN J 65 0.43 -33.27 -10.55
C ASN J 65 0.72 -32.14 -9.56
N SER J 66 1.97 -32.06 -9.10
CA SER J 66 2.28 -31.24 -7.94
C SER J 66 3.70 -30.68 -8.03
N PRO J 67 3.90 -29.38 -7.70
CA PRO J 67 5.24 -28.79 -7.62
C PRO J 67 5.98 -29.09 -6.33
N GLY J 68 5.37 -29.91 -5.46
CA GLY J 68 5.95 -30.24 -4.17
C GLY J 68 5.38 -29.33 -3.07
N GLY J 69 6.20 -29.07 -2.05
CA GLY J 69 5.81 -28.24 -0.93
C GLY J 69 6.47 -28.72 0.36
N SER J 70 5.69 -28.70 1.46
CA SER J 70 6.20 -28.97 2.79
C SER J 70 6.71 -30.41 2.90
N VAL J 71 7.91 -30.57 3.47
CA VAL J 71 8.52 -31.88 3.61
C VAL J 71 7.78 -32.67 4.69
N THR J 72 7.40 -32.02 5.80
CA THR J 72 6.71 -32.71 6.88
C THR J 72 5.32 -33.16 6.41
N ALA J 73 4.62 -32.29 5.68
CA ALA J 73 3.34 -32.64 5.08
C ALA J 73 3.51 -33.83 4.14
N GLY J 74 4.56 -33.80 3.32
CA GLY J 74 4.86 -34.89 2.41
C GLY J 74 5.07 -36.21 3.15
N PHE J 75 5.75 -36.16 4.30
CA PHE J 75 6.04 -37.36 5.06
C PHE J 75 4.79 -37.89 5.78
N ALA J 76 3.81 -37.02 6.04
CA ALA J 76 2.52 -37.44 6.55
C ALA J 76 1.85 -38.38 5.54
N ILE J 77 1.93 -37.99 4.25
CA ILE J 77 1.37 -38.78 3.17
C ILE J 77 2.20 -40.06 3.01
N TYR J 78 3.53 -39.89 2.97
CA TYR J 78 4.45 -40.99 2.75
C TYR J 78 4.21 -42.10 3.76
N ASP J 79 4.21 -41.75 5.05
CA ASP J 79 4.12 -42.72 6.12
C ASP J 79 2.76 -43.41 6.11
N THR J 80 1.70 -42.68 5.76
CA THR J 80 0.36 -43.25 5.70
C THR J 80 0.28 -44.27 4.56
N ILE J 81 0.89 -43.94 3.42
CA ILE J 81 0.96 -44.87 2.30
C ILE J 81 1.60 -46.18 2.75
N GLN J 82 2.73 -46.10 3.46
CA GLN J 82 3.48 -47.30 3.81
C GLN J 82 2.78 -48.05 4.94
N HIS J 83 1.96 -47.35 5.75
CA HIS J 83 1.29 -47.96 6.88
C HIS J 83 0.14 -48.87 6.43
N ILE J 84 -0.65 -48.42 5.45
CA ILE J 84 -1.88 -49.10 5.09
C ILE J 84 -1.57 -50.36 4.29
N LYS J 85 -2.51 -51.31 4.29
CA LYS J 85 -2.35 -52.62 3.67
C LYS J 85 -2.40 -52.51 2.15
N PRO J 86 -3.41 -51.82 1.56
CA PRO J 86 -3.52 -51.76 0.11
C PRO J 86 -2.28 -51.17 -0.56
N ASP J 87 -1.93 -51.71 -1.73
CA ASP J 87 -0.96 -51.07 -2.60
C ASP J 87 -1.50 -49.71 -3.04
N VAL J 88 -0.64 -48.69 -3.03
CA VAL J 88 -0.99 -47.40 -3.57
C VAL J 88 -0.19 -47.20 -4.86
N GLN J 89 -0.88 -47.25 -5.99
CA GLN J 89 -0.28 -46.93 -7.27
C GLN J 89 -0.08 -45.41 -7.36
N THR J 90 0.99 -44.99 -8.03
CA THR J 90 1.24 -43.57 -8.27
C THR J 90 1.35 -43.33 -9.77
N ILE J 91 0.74 -42.24 -10.23
CA ILE J 91 0.82 -41.88 -11.63
C ILE J 91 1.09 -40.38 -11.76
N CYS J 92 2.22 -40.06 -12.39
CA CYS J 92 2.60 -38.68 -12.62
C CYS J 92 1.97 -38.20 -13.93
N ILE J 93 1.17 -37.15 -13.81
CA ILE J 93 0.56 -36.48 -14.95
C ILE J 93 0.86 -34.98 -14.85
N GLY J 94 1.42 -34.42 -15.92
CA GLY J 94 1.86 -33.03 -15.92
C GLY J 94 3.26 -32.86 -15.33
N MET J 95 3.33 -32.75 -14.01
CA MET J 95 4.58 -32.45 -13.32
CA MET J 95 4.58 -32.44 -13.32
C MET J 95 4.58 -33.08 -11.93
N ALA J 96 5.71 -33.69 -11.57
CA ALA J 96 5.96 -34.06 -10.18
C ALA J 96 7.32 -33.51 -9.79
N ALA J 97 7.32 -32.48 -8.94
CA ALA J 97 8.56 -31.82 -8.56
C ALA J 97 8.75 -31.91 -7.05
N SER J 98 10.03 -32.00 -6.65
CA SER J 98 10.43 -31.91 -5.26
C SER J 98 9.71 -32.98 -4.43
N MET J 99 8.96 -32.59 -3.39
CA MET J 99 8.26 -33.58 -2.56
C MET J 99 7.27 -34.38 -3.40
N GLY J 100 6.76 -33.78 -4.49
CA GLY J 100 5.87 -34.47 -5.41
C GLY J 100 6.53 -35.68 -6.08
N SER J 101 7.79 -35.53 -6.48
CA SER J 101 8.52 -36.62 -7.11
C SER J 101 8.89 -37.67 -6.08
N PHE J 102 9.09 -37.24 -4.82
CA PHE J 102 9.35 -38.14 -3.72
C PHE J 102 8.16 -39.07 -3.50
N LEU J 103 6.94 -38.51 -3.53
CA LEU J 103 5.74 -39.29 -3.31
C LEU J 103 5.48 -40.19 -4.52
N LEU J 104 5.83 -39.72 -5.71
CA LEU J 104 5.73 -40.54 -6.91
C LEU J 104 6.56 -41.82 -6.73
N ALA J 105 7.76 -41.66 -6.18
CA ALA J 105 8.69 -42.77 -6.02
C ALA J 105 8.27 -43.69 -4.86
N ALA J 106 7.33 -43.23 -4.04
CA ALA J 106 6.93 -43.92 -2.82
C ALA J 106 5.77 -44.87 -3.06
N GLY J 107 5.25 -44.91 -4.29
CA GLY J 107 4.19 -45.84 -4.66
C GLY J 107 4.65 -47.29 -4.56
N ALA J 108 3.68 -48.21 -4.62
CA ALA J 108 3.95 -49.64 -4.55
C ALA J 108 4.90 -50.05 -5.67
N LYS J 109 5.90 -50.89 -5.31
CA LYS J 109 6.89 -51.37 -6.26
C LYS J 109 6.19 -52.06 -7.43
N GLY J 110 6.50 -51.59 -8.64
CA GLY J 110 5.91 -52.13 -9.86
C GLY J 110 4.68 -51.36 -10.32
N LYS J 111 4.20 -50.41 -9.50
CA LYS J 111 2.95 -49.72 -9.77
C LYS J 111 3.15 -48.21 -9.65
N ARG J 112 4.33 -47.74 -10.09
CA ARG J 112 4.62 -46.33 -10.18
C ARG J 112 4.75 -45.98 -11.67
N PHE J 113 3.94 -45.01 -12.11
CA PHE J 113 3.82 -44.69 -13.53
C PHE J 113 3.98 -43.20 -13.78
N ALA J 114 4.35 -42.88 -15.03
CA ALA J 114 4.22 -41.53 -15.56
C ALA J 114 3.69 -41.62 -16.99
N LEU J 115 2.89 -40.64 -17.40
CA LEU J 115 2.47 -40.54 -18.78
C LEU J 115 3.61 -39.94 -19.59
N PRO J 116 3.66 -40.16 -20.93
CA PRO J 116 4.86 -39.92 -21.73
C PRO J 116 5.47 -38.52 -21.69
N ASN J 117 4.63 -37.48 -21.57
CA ASN J 117 5.10 -36.11 -21.63
C ASN J 117 5.13 -35.49 -20.23
N ALA J 118 4.87 -36.28 -19.19
CA ALA J 118 4.95 -35.79 -17.83
C ALA J 118 6.40 -35.46 -17.49
N GLU J 119 6.56 -34.47 -16.59
CA GLU J 119 7.86 -33.96 -16.19
C GLU J 119 8.11 -34.35 -14.73
N VAL J 120 9.33 -34.82 -14.44
CA VAL J 120 9.71 -35.15 -13.08
C VAL J 120 10.96 -34.34 -12.72
N MET J 121 10.92 -33.63 -11.59
CA MET J 121 12.08 -32.85 -11.18
C MET J 121 12.46 -33.18 -9.75
N ILE J 122 13.77 -33.34 -9.52
CA ILE J 122 14.31 -33.60 -8.19
C ILE J 122 15.32 -32.49 -7.87
N HIS J 123 15.33 -32.06 -6.60
CA HIS J 123 16.29 -31.08 -6.12
C HIS J 123 16.42 -31.20 -4.60
N GLN J 124 17.34 -30.42 -4.01
CA GLN J 124 17.55 -30.50 -2.58
C GLN J 124 16.51 -29.63 -1.87
N PRO J 125 16.19 -29.92 -0.59
CA PRO J 125 15.20 -29.14 0.15
C PRO J 125 15.57 -27.66 0.30
N LEU J 126 14.54 -26.81 0.34
CA LEU J 126 14.68 -25.37 0.49
C LEU J 126 14.24 -25.00 1.89
N GLY J 127 14.85 -23.95 2.44
CA GLY J 127 14.49 -23.49 3.77
C GLY J 127 15.08 -22.11 4.08
N GLY J 128 15.00 -21.74 5.35
CA GLY J 128 15.46 -20.44 5.81
C GLY J 128 15.80 -20.47 7.29
N ALA J 129 16.53 -19.46 7.73
CA ALA J 129 16.90 -19.32 9.13
C ALA J 129 17.40 -17.89 9.35
N GLN J 130 16.91 -17.25 10.41
CA GLN J 130 17.41 -15.96 10.84
C GLN J 130 17.51 -15.93 12.37
N GLY J 131 18.36 -15.04 12.88
CA GLY J 131 18.57 -14.90 14.31
C GLY J 131 20.04 -15.07 14.68
N GLN J 132 20.27 -15.58 15.90
CA GLN J 132 21.61 -15.74 16.45
C GLN J 132 22.34 -16.87 15.72
N ALA J 133 23.67 -16.86 15.81
CA ALA J 133 24.50 -17.89 15.19
C ALA J 133 24.06 -19.29 15.60
N THR J 134 23.75 -19.48 16.88
CA THR J 134 23.41 -20.80 17.40
C THR J 134 22.08 -21.26 16.81
N GLU J 135 21.16 -20.31 16.58
CA GLU J 135 19.87 -20.59 15.97
C GLU J 135 20.06 -20.98 14.50
N ILE J 136 20.95 -20.27 13.79
CA ILE J 136 21.27 -20.58 12.41
C ILE J 136 21.87 -21.99 12.34
N GLU J 137 22.76 -22.30 13.28
CA GLU J 137 23.40 -23.60 13.35
C GLU J 137 22.35 -24.71 13.48
N ILE J 138 21.38 -24.49 14.38
CA ILE J 138 20.34 -25.49 14.65
C ILE J 138 19.50 -25.69 13.40
N ALA J 139 19.14 -24.60 12.73
CA ALA J 139 18.34 -24.66 11.51
C ALA J 139 19.12 -25.41 10.40
N ALA J 140 20.41 -25.11 10.27
CA ALA J 140 21.25 -25.71 9.25
C ALA J 140 21.34 -27.22 9.48
N ASN J 141 21.63 -27.62 10.73
CA ASN J 141 21.72 -29.03 11.09
C ASN J 141 20.38 -29.73 10.79
N HIS J 142 19.26 -29.05 11.05
CA HIS J 142 17.94 -29.63 10.88
C HIS J 142 17.66 -29.93 9.40
N ILE J 143 17.93 -28.97 8.51
CA ILE J 143 17.63 -29.16 7.10
C ILE J 143 18.61 -30.17 6.48
N LEU J 144 19.86 -30.19 6.99
CA LEU J 144 20.85 -31.14 6.49
C LEU J 144 20.46 -32.57 6.89
N LYS J 145 19.90 -32.75 8.09
CA LYS J 145 19.41 -34.05 8.52
C LYS J 145 18.20 -34.44 7.68
N THR J 146 17.31 -33.48 7.41
CA THR J 146 16.12 -33.73 6.61
C THR J 146 16.53 -34.22 5.23
N ARG J 147 17.56 -33.60 4.64
CA ARG J 147 18.02 -34.00 3.31
C ARG J 147 18.57 -35.42 3.33
N GLU J 148 19.35 -35.76 4.38
CA GLU J 148 19.88 -37.11 4.51
C GLU J 148 18.73 -38.12 4.58
N LYS J 149 17.65 -37.77 5.29
CA LYS J 149 16.51 -38.65 5.46
C LYS J 149 15.80 -38.87 4.12
N LEU J 150 15.57 -37.77 3.38
CA LEU J 150 14.94 -37.85 2.07
C LEU J 150 15.79 -38.71 1.14
N ASN J 151 17.09 -38.42 1.11
CA ASN J 151 18.01 -39.08 0.19
C ASN J 151 18.07 -40.58 0.47
N ARG J 152 18.05 -40.96 1.75
CA ARG J 152 18.14 -42.36 2.14
C ARG J 152 16.93 -43.11 1.60
N ILE J 153 15.74 -42.53 1.74
CA ILE J 153 14.51 -43.17 1.31
C ILE J 153 14.45 -43.20 -0.23
N LEU J 154 14.82 -42.10 -0.90
CA LEU J 154 14.90 -42.10 -2.36
C LEU J 154 15.83 -43.21 -2.84
N SER J 155 16.97 -43.38 -2.17
CA SER J 155 17.93 -44.42 -2.51
C SER J 155 17.26 -45.80 -2.43
N GLU J 156 16.49 -46.04 -1.36
CA GLU J 156 15.84 -47.33 -1.15
C GLU J 156 14.79 -47.56 -2.23
N ARG J 157 14.12 -46.48 -2.65
CA ARG J 157 12.97 -46.54 -3.54
C ARG J 157 13.39 -46.64 -5.00
N THR J 158 14.51 -45.99 -5.36
CA THR J 158 14.95 -45.93 -6.75
C THR J 158 15.97 -47.03 -7.07
N GLY J 159 16.73 -47.46 -6.05
CA GLY J 159 17.88 -48.33 -6.28
C GLY J 159 19.15 -47.55 -6.63
N GLN J 160 19.09 -46.21 -6.63
CA GLN J 160 20.29 -45.40 -6.80
C GLN J 160 20.98 -45.22 -5.43
N SER J 161 22.29 -44.99 -5.47
CA SER J 161 23.07 -44.75 -4.26
C SER J 161 22.71 -43.40 -3.65
N ILE J 162 22.96 -43.28 -2.35
CA ILE J 162 22.83 -42.01 -1.67
C ILE J 162 23.80 -41.00 -2.27
N GLU J 163 25.01 -41.46 -2.66
CA GLU J 163 26.03 -40.58 -3.20
C GLU J 163 25.53 -39.97 -4.52
N LYS J 164 24.87 -40.79 -5.33
CA LYS J 164 24.37 -40.34 -6.63
C LYS J 164 23.19 -39.39 -6.42
N ILE J 165 22.27 -39.72 -5.50
CA ILE J 165 21.13 -38.88 -5.20
C ILE J 165 21.62 -37.49 -4.77
N GLN J 166 22.63 -37.46 -3.89
CA GLN J 166 23.18 -36.21 -3.39
C GLN J 166 23.67 -35.35 -4.56
N LYS J 167 24.49 -35.94 -5.44
CA LYS J 167 25.03 -35.22 -6.57
C LYS J 167 23.91 -34.77 -7.50
N ASP J 168 22.92 -35.65 -7.75
CA ASP J 168 21.90 -35.39 -8.77
C ASP J 168 20.87 -34.35 -8.28
N THR J 169 20.79 -34.10 -6.97
CA THR J 169 19.80 -33.19 -6.42
C THR J 169 20.42 -31.87 -5.97
N ASP J 170 21.71 -31.66 -6.27
CA ASP J 170 22.41 -30.45 -5.84
C ASP J 170 21.74 -29.22 -6.43
N ARG J 171 21.33 -29.31 -7.70
CA ARG J 171 20.53 -28.27 -8.35
C ARG J 171 19.33 -28.93 -9.02
N ASP J 172 18.40 -28.09 -9.51
CA ASP J 172 17.19 -28.57 -10.16
C ASP J 172 17.55 -29.52 -11.29
N ASN J 173 16.98 -30.72 -11.25
CA ASN J 173 17.28 -31.77 -12.22
C ASN J 173 15.97 -32.23 -12.83
N PHE J 174 15.72 -31.83 -14.09
CA PHE J 174 14.48 -32.15 -14.78
C PHE J 174 14.64 -33.44 -15.57
N LEU J 175 13.71 -34.37 -15.39
CA LEU J 175 13.74 -35.63 -16.10
C LEU J 175 12.46 -35.78 -16.93
N THR J 176 12.61 -36.39 -18.11
CA THR J 176 11.47 -36.89 -18.87
C THR J 176 10.93 -38.14 -18.18
N ALA J 177 9.75 -38.58 -18.63
CA ALA J 177 9.12 -39.78 -18.08
C ALA J 177 10.07 -40.96 -18.27
N GLU J 178 10.67 -41.07 -19.45
CA GLU J 178 11.56 -42.17 -19.77
C GLU J 178 12.80 -42.12 -18.88
N GLU J 179 13.33 -40.91 -18.64
CA GLU J 179 14.49 -40.73 -17.79
C GLU J 179 14.15 -41.09 -16.34
N ALA J 180 12.95 -40.75 -15.89
CA ALA J 180 12.51 -41.07 -14.53
C ALA J 180 12.43 -42.60 -14.36
N LYS J 181 12.02 -43.31 -15.42
CA LYS J 181 11.95 -44.76 -15.39
C LYS J 181 13.35 -45.36 -15.24
N GLU J 182 14.33 -44.90 -16.04
CA GLU J 182 15.68 -45.44 -15.96
C GLU J 182 16.32 -45.05 -14.63
N TYR J 183 15.87 -43.95 -14.01
CA TYR J 183 16.42 -43.51 -12.75
C TYR J 183 15.87 -44.38 -11.61
N GLY J 184 14.71 -45.01 -11.83
CA GLY J 184 14.06 -45.83 -10.81
C GLY J 184 13.03 -45.06 -9.99
N LEU J 185 12.69 -43.84 -10.41
CA LEU J 185 11.66 -43.05 -9.76
C LEU J 185 10.27 -43.61 -10.08
N ILE J 186 10.15 -44.21 -11.27
CA ILE J 186 8.94 -44.92 -11.68
C ILE J 186 9.35 -46.27 -12.26
N ASP J 187 8.34 -47.12 -12.46
CA ASP J 187 8.53 -48.47 -12.97
C ASP J 187 8.26 -48.49 -14.48
N GLU J 188 7.30 -47.68 -14.95
CA GLU J 188 6.83 -47.81 -16.31
C GLU J 188 6.29 -46.48 -16.82
N VAL J 189 6.57 -46.18 -18.10
CA VAL J 189 5.90 -45.11 -18.83
C VAL J 189 4.62 -45.69 -19.40
N MET J 190 3.47 -45.16 -18.95
CA MET J 190 2.17 -45.61 -19.42
C MET J 190 1.95 -45.11 -20.85
N VAL J 191 1.92 -46.05 -21.79
CA VAL J 191 1.78 -45.73 -23.21
C VAL J 191 0.32 -45.83 -23.60
N PRO J 192 -0.13 -45.03 -24.60
CA PRO J 192 -1.50 -45.12 -25.12
C PRO J 192 -1.67 -46.23 -26.18
N GLU J 197 -8.56 -49.36 -31.31
CA GLU J 197 -9.15 -50.22 -32.37
C GLU J 197 -10.40 -49.60 -32.97
N HIS J 198 -10.78 -50.05 -34.17
CA HIS J 198 -11.93 -49.49 -34.85
C HIS J 198 -13.24 -50.02 -34.25
N HIS J 199 -14.26 -49.15 -34.20
CA HIS J 199 -15.59 -49.52 -33.74
C HIS J 199 -16.61 -48.53 -34.30
N HIS J 200 -17.90 -48.85 -34.16
CA HIS J 200 -18.97 -48.02 -34.69
C HIS J 200 -19.94 -47.65 -33.58
N HIS J 201 -19.39 -47.19 -32.44
CA HIS J 201 -20.15 -46.76 -31.28
C HIS J 201 -19.65 -45.39 -30.79
N HIS J 202 -19.09 -44.58 -31.71
CA HIS J 202 -18.58 -43.26 -31.37
C HIS J 202 -19.71 -42.30 -30.98
N HIS J 203 -20.92 -42.56 -31.51
CA HIS J 203 -22.09 -41.73 -31.25
C HIS J 203 -23.33 -42.61 -31.05
N LEU K 3 -11.74 -29.12 -2.16
CA LEU K 3 -10.62 -29.45 -1.23
C LEU K 3 -11.01 -30.61 -0.32
N ILE K 4 -12.23 -30.57 0.25
CA ILE K 4 -12.70 -31.59 1.18
C ILE K 4 -13.67 -32.51 0.46
N PRO K 5 -13.27 -33.77 0.13
CA PRO K 5 -14.16 -34.69 -0.57
C PRO K 5 -15.26 -35.29 0.31
N THR K 6 -16.33 -35.75 -0.35
CA THR K 6 -17.51 -36.29 0.31
C THR K 6 -17.54 -37.81 0.13
N VAL K 7 -18.05 -38.49 1.16
CA VAL K 7 -18.28 -39.92 1.13
C VAL K 7 -19.80 -40.16 1.27
N TYR K 18 -21.38 -37.61 4.29
CA TYR K 18 -20.30 -37.12 5.19
C TYR K 18 -19.17 -36.53 4.35
N ASP K 19 -18.63 -35.39 4.79
CA ASP K 19 -17.29 -35.00 4.38
C ASP K 19 -16.32 -35.98 5.04
N ILE K 20 -15.07 -35.98 4.57
CA ILE K 20 -14.14 -37.03 4.95
C ILE K 20 -13.83 -36.96 6.44
N TYR K 21 -13.68 -35.74 6.98
CA TYR K 21 -13.32 -35.55 8.37
C TYR K 21 -14.47 -35.97 9.29
N SER K 22 -15.70 -35.69 8.87
CA SER K 22 -16.89 -36.10 9.61
C SER K 22 -17.00 -37.62 9.64
N ARG K 23 -16.58 -38.26 8.54
CA ARG K 23 -16.62 -39.70 8.44
C ARG K 23 -15.62 -40.31 9.42
N LEU K 24 -14.45 -39.67 9.56
CA LEU K 24 -13.44 -40.13 10.51
C LEU K 24 -13.94 -39.93 11.94
N LEU K 25 -14.69 -38.85 12.19
CA LEU K 25 -15.20 -38.57 13.52
C LEU K 25 -16.19 -39.65 13.94
N LYS K 26 -16.96 -40.16 12.97
CA LYS K 26 -17.88 -41.28 13.18
C LYS K 26 -17.16 -42.48 13.79
N ASP K 27 -15.88 -42.67 13.42
CA ASP K 27 -15.06 -43.76 13.95
C ASP K 27 -14.15 -43.26 15.08
N ARG K 28 -14.56 -42.16 15.72
CA ARG K 28 -13.92 -41.66 16.94
C ARG K 28 -12.50 -41.20 16.65
N ILE K 29 -12.26 -40.64 15.45
CA ILE K 29 -10.97 -40.09 15.10
C ILE K 29 -11.11 -38.57 14.98
N ILE K 30 -10.30 -37.83 15.73
CA ILE K 30 -10.28 -36.37 15.70
C ILE K 30 -8.99 -35.91 15.02
N MET K 31 -9.12 -34.92 14.12
CA MET K 31 -8.00 -34.37 13.36
C MET K 31 -7.55 -33.06 13.97
N LEU K 32 -6.35 -33.04 14.55
CA LEU K 32 -5.64 -31.79 14.82
C LEU K 32 -4.56 -31.62 13.75
N GLY K 33 -4.94 -30.92 12.66
CA GLY K 33 -4.10 -30.83 11.47
C GLY K 33 -3.75 -29.40 11.10
N SER K 34 -3.75 -28.49 12.08
CA SER K 34 -3.46 -27.09 11.83
C SER K 34 -2.81 -26.44 13.05
N GLN K 35 -2.47 -25.16 12.90
CA GLN K 35 -2.01 -24.34 14.00
C GLN K 35 -3.09 -24.31 15.08
N ILE K 36 -2.69 -24.37 16.34
CA ILE K 36 -3.63 -24.38 17.45
C ILE K 36 -4.01 -22.94 17.79
N ASP K 37 -5.29 -22.61 17.58
CA ASP K 37 -5.85 -21.36 18.06
C ASP K 37 -7.13 -21.69 18.82
N ASP K 38 -7.86 -20.66 19.24
CA ASP K 38 -9.07 -20.85 20.05
C ASP K 38 -10.13 -21.61 19.24
N ASN K 39 -10.30 -21.24 17.97
CA ASN K 39 -11.28 -21.88 17.11
C ASN K 39 -11.03 -23.38 17.03
N VAL K 40 -9.77 -23.74 16.75
CA VAL K 40 -9.38 -25.14 16.62
C VAL K 40 -9.62 -25.85 17.95
N ALA K 41 -9.26 -25.19 19.06
CA ALA K 41 -9.41 -25.77 20.38
C ALA K 41 -10.88 -25.98 20.72
N ASN K 42 -11.75 -25.02 20.38
CA ASN K 42 -13.17 -25.12 20.64
C ASN K 42 -13.76 -26.32 19.89
N SER K 43 -13.30 -26.51 18.65
CA SER K 43 -13.78 -27.59 17.81
C SER K 43 -13.41 -28.94 18.41
N ILE K 44 -12.14 -29.09 18.82
CA ILE K 44 -11.62 -30.36 19.29
C ILE K 44 -12.25 -30.69 20.65
N VAL K 45 -12.35 -29.67 21.53
CA VAL K 45 -13.00 -29.85 22.81
C VAL K 45 -14.42 -30.37 22.59
N SER K 46 -15.14 -29.79 21.62
CA SER K 46 -16.51 -30.18 21.33
C SER K 46 -16.59 -31.64 20.88
N GLN K 47 -15.65 -32.05 20.04
CA GLN K 47 -15.60 -33.40 19.51
C GLN K 47 -15.31 -34.39 20.64
N LEU K 48 -14.42 -34.02 21.55
CA LEU K 48 -14.05 -34.87 22.66
C LEU K 48 -15.24 -35.09 23.59
N LEU K 49 -16.05 -34.04 23.82
CA LEU K 49 -17.28 -34.16 24.61
C LEU K 49 -18.28 -35.08 23.91
N PHE K 50 -18.54 -34.76 22.64
CA PHE K 50 -19.49 -35.50 21.84
C PHE K 50 -19.17 -36.99 21.91
N LEU K 51 -17.90 -37.33 21.69
CA LEU K 51 -17.47 -38.73 21.64
C LEU K 51 -17.63 -39.38 23.01
N GLN K 52 -17.33 -38.65 24.09
CA GLN K 52 -17.53 -39.18 25.44
C GLN K 52 -19.01 -39.49 25.65
N ALA K 53 -19.89 -38.60 25.19
CA ALA K 53 -21.32 -38.76 25.34
C ALA K 53 -21.81 -39.98 24.56
N GLN K 54 -21.28 -40.16 23.34
CA GLN K 54 -21.61 -41.28 22.48
C GLN K 54 -21.25 -42.60 23.16
N ASP K 55 -20.03 -42.68 23.68
CA ASP K 55 -19.51 -43.88 24.30
C ASP K 55 -18.36 -43.51 25.24
N SER K 56 -18.52 -43.80 26.53
CA SER K 56 -17.59 -43.34 27.55
C SER K 56 -16.46 -44.34 27.76
N GLU K 57 -16.50 -45.48 27.07
CA GLU K 57 -15.55 -46.56 27.30
C GLU K 57 -14.60 -46.73 26.11
N LYS K 58 -15.11 -46.53 24.88
CA LYS K 58 -14.32 -46.74 23.67
C LYS K 58 -13.25 -45.66 23.52
N ASP K 59 -12.10 -46.07 22.97
CA ASP K 59 -10.96 -45.19 22.81
C ASP K 59 -11.27 -44.10 21.77
N ILE K 60 -10.60 -42.96 21.92
CA ILE K 60 -10.61 -41.89 20.94
C ILE K 60 -9.21 -41.82 20.33
N TYR K 61 -9.13 -41.39 19.05
CA TYR K 61 -7.87 -41.29 18.35
C TYR K 61 -7.65 -39.84 17.92
N LEU K 62 -6.60 -39.22 18.47
CA LEU K 62 -6.27 -37.84 18.13
C LEU K 62 -5.04 -37.81 17.22
N TYR K 63 -5.31 -37.58 15.93
CA TYR K 63 -4.29 -37.34 14.92
C TYR K 63 -3.65 -35.98 15.16
N ILE K 64 -2.31 -35.92 15.17
CA ILE K 64 -1.60 -34.67 15.37
C ILE K 64 -0.63 -34.45 14.21
N ASN K 65 -0.93 -33.42 13.41
CA ASN K 65 -0.02 -32.85 12.44
C ASN K 65 -0.10 -31.33 12.58
N SER K 66 0.70 -30.77 13.50
CA SER K 66 0.49 -29.39 13.95
C SER K 66 1.82 -28.74 14.33
N PRO K 67 2.05 -27.47 13.90
CA PRO K 67 3.21 -26.70 14.35
C PRO K 67 3.06 -26.10 15.75
N GLY K 68 1.93 -26.37 16.39
CA GLY K 68 1.63 -25.80 17.70
C GLY K 68 0.79 -24.54 17.56
N GLY K 69 0.94 -23.62 18.53
CA GLY K 69 0.16 -22.40 18.55
C GLY K 69 -0.10 -21.92 19.98
N SER K 70 -1.31 -21.40 20.21
CA SER K 70 -1.66 -20.78 21.49
C SER K 70 -1.58 -21.80 22.62
N VAL K 71 -0.90 -21.41 23.70
CA VAL K 71 -0.67 -22.27 24.86
C VAL K 71 -1.99 -22.47 25.61
N THR K 72 -2.78 -21.40 25.77
CA THR K 72 -4.04 -21.48 26.49
C THR K 72 -5.03 -22.34 25.70
N ALA K 73 -5.05 -22.17 24.37
CA ALA K 73 -5.88 -22.99 23.51
C ALA K 73 -5.45 -24.46 23.62
N GLY K 74 -4.14 -24.68 23.69
CA GLY K 74 -3.60 -26.02 23.88
C GLY K 74 -4.08 -26.64 25.19
N PHE K 75 -4.10 -25.83 26.26
CA PHE K 75 -4.49 -26.31 27.58
C PHE K 75 -5.99 -26.58 27.65
N ALA K 76 -6.78 -25.92 26.79
CA ALA K 76 -8.19 -26.25 26.65
C ALA K 76 -8.32 -27.71 26.22
N ILE K 77 -7.57 -28.07 25.18
CA ILE K 77 -7.56 -29.43 24.65
C ILE K 77 -7.03 -30.37 25.73
N TYR K 78 -5.87 -30.02 26.30
CA TYR K 78 -5.18 -30.85 27.27
C TYR K 78 -6.14 -31.23 28.42
N ASP K 79 -6.75 -30.23 29.05
CA ASP K 79 -7.57 -30.43 30.23
C ASP K 79 -8.82 -31.23 29.88
N THR K 80 -9.34 -31.03 28.67
CA THR K 80 -10.51 -31.78 28.23
C THR K 80 -10.14 -33.25 28.09
N ILE K 81 -8.98 -33.52 27.45
CA ILE K 81 -8.49 -34.89 27.31
C ILE K 81 -8.44 -35.56 28.68
N GLN K 82 -7.85 -34.89 29.68
CA GLN K 82 -7.65 -35.50 30.98
C GLN K 82 -8.97 -35.61 31.74
N HIS K 83 -9.95 -34.78 31.40
CA HIS K 83 -11.21 -34.74 32.12
C HIS K 83 -12.10 -35.94 31.73
N ILE K 84 -12.17 -36.24 30.44
CA ILE K 84 -13.12 -37.24 29.95
C ILE K 84 -12.65 -38.63 30.35
N LYS K 85 -13.59 -39.59 30.31
CA LYS K 85 -13.37 -40.95 30.78
C LYS K 85 -12.60 -41.76 29.73
N PRO K 86 -13.01 -41.75 28.44
CA PRO K 86 -12.30 -42.53 27.42
C PRO K 86 -10.81 -42.21 27.34
N ASP K 87 -10.00 -43.22 27.04
CA ASP K 87 -8.61 -43.02 26.69
C ASP K 87 -8.54 -42.27 25.37
N VAL K 88 -7.67 -41.26 25.31
CA VAL K 88 -7.38 -40.57 24.06
C VAL K 88 -5.99 -40.98 23.59
N GLN K 89 -5.93 -41.77 22.51
CA GLN K 89 -4.69 -42.10 21.85
C GLN K 89 -4.22 -40.90 21.03
N THR K 90 -2.90 -40.68 20.99
CA THR K 90 -2.32 -39.65 20.17
C THR K 90 -1.39 -40.28 19.12
N ILE K 91 -1.50 -39.79 17.89
CA ILE K 91 -0.71 -40.32 16.78
C ILE K 91 -0.11 -39.13 16.03
N CYS K 92 1.21 -39.00 16.08
CA CYS K 92 1.90 -37.95 15.35
C CYS K 92 2.19 -38.42 13.93
N ILE K 93 1.69 -37.66 12.96
CA ILE K 93 1.91 -37.90 11.55
C ILE K 93 2.34 -36.57 10.91
N GLY K 94 3.46 -36.60 10.19
CA GLY K 94 4.06 -35.40 9.64
C GLY K 94 4.93 -34.68 10.68
N MET K 95 4.29 -33.84 11.51
CA MET K 95 5.00 -33.04 12.48
C MET K 95 4.12 -32.79 13.71
N ALA K 96 4.76 -32.80 14.88
CA ALA K 96 4.20 -32.21 16.08
C ALA K 96 5.26 -31.29 16.68
N ALA K 97 4.98 -29.98 16.71
CA ALA K 97 5.91 -29.00 17.23
C ALA K 97 5.26 -28.20 18.36
N SER K 98 6.08 -27.81 19.35
CA SER K 98 5.67 -26.87 20.38
C SER K 98 4.46 -27.42 21.14
N MET K 99 3.34 -26.67 21.19
CA MET K 99 2.15 -27.12 21.88
C MET K 99 1.62 -28.42 21.24
N GLY K 100 1.95 -28.64 19.96
CA GLY K 100 1.62 -29.87 19.28
C GLY K 100 2.26 -31.08 19.93
N SER K 101 3.56 -30.97 20.25
CA SER K 101 4.30 -32.06 20.87
C SER K 101 3.90 -32.22 22.33
N PHE K 102 3.42 -31.13 22.96
CA PHE K 102 2.89 -31.17 24.31
C PHE K 102 1.64 -32.06 24.35
N LEU K 103 0.73 -31.84 23.41
CA LEU K 103 -0.52 -32.59 23.34
C LEU K 103 -0.25 -34.05 22.97
N LEU K 104 0.73 -34.29 22.09
CA LEU K 104 1.13 -35.63 21.74
C LEU K 104 1.52 -36.42 22.98
N ALA K 105 2.31 -35.77 23.85
CA ALA K 105 2.77 -36.37 25.10
C ALA K 105 1.62 -36.52 26.10
N ALA K 106 0.49 -35.84 25.85
CA ALA K 106 -0.63 -35.81 26.79
C ALA K 106 -1.60 -36.95 26.53
N GLY K 107 -1.32 -37.81 25.55
CA GLY K 107 -2.17 -38.94 25.24
C GLY K 107 -2.15 -39.98 26.36
N ALA K 108 -3.08 -40.93 26.29
CA ALA K 108 -3.20 -41.98 27.30
C ALA K 108 -1.90 -42.78 27.36
N LYS K 109 -1.41 -43.01 28.58
CA LYS K 109 -0.17 -43.74 28.80
C LYS K 109 -0.24 -45.10 28.10
N GLY K 110 0.74 -45.36 27.25
CA GLY K 110 0.84 -46.59 26.48
C GLY K 110 0.23 -46.48 25.08
N LYS K 111 -0.45 -45.36 24.80
CA LYS K 111 -1.19 -45.18 23.56
C LYS K 111 -0.80 -43.88 22.87
N ARG K 112 0.44 -43.43 23.09
CA ARG K 112 1.00 -42.31 22.36
C ARG K 112 1.93 -42.85 21.28
N PHE K 113 1.69 -42.43 20.04
CA PHE K 113 2.34 -43.01 18.87
C PHE K 113 2.89 -41.92 17.96
N ALA K 114 3.89 -42.30 17.15
CA ALA K 114 4.28 -41.53 15.98
C ALA K 114 4.62 -42.51 14.85
N LEU K 115 4.36 -42.11 13.60
CA LEU K 115 4.79 -42.91 12.47
C LEU K 115 6.26 -42.62 12.21
N PRO K 116 6.99 -43.54 11.53
CA PRO K 116 8.46 -43.56 11.55
C PRO K 116 9.19 -42.28 11.13
N ASN K 117 8.63 -41.55 10.16
CA ASN K 117 9.30 -40.38 9.60
C ASN K 117 8.66 -39.09 10.13
N ALA K 118 7.80 -39.21 11.15
CA ALA K 118 7.18 -38.04 11.75
C ALA K 118 8.24 -37.26 12.55
N GLU K 119 8.04 -35.94 12.63
CA GLU K 119 9.00 -35.05 13.26
C GLU K 119 8.38 -34.48 14.52
N VAL K 120 9.14 -34.51 15.62
CA VAL K 120 8.71 -33.94 16.88
C VAL K 120 9.71 -32.85 17.27
N MET K 121 9.21 -31.67 17.65
CA MET K 121 10.08 -30.58 18.06
C MET K 121 9.55 -29.98 19.35
N ILE K 122 10.47 -29.74 20.30
CA ILE K 122 10.15 -29.10 21.56
C ILE K 122 11.00 -27.84 21.69
N HIS K 123 10.39 -26.79 22.27
CA HIS K 123 11.09 -25.54 22.53
C HIS K 123 10.30 -24.77 23.58
N GLN K 124 10.89 -23.67 24.08
CA GLN K 124 10.26 -22.91 25.14
C GLN K 124 9.20 -21.99 24.53
N PRO K 125 8.18 -21.57 25.31
CA PRO K 125 7.12 -20.70 24.79
C PRO K 125 7.64 -19.38 24.23
N LEU K 126 6.93 -18.88 23.20
CA LEU K 126 7.21 -17.60 22.58
C LEU K 126 6.14 -16.60 23.02
N GLY K 127 6.49 -15.32 23.03
CA GLY K 127 5.52 -14.29 23.38
C GLY K 127 6.07 -12.88 23.11
N GLY K 128 5.36 -11.89 23.63
CA GLY K 128 5.71 -10.50 23.41
C GLY K 128 5.18 -9.62 24.53
N ALA K 129 5.77 -8.44 24.67
CA ALA K 129 5.33 -7.45 25.65
C ALA K 129 5.85 -6.09 25.23
N GLN K 130 4.98 -5.08 25.32
CA GLN K 130 5.39 -3.70 25.09
C GLN K 130 4.63 -2.80 26.06
N GLY K 131 5.22 -1.62 26.33
CA GLY K 131 4.63 -0.65 27.23
C GLY K 131 5.59 -0.30 28.36
N GLN K 132 5.02 0.03 29.51
CA GLN K 132 5.77 0.45 30.69
C GLN K 132 6.56 -0.71 31.25
N ALA K 133 7.61 -0.39 32.02
CA ALA K 133 8.46 -1.39 32.64
C ALA K 133 7.64 -2.35 33.50
N THR K 134 6.61 -1.83 34.20
CA THR K 134 5.79 -2.64 35.08
C THR K 134 4.93 -3.59 34.25
N GLU K 135 4.47 -3.13 33.08
CA GLU K 135 3.69 -3.96 32.17
C GLU K 135 4.57 -5.08 31.62
N ILE K 136 5.82 -4.75 31.26
CA ILE K 136 6.75 -5.73 30.72
C ILE K 136 7.02 -6.80 31.78
N GLU K 137 7.18 -6.36 33.03
CA GLU K 137 7.45 -7.25 34.16
C GLU K 137 6.31 -8.26 34.32
N ILE K 138 5.07 -7.78 34.29
CA ILE K 138 3.90 -8.63 34.45
C ILE K 138 3.84 -9.67 33.33
N ALA K 139 4.18 -9.25 32.10
CA ALA K 139 4.19 -10.14 30.95
C ALA K 139 5.32 -11.16 31.08
N ALA K 140 6.49 -10.73 31.56
CA ALA K 140 7.64 -11.59 31.68
C ALA K 140 7.38 -12.66 32.76
N ASN K 141 6.83 -12.23 33.89
CA ASN K 141 6.51 -13.13 34.99
C ASN K 141 5.47 -14.15 34.53
N HIS K 142 4.54 -13.72 33.66
CA HIS K 142 3.46 -14.55 33.18
C HIS K 142 3.98 -15.69 32.29
N ILE K 143 4.82 -15.35 31.30
CA ILE K 143 5.32 -16.36 30.37
C ILE K 143 6.29 -17.30 31.08
N LEU K 144 7.01 -16.79 32.10
CA LEU K 144 7.89 -17.61 32.90
C LEU K 144 7.09 -18.62 33.72
N LYS K 145 5.99 -18.18 34.32
CA LYS K 145 5.12 -19.07 35.08
C LYS K 145 4.51 -20.11 34.15
N THR K 146 4.15 -19.69 32.93
CA THR K 146 3.54 -20.57 31.95
C THR K 146 4.53 -21.66 31.55
N ARG K 147 5.82 -21.30 31.41
CA ARG K 147 6.84 -22.26 31.03
C ARG K 147 7.01 -23.29 32.13
N GLU K 148 7.06 -22.82 33.38
CA GLU K 148 7.21 -23.72 34.53
C GLU K 148 6.07 -24.73 34.53
N LYS K 149 4.85 -24.27 34.22
CA LYS K 149 3.67 -25.12 34.19
C LYS K 149 3.83 -26.20 33.13
N LEU K 150 4.20 -25.77 31.90
CA LEU K 150 4.42 -26.67 30.79
C LEU K 150 5.48 -27.73 31.14
N ASN K 151 6.61 -27.27 31.69
CA ASN K 151 7.74 -28.15 31.98
C ASN K 151 7.38 -29.16 33.06
N ARG K 152 6.66 -28.71 34.09
CA ARG K 152 6.26 -29.60 35.18
C ARG K 152 5.45 -30.75 34.61
N ILE K 153 4.47 -30.43 33.76
CA ILE K 153 3.58 -31.44 33.19
C ILE K 153 4.36 -32.35 32.23
N LEU K 154 5.27 -31.78 31.44
CA LEU K 154 6.09 -32.57 30.53
C LEU K 154 6.92 -33.58 31.33
N SER K 155 7.42 -33.14 32.49
CA SER K 155 8.21 -34.00 33.37
C SER K 155 7.38 -35.20 33.82
N GLU K 156 6.16 -34.91 34.27
CA GLU K 156 5.24 -35.94 34.74
C GLU K 156 4.92 -36.93 33.62
N ARG K 157 4.79 -36.41 32.40
CA ARG K 157 4.33 -37.17 31.25
C ARG K 157 5.46 -37.98 30.63
N THR K 158 6.70 -37.48 30.70
CA THR K 158 7.84 -38.09 30.02
C THR K 158 8.68 -38.93 30.99
N GLY K 159 8.72 -38.53 32.25
CA GLY K 159 9.57 -39.17 33.24
C GLY K 159 10.95 -38.50 33.33
N GLN K 160 11.17 -37.46 32.52
CA GLN K 160 12.39 -36.69 32.58
C GLN K 160 12.27 -35.66 33.70
N SER K 161 13.41 -35.26 34.28
CA SER K 161 13.44 -34.25 35.32
C SER K 161 13.06 -32.90 34.74
N ILE K 162 12.54 -32.00 35.59
CA ILE K 162 12.21 -30.64 35.21
C ILE K 162 13.48 -29.92 34.73
N GLU K 163 14.61 -30.23 35.37
CA GLU K 163 15.89 -29.63 35.05
C GLU K 163 16.27 -29.96 33.60
N LYS K 164 16.03 -31.21 33.19
CA LYS K 164 16.40 -31.68 31.87
C LYS K 164 15.49 -31.06 30.81
N ILE K 165 14.19 -30.99 31.12
CA ILE K 165 13.21 -30.39 30.22
C ILE K 165 13.63 -28.94 29.93
N GLN K 166 13.97 -28.20 31.00
CA GLN K 166 14.40 -26.81 30.90
C GLN K 166 15.57 -26.70 29.92
N LYS K 167 16.61 -27.50 30.12
CA LYS K 167 17.79 -27.48 29.28
C LYS K 167 17.44 -27.81 27.83
N ASP K 168 16.61 -28.85 27.65
CA ASP K 168 16.37 -29.43 26.34
C ASP K 168 15.36 -28.61 25.52
N THR K 169 14.71 -27.62 26.16
CA THR K 169 13.74 -26.76 25.48
C THR K 169 14.26 -25.33 25.37
N ASP K 170 15.52 -25.10 25.75
CA ASP K 170 16.10 -23.76 25.73
C ASP K 170 16.10 -23.21 24.31
N ARG K 171 16.40 -24.07 23.34
CA ARG K 171 16.29 -23.73 21.92
C ARG K 171 15.53 -24.86 21.21
N ASP K 172 15.26 -24.64 19.92
CA ASP K 172 14.56 -25.64 19.11
C ASP K 172 15.31 -26.96 19.19
N ASN K 173 14.55 -28.02 19.53
CA ASN K 173 15.09 -29.36 19.71
C ASN K 173 14.26 -30.31 18.86
N PHE K 174 14.82 -30.76 17.75
CA PHE K 174 14.15 -31.63 16.81
C PHE K 174 14.46 -33.08 17.14
N LEU K 175 13.41 -33.91 17.22
CA LEU K 175 13.55 -35.32 17.52
C LEU K 175 12.93 -36.16 16.41
N THR K 176 13.57 -37.29 16.08
CA THR K 176 12.95 -38.33 15.26
C THR K 176 11.91 -39.04 16.12
N ALA K 177 11.04 -39.82 15.46
CA ALA K 177 10.02 -40.59 16.15
C ALA K 177 10.66 -41.49 17.20
N GLU K 178 11.79 -42.13 16.82
CA GLU K 178 12.51 -43.04 17.69
C GLU K 178 13.09 -42.28 18.89
N GLU K 179 13.64 -41.09 18.64
CA GLU K 179 14.19 -40.27 19.70
C GLU K 179 13.09 -39.82 20.66
N ALA K 180 11.90 -39.53 20.11
CA ALA K 180 10.76 -39.08 20.91
C ALA K 180 10.31 -40.22 21.84
N LYS K 181 10.46 -41.46 21.38
CA LYS K 181 10.09 -42.63 22.17
C LYS K 181 11.04 -42.76 23.36
N GLU K 182 12.35 -42.64 23.11
CA GLU K 182 13.34 -42.80 24.18
C GLU K 182 13.33 -41.58 25.11
N TYR K 183 12.80 -40.44 24.63
CA TYR K 183 12.65 -39.27 25.48
C TYR K 183 11.46 -39.45 26.43
N GLY K 184 10.46 -40.22 25.97
CA GLY K 184 9.25 -40.45 26.74
C GLY K 184 8.07 -39.60 26.26
N LEU K 185 8.23 -38.91 25.12
CA LEU K 185 7.17 -38.09 24.56
C LEU K 185 6.09 -38.98 23.95
N ILE K 186 6.50 -40.13 23.40
CA ILE K 186 5.57 -41.15 22.91
C ILE K 186 5.98 -42.50 23.51
N ASP K 187 5.11 -43.51 23.30
CA ASP K 187 5.31 -44.84 23.85
C ASP K 187 5.88 -45.77 22.78
N GLU K 188 5.47 -45.60 21.52
CA GLU K 188 5.79 -46.55 20.48
C GLU K 188 5.89 -45.84 19.14
N VAL K 189 6.85 -46.28 18.30
CA VAL K 189 6.88 -45.93 16.89
C VAL K 189 6.00 -46.95 16.15
N MET K 190 4.97 -46.45 15.47
CA MET K 190 3.98 -47.31 14.84
C MET K 190 4.54 -47.84 13.52
N VAL K 191 4.76 -49.16 13.46
CA VAL K 191 5.43 -49.83 12.35
C VAL K 191 4.37 -50.19 11.32
N PRO K 192 4.68 -50.22 10.00
CA PRO K 192 3.73 -50.65 8.98
C PRO K 192 3.01 -51.97 9.23
N GLU K 193 1.73 -52.03 8.84
CA GLU K 193 0.93 -53.24 8.91
C GLU K 193 1.33 -54.19 7.77
N ILE L 4 -15.61 -27.36 10.49
CA ILE L 4 -16.69 -27.66 11.48
C ILE L 4 -17.33 -29.00 11.12
N PRO L 5 -17.00 -30.11 11.81
CA PRO L 5 -17.52 -31.43 11.44
C PRO L 5 -19.01 -31.60 11.74
N THR L 6 -19.66 -32.49 10.97
CA THR L 6 -21.06 -32.83 11.16
C THR L 6 -21.15 -34.18 11.87
N VAL L 7 -22.24 -34.38 12.63
CA VAL L 7 -22.43 -35.59 13.43
C VAL L 7 -23.74 -36.27 13.01
N TYR L 18 -26.47 -32.30 12.17
CA TYR L 18 -25.99 -31.28 13.15
C TYR L 18 -24.49 -31.05 12.97
N ASP L 19 -24.09 -29.78 12.85
CA ASP L 19 -22.72 -29.39 13.10
C ASP L 19 -22.43 -29.56 14.59
N ILE L 20 -21.16 -29.77 14.93
CA ILE L 20 -20.77 -30.19 16.28
C ILE L 20 -21.36 -29.24 17.33
N TYR L 21 -21.34 -27.93 17.04
CA TYR L 21 -21.76 -26.93 18.01
C TYR L 21 -23.26 -26.97 18.22
N SER L 22 -24.03 -27.16 17.13
CA SER L 22 -25.46 -27.35 17.20
C SER L 22 -25.81 -28.58 18.04
N ARG L 23 -25.02 -29.64 17.87
CA ARG L 23 -25.26 -30.89 18.58
C ARG L 23 -25.07 -30.66 20.09
N LEU L 24 -24.07 -29.86 20.45
CA LEU L 24 -23.85 -29.51 21.86
C LEU L 24 -25.02 -28.68 22.38
N LEU L 25 -25.54 -27.78 21.53
CA LEU L 25 -26.65 -26.91 21.91
C LEU L 25 -27.90 -27.75 22.21
N LYS L 26 -28.06 -28.87 21.50
CA LYS L 26 -29.15 -29.81 21.74
C LYS L 26 -29.11 -30.32 23.19
N ASP L 27 -27.90 -30.42 23.76
CA ASP L 27 -27.74 -30.85 25.15
C ASP L 27 -27.48 -29.65 26.07
N ARG L 28 -27.95 -28.46 25.66
CA ARG L 28 -27.98 -27.27 26.49
C ARG L 28 -26.57 -26.79 26.83
N ILE L 29 -25.63 -26.99 25.89
CA ILE L 29 -24.27 -26.48 26.05
C ILE L 29 -24.09 -25.32 25.07
N ILE L 30 -23.69 -24.15 25.60
CA ILE L 30 -23.38 -22.98 24.78
C ILE L 30 -21.87 -22.77 24.83
N MET L 31 -21.28 -22.48 23.67
CA MET L 31 -19.84 -22.30 23.56
C MET L 31 -19.54 -20.82 23.30
N LEU L 32 -18.94 -20.16 24.30
CA LEU L 32 -18.34 -18.85 24.11
C LEU L 32 -16.84 -19.06 23.94
N GLY L 33 -16.40 -19.18 22.68
CA GLY L 33 -15.05 -19.58 22.36
C GLY L 33 -14.32 -18.55 21.48
N SER L 34 -14.74 -17.29 21.57
CA SER L 34 -14.15 -16.23 20.76
C SER L 34 -14.16 -14.91 21.54
N GLN L 35 -13.56 -13.88 20.91
CA GLN L 35 -13.66 -12.52 21.38
C GLN L 35 -15.14 -12.13 21.48
N ILE L 36 -15.50 -11.37 22.50
CA ILE L 36 -16.88 -10.95 22.68
C ILE L 36 -17.10 -9.69 21.85
N ASP L 37 -17.97 -9.79 20.84
CA ASP L 37 -18.48 -8.63 20.13
C ASP L 37 -20.01 -8.76 20.08
N ASP L 38 -20.66 -7.79 19.42
CA ASP L 38 -22.11 -7.76 19.36
C ASP L 38 -22.65 -9.04 18.72
N ASN L 39 -22.00 -9.52 17.64
CA ASN L 39 -22.46 -10.71 16.94
C ASN L 39 -22.45 -11.92 17.88
N VAL L 40 -21.35 -12.10 18.61
CA VAL L 40 -21.21 -13.21 19.54
C VAL L 40 -22.26 -13.07 20.64
N ALA L 41 -22.44 -11.83 21.14
CA ALA L 41 -23.42 -11.56 22.17
C ALA L 41 -24.82 -11.93 21.69
N ASN L 42 -25.19 -11.45 20.49
CA ASN L 42 -26.52 -11.69 19.96
C ASN L 42 -26.77 -13.19 19.84
N SER L 43 -25.77 -13.93 19.37
CA SER L 43 -25.88 -15.36 19.20
C SER L 43 -26.14 -16.05 20.55
N ILE L 44 -25.37 -15.67 21.57
CA ILE L 44 -25.43 -16.35 22.85
C ILE L 44 -26.73 -15.98 23.56
N VAL L 45 -27.13 -14.71 23.47
CA VAL L 45 -28.41 -14.27 24.02
C VAL L 45 -29.52 -15.11 23.41
N SER L 46 -29.51 -15.24 22.07
CA SER L 46 -30.53 -16.00 21.35
C SER L 46 -30.56 -17.44 21.86
N GLN L 47 -29.38 -18.04 22.04
CA GLN L 47 -29.28 -19.43 22.49
C GLN L 47 -29.86 -19.57 23.89
N LEU L 48 -29.56 -18.60 24.76
CA LEU L 48 -30.04 -18.64 26.13
C LEU L 48 -31.57 -18.62 26.16
N LEU L 49 -32.18 -17.72 25.36
CA LEU L 49 -33.64 -17.62 25.28
C LEU L 49 -34.24 -18.94 24.83
N PHE L 50 -33.66 -19.49 23.74
CA PHE L 50 -34.18 -20.70 23.14
C PHE L 50 -34.20 -21.83 24.17
N LEU L 51 -33.09 -21.98 24.90
CA LEU L 51 -32.96 -23.06 25.88
C LEU L 51 -33.96 -22.88 27.01
N GLN L 52 -34.22 -21.62 27.42
CA GLN L 52 -35.23 -21.34 28.43
C GLN L 52 -36.60 -21.79 27.92
N ALA L 53 -36.93 -21.39 26.68
CA ALA L 53 -38.20 -21.74 26.07
C ALA L 53 -38.37 -23.26 26.01
N GLN L 54 -37.29 -23.97 25.69
CA GLN L 54 -37.30 -25.42 25.59
C GLN L 54 -37.57 -26.03 26.95
N ASP L 55 -36.83 -25.56 27.96
CA ASP L 55 -36.94 -26.08 29.31
C ASP L 55 -36.49 -25.00 30.29
N SER L 56 -37.41 -24.57 31.17
CA SER L 56 -37.15 -23.44 32.05
C SER L 56 -36.49 -23.90 33.34
N GLU L 57 -36.32 -25.21 33.53
CA GLU L 57 -35.86 -25.75 34.81
C GLU L 57 -34.46 -26.35 34.67
N LYS L 58 -34.18 -27.02 33.56
CA LYS L 58 -32.91 -27.73 33.38
C LYS L 58 -31.75 -26.74 33.28
N ASP L 59 -30.59 -27.14 33.82
CA ASP L 59 -29.42 -26.30 33.83
C ASP L 59 -28.94 -26.05 32.40
N ILE L 60 -28.25 -24.91 32.22
CA ILE L 60 -27.55 -24.58 30.99
C ILE L 60 -26.06 -24.52 31.32
N TYR L 61 -25.23 -24.91 30.34
CA TYR L 61 -23.79 -24.96 30.51
C TYR L 61 -23.13 -24.00 29.52
N LEU L 62 -22.44 -22.99 30.06
CA LEU L 62 -21.74 -22.00 29.25
C LEU L 62 -20.24 -22.24 29.34
N TYR L 63 -19.68 -22.82 28.28
CA TYR L 63 -18.24 -22.97 28.11
C TYR L 63 -17.62 -21.61 27.79
N ILE L 64 -16.53 -21.27 28.46
CA ILE L 64 -15.86 -19.99 28.24
C ILE L 64 -14.39 -20.24 27.93
N ASN L 65 -14.03 -19.94 26.68
CA ASN L 65 -12.64 -19.78 26.26
C ASN L 65 -12.56 -18.48 25.46
N SER L 66 -12.29 -17.37 26.14
CA SER L 66 -12.43 -16.04 25.55
C SER L 66 -11.38 -15.08 26.11
N PRO L 67 -10.79 -14.20 25.26
CA PRO L 67 -9.93 -13.11 25.73
C PRO L 67 -10.70 -11.87 26.19
N GLY L 68 -12.04 -11.94 26.10
CA GLY L 68 -12.89 -10.82 26.47
C GLY L 68 -13.35 -10.05 25.23
N GLY L 69 -13.67 -8.76 25.41
CA GLY L 69 -14.08 -7.92 24.29
C GLY L 69 -14.98 -6.77 24.75
N SER L 70 -16.06 -6.53 24.01
CA SER L 70 -16.94 -5.40 24.25
C SER L 70 -17.66 -5.54 25.59
N VAL L 71 -17.62 -4.47 26.39
CA VAL L 71 -18.24 -4.47 27.70
C VAL L 71 -19.77 -4.52 27.55
N THR L 72 -20.32 -3.72 26.63
CA THR L 72 -21.77 -3.67 26.44
C THR L 72 -22.27 -5.01 25.89
N ALA L 73 -21.50 -5.60 24.96
CA ALA L 73 -21.80 -6.92 24.44
C ALA L 73 -21.81 -7.96 25.57
N GLY L 74 -20.80 -7.87 26.46
CA GLY L 74 -20.72 -8.76 27.61
C GLY L 74 -21.91 -8.58 28.55
N PHE L 75 -22.35 -7.33 28.74
CA PHE L 75 -23.49 -7.05 29.59
C PHE L 75 -24.79 -7.54 28.94
N ALA L 76 -24.84 -7.60 27.61
CA ALA L 76 -25.97 -8.22 26.94
C ALA L 76 -26.12 -9.66 27.40
N ILE L 77 -25.00 -10.38 27.45
CA ILE L 77 -24.97 -11.77 27.85
C ILE L 77 -25.29 -11.86 29.35
N TYR L 78 -24.65 -11.00 30.13
CA TYR L 78 -24.76 -11.03 31.58
C TYR L 78 -26.23 -10.90 31.99
N ASP L 79 -26.90 -9.87 31.46
CA ASP L 79 -28.26 -9.57 31.87
C ASP L 79 -29.20 -10.69 31.44
N THR L 80 -28.91 -11.32 30.30
CA THR L 80 -29.75 -12.41 29.79
C THR L 80 -29.59 -13.63 30.69
N ILE L 81 -28.36 -13.89 31.17
CA ILE L 81 -28.13 -14.98 32.09
C ILE L 81 -28.97 -14.75 33.36
N GLN L 82 -28.89 -13.55 33.93
CA GLN L 82 -29.58 -13.26 35.18
C GLN L 82 -31.09 -13.26 34.98
N HIS L 83 -31.56 -12.90 33.78
CA HIS L 83 -32.98 -12.77 33.50
C HIS L 83 -33.69 -14.12 33.45
N ILE L 84 -33.08 -15.11 32.79
CA ILE L 84 -33.75 -16.37 32.52
C ILE L 84 -33.86 -17.19 33.82
N LYS L 85 -34.80 -18.14 33.82
CA LYS L 85 -35.08 -18.97 34.99
C LYS L 85 -33.96 -19.99 35.22
N PRO L 86 -33.55 -20.79 34.20
CA PRO L 86 -32.54 -21.83 34.41
C PRO L 86 -31.24 -21.32 34.99
N ASP L 87 -30.61 -22.13 35.86
CA ASP L 87 -29.24 -21.89 36.27
C ASP L 87 -28.32 -22.03 35.07
N VAL L 88 -27.38 -21.09 34.93
CA VAL L 88 -26.36 -21.16 33.89
C VAL L 88 -25.04 -21.48 34.56
N GLN L 89 -24.53 -22.70 34.32
CA GLN L 89 -23.20 -23.08 34.80
C GLN L 89 -22.16 -22.45 33.87
N THR L 90 -21.07 -21.96 34.46
CA THR L 90 -19.94 -21.46 33.69
C THR L 90 -18.73 -22.36 33.92
N ILE L 91 -18.07 -22.72 32.82
CA ILE L 91 -16.89 -23.57 32.86
C ILE L 91 -15.78 -22.90 32.05
N CYS L 92 -14.71 -22.50 32.74
CA CYS L 92 -13.56 -21.91 32.09
C CYS L 92 -12.60 -23.00 31.61
N ILE L 93 -12.31 -22.97 30.31
CA ILE L 93 -11.42 -23.93 29.68
C ILE L 93 -10.47 -23.14 28.77
N GLY L 94 -9.16 -23.32 28.98
CA GLY L 94 -8.16 -22.53 28.30
C GLY L 94 -7.94 -21.17 28.96
N MET L 95 -8.77 -20.20 28.60
CA MET L 95 -8.60 -18.84 29.08
C MET L 95 -9.95 -18.14 29.24
N ALA L 96 -10.10 -17.40 30.34
CA ALA L 96 -11.13 -16.39 30.48
C ALA L 96 -10.47 -15.08 30.92
N ALA L 97 -10.40 -14.12 30.00
CA ALA L 97 -9.77 -12.84 30.28
C ALA L 97 -10.81 -11.72 30.19
N SER L 98 -10.60 -10.67 31.00
CA SER L 98 -11.36 -9.43 30.94
C SER L 98 -12.85 -9.74 31.07
N MET L 99 -13.67 -9.30 30.09
CA MET L 99 -15.10 -9.53 30.12
C MET L 99 -15.39 -11.04 30.19
N GLY L 100 -14.44 -11.85 29.69
CA GLY L 100 -14.55 -13.31 29.75
C GLY L 100 -14.59 -13.81 31.19
N SER L 101 -13.71 -13.26 32.04
CA SER L 101 -13.67 -13.62 33.45
C SER L 101 -14.86 -13.03 34.19
N PHE L 102 -15.35 -11.86 33.73
CA PHE L 102 -16.57 -11.27 34.28
C PHE L 102 -17.74 -12.24 34.13
N LEU L 103 -17.89 -12.79 32.91
CA LEU L 103 -19.01 -13.67 32.61
C LEU L 103 -18.84 -15.00 33.31
N LEU L 104 -17.59 -15.44 33.49
CA LEU L 104 -17.31 -16.65 34.25
C LEU L 104 -17.84 -16.50 35.68
N ALA L 105 -17.61 -15.33 36.28
CA ALA L 105 -18.07 -15.04 37.64
C ALA L 105 -19.57 -14.83 37.68
N ALA L 106 -20.20 -14.71 36.50
CA ALA L 106 -21.63 -14.41 36.39
C ALA L 106 -22.48 -15.68 36.41
N GLY L 107 -21.83 -16.85 36.43
CA GLY L 107 -22.55 -18.11 36.47
C GLY L 107 -23.34 -18.29 37.75
N ALA L 108 -24.25 -19.27 37.77
CA ALA L 108 -25.04 -19.59 38.94
C ALA L 108 -24.14 -19.89 40.13
N LYS L 109 -24.45 -19.29 41.28
CA LYS L 109 -23.71 -19.49 42.51
C LYS L 109 -23.63 -20.98 42.85
N GLY L 110 -22.41 -21.50 42.96
CA GLY L 110 -22.17 -22.90 43.25
C GLY L 110 -21.82 -23.69 41.99
N LYS L 111 -22.08 -23.11 40.81
CA LYS L 111 -21.92 -23.81 39.55
C LYS L 111 -21.00 -23.03 38.61
N ARG L 112 -19.97 -22.38 39.18
CA ARG L 112 -18.93 -21.73 38.42
C ARG L 112 -17.65 -22.55 38.55
N PHE L 113 -17.13 -23.02 37.41
CA PHE L 113 -16.04 -23.98 37.38
C PHE L 113 -14.90 -23.50 36.48
N ALA L 114 -13.70 -24.04 36.73
CA ALA L 114 -12.58 -23.95 35.82
C ALA L 114 -11.83 -25.28 35.86
N LEU L 115 -11.28 -25.69 34.71
CA LEU L 115 -10.46 -26.88 34.64
C LEU L 115 -9.06 -26.53 35.13
N PRO L 116 -8.26 -27.51 35.60
CA PRO L 116 -7.09 -27.22 36.42
C PRO L 116 -6.05 -26.29 35.82
N ASN L 117 -5.86 -26.33 34.49
CA ASN L 117 -4.80 -25.57 33.83
C ASN L 117 -5.38 -24.37 33.12
N ALA L 118 -6.68 -24.11 33.30
CA ALA L 118 -7.31 -22.93 32.76
C ALA L 118 -6.71 -21.69 33.39
N GLU L 119 -6.76 -20.58 32.64
CA GLU L 119 -6.17 -19.32 33.05
C GLU L 119 -7.28 -18.28 33.15
N VAL L 120 -7.25 -17.49 34.23
CA VAL L 120 -8.19 -16.41 34.42
C VAL L 120 -7.40 -15.11 34.56
N MET L 121 -7.82 -14.06 33.84
CA MET L 121 -7.18 -12.76 33.95
C MET L 121 -8.25 -11.69 34.14
N ILE L 122 -7.97 -10.77 35.07
CA ILE L 122 -8.84 -9.63 35.32
C ILE L 122 -8.01 -8.37 35.16
N HIS L 123 -8.63 -7.31 34.62
CA HIS L 123 -7.99 -6.01 34.47
C HIS L 123 -9.08 -4.96 34.28
N GLN L 124 -8.68 -3.68 34.34
CA GLN L 124 -9.62 -2.59 34.19
C GLN L 124 -9.98 -2.44 32.71
N PRO L 125 -11.17 -1.87 32.38
CA PRO L 125 -11.60 -1.70 31.00
C PRO L 125 -10.70 -0.79 30.17
N LEU L 126 -10.66 -1.06 28.86
CA LEU L 126 -9.85 -0.34 27.91
C LEU L 126 -10.76 0.48 27.00
N GLY L 127 -10.25 1.60 26.49
CA GLY L 127 -11.03 2.45 25.62
C GLY L 127 -10.19 3.54 24.97
N GLY L 128 -10.89 4.51 24.38
CA GLY L 128 -10.22 5.60 23.70
C GLY L 128 -11.12 6.84 23.66
N ALA L 129 -10.50 7.98 23.38
CA ALA L 129 -11.22 9.22 23.17
C ALA L 129 -10.32 10.17 22.39
N GLN L 130 -10.93 10.89 21.44
CA GLN L 130 -10.27 12.01 20.77
C GLN L 130 -11.29 13.10 20.49
N GLY L 131 -10.79 14.33 20.34
CA GLY L 131 -11.62 15.49 20.06
C GLY L 131 -11.39 16.60 21.09
N GLN L 132 -12.43 17.41 21.31
CA GLN L 132 -12.38 18.53 22.23
C GLN L 132 -12.22 18.06 23.67
N ALA L 133 -11.68 18.93 24.52
CA ALA L 133 -11.48 18.62 25.94
C ALA L 133 -12.77 18.09 26.56
N THR L 134 -13.91 18.72 26.23
CA THR L 134 -15.21 18.39 26.78
C THR L 134 -15.66 17.00 26.31
N GLU L 135 -15.29 16.64 25.08
CA GLU L 135 -15.60 15.31 24.55
C GLU L 135 -14.74 14.29 25.27
N ILE L 136 -13.48 14.63 25.53
CA ILE L 136 -12.56 13.76 26.25
C ILE L 136 -13.09 13.55 27.66
N GLU L 137 -13.60 14.62 28.28
CA GLU L 137 -14.17 14.57 29.62
C GLU L 137 -15.35 13.60 29.64
N ILE L 138 -16.26 13.72 28.65
CA ILE L 138 -17.44 12.87 28.59
C ILE L 138 -17.03 11.40 28.46
N ALA L 139 -16.04 11.13 27.59
CA ALA L 139 -15.56 9.77 27.37
C ALA L 139 -14.91 9.23 28.64
N ALA L 140 -14.11 10.06 29.31
CA ALA L 140 -13.43 9.68 30.54
C ALA L 140 -14.44 9.29 31.61
N ASN L 141 -15.41 10.17 31.86
CA ASN L 141 -16.45 9.94 32.86
C ASN L 141 -17.21 8.65 32.55
N HIS L 142 -17.46 8.39 31.26
CA HIS L 142 -18.21 7.22 30.83
C HIS L 142 -17.48 5.92 31.16
N ILE L 143 -16.18 5.84 30.85
CA ILE L 143 -15.44 4.60 31.07
C ILE L 143 -15.15 4.42 32.56
N LEU L 144 -15.02 5.54 33.31
CA LEU L 144 -14.87 5.47 34.75
C LEU L 144 -16.14 4.92 35.40
N LYS L 145 -17.30 5.42 34.93
CA LYS L 145 -18.59 4.91 35.39
C LYS L 145 -18.75 3.44 35.04
N THR L 146 -18.30 3.05 33.84
CA THR L 146 -18.36 1.66 33.42
C THR L 146 -17.51 0.78 34.33
N ARG L 147 -16.33 1.27 34.71
CA ARG L 147 -15.46 0.53 35.61
C ARG L 147 -16.10 0.38 36.99
N GLU L 148 -16.77 1.44 37.47
CA GLU L 148 -17.46 1.38 38.75
C GLU L 148 -18.57 0.33 38.71
N LYS L 149 -19.28 0.26 37.57
CA LYS L 149 -20.37 -0.68 37.38
C LYS L 149 -19.85 -2.12 37.42
N LEU L 150 -18.78 -2.38 36.65
CA LEU L 150 -18.15 -3.69 36.61
C LEU L 150 -17.72 -4.13 38.01
N ASN L 151 -17.04 -3.22 38.73
CA ASN L 151 -16.46 -3.53 40.04
C ASN L 151 -17.57 -3.82 41.05
N ARG L 152 -18.66 -3.05 40.98
CA ARG L 152 -19.79 -3.20 41.88
C ARG L 152 -20.36 -4.62 41.74
N ILE L 153 -20.50 -5.08 40.49
CA ILE L 153 -21.08 -6.39 40.23
C ILE L 153 -20.09 -7.49 40.58
N LEU L 154 -18.80 -7.30 40.24
CA LEU L 154 -17.77 -8.25 40.61
C LEU L 154 -17.73 -8.43 42.13
N SER L 155 -17.86 -7.32 42.87
CA SER L 155 -17.87 -7.35 44.33
C SER L 155 -18.99 -8.26 44.82
N GLU L 156 -20.17 -8.08 44.24
CA GLU L 156 -21.34 -8.89 44.56
C GLU L 156 -21.05 -10.37 44.24
N ARG L 157 -20.43 -10.61 43.08
CA ARG L 157 -20.26 -11.96 42.55
C ARG L 157 -19.16 -12.71 43.30
N THR L 158 -18.13 -11.99 43.77
CA THR L 158 -16.96 -12.61 44.37
C THR L 158 -16.98 -12.47 45.89
N GLY L 159 -17.67 -11.43 46.39
CA GLY L 159 -17.69 -11.13 47.81
C GLY L 159 -16.57 -10.19 48.22
N GLN L 160 -15.68 -9.84 47.28
CA GLN L 160 -14.58 -8.94 47.55
C GLN L 160 -15.11 -7.51 47.61
N SER L 161 -14.41 -6.64 48.35
CA SER L 161 -14.77 -5.23 48.39
C SER L 161 -14.42 -4.57 47.06
N ILE L 162 -15.14 -3.50 46.73
CA ILE L 162 -14.86 -2.70 45.55
C ILE L 162 -13.43 -2.16 45.60
N GLU L 163 -12.95 -1.82 46.80
CA GLU L 163 -11.63 -1.25 46.98
C GLU L 163 -10.55 -2.26 46.60
N LYS L 164 -10.77 -3.54 46.94
CA LYS L 164 -9.79 -4.58 46.66
C LYS L 164 -9.80 -4.92 45.17
N ILE L 165 -10.99 -4.97 44.57
CA ILE L 165 -11.12 -5.24 43.15
C ILE L 165 -10.44 -4.12 42.34
N GLN L 166 -10.66 -2.87 42.76
CA GLN L 166 -10.03 -1.72 42.12
C GLN L 166 -8.52 -1.93 42.06
N LYS L 167 -7.92 -2.26 43.22
CA LYS L 167 -6.49 -2.46 43.32
C LYS L 167 -6.04 -3.64 42.46
N ASP L 168 -6.81 -4.74 42.50
CA ASP L 168 -6.41 -6.00 41.88
C ASP L 168 -6.59 -5.96 40.36
N THR L 169 -7.31 -4.96 39.83
CA THR L 169 -7.56 -4.87 38.40
C THR L 169 -6.86 -3.64 37.79
N ASP L 170 -5.97 -3.00 38.55
CA ASP L 170 -5.27 -1.82 38.09
C ASP L 170 -4.38 -2.15 36.89
N ARG L 171 -3.73 -3.33 36.92
CA ARG L 171 -3.02 -3.86 35.77
C ARG L 171 -3.43 -5.31 35.55
N ASP L 172 -2.94 -5.89 34.46
CA ASP L 172 -3.20 -7.29 34.13
C ASP L 172 -2.88 -8.15 35.35
N ASN L 173 -3.87 -8.95 35.78
CA ASN L 173 -3.76 -9.82 36.94
C ASN L 173 -4.13 -11.23 36.52
N PHE L 174 -3.10 -12.07 36.34
CA PHE L 174 -3.27 -13.44 35.89
C PHE L 174 -3.44 -14.35 37.10
N LEU L 175 -4.49 -15.20 37.08
CA LEU L 175 -4.80 -16.11 38.16
C LEU L 175 -4.86 -17.53 37.63
N THR L 176 -4.30 -18.48 38.40
CA THR L 176 -4.55 -19.90 38.19
C THR L 176 -5.99 -20.21 38.57
N ALA L 177 -6.47 -21.39 38.18
CA ALA L 177 -7.82 -21.82 38.51
C ALA L 177 -8.04 -21.79 40.02
N GLU L 178 -7.05 -22.29 40.77
CA GLU L 178 -7.14 -22.37 42.22
C GLU L 178 -7.20 -20.96 42.81
N GLU L 179 -6.37 -20.05 42.28
CA GLU L 179 -6.36 -18.66 42.72
C GLU L 179 -7.70 -18.00 42.42
N ALA L 180 -8.31 -18.36 41.27
CA ALA L 180 -9.61 -17.83 40.90
C ALA L 180 -10.66 -18.27 41.92
N LYS L 181 -10.55 -19.51 42.39
CA LYS L 181 -11.47 -20.04 43.38
C LYS L 181 -11.36 -19.23 44.67
N GLU L 182 -10.14 -19.04 45.18
CA GLU L 182 -9.95 -18.33 46.43
C GLU L 182 -10.32 -16.86 46.28
N TYR L 183 -10.25 -16.34 45.04
CA TYR L 183 -10.67 -14.97 44.75
C TYR L 183 -12.20 -14.87 44.79
N GLY L 184 -12.88 -15.98 44.49
CA GLY L 184 -14.34 -16.02 44.50
C GLY L 184 -14.96 -15.84 43.10
N LEU L 185 -14.11 -15.91 42.07
CA LEU L 185 -14.56 -15.81 40.68
C LEU L 185 -15.21 -17.11 40.25
N ILE L 186 -14.75 -18.23 40.84
CA ILE L 186 -15.31 -19.54 40.59
C ILE L 186 -15.52 -20.23 41.94
N ASP L 187 -16.32 -21.30 41.90
CA ASP L 187 -16.70 -22.03 43.10
C ASP L 187 -15.79 -23.25 43.28
N GLU L 188 -15.39 -23.88 42.17
CA GLU L 188 -14.71 -25.16 42.24
C GLU L 188 -13.78 -25.33 41.03
N VAL L 189 -12.59 -25.87 41.29
CA VAL L 189 -11.72 -26.39 40.24
C VAL L 189 -12.22 -27.79 39.91
N MET L 190 -12.63 -27.98 38.65
CA MET L 190 -13.25 -29.23 38.22
C MET L 190 -12.17 -30.29 38.00
N VAL L 191 -12.22 -31.36 38.79
CA VAL L 191 -11.15 -32.35 38.84
C VAL L 191 -11.49 -33.46 37.83
N PRO L 192 -10.48 -34.15 37.23
CA PRO L 192 -10.75 -35.32 36.38
C PRO L 192 -11.64 -36.39 37.02
N LEU M 3 -20.60 -20.42 12.75
CA LEU M 3 -20.86 -19.21 13.59
C LEU M 3 -22.27 -19.28 14.16
N ILE M 4 -23.27 -19.31 13.26
CA ILE M 4 -24.67 -19.31 13.63
C ILE M 4 -25.16 -20.74 13.80
N PRO M 5 -25.55 -21.17 15.02
CA PRO M 5 -25.93 -22.55 15.28
C PRO M 5 -27.30 -22.92 14.70
N THR M 6 -27.57 -24.23 14.63
CA THR M 6 -28.80 -24.77 14.05
C THR M 6 -29.61 -25.47 15.14
N VAL M 7 -30.94 -25.48 14.96
CA VAL M 7 -31.85 -26.15 15.88
C VAL M 7 -32.65 -27.20 15.11
N TYR M 18 -33.86 -24.95 11.41
CA TYR M 18 -33.79 -23.47 11.45
C TYR M 18 -32.48 -23.04 12.12
N ASP M 19 -31.87 -21.97 11.61
CA ASP M 19 -30.81 -21.28 12.34
C ASP M 19 -31.46 -20.55 13.53
N ILE M 20 -30.64 -20.21 14.53
CA ILE M 20 -31.16 -19.75 15.81
C ILE M 20 -32.03 -18.51 15.62
N TYR M 21 -31.60 -17.59 14.75
CA TYR M 21 -32.31 -16.34 14.52
C TYR M 21 -33.64 -16.63 13.83
N SER M 22 -33.64 -17.58 12.89
CA SER M 22 -34.86 -17.97 12.20
C SER M 22 -35.83 -18.64 13.16
N ARG M 23 -35.30 -19.35 14.16
CA ARG M 23 -36.13 -19.99 15.17
C ARG M 23 -36.81 -18.93 16.04
N LEU M 24 -36.09 -17.85 16.38
CA LEU M 24 -36.66 -16.77 17.17
C LEU M 24 -37.74 -16.04 16.36
N LEU M 25 -37.53 -15.88 15.06
CA LEU M 25 -38.50 -15.22 14.20
C LEU M 25 -39.81 -16.01 14.17
N LYS M 26 -39.71 -17.34 14.29
CA LYS M 26 -40.88 -18.19 14.37
C LYS M 26 -41.79 -17.75 15.53
N ASP M 27 -41.18 -17.25 16.62
CA ASP M 27 -41.91 -16.81 17.80
C ASP M 27 -42.04 -15.28 17.83
N ARG M 28 -41.92 -14.64 16.65
CA ARG M 28 -42.17 -13.22 16.49
C ARG M 28 -41.14 -12.37 17.22
N ILE M 29 -39.89 -12.86 17.27
CA ILE M 29 -38.77 -12.12 17.83
C ILE M 29 -37.85 -11.68 16.69
N ILE M 30 -37.61 -10.37 16.59
CA ILE M 30 -36.69 -9.79 15.61
C ILE M 30 -35.47 -9.27 16.35
N MET M 31 -34.28 -9.60 15.81
CA MET M 31 -33.02 -9.22 16.44
C MET M 31 -32.38 -8.08 15.65
N LEU M 32 -32.32 -6.88 16.25
CA LEU M 32 -31.49 -5.80 15.74
C LEU M 32 -30.22 -5.75 16.59
N GLY M 33 -29.18 -6.45 16.13
CA GLY M 33 -27.97 -6.63 16.91
C GLY M 33 -26.72 -6.14 16.17
N SER M 34 -26.87 -5.07 15.39
CA SER M 34 -25.76 -4.56 14.60
C SER M 34 -25.97 -3.08 14.29
N GLN M 35 -24.96 -2.48 13.67
CA GLN M 35 -25.09 -1.15 13.10
C GLN M 35 -26.27 -1.14 12.15
N ILE M 36 -27.03 -0.03 12.13
CA ILE M 36 -28.17 0.12 11.25
C ILE M 36 -27.70 0.69 9.92
N ASP M 37 -27.84 -0.12 8.86
CA ASP M 37 -27.61 0.33 7.49
C ASP M 37 -28.81 -0.11 6.66
N ASP M 38 -28.77 0.15 5.36
CA ASP M 38 -29.91 -0.12 4.49
C ASP M 38 -30.24 -1.61 4.48
N ASN M 39 -29.20 -2.48 4.52
CA ASN M 39 -29.35 -3.92 4.47
C ASN M 39 -30.08 -4.42 5.72
N VAL M 40 -29.67 -3.92 6.88
CA VAL M 40 -30.29 -4.29 8.15
C VAL M 40 -31.73 -3.81 8.15
N ALA M 41 -31.94 -2.56 7.69
CA ALA M 41 -33.28 -1.98 7.62
C ALA M 41 -34.19 -2.83 6.73
N ASN M 42 -33.68 -3.25 5.56
CA ASN M 42 -34.47 -3.99 4.60
C ASN M 42 -34.91 -5.33 5.19
N SER M 43 -34.02 -5.97 5.95
CA SER M 43 -34.31 -7.26 6.56
C SER M 43 -35.39 -7.10 7.61
N ILE M 44 -35.25 -6.08 8.46
CA ILE M 44 -36.14 -5.90 9.60
C ILE M 44 -37.53 -5.47 9.12
N VAL M 45 -37.57 -4.62 8.08
CA VAL M 45 -38.84 -4.21 7.48
C VAL M 45 -39.55 -5.46 6.95
N SER M 46 -38.79 -6.33 6.26
CA SER M 46 -39.34 -7.53 5.64
C SER M 46 -39.91 -8.48 6.71
N GLN M 47 -39.22 -8.57 7.85
CA GLN M 47 -39.63 -9.44 8.94
C GLN M 47 -40.89 -8.89 9.60
N LEU M 48 -40.92 -7.58 9.83
CA LEU M 48 -42.09 -6.91 10.41
C LEU M 48 -43.32 -7.17 9.54
N LEU M 49 -43.15 -7.04 8.22
CA LEU M 49 -44.29 -7.15 7.31
C LEU M 49 -44.77 -8.60 7.24
N PHE M 50 -43.83 -9.55 7.29
CA PHE M 50 -44.13 -10.97 7.28
C PHE M 50 -44.91 -11.35 8.55
N LEU M 51 -44.44 -10.86 9.71
CA LEU M 51 -45.07 -11.20 10.98
C LEU M 51 -46.49 -10.63 11.04
N GLN M 52 -46.70 -9.44 10.46
CA GLN M 52 -48.03 -8.85 10.38
C GLN M 52 -48.95 -9.76 9.55
N ALA M 53 -48.42 -10.30 8.45
CA ALA M 53 -49.19 -11.16 7.57
C ALA M 53 -49.54 -12.47 8.27
N GLN M 54 -48.59 -13.01 9.05
CA GLN M 54 -48.80 -14.24 9.80
C GLN M 54 -49.93 -14.04 10.82
N ASP M 55 -49.81 -12.98 11.64
CA ASP M 55 -50.79 -12.67 12.66
C ASP M 55 -50.77 -11.18 12.94
N SER M 56 -51.91 -10.50 12.74
CA SER M 56 -52.00 -9.06 12.80
C SER M 56 -52.32 -8.55 14.21
N GLU M 57 -52.55 -9.47 15.16
CA GLU M 57 -52.99 -9.09 16.49
C GLU M 57 -51.90 -9.36 17.53
N LYS M 58 -51.12 -10.44 17.35
CA LYS M 58 -50.13 -10.82 18.34
C LYS M 58 -48.97 -9.83 18.33
N ASP M 59 -48.38 -9.62 19.51
CA ASP M 59 -47.26 -8.71 19.69
C ASP M 59 -46.01 -9.24 18.99
N ILE M 60 -45.17 -8.29 18.56
CA ILE M 60 -43.84 -8.58 18.03
C ILE M 60 -42.81 -8.09 19.06
N TYR M 61 -41.65 -8.75 19.11
CA TYR M 61 -40.59 -8.38 20.03
C TYR M 61 -39.34 -7.99 19.24
N LEU M 62 -38.92 -6.73 19.40
CA LEU M 62 -37.71 -6.22 18.75
C LEU M 62 -36.61 -6.05 19.78
N TYR M 63 -35.65 -6.98 19.76
CA TYR M 63 -34.43 -6.90 20.55
C TYR M 63 -33.51 -5.86 19.92
N ILE M 64 -32.93 -4.98 20.75
CA ILE M 64 -32.06 -3.91 20.26
C ILE M 64 -30.74 -3.96 21.01
N ASN M 65 -29.67 -4.33 20.29
CA ASN M 65 -28.29 -4.15 20.73
C ASN M 65 -27.52 -3.50 19.58
N SER M 66 -27.58 -2.15 19.52
CA SER M 66 -27.17 -1.44 18.32
C SER M 66 -26.46 -0.13 18.67
N PRO M 67 -25.32 0.19 17.99
CA PRO M 67 -24.68 1.49 18.14
C PRO M 67 -25.35 2.58 17.30
N GLY M 68 -26.40 2.18 16.57
CA GLY M 68 -27.09 3.08 15.66
C GLY M 68 -26.55 2.97 14.25
N GLY M 69 -26.71 4.07 13.48
CA GLY M 69 -26.24 4.13 12.11
C GLY M 69 -27.07 5.10 11.30
N SER M 70 -27.40 4.71 10.07
CA SER M 70 -28.10 5.55 9.11
C SER M 70 -29.46 5.98 9.66
N VAL M 71 -29.71 7.30 9.59
CA VAL M 71 -30.97 7.88 10.03
C VAL M 71 -32.10 7.43 9.11
N THR M 72 -31.88 7.49 7.78
CA THR M 72 -32.92 7.14 6.83
C THR M 72 -33.27 5.66 6.97
N ALA M 73 -32.25 4.82 7.20
CA ALA M 73 -32.45 3.39 7.39
C ALA M 73 -33.23 3.14 8.69
N GLY M 74 -32.89 3.91 9.73
CA GLY M 74 -33.62 3.86 10.98
C GLY M 74 -35.08 4.25 10.81
N PHE M 75 -35.35 5.22 9.93
CA PHE M 75 -36.72 5.68 9.70
C PHE M 75 -37.51 4.69 8.85
N ALA M 76 -36.81 3.85 8.07
CA ALA M 76 -37.48 2.76 7.36
C ALA M 76 -38.10 1.81 8.38
N ILE M 77 -37.34 1.51 9.44
CA ILE M 77 -37.79 0.63 10.50
C ILE M 77 -38.88 1.35 11.30
N TYR M 78 -38.61 2.61 11.67
CA TYR M 78 -39.52 3.39 12.47
C TYR M 78 -40.91 3.41 11.84
N ASP M 79 -40.98 3.79 10.56
CA ASP M 79 -42.25 3.95 9.87
C ASP M 79 -42.96 2.61 9.70
N THR M 80 -42.19 1.53 9.51
CA THR M 80 -42.77 0.21 9.33
C THR M 80 -43.38 -0.25 10.66
N ILE M 81 -42.73 0.07 11.78
CA ILE M 81 -43.25 -0.24 13.11
C ILE M 81 -44.60 0.45 13.30
N GLN M 82 -44.66 1.75 13.00
CA GLN M 82 -45.88 2.51 13.24
C GLN M 82 -46.97 2.11 12.25
N HIS M 83 -46.58 1.63 11.05
CA HIS M 83 -47.53 1.30 10.01
C HIS M 83 -48.34 0.05 10.35
N ILE M 84 -47.65 -0.99 10.86
CA ILE M 84 -48.25 -2.30 11.02
C ILE M 84 -49.19 -2.31 12.22
N LYS M 85 -50.12 -3.27 12.22
CA LYS M 85 -51.17 -3.38 13.22
C LYS M 85 -50.62 -3.85 14.56
N PRO M 86 -49.82 -4.94 14.63
CA PRO M 86 -49.35 -5.46 15.91
C PRO M 86 -48.50 -4.46 16.70
N ASP M 87 -48.64 -4.50 18.03
CA ASP M 87 -47.72 -3.83 18.93
C ASP M 87 -46.31 -4.41 18.71
N VAL M 88 -45.32 -3.51 18.60
CA VAL M 88 -43.93 -3.93 18.58
C VAL M 88 -43.29 -3.51 19.90
N GLN M 89 -43.04 -4.51 20.75
CA GLN M 89 -42.27 -4.30 21.96
C GLN M 89 -40.82 -4.06 21.58
N THR M 90 -40.14 -3.18 22.34
CA THR M 90 -38.72 -2.97 22.19
C THR M 90 -38.02 -3.32 23.49
N ILE M 91 -36.93 -4.08 23.38
CA ILE M 91 -36.15 -4.49 24.53
C ILE M 91 -34.68 -4.18 24.24
N CYS M 92 -34.11 -3.24 25.00
CA CYS M 92 -32.70 -2.91 24.89
C CYS M 92 -31.88 -3.88 25.75
N ILE M 93 -30.91 -4.54 25.10
CA ILE M 93 -30.00 -5.44 25.77
C ILE M 93 -28.58 -5.10 25.30
N GLY M 94 -27.69 -4.83 26.25
CA GLY M 94 -26.33 -4.42 25.94
C GLY M 94 -26.23 -2.92 25.74
N MET M 95 -26.65 -2.44 24.56
CA MET M 95 -26.52 -1.04 24.22
C MET M 95 -27.56 -0.65 23.17
N ALA M 96 -28.15 0.53 23.35
CA ALA M 96 -28.87 1.24 22.29
C ALA M 96 -28.34 2.68 22.23
N ALA M 97 -27.62 3.00 21.15
CA ALA M 97 -27.05 4.32 20.97
C ALA M 97 -27.59 4.96 19.69
N SER M 98 -27.74 6.28 19.73
CA SER M 98 -28.08 7.08 18.55
C SER M 98 -29.41 6.61 17.96
N MET M 99 -29.42 6.21 16.67
CA MET M 99 -30.65 5.77 16.03
C MET M 99 -31.19 4.52 16.73
N GLY M 100 -30.30 3.74 17.35
CA GLY M 100 -30.70 2.59 18.13
C GLY M 100 -31.62 2.96 19.29
N SER M 101 -31.28 4.05 19.98
CA SER M 101 -32.08 4.53 21.11
C SER M 101 -33.36 5.19 20.61
N PHE M 102 -33.31 5.75 19.40
CA PHE M 102 -34.50 6.30 18.76
C PHE M 102 -35.54 5.21 18.53
N LEU M 103 -35.08 4.05 18.01
CA LEU M 103 -35.95 2.93 17.74
C LEU M 103 -36.43 2.29 19.04
N LEU M 104 -35.60 2.33 20.09
CA LEU M 104 -36.00 1.82 21.40
C LEU M 104 -37.23 2.59 21.90
N ALA M 105 -37.18 3.92 21.74
CA ALA M 105 -38.24 4.80 22.18
C ALA M 105 -39.48 4.69 21.28
N ALA M 106 -39.35 4.00 20.13
CA ALA M 106 -40.40 3.94 19.12
C ALA M 106 -41.30 2.72 19.32
N GLY M 107 -40.96 1.86 20.28
CA GLY M 107 -41.79 0.71 20.60
C GLY M 107 -43.16 1.11 21.14
N ALA M 108 -44.08 0.14 21.19
CA ALA M 108 -45.44 0.34 21.66
C ALA M 108 -45.42 0.95 23.05
N LYS M 109 -46.32 1.93 23.27
CA LYS M 109 -46.44 2.60 24.56
C LYS M 109 -46.78 1.58 25.63
N GLY M 110 -45.96 1.56 26.69
CA GLY M 110 -46.09 0.60 27.78
C GLY M 110 -45.28 -0.67 27.54
N LYS M 111 -44.62 -0.79 26.38
CA LYS M 111 -43.94 -2.02 26.02
C LYS M 111 -42.53 -1.73 25.51
N ARG M 112 -41.88 -0.71 26.11
CA ARG M 112 -40.49 -0.41 25.84
C ARG M 112 -39.67 -0.75 27.07
N PHE M 113 -38.67 -1.63 26.91
CA PHE M 113 -37.96 -2.20 28.05
C PHE M 113 -36.46 -2.09 27.83
N ALA M 114 -35.72 -2.10 28.95
CA ALA M 114 -34.30 -2.36 28.96
C ALA M 114 -33.99 -3.25 30.15
N LEU M 115 -32.97 -4.11 29.99
CA LEU M 115 -32.48 -4.94 31.09
C LEU M 115 -31.54 -4.11 31.94
N PRO M 116 -31.34 -4.46 33.24
CA PRO M 116 -30.78 -3.54 34.23
C PRO M 116 -29.48 -2.84 33.88
N ASN M 117 -28.57 -3.56 33.21
CA ASN M 117 -27.22 -3.08 32.97
C ASN M 117 -27.05 -2.61 31.52
N ALA M 118 -28.15 -2.53 30.79
CA ALA M 118 -28.13 -2.06 29.40
C ALA M 118 -27.84 -0.56 29.38
N GLU M 119 -27.16 -0.14 28.32
CA GLU M 119 -26.68 1.23 28.19
C GLU M 119 -27.47 1.93 27.07
N VAL M 120 -27.98 3.13 27.36
CA VAL M 120 -28.68 3.93 26.38
C VAL M 120 -27.90 5.23 26.18
N MET M 121 -27.69 5.63 24.91
CA MET M 121 -26.96 6.86 24.62
C MET M 121 -27.74 7.66 23.57
N ILE M 122 -27.86 8.97 23.80
CA ILE M 122 -28.51 9.86 22.86
C ILE M 122 -27.55 10.99 22.51
N HIS M 123 -27.55 11.38 21.24
CA HIS M 123 -26.74 12.51 20.77
C HIS M 123 -27.34 13.02 19.46
N GLN M 124 -26.79 14.14 18.97
CA GLN M 124 -27.27 14.74 17.74
C GLN M 124 -26.71 13.96 16.55
N PRO M 125 -27.41 13.97 15.39
CA PRO M 125 -26.94 13.27 14.20
C PRO M 125 -25.58 13.78 13.70
N LEU M 126 -24.85 12.86 13.06
CA LEU M 126 -23.53 13.10 12.52
C LEU M 126 -23.61 13.07 10.99
N GLY M 127 -22.75 13.85 10.34
CA GLY M 127 -22.70 13.83 8.89
C GLY M 127 -21.45 14.54 8.36
N GLY M 128 -21.52 14.91 7.08
CA GLY M 128 -20.41 15.54 6.40
C GLY M 128 -20.86 16.25 5.14
N ALA M 129 -20.06 17.20 4.68
CA ALA M 129 -20.33 17.93 3.46
C ALA M 129 -19.01 18.49 2.93
N GLN M 130 -18.80 18.37 1.62
CA GLN M 130 -17.68 19.03 0.98
C GLN M 130 -18.12 19.54 -0.39
N GLY M 131 -17.52 20.65 -0.80
CA GLY M 131 -17.78 21.24 -2.11
C GLY M 131 -17.93 22.76 -2.02
N GLN M 132 -18.79 23.30 -2.88
CA GLN M 132 -19.05 24.72 -2.95
C GLN M 132 -19.82 25.17 -1.72
N ALA M 133 -19.71 26.46 -1.40
CA ALA M 133 -20.44 27.06 -0.28
C ALA M 133 -21.92 26.68 -0.33
N THR M 134 -22.53 26.76 -1.51
CA THR M 134 -23.96 26.53 -1.66
C THR M 134 -24.29 25.06 -1.39
N GLU M 135 -23.38 24.14 -1.75
CA GLU M 135 -23.55 22.72 -1.50
C GLU M 135 -23.44 22.42 -0.01
N ILE M 136 -22.51 23.11 0.68
CA ILE M 136 -22.36 22.97 2.12
C ILE M 136 -23.63 23.47 2.81
N GLU M 137 -24.18 24.58 2.32
CA GLU M 137 -25.39 25.18 2.86
C GLU M 137 -26.56 24.19 2.78
N ILE M 138 -26.73 23.55 1.61
CA ILE M 138 -27.79 22.59 1.40
C ILE M 138 -27.63 21.42 2.36
N ALA M 139 -26.39 20.91 2.50
CA ALA M 139 -26.12 19.77 3.38
C ALA M 139 -26.36 20.14 4.84
N ALA M 140 -26.01 21.36 5.23
CA ALA M 140 -26.20 21.83 6.60
C ALA M 140 -27.69 21.93 6.90
N ASN M 141 -28.44 22.56 5.99
CA ASN M 141 -29.89 22.72 6.14
C ASN M 141 -30.55 21.35 6.25
N HIS M 142 -30.05 20.38 5.48
CA HIS M 142 -30.61 19.05 5.45
C HIS M 142 -30.44 18.33 6.79
N ILE M 143 -29.25 18.42 7.39
CA ILE M 143 -28.98 17.68 8.62
C ILE M 143 -29.65 18.38 9.80
N LEU M 144 -29.82 19.70 9.70
CA LEU M 144 -30.52 20.48 10.73
C LEU M 144 -32.00 20.12 10.73
N LYS M 145 -32.61 20.04 9.54
CA LYS M 145 -33.99 19.61 9.41
C LYS M 145 -34.16 18.19 9.94
N THR M 146 -33.20 17.32 9.64
CA THR M 146 -33.23 15.93 10.10
C THR M 146 -33.23 15.90 11.63
N ARG M 147 -32.42 16.75 12.26
CA ARG M 147 -32.33 16.77 13.71
C ARG M 147 -33.66 17.25 14.30
N GLU M 148 -34.28 18.25 13.65
CA GLU M 148 -35.57 18.75 14.08
C GLU M 148 -36.62 17.65 14.00
N LYS M 149 -36.55 16.82 12.95
CA LYS M 149 -37.51 15.74 12.76
C LYS M 149 -37.35 14.70 13.85
N LEU M 150 -36.10 14.30 14.13
CA LEU M 150 -35.80 13.35 15.19
C LEU M 150 -36.26 13.88 16.54
N ASN M 151 -35.94 15.14 16.84
CA ASN M 151 -36.20 15.72 18.16
C ASN M 151 -37.70 15.85 18.40
N ARG M 152 -38.45 16.20 17.36
CA ARG M 152 -39.90 16.33 17.45
C ARG M 152 -40.53 14.99 17.82
N ILE M 153 -40.06 13.90 17.18
CA ILE M 153 -40.61 12.58 17.43
C ILE M 153 -40.16 12.10 18.81
N LEU M 154 -38.92 12.37 19.19
CA LEU M 154 -38.43 12.01 20.52
C LEU M 154 -39.26 12.72 21.59
N SER M 155 -39.66 13.97 21.33
CA SER M 155 -40.46 14.74 22.26
C SER M 155 -41.82 14.07 22.47
N GLU M 156 -42.44 13.64 21.37
CA GLU M 156 -43.73 12.97 21.39
C GLU M 156 -43.63 11.64 22.13
N ARG M 157 -42.52 10.92 21.93
CA ARG M 157 -42.35 9.57 22.43
C ARG M 157 -41.97 9.56 23.92
N THR M 158 -41.21 10.57 24.37
CA THR M 158 -40.69 10.62 25.73
C THR M 158 -41.53 11.50 26.65
N GLY M 159 -42.21 12.50 26.07
CA GLY M 159 -42.94 13.49 26.84
C GLY M 159 -42.04 14.64 27.32
N GLN M 160 -40.80 14.69 26.80
CA GLN M 160 -39.89 15.79 27.09
C GLN M 160 -40.07 16.87 26.04
N SER M 161 -39.73 18.11 26.38
CA SER M 161 -39.84 19.23 25.46
C SER M 161 -38.76 19.13 24.38
N ILE M 162 -39.03 19.71 23.22
CA ILE M 162 -38.06 19.79 22.13
C ILE M 162 -36.84 20.57 22.62
N GLU M 163 -37.07 21.57 23.48
CA GLU M 163 -36.02 22.40 24.03
C GLU M 163 -35.06 21.56 24.86
N LYS M 164 -35.60 20.65 25.67
CA LYS M 164 -34.81 19.81 26.55
C LYS M 164 -34.05 18.75 25.74
N ILE M 165 -34.71 18.19 24.73
CA ILE M 165 -34.08 17.17 23.88
C ILE M 165 -32.87 17.80 23.20
N GLN M 166 -33.04 19.03 22.71
CA GLN M 166 -31.98 19.75 22.02
C GLN M 166 -30.76 19.89 22.92
N LYS M 167 -30.98 20.33 24.17
CA LYS M 167 -29.90 20.50 25.13
C LYS M 167 -29.27 19.15 25.48
N ASP M 168 -30.10 18.11 25.67
CA ASP M 168 -29.62 16.85 26.20
C ASP M 168 -28.94 16.00 25.14
N THR M 169 -29.00 16.41 23.86
CA THR M 169 -28.39 15.66 22.78
C THR M 169 -27.28 16.46 22.11
N ASP M 170 -26.93 17.62 22.67
CA ASP M 170 -25.89 18.47 22.11
C ASP M 170 -24.56 17.72 22.08
N ARG M 171 -24.31 16.91 23.12
CA ARG M 171 -23.15 16.03 23.15
C ARG M 171 -23.60 14.64 23.59
N ASP M 172 -22.69 13.67 23.46
CA ASP M 172 -22.94 12.30 23.89
C ASP M 172 -23.48 12.31 25.32
N ASN M 173 -24.64 11.67 25.48
CA ASN M 173 -25.35 11.63 26.76
C ASN M 173 -25.68 10.18 27.07
N PHE M 174 -24.94 9.60 28.03
CA PHE M 174 -25.07 8.20 28.40
C PHE M 174 -26.05 8.07 29.58
N LEU M 175 -27.02 7.16 29.44
CA LEU M 175 -28.03 6.93 30.46
C LEU M 175 -27.98 5.48 30.90
N THR M 176 -28.22 5.27 32.21
CA THR M 176 -28.50 3.94 32.74
C THR M 176 -29.92 3.55 32.33
N ALA M 177 -30.25 2.26 32.49
CA ALA M 177 -31.58 1.79 32.17
C ALA M 177 -32.62 2.55 33.01
N GLU M 178 -32.29 2.77 34.29
CA GLU M 178 -33.19 3.47 35.19
C GLU M 178 -33.36 4.92 34.73
N GLU M 179 -32.25 5.56 34.35
CA GLU M 179 -32.28 6.93 33.86
C GLU M 179 -33.11 7.01 32.58
N ALA M 180 -32.97 6.00 31.70
CA ALA M 180 -33.72 5.96 30.46
C ALA M 180 -35.22 5.90 30.74
N LYS M 181 -35.61 5.19 31.81
CA LYS M 181 -37.01 5.06 32.19
C LYS M 181 -37.58 6.39 32.67
N GLU M 182 -36.83 7.11 33.51
CA GLU M 182 -37.30 8.39 34.04
C GLU M 182 -37.23 9.46 32.95
N TYR M 183 -36.38 9.26 31.92
CA TYR M 183 -36.32 10.18 30.79
C TYR M 183 -37.56 10.01 29.90
N GLY M 184 -38.10 8.79 29.86
CA GLY M 184 -39.24 8.47 29.03
C GLY M 184 -38.87 7.72 27.74
N LEU M 185 -37.61 7.28 27.64
CA LEU M 185 -37.15 6.53 26.48
C LEU M 185 -37.67 5.09 26.56
N ILE M 186 -37.80 4.57 27.79
CA ILE M 186 -38.42 3.28 28.02
C ILE M 186 -39.49 3.43 29.10
N ASP M 187 -40.32 2.39 29.25
CA ASP M 187 -41.42 2.41 30.20
C ASP M 187 -41.03 1.65 31.47
N GLU M 188 -40.14 0.67 31.36
CA GLU M 188 -39.87 -0.24 32.45
C GLU M 188 -38.47 -0.82 32.32
N VAL M 189 -37.78 -0.97 33.46
CA VAL M 189 -36.58 -1.80 33.55
C VAL M 189 -37.04 -3.23 33.84
N MET M 190 -36.69 -4.15 32.95
CA MET M 190 -37.14 -5.53 33.03
C MET M 190 -36.33 -6.26 34.10
N VAL M 191 -37.03 -6.74 35.13
CA VAL M 191 -36.40 -7.29 36.32
C VAL M 191 -36.30 -8.81 36.16
N PRO M 192 -35.29 -9.49 36.76
CA PRO M 192 -35.29 -10.94 36.85
C PRO M 192 -36.57 -11.51 37.47
N ILE N 4 -29.94 -12.79 6.24
CA ILE N 4 -31.31 -13.07 5.72
C ILE N 4 -31.91 -14.24 6.50
N PRO N 5 -32.89 -14.02 7.39
CA PRO N 5 -33.57 -15.12 8.10
C PRO N 5 -34.33 -16.04 7.16
N THR N 6 -34.67 -17.24 7.65
CA THR N 6 -35.38 -18.26 6.89
C THR N 6 -36.78 -18.44 7.48
N VAL N 7 -37.75 -18.67 6.59
CA VAL N 7 -39.12 -18.96 6.97
C VAL N 7 -39.52 -20.32 6.41
N ILE N 8 -40.29 -21.09 7.19
CA ILE N 8 -40.83 -22.37 6.74
C ILE N 8 -42.35 -22.35 6.92
N TYR N 18 -37.76 -20.82 2.76
CA TYR N 18 -37.62 -19.53 2.04
C TYR N 18 -36.72 -18.59 2.86
N ASP N 19 -35.81 -17.87 2.19
CA ASP N 19 -35.26 -16.67 2.80
C ASP N 19 -36.36 -15.61 2.79
N ILE N 20 -36.23 -14.60 3.66
CA ILE N 20 -37.32 -13.67 3.90
C ILE N 20 -37.68 -12.94 2.61
N TYR N 21 -36.68 -12.62 1.78
CA TYR N 21 -36.92 -11.86 0.57
C TYR N 21 -37.69 -12.72 -0.43
N SER N 22 -37.32 -14.00 -0.54
CA SER N 22 -37.99 -14.93 -1.43
C SER N 22 -39.44 -15.14 -0.97
N ARG N 23 -39.67 -15.14 0.35
CA ARG N 23 -41.02 -15.25 0.87
C ARG N 23 -41.86 -14.04 0.45
N LEU N 24 -41.28 -12.84 0.52
CA LEU N 24 -41.99 -11.64 0.09
C LEU N 24 -42.31 -11.70 -1.41
N LEU N 25 -41.37 -12.22 -2.22
CA LEU N 25 -41.56 -12.30 -3.66
C LEU N 25 -42.74 -13.23 -4.00
N LYS N 26 -42.97 -14.23 -3.15
CA LYS N 26 -44.10 -15.13 -3.31
C LYS N 26 -45.42 -14.35 -3.24
N ASP N 27 -45.44 -13.26 -2.48
CA ASP N 27 -46.61 -12.40 -2.39
C ASP N 27 -46.48 -11.17 -3.30
N ARG N 28 -45.62 -11.29 -4.33
CA ARG N 28 -45.51 -10.31 -5.40
C ARG N 28 -44.91 -8.99 -4.89
N ILE N 29 -44.02 -9.08 -3.90
CA ILE N 29 -43.33 -7.92 -3.36
C ILE N 29 -41.85 -7.99 -3.75
N ILE N 30 -41.35 -6.95 -4.43
CA ILE N 30 -39.97 -6.86 -4.86
C ILE N 30 -39.25 -5.82 -3.99
N MET N 31 -38.04 -6.15 -3.53
CA MET N 31 -37.24 -5.27 -2.70
C MET N 31 -36.14 -4.62 -3.53
N LEU N 32 -36.23 -3.31 -3.72
CA LEU N 32 -35.11 -2.50 -4.19
C LEU N 32 -34.54 -1.75 -3.00
N GLY N 33 -33.60 -2.38 -2.30
CA GLY N 33 -33.08 -1.86 -1.04
C GLY N 33 -31.58 -1.64 -1.06
N SER N 34 -31.03 -1.24 -2.23
CA SER N 34 -29.61 -0.98 -2.36
C SER N 34 -29.36 0.06 -3.45
N GLN N 35 -28.08 0.37 -3.65
CA GLN N 35 -27.63 1.14 -4.79
C GLN N 35 -28.03 0.39 -6.06
N ILE N 36 -28.42 1.13 -7.10
CA ILE N 36 -28.85 0.54 -8.35
C ILE N 36 -27.63 0.35 -9.26
N ASP N 37 -27.25 -0.90 -9.49
CA ASP N 37 -26.25 -1.25 -10.49
C ASP N 37 -26.87 -2.29 -11.43
N ASP N 38 -26.07 -2.80 -12.38
CA ASP N 38 -26.59 -3.71 -13.39
C ASP N 38 -27.11 -4.99 -12.75
N ASN N 39 -26.43 -5.49 -11.71
CA ASN N 39 -26.81 -6.73 -11.04
C ASN N 39 -28.20 -6.58 -10.41
N VAL N 40 -28.40 -5.48 -9.68
CA VAL N 40 -29.67 -5.18 -9.04
C VAL N 40 -30.76 -5.07 -10.11
N ALA N 41 -30.49 -4.34 -11.19
CA ALA N 41 -31.45 -4.18 -12.27
C ALA N 41 -31.81 -5.52 -12.89
N ASN N 42 -30.80 -6.36 -13.15
CA ASN N 42 -31.03 -7.67 -13.77
C ASN N 42 -31.95 -8.51 -12.88
N SER N 43 -31.68 -8.50 -11.57
CA SER N 43 -32.49 -9.24 -10.63
C SER N 43 -33.94 -8.73 -10.63
N ILE N 44 -34.12 -7.40 -10.57
CA ILE N 44 -35.46 -6.83 -10.46
C ILE N 44 -36.22 -7.05 -11.76
N VAL N 45 -35.55 -6.89 -12.92
CA VAL N 45 -36.16 -7.14 -14.21
C VAL N 45 -36.66 -8.59 -14.26
N SER N 46 -35.81 -9.52 -13.80
CA SER N 46 -36.14 -10.93 -13.79
C SER N 46 -37.38 -11.19 -12.93
N GLN N 47 -37.40 -10.60 -11.73
CA GLN N 47 -38.51 -10.76 -10.81
C GLN N 47 -39.80 -10.24 -11.44
N LEU N 48 -39.73 -9.08 -12.09
CA LEU N 48 -40.90 -8.46 -12.69
C LEU N 48 -41.50 -9.37 -13.76
N LEU N 49 -40.63 -9.90 -14.64
CA LEU N 49 -41.07 -10.74 -15.74
C LEU N 49 -41.65 -12.04 -15.20
N PHE N 50 -41.06 -12.59 -14.14
CA PHE N 50 -41.53 -13.81 -13.51
C PHE N 50 -42.93 -13.59 -12.92
N LEU N 51 -43.10 -12.49 -12.19
CA LEU N 51 -44.38 -12.20 -11.56
C LEU N 51 -45.47 -12.00 -12.61
N GLN N 52 -45.13 -11.32 -13.71
CA GLN N 52 -46.10 -11.16 -14.79
C GLN N 52 -46.53 -12.53 -15.32
N ALA N 53 -45.57 -13.44 -15.49
CA ALA N 53 -45.86 -14.77 -16.03
C ALA N 53 -46.74 -15.58 -15.07
N GLN N 54 -46.54 -15.40 -13.76
CA GLN N 54 -47.36 -16.06 -12.75
C GLN N 54 -48.80 -15.56 -12.81
N ASP N 55 -48.96 -14.24 -12.86
CA ASP N 55 -50.28 -13.61 -12.93
C ASP N 55 -50.14 -12.23 -13.58
N SER N 56 -50.83 -12.03 -14.71
CA SER N 56 -50.67 -10.83 -15.50
C SER N 56 -51.65 -9.74 -15.06
N GLU N 57 -52.51 -10.03 -14.08
CA GLU N 57 -53.54 -9.08 -13.67
C GLU N 57 -53.27 -8.52 -12.27
N LYS N 58 -52.71 -9.33 -11.37
CA LYS N 58 -52.52 -8.93 -9.97
C LYS N 58 -51.40 -7.91 -9.87
N ASP N 59 -51.59 -6.92 -8.97
CA ASP N 59 -50.61 -5.87 -8.75
C ASP N 59 -49.29 -6.44 -8.25
N ILE N 60 -48.21 -5.71 -8.53
CA ILE N 60 -46.89 -5.97 -7.99
C ILE N 60 -46.54 -4.81 -7.05
N TYR N 61 -45.72 -5.08 -6.03
CA TYR N 61 -45.35 -4.06 -5.06
C TYR N 61 -43.83 -3.92 -5.00
N LEU N 62 -43.34 -2.76 -5.44
CA LEU N 62 -41.91 -2.45 -5.43
C LEU N 62 -41.61 -1.52 -4.25
N TYR N 63 -40.91 -2.09 -3.26
CA TYR N 63 -40.36 -1.35 -2.13
C TYR N 63 -39.09 -0.63 -2.58
N ILE N 64 -38.96 0.66 -2.24
CA ILE N 64 -37.79 1.44 -2.61
C ILE N 64 -37.17 2.08 -1.36
N ASN N 65 -35.99 1.56 -0.99
CA ASN N 65 -35.06 2.22 -0.07
C ASN N 65 -33.68 2.23 -0.74
N SER N 66 -33.40 3.27 -1.53
CA SER N 66 -32.24 3.25 -2.42
C SER N 66 -31.67 4.66 -2.58
N PRO N 67 -30.32 4.81 -2.55
CA PRO N 67 -29.70 6.09 -2.88
C PRO N 67 -29.59 6.37 -4.37
N GLY N 68 -30.14 5.48 -5.21
CA GLY N 68 -30.03 5.61 -6.65
C GLY N 68 -28.83 4.82 -7.18
N GLY N 69 -28.24 5.30 -8.28
CA GLY N 69 -27.13 4.60 -8.91
C GLY N 69 -27.15 4.78 -10.43
N SER N 70 -26.79 3.72 -11.16
CA SER N 70 -26.64 3.77 -12.60
C SER N 70 -27.95 4.14 -13.29
N VAL N 71 -27.89 5.13 -14.19
CA VAL N 71 -29.05 5.59 -14.92
C VAL N 71 -29.55 4.51 -15.88
N THR N 72 -28.62 3.87 -16.61
CA THR N 72 -29.01 2.85 -17.58
C THR N 72 -29.63 1.64 -16.88
N ALA N 73 -29.07 1.26 -15.72
CA ALA N 73 -29.63 0.17 -14.94
C ALA N 73 -31.03 0.55 -14.46
N GLY N 74 -31.18 1.81 -14.05
CA GLY N 74 -32.46 2.37 -13.68
C GLY N 74 -33.49 2.29 -14.81
N PHE N 75 -33.06 2.55 -16.05
CA PHE N 75 -33.95 2.51 -17.20
C PHE N 75 -34.30 1.08 -17.58
N ALA N 76 -33.43 0.11 -17.26
CA ALA N 76 -33.74 -1.29 -17.42
C ALA N 76 -34.99 -1.62 -16.59
N ILE N 77 -34.97 -1.20 -15.34
CA ILE N 77 -36.09 -1.41 -14.43
C ILE N 77 -37.30 -0.62 -14.93
N TYR N 78 -37.08 0.66 -15.23
CA TYR N 78 -38.15 1.55 -15.66
C TYR N 78 -38.91 0.94 -16.84
N ASP N 79 -38.19 0.57 -17.90
CA ASP N 79 -38.82 0.09 -19.14
C ASP N 79 -39.53 -1.24 -18.90
N THR N 80 -39.03 -2.06 -17.97
CA THR N 80 -39.65 -3.34 -17.68
C THR N 80 -40.97 -3.10 -16.96
N ILE N 81 -40.99 -2.14 -16.02
CA ILE N 81 -42.20 -1.78 -15.31
C ILE N 81 -43.29 -1.40 -16.32
N GLN N 82 -42.95 -0.49 -17.25
CA GLN N 82 -43.95 0.02 -18.18
C GLN N 82 -44.36 -1.09 -19.17
N HIS N 83 -43.47 -2.03 -19.47
CA HIS N 83 -43.71 -3.05 -20.46
C HIS N 83 -44.76 -4.07 -20.00
N ILE N 84 -44.68 -4.49 -18.73
CA ILE N 84 -45.51 -5.59 -18.24
C ILE N 84 -46.94 -5.11 -18.00
N LYS N 85 -47.88 -6.07 -18.01
CA LYS N 85 -49.30 -5.81 -17.89
C LYS N 85 -49.67 -5.38 -16.46
N PRO N 86 -49.20 -6.07 -15.40
CA PRO N 86 -49.59 -5.72 -14.04
C PRO N 86 -49.16 -4.32 -13.64
N ASP N 87 -50.01 -3.64 -12.85
CA ASP N 87 -49.66 -2.40 -12.19
C ASP N 87 -48.54 -2.68 -11.19
N VAL N 88 -47.52 -1.81 -11.20
CA VAL N 88 -46.44 -1.89 -10.23
C VAL N 88 -46.58 -0.73 -9.26
N GLN N 89 -47.03 -1.04 -8.05
CA GLN N 89 -47.09 -0.07 -6.97
C GLN N 89 -45.67 0.24 -6.53
N THR N 90 -45.43 1.50 -6.14
CA THR N 90 -44.15 1.87 -5.57
C THR N 90 -44.39 2.44 -4.17
N ILE N 91 -43.52 2.04 -3.23
CA ILE N 91 -43.61 2.45 -1.85
C ILE N 91 -42.21 2.86 -1.40
N CYS N 92 -42.01 4.17 -1.17
CA CYS N 92 -40.75 4.64 -0.66
C CYS N 92 -40.72 4.51 0.86
N ILE N 93 -39.72 3.78 1.35
CA ILE N 93 -39.52 3.59 2.77
C ILE N 93 -38.06 3.91 3.08
N GLY N 94 -37.84 4.85 4.01
CA GLY N 94 -36.51 5.30 4.35
C GLY N 94 -36.06 6.44 3.44
N MET N 95 -35.53 6.09 2.26
CA MET N 95 -34.97 7.04 1.32
C MET N 95 -35.16 6.56 -0.12
N ALA N 96 -35.56 7.49 -0.99
CA ALA N 96 -35.42 7.32 -2.43
C ALA N 96 -34.71 8.54 -3.00
N ALA N 97 -33.47 8.33 -3.47
CA ALA N 97 -32.65 9.42 -3.99
C ALA N 97 -32.28 9.14 -5.45
N SER N 98 -32.20 10.22 -6.24
CA SER N 98 -31.67 10.16 -7.59
C SER N 98 -32.49 9.19 -8.44
N MET N 99 -31.84 8.19 -9.06
CA MET N 99 -32.53 7.20 -9.87
C MET N 99 -33.55 6.43 -9.02
N GLY N 100 -33.34 6.39 -7.71
CA GLY N 100 -34.29 5.78 -6.79
C GLY N 100 -35.63 6.51 -6.79
N SER N 101 -35.57 7.85 -6.80
CA SER N 101 -36.78 8.66 -6.78
C SER N 101 -37.42 8.68 -8.17
N PHE N 102 -36.62 8.47 -9.22
CA PHE N 102 -37.14 8.36 -10.58
C PHE N 102 -38.05 7.13 -10.69
N LEU N 103 -37.58 6.01 -10.13
CA LEU N 103 -38.32 4.76 -10.15
C LEU N 103 -39.56 4.86 -9.26
N LEU N 104 -39.46 5.61 -8.17
CA LEU N 104 -40.61 5.84 -7.30
C LEU N 104 -41.73 6.50 -8.10
N ALA N 105 -41.37 7.50 -8.89
CA ALA N 105 -42.30 8.24 -9.73
C ALA N 105 -42.84 7.39 -10.87
N ALA N 106 -42.20 6.24 -11.14
CA ALA N 106 -42.50 5.40 -12.31
C ALA N 106 -43.62 4.41 -12.00
N GLY N 107 -44.00 4.29 -10.73
CA GLY N 107 -45.06 3.39 -10.33
C GLY N 107 -46.38 3.73 -11.03
N ALA N 108 -47.32 2.77 -11.01
CA ALA N 108 -48.63 2.95 -11.61
C ALA N 108 -49.32 4.18 -11.02
N LYS N 109 -49.92 4.99 -11.91
CA LYS N 109 -50.55 6.24 -11.52
C LYS N 109 -51.63 5.92 -10.49
N GLY N 110 -51.54 6.59 -9.32
CA GLY N 110 -52.48 6.39 -8.23
C GLY N 110 -51.95 5.43 -7.16
N LYS N 111 -50.84 4.74 -7.46
CA LYS N 111 -50.35 3.67 -6.60
C LYS N 111 -48.87 3.90 -6.28
N ARG N 112 -48.46 5.17 -6.18
CA ARG N 112 -47.13 5.54 -5.75
C ARG N 112 -47.23 6.12 -4.34
N PHE N 113 -46.50 5.53 -3.41
CA PHE N 113 -46.65 5.84 -2.00
C PHE N 113 -45.30 6.16 -1.36
N ALA N 114 -45.35 6.89 -0.25
CA ALA N 114 -44.24 7.01 0.66
C ALA N 114 -44.77 6.97 2.09
N LEU N 115 -44.00 6.37 3.00
CA LEU N 115 -44.34 6.40 4.41
C LEU N 115 -43.92 7.75 5.00
N PRO N 116 -44.55 8.20 6.10
CA PRO N 116 -44.50 9.60 6.52
C PRO N 116 -43.12 10.24 6.67
N ASN N 117 -42.15 9.47 7.19
CA ASN N 117 -40.84 10.01 7.52
C ASN N 117 -39.82 9.65 6.45
N ALA N 118 -40.29 9.08 5.33
CA ALA N 118 -39.41 8.72 4.23
C ALA N 118 -38.91 9.99 3.55
N GLU N 119 -37.70 9.89 2.98
CA GLU N 119 -37.00 11.04 2.42
C GLU N 119 -36.84 10.83 0.92
N VAL N 120 -37.21 11.85 0.13
CA VAL N 120 -37.11 11.79 -1.31
C VAL N 120 -36.17 12.91 -1.76
N MET N 121 -35.15 12.55 -2.57
CA MET N 121 -34.21 13.55 -3.06
C MET N 121 -34.08 13.43 -4.57
N ILE N 122 -34.11 14.59 -5.25
CA ILE N 122 -33.93 14.67 -6.70
C ILE N 122 -32.74 15.58 -6.98
N HIS N 123 -31.95 15.19 -8.00
CA HIS N 123 -30.81 15.96 -8.45
C HIS N 123 -30.43 15.51 -9.86
N GLN N 124 -29.58 16.32 -10.51
CA GLN N 124 -29.19 16.06 -11.88
C GLN N 124 -28.20 14.90 -11.91
N PRO N 125 -28.10 14.17 -13.03
CA PRO N 125 -27.18 13.03 -13.13
C PRO N 125 -25.71 13.41 -12.95
N LEU N 126 -24.96 12.46 -12.38
CA LEU N 126 -23.52 12.60 -12.17
C LEU N 126 -22.78 11.72 -13.18
N GLY N 127 -21.56 12.14 -13.52
CA GLY N 127 -20.72 11.35 -14.40
C GLY N 127 -19.31 11.91 -14.50
N GLY N 128 -18.62 11.52 -15.56
CA GLY N 128 -17.22 11.87 -15.72
C GLY N 128 -16.79 11.71 -17.17
N ALA N 129 -15.68 12.36 -17.51
CA ALA N 129 -15.08 12.23 -18.82
C ALA N 129 -13.63 12.65 -18.72
N GLN N 130 -12.75 11.91 -19.40
CA GLN N 130 -11.37 12.31 -19.52
C GLN N 130 -10.86 11.92 -20.89
N GLY N 131 -9.88 12.68 -21.38
CA GLY N 131 -9.23 12.41 -22.65
C GLY N 131 -9.19 13.65 -23.53
N GLN N 132 -9.33 13.42 -24.84
CA GLN N 132 -9.24 14.46 -25.84
C GLN N 132 -10.48 15.35 -25.78
N ALA N 133 -10.33 16.59 -26.26
CA ALA N 133 -11.42 17.56 -26.28
C ALA N 133 -12.67 16.96 -26.91
N THR N 134 -12.53 16.25 -28.04
CA THR N 134 -13.67 15.72 -28.78
C THR N 134 -14.31 14.57 -28.01
N GLU N 135 -13.51 13.82 -27.23
CA GLU N 135 -14.05 12.77 -26.38
C GLU N 135 -14.86 13.39 -25.24
N ILE N 136 -14.36 14.50 -24.67
CA ILE N 136 -15.04 15.21 -23.59
C ILE N 136 -16.36 15.75 -24.11
N GLU N 137 -16.34 16.31 -25.33
CA GLU N 137 -17.53 16.81 -26.00
C GLU N 137 -18.57 15.71 -26.13
N ILE N 138 -18.15 14.53 -26.59
CA ILE N 138 -19.04 13.41 -26.79
C ILE N 138 -19.66 12.98 -25.44
N ALA N 139 -18.85 12.93 -24.38
CA ALA N 139 -19.34 12.53 -23.06
C ALA N 139 -20.30 13.58 -22.51
N ALA N 140 -19.98 14.86 -22.73
CA ALA N 140 -20.81 15.96 -22.26
C ALA N 140 -22.17 15.92 -22.96
N ASN N 141 -22.15 15.80 -24.28
CA ASN N 141 -23.38 15.73 -25.06
C ASN N 141 -24.23 14.57 -24.54
N HIS N 142 -23.56 13.44 -24.25
CA HIS N 142 -24.24 12.22 -23.84
C HIS N 142 -24.98 12.43 -22.51
N ILE N 143 -24.30 12.98 -21.51
CA ILE N 143 -24.91 13.13 -20.19
C ILE N 143 -25.99 14.20 -20.26
N LEU N 144 -25.81 15.22 -21.11
CA LEU N 144 -26.82 16.25 -21.30
C LEU N 144 -28.06 15.66 -21.96
N LYS N 145 -27.89 14.74 -22.93
CA LYS N 145 -29.03 14.09 -23.55
C LYS N 145 -29.74 13.19 -22.55
N THR N 146 -28.97 12.50 -21.70
CA THR N 146 -29.54 11.64 -20.68
C THR N 146 -30.40 12.46 -19.72
N ARG N 147 -29.92 13.64 -19.32
CA ARG N 147 -30.66 14.50 -18.41
C ARG N 147 -31.96 14.99 -19.05
N GLU N 148 -31.91 15.31 -20.35
CA GLU N 148 -33.10 15.71 -21.09
C GLU N 148 -34.13 14.57 -21.08
N LYS N 149 -33.65 13.33 -21.28
CA LYS N 149 -34.51 12.16 -21.29
C LYS N 149 -35.17 11.96 -19.92
N LEU N 150 -34.36 12.01 -18.86
CA LEU N 150 -34.84 11.86 -17.50
C LEU N 150 -35.90 12.92 -17.18
N ASN N 151 -35.62 14.17 -17.55
CA ASN N 151 -36.48 15.29 -17.21
C ASN N 151 -37.80 15.20 -17.97
N ARG N 152 -37.74 14.79 -19.24
CA ARG N 152 -38.94 14.64 -20.04
C ARG N 152 -39.87 13.61 -19.39
N ILE N 153 -39.31 12.47 -18.96
CA ILE N 153 -40.13 11.41 -18.39
C ILE N 153 -40.64 11.84 -17.01
N LEU N 154 -39.79 12.49 -16.18
CA LEU N 154 -40.22 13.01 -14.90
C LEU N 154 -41.41 13.95 -15.06
N SER N 155 -41.31 14.85 -16.06
CA SER N 155 -42.37 15.79 -16.38
C SER N 155 -43.68 15.05 -16.67
N GLU N 156 -43.59 13.99 -17.49
CA GLU N 156 -44.74 13.18 -17.85
C GLU N 156 -45.32 12.50 -16.60
N ARG N 157 -44.45 12.07 -15.69
CA ARG N 157 -44.88 11.31 -14.52
C ARG N 157 -45.41 12.21 -13.40
N THR N 158 -44.89 13.45 -13.30
CA THR N 158 -45.21 14.32 -12.17
C THR N 158 -46.24 15.38 -12.54
N GLY N 159 -46.32 15.74 -13.83
CA GLY N 159 -47.14 16.86 -14.28
C GLY N 159 -46.40 18.21 -14.22
N GLN N 160 -45.16 18.21 -13.73
CA GLN N 160 -44.36 19.43 -13.67
C GLN N 160 -43.70 19.65 -15.02
N SER N 161 -43.34 20.91 -15.31
CA SER N 161 -42.69 21.24 -16.56
C SER N 161 -41.24 20.77 -16.56
N ILE N 162 -40.71 20.56 -17.76
CA ILE N 162 -39.31 20.22 -17.97
C ILE N 162 -38.45 21.35 -17.42
N GLU N 163 -38.89 22.60 -17.58
CA GLU N 163 -38.16 23.78 -17.13
C GLU N 163 -38.05 23.77 -15.61
N LYS N 164 -39.15 23.43 -14.93
CA LYS N 164 -39.18 23.42 -13.48
C LYS N 164 -38.27 22.31 -12.95
N ILE N 165 -38.38 21.12 -13.56
CA ILE N 165 -37.60 19.97 -13.12
C ILE N 165 -36.11 20.28 -13.27
N GLN N 166 -35.72 20.95 -14.36
CA GLN N 166 -34.34 21.36 -14.60
C GLN N 166 -33.84 22.23 -13.44
N LYS N 167 -34.63 23.24 -13.06
CA LYS N 167 -34.26 24.16 -12.00
C LYS N 167 -34.17 23.44 -10.66
N ASP N 168 -35.16 22.58 -10.38
CA ASP N 168 -35.30 21.95 -9.07
C ASP N 168 -34.24 20.87 -8.86
N THR N 169 -33.60 20.39 -9.94
CA THR N 169 -32.62 19.32 -9.83
C THR N 169 -31.19 19.84 -10.04
N ASP N 170 -31.04 21.17 -10.19
CA ASP N 170 -29.74 21.77 -10.41
C ASP N 170 -28.79 21.36 -9.28
N ARG N 171 -29.31 21.38 -8.05
CA ARG N 171 -28.57 20.87 -6.91
C ARG N 171 -29.46 19.90 -6.13
N ASP N 172 -28.86 19.24 -5.12
CA ASP N 172 -29.57 18.31 -4.27
C ASP N 172 -30.82 18.96 -3.67
N ASN N 173 -31.97 18.34 -3.96
CA ASN N 173 -33.26 18.86 -3.54
C ASN N 173 -33.94 17.80 -2.68
N PHE N 174 -33.92 17.99 -1.35
CA PHE N 174 -34.50 17.06 -0.41
C PHE N 174 -35.96 17.39 -0.15
N LEU N 175 -36.84 16.38 -0.27
CA LEU N 175 -38.27 16.54 -0.08
C LEU N 175 -38.74 15.61 1.04
N THR N 176 -39.71 16.10 1.84
CA THR N 176 -40.46 15.24 2.73
C THR N 176 -41.47 14.45 1.89
N ALA N 177 -42.07 13.43 2.49
CA ALA N 177 -43.07 12.62 1.81
C ALA N 177 -44.21 13.50 1.32
N GLU N 178 -44.66 14.41 2.19
CA GLU N 178 -45.76 15.31 1.87
C GLU N 178 -45.36 16.21 0.71
N GLU N 179 -44.13 16.74 0.73
CA GLU N 179 -43.63 17.55 -0.36
C GLU N 179 -43.54 16.74 -1.66
N ALA N 180 -43.16 15.47 -1.56
CA ALA N 180 -43.07 14.59 -2.72
C ALA N 180 -44.45 14.41 -3.35
N LYS N 181 -45.49 14.40 -2.52
CA LYS N 181 -46.86 14.26 -2.98
C LYS N 181 -47.30 15.52 -3.73
N GLU N 182 -47.04 16.69 -3.16
CA GLU N 182 -47.42 17.94 -3.82
C GLU N 182 -46.60 18.10 -5.10
N TYR N 183 -45.39 17.52 -5.15
CA TYR N 183 -44.53 17.61 -6.32
C TYR N 183 -45.07 16.72 -7.44
N GLY N 184 -45.78 15.63 -7.08
CA GLY N 184 -46.33 14.69 -8.03
C GLY N 184 -45.43 13.47 -8.24
N LEU N 185 -44.41 13.31 -7.38
CA LEU N 185 -43.52 12.16 -7.42
C LEU N 185 -44.22 10.91 -6.86
N ILE N 186 -45.14 11.15 -5.90
CA ILE N 186 -46.01 10.11 -5.36
C ILE N 186 -47.45 10.61 -5.37
N ASP N 187 -48.39 9.69 -5.15
CA ASP N 187 -49.81 10.00 -5.16
C ASP N 187 -50.30 10.22 -3.73
N GLU N 188 -49.73 9.48 -2.77
CA GLU N 188 -50.29 9.44 -1.43
C GLU N 188 -49.20 9.16 -0.40
N VAL N 189 -49.33 9.80 0.78
CA VAL N 189 -48.54 9.43 1.95
C VAL N 189 -49.31 8.35 2.68
N MET N 190 -48.65 7.20 2.91
CA MET N 190 -49.32 6.03 3.44
C MET N 190 -49.42 6.16 4.97
N VAL N 191 -50.66 6.31 5.46
CA VAL N 191 -50.92 6.60 6.85
C VAL N 191 -51.02 5.27 7.60
N PRO N 192 -50.60 5.19 8.89
CA PRO N 192 -50.83 4.00 9.70
C PRO N 192 -52.27 3.47 9.65
C10 A1EEF O . 44.19 10.17 -22.80
C17 A1EEF O . 41.42 11.88 -21.98
C20 A1EEF O . 38.41 9.77 -22.90
C21 A1EEF O . 38.06 9.27 -21.52
C22 A1EEF O . 38.75 8.16 -20.96
C24 A1EEF O . 40.39 6.36 -21.07
C26 A1EEF O . 39.03 6.57 -19.10
C28 A1EEF O . 37.33 8.37 -18.96
O01 A1EEF O . 42.56 12.34 -19.46
C02 A1EEF O . 42.29 13.32 -20.14
N03 A1EEF O . 41.67 13.18 -21.36
C04 A1EEF O . 41.32 14.26 -22.28
C05 A1EEF O . 42.33 14.32 -23.41
C06 A1EEF O . 42.55 12.93 -23.97
N07 A1EEF O . 42.03 11.88 -23.32
C08 A1EEF O . 42.00 10.55 -23.96
C09 A1EEF O . 42.97 9.52 -23.35
N11 A1EEF O . 44.37 10.41 -21.46
C12 A1EEF O . 45.54 11.05 -21.31
N13 A1EEF O . 46.14 11.24 -22.47
C14 A1EEF O . 45.30 10.69 -23.41
C18 A1EEF O . 39.95 11.52 -22.07
N19 A1EEF O . 39.73 10.40 -23.00
C23 A1EEF O . 39.77 7.45 -21.63
C25 A1EEF O . 40.01 5.93 -19.80
C27 A1EEF O . 38.36 7.70 -19.65
C29 A1EEF O . 36.70 9.43 -19.54
C30 A1EEF O . 37.06 9.88 -20.79
C31 A1EEF O . 40.61 9.97 -23.95
O32 A1EEF O . 40.30 9.14 -24.79
O33 A1EEF O . 43.21 12.80 -24.99
N34 A1EEF O . 42.61 14.58 -19.77
C35 A1EEF O . 43.27 14.85 -18.51
C36 A1EEF O . 42.32 15.11 -17.36
C37 A1EEF O . 41.39 14.16 -16.97
C38 A1EEF O . 40.56 14.37 -15.88
C39 A1EEF O . 40.65 15.53 -15.17
C41 A1EEF O . 41.57 16.50 -15.54
C42 A1EEF O . 42.40 16.30 -16.63
MG MG P . 30.91 17.09 -34.11
C1 MPD Q . 21.44 0.90 -31.47
C2 MPD Q . 19.97 0.55 -31.32
O2 MPD Q . 19.93 -0.58 -30.42
CM MPD Q . 19.36 0.14 -32.65
C3 MPD Q . 19.19 1.70 -30.67
C4 MPD Q . 17.78 1.40 -30.22
O4 MPD Q . 17.78 0.39 -29.22
C5 MPD Q . 17.02 2.59 -29.70
C10 A1EEF R . 25.09 29.15 -33.11
C17 A1EEF R . 23.60 29.57 -30.02
C20 A1EEF R . 20.26 27.75 -30.11
C21 A1EEF R . 20.60 26.52 -29.29
C22 A1EEF R . 21.28 25.40 -29.88
C24 A1EEF R . 22.30 24.27 -31.76
C26 A1EEF R . 22.21 23.15 -29.66
C28 A1EEF R . 21.16 24.27 -27.71
O01 A1EEF R . 26.01 28.82 -28.84
C02 A1EEF R . 25.57 29.91 -28.55
N03 A1EEF R . 24.37 30.34 -29.04
C04 A1EEF R . 23.75 31.65 -28.83
C05 A1EEF R . 23.97 32.53 -30.04
C06 A1EEF R . 23.60 31.75 -31.29
N07 A1EEF R . 23.33 30.43 -31.19
C08 A1EEF R . 22.71 29.72 -32.31
C09 A1EEF R . 23.64 28.84 -33.18
N11 A1EEF R . 25.93 28.53 -32.20
C12 A1EEF R . 27.17 29.02 -32.40
N13 A1EEF R . 27.19 29.91 -33.37
C14 A1EEF R . 25.89 29.99 -33.82
C18 A1EEF R . 22.30 28.99 -29.46
N19 A1EEF R . 21.41 28.54 -30.54
C23 A1EEF R . 21.67 25.36 -31.24
C25 A1EEF R . 22.57 23.17 -30.97
C27 A1EEF R . 21.55 24.27 -29.08
C29 A1EEF R . 20.52 25.36 -27.18
C30 A1EEF R . 20.24 26.47 -27.97
C31 A1EEF R . 21.54 28.85 -31.86
O32 A1EEF R . 20.76 28.46 -32.71
O33 A1EEF R . 23.56 32.35 -32.36
N34 A1EEF R . 26.24 30.81 -27.80
C35 A1EEF R . 27.54 30.46 -27.23
C36 A1EEF R . 27.42 29.84 -25.86
C37 A1EEF R . 26.64 28.70 -25.66
C38 A1EEF R . 26.61 28.06 -24.43
C39 A1EEF R . 27.36 28.55 -23.38
C41 A1EEF R . 28.15 29.68 -23.57
C42 A1EEF R . 28.17 30.31 -24.80
MG MG S . 9.23 38.62 -29.16
C1 MPD T . 35.72 31.84 -24.72
C2 MPD T . 34.45 32.66 -24.56
O2 MPD T . 34.31 33.44 -25.76
CM MPD T . 34.56 33.66 -23.42
C3 MPD T . 33.20 31.78 -24.43
C4 MPD T . 33.19 30.77 -23.29
O4 MPD T . 33.05 31.40 -22.01
C5 MPD T . 32.10 29.76 -23.44
C1 MPD U . 0.07 22.33 -31.03
C2 MPD U . -1.06 21.60 -30.34
O2 MPD U . -0.67 20.22 -30.31
CM MPD U . -2.37 21.73 -31.12
C3 MPD U . -1.23 22.08 -28.88
C4 MPD U . -2.14 21.25 -28.00
O4 MPD U . -1.64 19.92 -27.86
C5 MPD U . -2.34 21.83 -26.63
C10 A1EEF V . 7.78 46.80 -18.75
C17 A1EEF V . 8.15 45.48 -15.77
C20 A1EEF V . 4.94 43.73 -14.78
C21 A1EEF V . 5.35 42.29 -15.02
C22 A1EEF V . 5.29 41.73 -16.34
C24 A1EEF V . 4.95 41.94 -18.73
C26 A1EEF V . 5.54 39.82 -17.82
C28 A1EEF V . 5.93 39.58 -15.37
O01 A1EEF V . 10.49 44.27 -16.60
C02 A1EEF V . 10.58 45.12 -15.74
N03 A1EEF V . 9.46 45.66 -15.15
C04 A1EEF V . 9.38 46.54 -13.98
C05 A1EEF V . 9.06 47.96 -14.41
C06 A1EEF V . 7.96 47.98 -15.45
N07 A1EEF V . 7.52 46.80 -15.94
C08 A1EEF V . 6.27 46.75 -16.71
C09 A1EEF V . 6.41 46.58 -18.23
N11 A1EEF V . 8.60 45.78 -19.19
C12 A1EEF V . 9.77 46.32 -19.59
N13 A1EEF V . 9.76 47.63 -19.45
C14 A1EEF V . 8.53 47.94 -18.93
C18 A1EEF V . 7.24 44.57 -14.96
N19 A1EEF V . 5.83 44.72 -15.36
C23 A1EEF V . 4.98 42.51 -17.49
C25 A1EEF V . 5.24 40.60 -18.89
C27 A1EEF V . 5.58 40.35 -16.51
C29 A1EEF V . 5.98 40.14 -14.14
C30 A1EEF V . 5.70 41.49 -13.96
C31 A1EEF V . 5.33 45.69 -16.19
O32 A1EEF V . 4.15 45.72 -16.50
O33 A1EEF V . 7.49 49.05 -15.81
N34 A1EEF V . 11.75 45.61 -15.28
C35 A1EEF V . 13.01 45.15 -15.84
C36 A1EEF V . 13.51 43.86 -15.21
C37 A1EEF V . 12.85 42.67 -15.41
C38 A1EEF V . 13.34 41.49 -14.89
C39 A1EEF V . 14.50 41.49 -14.15
C41 A1EEF V . 15.18 42.67 -13.95
C42 A1EEF V . 14.69 43.86 -14.48
MG MG W . -0.98 49.63 -2.39
C1 MPD X . -12.86 35.70 -7.17
C2 MPD X . -13.55 34.54 -6.48
O2 MPD X . -13.58 33.46 -7.45
CM MPD X . -14.98 34.87 -6.13
C3 MPD X . -12.75 34.07 -5.25
C4 MPD X . -13.13 32.70 -4.68
O4 MPD X . -12.81 31.67 -5.61
C5 MPD X . -12.42 32.38 -3.40
C10 A1EEF Y . 4.44 49.50 9.59
C17 A1EEF Y . 6.92 47.36 10.48
C20 A1EEF Y . 4.61 44.70 11.91
C21 A1EEF Y . 4.52 43.77 10.73
C22 A1EEF Y . 3.63 44.04 9.65
C24 A1EEF Y . 1.92 45.39 8.58
C26 A1EEF Y . 2.73 43.44 7.46
C28 A1EEF Y . 4.46 42.03 8.53
O01 A1EEF Y . 8.07 47.45 7.94
C02 A1EEF Y . 8.82 47.59 8.90
N03 A1EEF Y . 8.35 47.44 10.18
C04 A1EEF Y . 9.15 47.43 11.41
C05 A1EEF Y . 8.96 48.73 12.16
C06 A1EEF Y . 7.50 49.14 12.16
N07 A1EEF Y . 6.61 48.36 11.51
C08 A1EEF Y . 5.18 48.48 11.87
C09 A1EEF Y . 4.34 49.50 11.08
N11 A1EEF Y . 5.01 50.54 8.89
C12 A1EEF Y . 4.88 50.27 7.58
N13 A1EEF Y . 4.26 49.13 7.38
C14 A1EEF Y . 3.98 48.65 8.63
C18 A1EEF Y . 6.48 45.98 10.94
N19 A1EEF Y . 5.16 46.02 11.58
C23 A1EEF Y . 2.77 45.17 9.63
C25 A1EEF Y . 1.90 44.53 7.50
C27 A1EEF Y . 3.61 43.16 8.53
C29 A1EEF Y . 5.29 41.79 9.58
C30 A1EEF Y . 5.32 42.64 10.66
C31 A1EEF Y . 4.48 47.14 11.91
O32 A1EEF Y . 3.31 47.11 12.28
O33 A1EEF Y . 7.16 50.15 12.75
N34 A1EEF Y . 10.12 47.90 8.77
C35 A1EEF Y . 10.72 48.10 7.46
C36 A1EEF Y . 11.30 46.84 6.86
C37 A1EEF Y . 10.51 45.72 6.64
C38 A1EEF Y . 11.04 44.58 6.05
C39 A1EEF Y . 12.36 44.56 5.66
C41 A1EEF Y . 13.15 45.66 5.87
C42 A1EEF Y . 12.63 46.79 6.48
MG MG Z . 7.83 41.63 26.01
C1 MPD AA . -7.32 30.81 22.05
C2 MPD AA . -7.73 29.36 22.30
O2 MPD AA . -8.55 28.98 21.19
CM MPD AA . -8.58 29.24 23.56
C3 MPD AA . -6.51 28.44 22.36
C4 MPD AA . -6.78 26.95 22.35
O4 MPD AA . -7.61 26.61 21.23
C5 MPD AA . -5.54 26.11 22.29
C10 A1EEF BA . 19.32 36.19 30.64
C17 A1EEF BA . 20.57 33.84 28.48
C20 A1EEF BA . 18.66 30.61 29.09
C21 A1EEF BA . 17.77 30.64 27.87
C22 A1EEF BA . 16.56 31.39 27.86
C24 A1EEF BA . 14.94 32.87 28.92
C26 A1EEF BA . 14.50 32.08 26.71
C28 A1EEF BA . 16.11 30.56 25.60
O01 A1EEF BA . 20.28 35.66 26.40
C02 A1EEF BA . 21.40 35.23 26.62
N03 A1EEF BA . 21.63 34.29 27.59
C04 A1EEF BA . 22.91 33.68 27.96
C05 A1EEF BA . 23.42 34.28 29.25
C06 A1EEF BA . 22.29 34.34 30.26
N07 A1EEF BA . 21.04 33.99 29.88
C08 A1EEF BA . 20.01 33.73 30.88
C09 A1EEF BA . 18.95 34.82 31.10
N11 A1EEF BA . 19.01 36.67 29.39
C12 A1EEF BA . 19.46 37.93 29.31
N13 A1EEF BA . 20.06 38.31 30.43
C14 A1EEF BA . 19.97 37.22 31.26
C18 A1EEF BA . 20.14 32.40 28.24
N19 A1EEF BA . 19.36 31.87 29.37
C23 A1EEF BA . 16.12 32.18 28.97
C25 A1EEF BA . 14.13 32.82 27.79
C27 A1EEF BA . 15.72 31.35 26.71
C29 A1EEF BA . 17.29 29.86 25.64
C30 A1EEF BA . 18.09 29.89 26.76
C31 A1EEF BA . 19.30 32.41 30.62
O32 A1EEF BA . 18.71 31.88 31.53
O33 A1EEF BA . 22.54 34.70 31.41
N34 A1EEF BA . 22.50 35.68 25.96
C35 A1EEF BA . 22.38 36.73 24.96
C36 A1EEF BA . 22.17 36.20 23.57
C37 A1EEF BA . 21.13 35.32 23.29
C38 A1EEF BA . 20.92 34.85 22.00
C39 A1EEF BA . 21.75 35.25 20.98
C41 A1EEF BA . 22.78 36.13 21.24
C42 A1EEF BA . 23.00 36.59 22.52
MG MG CA . 28.83 20.50 34.62
C1 MPD DA . 12.27 11.41 34.63
C2 MPD DA . 11.75 10.04 34.19
O2 MPD DA . 10.40 10.27 33.74
CM MPD DA . 11.71 9.06 35.34
C3 MPD DA . 12.58 9.50 33.01
C4 MPD DA . 12.11 8.20 32.38
O4 MPD DA . 10.74 8.29 31.97
C5 MPD DA . 12.91 7.79 31.18
C10 A1EEF EA . 39.36 15.56 28.30
C17 A1EEF EA . 39.37 15.35 25.06
C20 A1EEF EA . 37.71 11.93 24.95
C21 A1EEF EA . 36.29 12.33 24.61
C22 A1EEF EA . 35.36 12.70 25.63
C24 A1EEF EA . 34.78 13.12 27.95
C26 A1EEF EA . 33.09 13.35 26.28
C28 A1EEF EA . 33.65 12.93 23.90
O01 A1EEF EA . 38.10 17.83 24.85
C02 A1EEF EA . 39.07 17.63 24.13
N03 A1EEF EA . 39.70 16.40 24.09
C04 A1EEF EA . 40.78 15.97 23.22
C05 A1EEF EA . 42.09 15.93 24.00
C06 A1EEF EA . 41.87 15.20 25.31
N07 A1EEF EA . 40.62 14.85 25.66
C08 A1EEF EA . 40.45 13.87 26.74
C09 A1EEF EA . 40.41 14.50 28.14
N11 A1EEF EA . 38.09 15.30 28.77
C12 A1EEF EA . 37.41 16.45 28.77
N13 A1EEF EA . 38.14 17.45 28.33
C14 A1EEF EA . 39.36 16.89 28.03
C18 A1EEF EA . 38.57 14.21 24.46
N19 A1EEF EA . 38.55 13.06 25.38
C23 A1EEF EA . 35.71 12.77 27.00
C25 A1EEF EA . 33.48 13.42 27.59
C27 A1EEF EA . 34.01 13.00 25.26
C29 A1EEF EA . 34.56 12.58 22.95
C30 A1EEF EA . 35.87 12.29 23.30
C31 A1EEF EA . 39.26 12.96 26.54
O32 A1EEF EA . 39.00 12.13 27.39
O33 A1EEF EA . 42.84 14.94 26.01
N34 A1EEF EA . 39.61 18.58 23.33
C35 A1EEF EA . 39.07 19.93 23.31
C36 A1EEF EA . 38.06 20.15 22.23
C37 A1EEF EA . 36.84 19.48 22.24
C38 A1EEF EA . 35.89 19.73 21.26
C39 A1EEF EA . 36.14 20.65 20.27
C41 A1EEF EA . 37.33 21.32 20.24
C42 A1EEF EA . 38.29 21.08 21.22
MG MG FA . 46.36 2.51 17.27
C1 MPD GA . 31.14 -7.97 21.51
C2 MPD GA . 30.27 -8.94 20.72
O2 MPD GA . 28.93 -8.70 21.16
CM MPD GA . 30.62 -10.38 21.04
C3 MPD GA . 30.37 -8.65 19.21
C4 MPD GA . 29.12 -8.88 18.39
O4 MPD GA . 29.26 -8.22 17.12
C5 MPD GA . 28.78 -10.31 18.13
C10 A1EEF HA . 50.86 4.49 4.83
C17 A1EEF HA . 48.52 5.52 2.60
C20 A1EEF HA . 46.47 2.51 1.51
C21 A1EEF HA . 45.23 2.76 2.33
C22 A1EEF HA . 45.12 2.30 3.68
C24 A1EEF HA . 46.06 1.28 5.66
C26 A1EEF HA . 43.79 2.00 5.70
C28 A1EEF HA . 42.80 3.06 3.70
O01 A1EEF HA . 47.78 7.50 4.40
C02 A1EEF HA . 48.22 7.87 3.32
N03 A1EEF HA . 48.52 6.95 2.34
C04 A1EEF HA . 48.96 7.21 0.96
C05 A1EEF HA . 50.44 6.91 0.83
C06 A1EEF HA . 50.77 5.58 1.45
N07 A1EEF HA . 49.81 4.95 2.18
C08 A1EEF HA . 50.00 3.55 2.58
C09 A1EEF HA . 50.31 3.32 4.06
N11 A1EEF HA . 50.06 5.32 5.57
C12 A1EEF HA . 50.85 6.25 6.14
N13 A1EEF HA . 52.12 6.07 5.81
C14 A1EEF HA . 52.12 4.97 4.99
C18 A1EEF HA . 47.38 4.75 1.93
N19 A1EEF HA . 47.64 3.31 1.92
C23 A1EEF HA . 46.20 1.69 4.37
C25 A1EEF HA . 44.86 1.42 6.33
C27 A1EEF HA . 43.89 2.46 4.37
C29 A1EEF HA . 42.94 3.49 2.40
C30 A1EEF HA . 44.13 3.34 1.73
C31 A1EEF HA . 48.82 2.69 2.17
O32 A1EEF HA . 48.99 1.49 2.05
O33 A1EEF HA . 51.88 5.10 1.29
N34 A1EEF HA . 48.45 9.17 3.02
C35 A1EEF HA . 48.18 10.22 3.99
C36 A1EEF HA . 46.77 10.74 3.98
C37 A1EEF HA . 45.70 9.89 4.20
C38 A1EEF HA . 44.40 10.37 4.25
C39 A1EEF HA . 44.16 11.72 4.07
C41 A1EEF HA . 45.21 12.58 3.84
C42 A1EEF HA . 46.51 12.09 3.79
MG MG IA . 47.39 0.92 -13.57
C1 MPD JA . 35.26 -12.66 -8.21
C2 MPD JA . 33.92 -13.19 -8.68
O2 MPD JA . 33.18 -13.53 -7.49
CM MPD JA . 34.08 -14.46 -9.50
C3 MPD JA . 33.14 -12.11 -9.45
C4 MPD JA . 31.66 -12.33 -9.61
O4 MPD JA . 31.01 -12.18 -8.36
C5 MPD JA . 30.99 -11.39 -10.57
C10 A1EEF KA . -42.73 -11.20 -24.18
C17 A1EEF KA . -40.56 -13.42 -22.96
C20 A1EEF KA . -37.55 -11.23 -23.73
C21 A1EEF KA . -37.28 -10.67 -22.35
C22 A1EEF KA . -37.99 -9.54 -21.86
C24 A1EEF KA . -39.65 -7.77 -22.10
C26 A1EEF KA . -38.35 -7.87 -20.10
C28 A1EEF KA . -36.64 -9.64 -19.82
O01 A1EEF KA . -41.74 -13.61 -20.44
C02 A1EEF KA . -41.48 -14.65 -21.01
N03 A1EEF KA . -40.82 -14.64 -22.21
C04 A1EEF KA . -40.38 -15.82 -22.97
C05 A1EEF KA . -41.34 -16.05 -24.13
C06 A1EEF KA . -41.55 -14.74 -24.85
N07 A1EEF KA . -41.01 -13.62 -24.35
C08 A1EEF KA . -40.83 -12.48 -25.26
C09 A1EEF KA . -42.10 -11.65 -25.46
N11 A1EEF KA . -42.42 -10.01 -23.56
C12 A1EEF KA . -43.18 -9.91 -22.45
N13 A1EEF KA . -43.97 -10.96 -22.31
C14 A1EEF KA . -43.69 -11.77 -23.39
C18 A1EEF KA . -39.10 -13.00 -22.92
N19 A1EEF KA . -38.84 -11.91 -23.88
C23 A1EEF KA . -39.00 -8.87 -22.60
C25 A1EEF KA . -39.32 -7.28 -20.85
C27 A1EEF KA . -37.67 -9.02 -20.57
C29 A1EEF KA . -35.98 -10.72 -20.31
C30 A1EEF KA . -36.29 -11.24 -21.57
C31 A1EEF KA . -39.66 -11.57 -24.91
O32 A1EEF KA . -39.48 -10.58 -25.59
O33 A1EEF KA . -42.18 -14.73 -25.90
N34 A1EEF KA . -41.84 -15.86 -20.55
C35 A1EEF KA . -42.56 -16.01 -19.29
C36 A1EEF KA . -41.66 -16.26 -18.10
C37 A1EEF KA . -40.71 -15.32 -17.73
C38 A1EEF KA . -39.90 -15.53 -16.62
C39 A1EEF KA . -40.01 -16.70 -15.89
C41 A1EEF KA . -40.94 -17.64 -16.26
C42 A1EEF KA . -41.76 -17.43 -17.36
MG MG LA . -29.60 -19.11 -34.20
C1 MPD MA . -20.32 -2.82 -32.32
C2 MPD MA . -18.87 -2.41 -32.06
O2 MPD MA . -18.95 -1.33 -31.12
CM MPD MA . -18.21 -1.90 -33.34
C3 MPD MA . -18.08 -3.56 -31.43
C4 MPD MA . -16.74 -3.21 -30.81
O4 MPD MA . -16.91 -2.32 -29.71
C5 MPD MA . -15.96 -4.39 -30.32
C10 A1EEF NA . -23.33 -30.66 -32.29
C17 A1EEF NA . -22.43 -31.47 -29.27
C20 A1EEF NA . -19.11 -29.62 -29.31
C21 A1EEF NA . -19.50 -28.35 -28.58
C22 A1EEF NA . -20.13 -27.26 -29.27
C24 A1EEF NA . -21.03 -26.23 -31.27
C26 A1EEF NA . -21.01 -24.98 -29.23
C28 A1EEF NA . -20.08 -25.99 -27.18
O01 A1EEF NA . -24.83 -30.52 -28.18
C02 A1EEF NA . -24.45 -31.62 -27.82
N03 A1EEF NA . -23.25 -32.13 -28.25
C04 A1EEF NA . -22.66 -33.41 -27.88
C05 A1EEF NA . -22.85 -34.41 -29.01
C06 A1EEF NA . -22.41 -33.76 -30.30
N07 A1EEF NA . -22.09 -32.45 -30.31
C08 A1EEF NA . -21.30 -31.94 -31.44
C09 A1EEF NA . -22.14 -31.49 -32.65
N11 A1EEF NA . -23.26 -29.30 -32.09
C12 A1EEF NA . -24.49 -28.88 -31.75
N13 A1EEF NA . -25.35 -29.88 -31.72
C14 A1EEF NA . -24.62 -30.99 -32.06
C18 A1EEF NA . -21.17 -30.84 -28.69
N19 A1EEF NA . -20.25 -30.44 -29.75
C23 A1EEF NA . -20.45 -27.30 -30.65
C25 A1EEF NA . -21.30 -25.07 -30.57
C27 A1EEF NA . -20.41 -26.06 -28.55
C29 A1EEF NA . -19.50 -27.05 -26.55
C30 A1EEF NA . -19.20 -28.21 -27.24
C31 A1EEF NA . -20.33 -30.83 -31.05
O32 A1EEF NA . -19.62 -30.36 -31.92
O33 A1EEF NA . -22.33 -34.47 -31.32
N34 A1EEF NA . -25.15 -32.43 -26.98
C35 A1EEF NA . -26.46 -32.04 -26.50
C36 A1EEF NA . -26.45 -31.38 -25.14
C37 A1EEF NA . -25.72 -30.21 -24.95
C38 A1EEF NA . -25.76 -29.55 -23.73
C39 A1EEF NA . -26.51 -30.06 -22.69
C41 A1EEF NA . -27.24 -31.22 -22.88
C42 A1EEF NA . -27.20 -31.88 -24.10
MG MG OA . -8.32 -40.28 -27.04
C1 MPD PA . 1.05 -24.10 -29.71
C2 MPD PA . 2.20 -23.40 -28.99
O2 MPD PA . 1.93 -21.99 -29.13
CM MPD PA . 3.53 -23.70 -29.67
C3 MPD PA . 2.22 -23.77 -27.51
C4 MPD PA . 3.14 -22.95 -26.62
O4 MPD PA . 2.77 -21.57 -26.67
C5 MPD PA . 3.13 -23.37 -25.19
C10 A1EEF QA . -6.60 -47.09 -16.01
C17 A1EEF QA . -7.89 -46.09 -13.09
C20 A1EEF QA . -4.79 -44.08 -12.19
C21 A1EEF QA . -5.24 -42.70 -12.61
C22 A1EEF QA . -5.16 -42.28 -13.97
C24 A1EEF QA . -4.65 -42.71 -16.32
C26 A1EEF QA . -5.45 -40.55 -15.68
C28 A1EEF QA . -5.99 -40.08 -13.31
O01 A1EEF QA . -10.24 -45.14 -14.31
C02 A1EEF QA . -10.35 -45.79 -13.28
N03 A1EEF QA . -9.26 -46.22 -12.58
C04 A1EEF QA . -9.25 -46.96 -11.32
C05 A1EEF QA . -8.95 -48.42 -11.57
C06 A1EEF QA . -7.76 -48.53 -12.51
N07 A1EEF QA . -7.24 -47.41 -13.03
C08 A1EEF QA . -5.87 -47.48 -13.57
C09 A1EEF QA . -5.81 -47.91 -15.04
N11 A1EEF QA . -6.09 -45.98 -16.64
C12 A1EEF QA . -7.05 -45.51 -17.46
N13 A1EEF QA . -8.16 -46.23 -17.39
C14 A1EEF QA . -7.87 -47.23 -16.49
C18 A1EEF QA . -7.07 -45.06 -12.34
N19 A1EEF QA . -5.64 -45.16 -12.69
C23 A1EEF QA . -4.71 -43.14 -15.02
C25 A1EEF QA . -5.02 -41.42 -16.65
C27 A1EEF QA . -5.54 -40.96 -14.33
C29 A1EEF QA . -6.06 -40.50 -12.02
C30 A1EEF QA . -5.69 -41.79 -11.67
C31 A1EEF QA . -5.08 -46.20 -13.38
O32 A1EEF QA . -3.94 -46.15 -13.82
O33 A1EEF QA . -7.31 -49.63 -12.78
N34 A1EEF QA . -11.54 -46.15 -12.75
C35 A1EEF QA . -12.79 -45.78 -13.41
C36 A1EEF QA . -13.34 -44.46 -12.95
C37 A1EEF QA . -12.60 -43.29 -13.08
C38 A1EEF QA . -13.12 -42.07 -12.71
C39 A1EEF QA . -14.41 -41.99 -12.20
C41 A1EEF QA . -15.15 -43.14 -12.06
C42 A1EEF QA . -14.62 -44.37 -12.43
MG MG RA . 0.55 -49.39 0.77
C1 MPD SA . 12.90 -35.87 -4.25
C2 MPD SA . 13.51 -34.63 -3.64
O2 MPD SA . 13.56 -33.64 -4.70
CM MPD SA . 14.93 -34.87 -3.17
C3 MPD SA . 12.63 -34.09 -2.51
C4 MPD SA . 12.93 -32.70 -1.99
O4 MPD SA . 12.88 -31.73 -3.03
C5 MPD SA . 11.98 -32.28 -0.91
C10 A1EEF TA . -5.21 -48.53 13.04
C17 A1EEF TA . -7.59 -46.24 13.36
C20 A1EEF TA . -5.19 -43.46 14.41
C21 A1EEF TA . -5.03 -42.74 13.08
C22 A1EEF TA . -4.10 -43.22 12.09
C24 A1EEF TA . -2.41 -44.76 11.32
C26 A1EEF TA . -3.08 -42.98 9.88
C28 A1EEF TA . -4.80 -41.37 10.64
O01 A1EEF TA . -8.65 -46.57 10.77
C02 A1EEF TA . -9.42 -46.58 11.71
N03 A1EEF TA . -8.99 -46.31 12.99
C04 A1EEF TA . -9.85 -46.13 14.17
C05 A1EEF TA . -9.76 -47.35 15.06
C06 A1EEF TA . -8.33 -47.78 15.21
N07 A1EEF TA . -7.37 -47.08 14.56
C08 A1EEF TA . -6.00 -47.15 15.06
C09 A1EEF TA . -5.18 -48.33 14.52
N11 A1EEF TA . -6.25 -49.17 12.41
C12 A1EEF TA . -5.97 -49.21 11.10
N13 A1EEF TA . -4.82 -48.63 10.83
C14 A1EEF TA . -4.34 -48.21 12.06
C18 A1EEF TA . -7.11 -44.82 13.61
N19 A1EEF TA . -5.81 -44.79 14.31
C23 A1EEF TA . -3.28 -44.36 12.29
C25 A1EEF TA . -2.30 -44.08 10.12
C27 A1EEF TA . -4.00 -42.52 10.86
C29 A1EEF TA . -5.66 -40.94 11.61
C30 A1EEF TA . -5.78 -41.62 12.81
C31 A1EEF TA . -5.21 -45.86 14.90
O32 A1EEF TA . -4.09 -45.80 15.36
O33 A1EEF TA . -8.05 -48.73 15.91
N34 A1EEF TA . -10.74 -46.86 11.57
C35 A1EEF TA . -11.30 -47.18 10.26
C36 A1EEF TA . -11.86 -45.97 9.54
C37 A1EEF TA . -11.07 -44.87 9.26
C38 A1EEF TA . -11.57 -43.79 8.55
C39 A1EEF TA . -12.88 -43.80 8.11
C41 A1EEF TA . -13.69 -44.88 8.38
C42 A1EEF TA . -13.18 -45.96 9.09
MG MG UA . -8.97 -39.25 28.72
C1 MPD VA . 6.39 -29.02 24.38
C2 MPD VA . 6.80 -27.55 24.50
O2 MPD VA . 7.59 -27.28 23.33
CM MPD VA . 7.66 -27.32 25.73
C3 MPD VA . 5.57 -26.63 24.49
C4 MPD VA . 5.84 -25.16 24.24
O4 MPD VA . 6.41 -24.95 22.96
C5 MPD VA . 4.61 -24.30 24.37
C10 A1EEF WA . -20.23 -33.33 32.68
C17 A1EEF WA . -21.94 -31.66 30.36
C20 A1EEF WA . -20.07 -28.39 30.84
C21 A1EEF WA . -19.09 -28.44 29.69
C22 A1EEF WA . -17.85 -29.16 29.81
C24 A1EEF WA . -16.31 -30.58 31.02
C26 A1EEF WA . -15.70 -29.82 28.83
C28 A1EEF WA . -17.26 -28.37 27.56
O01 A1EEF WA . -21.42 -33.47 28.31
C02 A1EEF WA . -22.59 -33.13 28.48
N03 A1EEF WA . -22.93 -32.18 29.41
C04 A1EEF WA . -24.24 -31.59 29.65
C05 A1EEF WA . -24.82 -32.12 30.96
C06 A1EEF WA . -23.77 -32.12 32.02
N07 A1EEF WA . -22.52 -31.69 31.72
C08 A1EEF WA . -21.65 -31.23 32.81
C09 A1EEF WA . -20.95 -32.37 33.57
N11 A1EEF WA . -18.90 -33.21 32.37
C12 A1EEF WA . -18.56 -34.23 31.58
N13 A1EEF WA . -19.60 -35.02 31.35
C14 A1EEF WA . -20.64 -34.46 32.04
C18 A1EEF WA . -21.47 -30.26 30.02
N19 A1EEF WA . -20.72 -29.67 31.13
C23 A1EEF WA . -17.50 -29.92 30.95
C25 A1EEF WA . -15.41 -30.53 29.96
C27 A1EEF WA . -16.93 -29.11 28.72
C29 A1EEF WA . -18.45 -27.69 27.49
C30 A1EEF WA . -19.35 -27.73 28.54
C31 A1EEF WA . -20.62 -30.21 32.37
O32 A1EEF WA . -19.76 -29.88 33.17
O33 A1EEF WA . -24.05 -32.52 33.15
N34 A1EEF WA . -23.61 -33.68 27.78
C35 A1EEF WA . -23.37 -34.74 26.81
C36 A1EEF WA . -23.15 -34.25 25.41
C37 A1EEF WA . -22.01 -33.54 25.06
C38 A1EEF WA . -21.79 -33.12 23.76
C39 A1EEF WA . -22.73 -33.40 22.79
C41 A1EEF WA . -23.87 -34.10 23.10
C42 A1EEF WA . -24.08 -34.52 24.41
MG MG XA . -29.69 -18.00 35.16
C1 MPD YA . -13.47 -8.76 35.01
C2 MPD YA . -12.92 -7.43 34.48
O2 MPD YA . -11.59 -7.70 34.03
CM MPD YA . -12.83 -6.40 35.59
C3 MPD YA . -13.76 -6.93 33.30
C4 MPD YA . -13.20 -5.75 32.53
O4 MPD YA . -11.88 -6.03 32.06
C5 MPD YA . -14.05 -5.35 31.36
C10 A1EEF ZA . -40.89 -13.65 28.21
C17 A1EEF ZA . -40.02 -13.50 24.89
C20 A1EEF ZA . -38.37 -10.13 24.22
C21 A1EEF ZA . -36.93 -10.59 24.09
C22 A1EEF ZA . -36.13 -10.85 25.24
C24 A1EEF ZA . -35.85 -11.08 27.65
C26 A1EEF ZA . -33.97 -11.46 26.23
C28 A1EEF ZA . -34.22 -11.25 23.76
O01 A1EEF ZA . -38.88 -16.05 24.89
C02 A1EEF ZA . -39.84 -15.86 24.14
N03 A1EEF ZA . -40.40 -14.61 24.03
C04 A1EEF ZA . -41.48 -14.21 23.12
C05 A1EEF ZA . -42.77 -14.04 23.90
C06 A1EEF ZA . -42.52 -13.18 25.11
N07 A1EEF ZA . -41.25 -12.89 25.44
C08 A1EEF ZA . -40.97 -11.84 26.43
C09 A1EEF ZA . -40.36 -12.33 27.76
N11 A1EEF ZA . -40.13 -14.79 28.23
C12 A1EEF ZA . -40.91 -15.79 28.68
N13 A1EEF ZA . -42.14 -15.37 28.94
C14 A1EEF ZA . -42.12 -14.03 28.65
C18 A1EEF ZA . -39.18 -12.44 24.17
N19 A1EEF ZA . -39.26 -11.14 24.82
C23 A1EEF ZA . -36.65 -10.82 26.57
C25 A1EEF ZA . -34.51 -11.41 27.47
C27 A1EEF ZA . -34.76 -11.19 25.08
C29 A1EEF ZA . -35.02 -11.00 22.68
C30 A1EEF ZA . -36.36 -10.67 22.85
C31 A1EEF ZA . -40.07 -10.78 25.85
O32 A1EEF ZA . -40.10 -9.65 26.31
O33 A1EEF ZA . -43.47 -12.77 25.76
N34 A1EEF ZA . -40.41 -16.83 23.40
C35 A1EEF ZA . -39.93 -18.21 23.47
C36 A1EEF ZA . -38.85 -18.52 22.46
C37 A1EEF ZA . -37.61 -17.90 22.53
C38 A1EEF ZA . -36.61 -18.22 21.63
C39 A1EEF ZA . -36.83 -19.17 20.65
C41 A1EEF ZA . -38.05 -19.80 20.58
C42 A1EEF ZA . -39.05 -19.48 21.48
MG MG AB . -47.04 -1.11 15.74
C1 MPD BB . -31.94 9.43 19.62
C2 MPD BB . -31.01 10.33 18.84
O2 MPD BB . -29.71 10.21 19.45
CM MPD BB . -31.44 11.79 18.93
C3 MPD BB . -30.90 9.88 17.37
C4 MPD BB . -29.76 10.47 16.57
O4 MPD BB . -28.50 10.21 17.17
C5 MPD BB . -29.72 9.97 15.15
C10 A1EEF CB . -50.98 -4.49 3.09
C17 A1EEF CB . -48.57 -5.63 1.06
C20 A1EEF CB . -46.46 -2.70 -0.15
C21 A1EEF CB . -45.24 -2.86 0.74
C22 A1EEF CB . -45.23 -2.37 2.08
C24 A1EEF CB . -46.27 -1.21 3.95
C26 A1EEF CB . -44.04 -2.05 4.19
C28 A1EEF CB . -42.94 -3.21 2.31
O01 A1EEF CB . -48.12 -7.47 3.08
C02 A1EEF CB . -48.37 -7.92 1.96
N03 A1EEF CB . -48.58 -7.08 0.90
C04 A1EEF CB . -48.93 -7.44 -0.48
C05 A1EEF CB . -50.39 -7.13 -0.74
C06 A1EEF CB . -50.72 -5.73 -0.26
N07 A1EEF CB . -49.82 -5.09 0.52
C08 A1EEF CB . -50.02 -3.67 0.84
C09 A1EEF CB . -50.42 -3.36 2.30
N11 A1EEF CB . -50.21 -5.30 3.90
C12 A1EEF CB . -51.01 -6.20 4.48
N13 A1EEF CB . -52.27 -6.05 4.10
C14 A1EEF CB . -52.25 -4.97 3.23
C18 A1EEF CB . -47.39 -4.92 0.41
N19 A1EEF CB . -47.63 -3.48 0.28
C23 A1EEF CB . -46.33 -1.69 2.67
C25 A1EEF CB . -45.13 -1.40 4.71
C27 A1EEF CB . -44.06 -2.55 2.87
C29 A1EEF CB . -42.99 -3.67 1.03
C30 A1EEF CB . -44.13 -3.49 0.25
C31 A1EEF CB . -48.80 -2.84 0.49
O32 A1EEF CB . -48.93 -1.63 0.38
O33 A1EEF CB . -51.76 -5.22 -0.61
N34 A1EEF CB . -48.49 -9.24 1.72
C35 A1EEF CB . -48.29 -10.23 2.77
C36 A1EEF CB . -46.88 -10.75 2.83
C37 A1EEF CB . -45.81 -9.87 2.98
C38 A1EEF CB . -44.51 -10.35 3.10
C39 A1EEF CB . -44.26 -11.70 3.05
C41 A1EEF CB . -45.31 -12.59 2.90
C42 A1EEF CB . -46.61 -12.11 2.80
MG MG DB . -46.92 -1.94 -15.34
C1 MPD EB . -35.09 11.91 -10.40
C2 MPD EB . -33.69 12.39 -10.76
O2 MPD EB . -33.07 12.75 -9.52
CM MPD EB . -33.74 13.64 -11.63
C3 MPD EB . -32.88 11.27 -11.42
C4 MPD EB . -31.39 11.51 -11.54
O4 MPD EB . -30.79 11.64 -10.26
C5 MPD EB . -30.66 10.43 -12.31
#